data_8GCQ
#
_entry.id   8GCQ
#
_cell.length_a   178.600
_cell.length_b   189.500
_cell.length_c   211.100
_cell.angle_alpha   90.000
_cell.angle_beta   90.000
_cell.angle_gamma   90.000
#
_symmetry.space_group_name_H-M   'P 21 21 21'
#
loop_
_entity.id
_entity.type
_entity.pdbx_description
1 polymer 'Cytochrome c oxidase subunit 1'
2 polymer 'Cytochrome c oxidase subunit 2'
3 polymer 'Cytochrome c oxidase subunit 3'
4 polymer 'Cytochrome c oxidase subunit 4 isoform 1, mitochondrial'
5 polymer 'Cytochrome c oxidase subunit 5A, mitochondrial'
6 polymer 'Cytochrome c oxidase subunit 5B, mitochondrial'
7 polymer 'Cytochrome c oxidase subunit 6A2, mitochondrial'
8 polymer 'Cytochrome c oxidase subunit 6B1'
9 polymer 'Cytochrome c oxidase subunit 6C'
10 polymer 'Cytochrome c oxidase subunit 7A1, mitochondrial'
11 polymer 'Cytochrome c oxidase subunit 7B, mitochondrial'
12 polymer 'Cytochrome c oxidase subunit 7C, mitochondrial'
13 polymer 'Cytochrome c oxidase subunit 8B, mitochondrial'
14 non-polymer 'COPPER (II) ION'
15 non-polymer 'MAGNESIUM ION'
16 non-polymer 'SODIUM ION'
17 non-polymer '(1R)-2-{[{[(2S)-2,3-DIHYDROXYPROPYL]OXY}(HYDROXY)PHOSPHORYL]OXY}-1-[(PALMITOYLOXY)METHYL]ETHYL (11E)-OCTADEC-11-ENOATE'
18 non-polymer HEME-A
19 non-polymer 'HYDROXIDE ION'
20 non-polymer 'DINUCLEAR COPPER ION'
21 non-polymer TRISTEAROYLGLYCEROL
22 non-polymer '(7R,17E,20E)-4-HYDROXY-N,N,N-TRIMETHYL-9-OXO-7-[(PALMITOYLOXY)METHYL]-3,5,8-TRIOXA-4-PHOSPHAHEXACOSA-17,20-DIEN-1-AMINIUM 4-OXIDE'
23 non-polymer 'CHOLIC ACID'
24 non-polymer '(1S)-2-{[(2-AMINOETHOXY)(HYDROXY)PHOSPHORYL]OXY}-1-[(STEAROYLOXY)METHYL]ETHYL (5E,8E,11E,14E)-ICOSA-5,8,11,14-TETRAENOATE'
25 non-polymer CARDIOLIPIN
26 non-polymer DECYL-BETA-D-MALTOPYRANOSIDE
27 non-polymer 'ZINC ION'
28 non-polymer N-ACETYL-SERINE
29 water water
#
loop_
_entity_poly.entity_id
_entity_poly.type
_entity_poly.pdbx_seq_one_letter_code
_entity_poly.pdbx_strand_id
1 'polypeptide(L)'
;(FME)FINRWLFSTNHKDIGTLYLLFGAWAGMVGTALSLLIRAELGQPGTLLGDDQIYNVVVTAHAFVMIFFMVMPIMIG
GFGNWLVPLMIGAPDMAFPRMNNMSFWLLPPSFLLLLASSMVEAGAGTGWTVYPPLAGNLAHAGASVDLTIFSLHLAGVS
SILGAINFITTIINMKPPAMSQYQTPLFVWSVMITAVLLLLSLPVLAAGITMLLTDRNLNTTFFDPAGGGDPILYQHLFW
FFGHPEVYILILPGFGMISHIVTYYSGKKEPFGYMGMVWAMMSIGFLGFIVWAHHMFTVGMDVDTRAYFTSATMIIAIPT
GVKVFSWLATLHGGNIKWSPAMMWALGFIFLFTVGGLTGIVLANSSLDIVLHDTYYVVAHFHYVLSMGAVFAIMGGFVHW
FPLFSGYTLNDTWAKIHFAIMFVGVNMTFFPQHFLGLSGMPRRYSDYPDAYTMWNTISSMGSFISLTAVMLMVFIIWEAF
ASKREVLTVDLTTTNLEWLNGCPPPYHTFEEPTYVNLK
;
A,N
2 'polypeptide(L)'
;(FME)AYPMQLGFQDATSPIMEELLHFHDHTLMIVFLISSLVLYIISLMLTTKLTHTSTMDAQEVETIWTILPAIILILI
ALPSLRILYMMDEINNPSLTVKTMGHQWYWSYEYTDYEDLSFDSYMIPTSELKPGELRLLEVDNRVVLPMEMTIRMLVSS
EDVLHSWAVPSLGLKTDAIPGRLNQTTLMSSRPGLYYGQCSEICGSNHSFMPIVLELVPLKYFEKWSASML
;
B,O
3 'polypeptide(L)'
;MTHQTHAYHMVNPSPWPLTGALSALLMTSGLTMWFHFNSMTLLMIGLTTNMLTMYQWWRDVIRESTFQGHHTPAVQKGLR
YGMILFIISEVLFFTGFFWAFYHSSLAPTPELGGCWPPTGIHPLNPLEVPLLNTSVLLASGVSITWAHHSLMEGDRKHML
QALFITITLGVYFTLLQASEYYEAPFTISDGVYGSTFFVATGFHGLHVIIGSTFLIVCFFRQLKFHFTSNHHFGFEAAAW
YWHFVDVVWLFLYVSIYWWGS
;
C,P
4 'polypeptide(L)'
;AHGSVVKSEDYALPSYVDRRDYPLPDVAHVKNLSASQKALKEKEKASWSSLSIDEKVELYRLKFKESFAEMNRSTNEWKT
VVGAAMFFIGFTALLLIWEKHYVYGPIPHTFEEEWVAKQTKRMLDMKVAPIQGFSAKWDYDKNEWKK
;
D,Q
5 'polypeptide(L)'
;SHGSHETDEEFDARWVTYFNKPDIDAWELRKGMNTLVGYDLVPEPKIIDAALRACRRLNDFASAVRILEVVKDKAGPHKE
IYPYVIQELRPTLNELGISTPEELGLDKV
;
E,R
6 'polypeptide(L)'
;ASGGGVPTDEEQATGLEREVMLAARKGQDPYNILAPKATSGTKEDPNLVPSITNKRIVGCICEEDNSTVIWFWLHKGEAQ
RCPSCGTHYKLVPHQLAH
;
F,S
7 'polypeptide(L)'
;ASAAKGDHGG(TPO)GARTWRFLTFGLALPSVALCTLNSWLHSGHRERPAFIPYHHLRIRTKPFSWGDGNHTFFHNPRVN
PLPTGYEKP
;
G,T
8 'polypeptide(L)'
;AEDIQAKIKNYQTAPFDSRFPNQNQTRNCWQNYLDFHRCEKAMTAKGGDVSVCEWYRRVYKSLCPISWVSTWDDRRAEGT
FPGKI
;
H,U
9 'polypeptide(L)' (SAC)TALAKPQMRGLLARRLRFHIVGAFMVSLGFATFYKFAVAEKRKKAYADFYRNYDSMKDFEEMRKAGIFQSAK I,V
10 'polypeptide(L)' FENRVAEKQKLFQEDNGLPVHLKGGATDNILYRVTMTLCLGGTLYSLYCLGWASFPHKK J,W
11 'polypeptide(L)' IHQKRAPDFHDKYGNAVLASGATFCVAVWVYMATQIGIEWNPSPVGRVTPKEWREQ K,X
12 'polypeptide(L)' SHYEEGPGKNIPFSVENKWRLLAMMTLFFGSGFAAPFFIVRHQLLKK L,Y
13 'polypeptide(L)' SITAKPAKTPTSPKEQAIGLSVTFLSFLLPAGWVLYHLDNYKKSSAA M,Z
#
loop_
_chem_comp.id
_chem_comp.type
_chem_comp.name
_chem_comp.formula
CDL non-polymer CARDIOLIPIN 'C81 H156 O17 P2 -2'
CHD non-polymer 'CHOLIC ACID' 'C24 H40 O5'
CU non-polymer 'COPPER (II) ION' 'Cu 2'
CUA non-polymer 'DINUCLEAR COPPER ION' Cu2
DMU D-saccharide DECYL-BETA-D-MALTOPYRANOSIDE 'C22 H42 O11'
HEA non-polymer HEME-A 'C49 H56 Fe N4 O6'
MG non-polymer 'MAGNESIUM ION' 'Mg 2'
NA non-polymer 'SODIUM ION' 'Na 1'
OH non-polymer 'HYDROXIDE ION' 'H O -1'
PEK non-polymer '(1S)-2-{[(2-AMINOETHOXY)(HYDROXY)PHOSPHORYL]OXY}-1-[(STEAROYLOXY)METHYL]ETHYL (5E,8E,11E,14E)-ICOSA-5,8,11,14-TETRAENOATE' 'C43 H78 N O8 P'
PGV non-polymer '(1R)-2-{[{[(2S)-2,3-DIHYDROXYPROPYL]OXY}(HYDROXY)PHOSPHORYL]OXY}-1-[(PALMITOYLOXY)METHYL]ETHYL (11E)-OCTADEC-11-ENOATE' 'C40 H77 O10 P'
PSC non-polymer '(7R,17E,20E)-4-HYDROXY-N,N,N-TRIMETHYL-9-OXO-7-[(PALMITOYLOXY)METHYL]-3,5,8-TRIOXA-4-PHOSPHAHEXACOSA-17,20-DIEN-1-AMINIUM 4-OXIDE' 'C42 H81 N O8 P 1'
TGL non-polymer TRISTEAROYLGLYCEROL 'C57 H110 O6'
ZN non-polymer 'ZINC ION' 'Zn 2'
#
# COMPACT_ATOMS: atom_id res chain seq x y z
N FME A 1 -31.29 -11.70 42.85
CN FME A 1 -31.32 -10.35 42.71
O1 FME A 1 -31.03 -9.73 41.70
CA FME A 1 -30.85 -12.64 41.83
CB FME A 1 -31.21 -14.08 42.24
CG FME A 1 -30.20 -14.71 43.21
SD FME A 1 -28.46 -14.11 43.01
CE FME A 1 -28.36 -12.95 44.37
C FME A 1 -31.41 -12.31 40.45
O FME A 1 -30.67 -12.27 39.46
N PHE A 2 -32.72 -12.11 40.39
CA PHE A 2 -33.39 -11.83 39.13
C PHE A 2 -32.71 -10.70 38.36
N ILE A 3 -32.48 -9.54 39.00
CA ILE A 3 -31.71 -8.40 38.44
C ILE A 3 -30.32 -8.87 37.99
N ASN A 4 -29.66 -9.72 38.76
CA ASN A 4 -28.34 -10.30 38.34
C ASN A 4 -28.52 -11.26 37.17
N ARG A 5 -29.65 -11.95 37.05
CA ARG A 5 -29.73 -13.06 36.07
C ARG A 5 -30.00 -12.48 34.68
N TRP A 6 -30.96 -11.55 34.58
CA TRP A 6 -31.63 -11.08 33.34
C TRP A 6 -31.16 -9.69 32.90
N LEU A 7 -30.84 -8.81 33.86
CA LEU A 7 -30.41 -7.42 33.55
C LEU A 7 -28.91 -7.42 33.32
N PHE A 8 -28.18 -8.20 34.12
CA PHE A 8 -26.71 -8.11 34.30
C PHE A 8 -25.97 -9.26 33.60
N SER A 9 -26.70 -10.11 32.86
CA SER A 9 -26.25 -11.42 32.32
C SER A 9 -24.95 -11.33 31.50
N THR A 10 -24.24 -12.47 31.51
CA THR A 10 -23.00 -12.80 30.79
C THR A 10 -23.11 -14.29 30.44
N ASN A 11 -24.36 -14.71 30.20
CA ASN A 11 -24.75 -16.08 29.82
C ASN A 11 -25.26 -16.04 28.38
N HIS A 12 -24.64 -16.79 27.48
CA HIS A 12 -24.90 -16.70 26.02
C HIS A 12 -26.34 -17.14 25.82
N LYS A 13 -26.81 -18.10 26.64
CA LYS A 13 -28.19 -18.63 26.53
C LYS A 13 -29.18 -17.59 27.06
N ASP A 14 -28.95 -17.03 28.26
CA ASP A 14 -29.92 -16.11 28.92
C ASP A 14 -30.11 -14.87 28.05
N ILE A 15 -29.08 -14.56 27.25
CA ILE A 15 -29.07 -13.36 26.36
C ILE A 15 -29.86 -13.71 25.09
N GLY A 16 -29.68 -14.94 24.57
CA GLY A 16 -30.47 -15.43 23.41
C GLY A 16 -31.95 -15.27 23.70
N THR A 17 -32.35 -15.62 24.93
CA THR A 17 -33.73 -15.65 25.41
C THR A 17 -34.29 -14.22 25.38
N LEU A 18 -33.50 -13.28 25.83
CA LEU A 18 -33.85 -11.84 25.87
C LEU A 18 -34.19 -11.37 24.44
N TYR A 19 -33.38 -11.74 23.45
CA TYR A 19 -33.60 -11.44 22.01
C TYR A 19 -34.87 -12.14 21.51
N LEU A 20 -35.00 -13.47 21.58
CA LEU A 20 -36.27 -14.17 21.22
C LEU A 20 -37.48 -13.43 21.78
N LEU A 21 -37.38 -12.85 22.98
CA LEU A 21 -38.53 -12.12 23.60
C LEU A 21 -38.72 -10.76 22.94
N PHE A 22 -37.65 -9.98 22.82
CA PHE A 22 -37.65 -8.65 22.14
C PHE A 22 -38.20 -8.79 20.73
N GLY A 23 -37.57 -9.65 19.92
CA GLY A 23 -37.99 -9.96 18.53
C GLY A 23 -39.42 -10.51 18.41
N ALA A 24 -39.92 -11.25 19.39
CA ALA A 24 -41.34 -11.66 19.45
C ALA A 24 -42.23 -10.43 19.63
N TRP A 25 -41.86 -9.51 20.52
CA TRP A 25 -42.67 -8.31 20.79
C TRP A 25 -42.70 -7.44 19.53
N ALA A 26 -41.54 -7.32 18.86
CA ALA A 26 -41.32 -6.46 17.67
C ALA A 26 -42.32 -6.92 16.63
N GLY A 27 -42.42 -8.24 16.48
CA GLY A 27 -43.29 -8.91 15.50
C GLY A 27 -44.73 -8.50 15.70
N MET A 28 -45.14 -8.38 16.97
CA MET A 28 -46.51 -7.94 17.29
C MET A 28 -46.77 -6.56 16.67
N VAL A 29 -45.97 -5.56 17.02
CA VAL A 29 -45.93 -4.18 16.39
C VAL A 29 -45.80 -4.27 14.85
N GLY A 30 -44.94 -5.15 14.30
CA GLY A 30 -44.73 -5.23 12.86
C GLY A 30 -46.01 -5.64 12.13
N THR A 31 -46.75 -6.53 12.78
CA THR A 31 -47.98 -7.15 12.26
C THR A 31 -49.04 -6.05 12.22
N ALA A 32 -49.31 -5.43 13.37
CA ALA A 32 -50.28 -4.32 13.47
C ALA A 32 -50.01 -3.31 12.34
N LEU A 33 -48.77 -2.86 12.16
CA LEU A 33 -48.38 -1.84 11.15
C LEU A 33 -48.70 -2.35 9.73
N SER A 34 -48.74 -3.68 9.55
CA SER A 34 -48.89 -4.31 8.21
C SER A 34 -50.38 -4.45 7.89
N LEU A 35 -51.16 -4.67 8.95
CA LEU A 35 -52.64 -4.77 8.91
C LEU A 35 -53.17 -3.38 8.57
N LEU A 36 -52.77 -2.35 9.32
CA LEU A 36 -53.12 -0.93 9.07
C LEU A 36 -52.93 -0.60 7.59
N ILE A 37 -51.77 -0.97 7.04
CA ILE A 37 -51.38 -0.71 5.63
C ILE A 37 -52.49 -1.22 4.71
N ARG A 38 -53.01 -2.42 4.99
CA ARG A 38 -53.91 -3.20 4.10
C ARG A 38 -55.35 -2.92 4.49
N ALA A 39 -55.56 -2.28 5.65
CA ALA A 39 -56.86 -1.68 6.01
C ALA A 39 -57.14 -0.56 5.01
N GLU A 40 -56.12 0.25 4.78
CA GLU A 40 -56.14 1.48 3.95
C GLU A 40 -56.27 1.10 2.47
N LEU A 41 -55.69 -0.01 2.02
CA LEU A 41 -55.72 -0.37 0.58
C LEU A 41 -56.83 -1.36 0.23
N GLY A 42 -57.56 -1.91 1.21
CA GLY A 42 -58.54 -3.01 1.02
C GLY A 42 -59.81 -2.52 0.39
N GLN A 43 -60.01 -1.21 0.37
CA GLN A 43 -60.98 -0.62 -0.58
C GLN A 43 -60.49 0.74 -1.04
N PRO A 44 -60.99 1.16 -2.22
CA PRO A 44 -60.67 2.44 -2.79
C PRO A 44 -61.07 3.57 -1.84
N GLY A 45 -60.56 4.76 -2.14
CA GLY A 45 -60.64 5.97 -1.29
C GLY A 45 -59.68 5.92 -0.11
N THR A 46 -59.89 6.82 0.83
CA THR A 46 -58.93 7.17 1.91
C THR A 46 -59.54 6.78 3.27
N LEU A 47 -58.71 6.22 4.15
CA LEU A 47 -59.17 5.63 5.44
C LEU A 47 -58.56 6.43 6.58
N LEU A 48 -57.22 6.45 6.69
CA LEU A 48 -56.53 7.28 7.72
C LEU A 48 -56.61 8.75 7.29
N GLY A 49 -55.94 9.06 6.20
CA GLY A 49 -55.94 10.39 5.60
C GLY A 49 -55.01 10.38 4.39
N ASP A 50 -54.10 11.36 4.32
CA ASP A 50 -53.22 11.57 3.15
C ASP A 50 -52.02 10.62 3.25
N ASP A 51 -51.29 10.48 2.13
CA ASP A 51 -49.99 9.76 2.00
C ASP A 51 -49.08 10.00 3.23
N GLN A 52 -49.09 11.17 3.88
CA GLN A 52 -48.22 11.41 5.08
C GLN A 52 -48.40 10.28 6.10
N ILE A 53 -49.47 10.34 6.90
CA ILE A 53 -49.70 9.43 8.07
C ILE A 53 -49.58 7.98 7.62
N TYR A 54 -50.04 7.69 6.39
CA TYR A 54 -49.91 6.38 5.68
C TYR A 54 -48.44 5.91 5.57
N ASN A 55 -47.51 6.81 5.29
CA ASN A 55 -46.12 6.42 4.96
C ASN A 55 -45.29 6.39 6.23
N VAL A 56 -45.75 7.04 7.29
CA VAL A 56 -45.14 6.88 8.63
C VAL A 56 -45.42 5.45 9.07
N VAL A 57 -46.66 5.01 8.89
CA VAL A 57 -47.02 3.58 9.12
C VAL A 57 -46.24 2.66 8.17
N VAL A 58 -46.15 2.94 6.87
CA VAL A 58 -45.48 2.01 5.93
C VAL A 58 -44.06 1.84 6.40
N THR A 59 -43.37 3.01 6.61
CA THR A 59 -41.93 3.17 6.97
C THR A 59 -41.61 2.37 8.24
N ALA A 60 -42.28 2.71 9.35
CA ALA A 60 -42.21 2.02 10.66
C ALA A 60 -42.36 0.51 10.49
N HIS A 61 -43.28 0.04 9.66
CA HIS A 61 -43.52 -1.40 9.44
C HIS A 61 -42.21 -2.08 9.03
N ALA A 62 -41.33 -1.33 8.36
CA ALA A 62 -40.19 -1.84 7.60
C ALA A 62 -39.02 -1.97 8.55
N PHE A 63 -38.75 -0.88 9.27
CA PHE A 63 -37.71 -0.82 10.33
C PHE A 63 -38.01 -1.87 11.39
N VAL A 64 -39.28 -2.09 11.79
CA VAL A 64 -39.54 -3.01 12.95
C VAL A 64 -39.28 -4.48 12.53
N MET A 65 -39.81 -4.90 11.39
CA MET A 65 -39.71 -6.28 10.85
C MET A 65 -38.25 -6.58 10.52
N ILE A 66 -37.57 -5.64 9.90
CA ILE A 66 -36.13 -5.77 9.56
C ILE A 66 -35.34 -5.69 10.87
N PHE A 67 -35.23 -4.52 11.52
CA PHE A 67 -34.18 -4.22 12.54
C PHE A 67 -34.49 -4.75 13.95
N PHE A 68 -35.77 -4.91 14.32
CA PHE A 68 -36.20 -5.29 15.70
C PHE A 68 -36.81 -6.71 15.79
N MET A 69 -37.15 -7.34 14.67
CA MET A 69 -37.72 -8.72 14.56
C MET A 69 -36.69 -9.69 13.97
N VAL A 70 -36.38 -9.59 12.67
CA VAL A 70 -35.64 -10.63 11.88
C VAL A 70 -34.17 -10.69 12.29
N MET A 71 -33.51 -9.56 12.44
CA MET A 71 -32.07 -9.58 12.83
C MET A 71 -31.94 -9.95 14.31
N PRO A 72 -32.68 -9.31 15.24
CA PRO A 72 -32.68 -9.74 16.66
C PRO A 72 -32.98 -11.22 16.97
N ILE A 73 -34.07 -11.81 16.49
CA ILE A 73 -34.25 -13.28 16.63
C ILE A 73 -33.08 -14.01 15.95
N MET A 74 -33.05 -14.00 14.63
CA MET A 74 -32.14 -14.83 13.78
C MET A 74 -30.67 -14.80 14.20
N ILE A 75 -30.11 -13.65 14.52
CA ILE A 75 -28.66 -13.48 14.85
C ILE A 75 -28.45 -13.58 16.38
N GLY A 76 -29.25 -12.88 17.17
CA GLY A 76 -28.98 -12.61 18.59
C GLY A 76 -29.63 -13.66 19.43
N GLY A 77 -30.84 -14.07 19.07
CA GLY A 77 -31.52 -15.24 19.66
C GLY A 77 -30.81 -16.55 19.32
N PHE A 78 -30.86 -16.95 18.05
CA PHE A 78 -30.43 -18.30 17.63
C PHE A 78 -28.92 -18.34 17.56
N GLY A 79 -28.32 -17.16 17.38
CA GLY A 79 -26.88 -17.06 17.40
C GLY A 79 -26.47 -17.45 18.78
N ASN A 80 -26.95 -16.69 19.75
CA ASN A 80 -26.43 -16.74 21.13
C ASN A 80 -26.80 -18.06 21.76
N TRP A 81 -27.95 -18.63 21.40
CA TRP A 81 -28.30 -20.00 21.85
C TRP A 81 -27.42 -21.04 21.16
N LEU A 82 -27.37 -21.10 19.84
CA LEU A 82 -26.93 -22.37 19.18
C LEU A 82 -25.44 -22.36 18.95
N VAL A 83 -24.88 -21.20 18.66
CA VAL A 83 -23.51 -21.10 18.08
C VAL A 83 -22.54 -21.78 19.02
N PRO A 84 -22.47 -21.36 20.32
CA PRO A 84 -21.53 -21.91 21.29
C PRO A 84 -21.73 -23.40 21.58
N LEU A 85 -22.97 -23.88 21.41
CA LEU A 85 -23.31 -25.29 21.71
C LEU A 85 -22.91 -26.15 20.51
N MET A 86 -22.86 -25.57 19.32
CA MET A 86 -22.49 -26.29 18.05
C MET A 86 -20.97 -26.44 17.92
N ILE A 87 -20.20 -25.65 18.66
CA ILE A 87 -18.72 -25.74 18.60
C ILE A 87 -18.17 -26.02 19.99
N GLY A 88 -19.01 -26.40 20.95
CA GLY A 88 -18.54 -26.84 22.26
C GLY A 88 -17.75 -25.77 22.96
N ALA A 89 -18.16 -24.52 22.79
CA ALA A 89 -17.62 -23.37 23.53
C ALA A 89 -18.51 -23.13 24.74
N PRO A 90 -17.94 -22.67 25.88
CA PRO A 90 -18.68 -22.51 27.13
C PRO A 90 -19.58 -21.25 27.19
N ASP A 91 -19.26 -20.24 26.38
CA ASP A 91 -20.01 -18.96 26.17
C ASP A 91 -19.33 -18.22 25.01
N MET A 92 -19.44 -16.88 24.97
CA MET A 92 -18.96 -15.99 23.88
C MET A 92 -17.65 -15.33 24.31
N ALA A 93 -16.72 -15.10 23.39
CA ALA A 93 -15.45 -14.36 23.67
C ALA A 93 -15.64 -13.25 24.68
N PHE A 94 -16.70 -12.43 24.51
CA PHE A 94 -16.91 -11.11 25.14
C PHE A 94 -18.33 -11.01 25.70
N PRO A 95 -18.65 -11.73 26.81
CA PRO A 95 -20.00 -11.91 27.29
C PRO A 95 -20.68 -10.67 27.88
N ARG A 96 -19.90 -9.83 28.54
CA ARG A 96 -20.32 -8.50 29.02
C ARG A 96 -20.72 -7.65 27.80
N MET A 97 -19.90 -7.65 26.74
CA MET A 97 -20.16 -6.85 25.53
C MET A 97 -21.41 -7.42 24.85
N ASN A 98 -21.57 -8.73 24.87
CA ASN A 98 -22.78 -9.42 24.33
C ASN A 98 -24.06 -8.79 24.92
N ASN A 99 -24.11 -8.53 26.22
CA ASN A 99 -25.31 -8.00 26.91
C ASN A 99 -25.59 -6.54 26.49
N MET A 100 -24.55 -5.75 26.16
CA MET A 100 -24.80 -4.33 25.80
C MET A 100 -25.42 -4.37 24.42
N SER A 101 -25.06 -5.39 23.65
CA SER A 101 -25.62 -5.49 22.30
C SER A 101 -27.11 -5.73 22.44
N PHE A 102 -27.55 -6.28 23.56
CA PHE A 102 -29.00 -6.54 23.76
C PHE A 102 -29.71 -5.25 24.20
N TRP A 103 -29.13 -4.61 25.19
CA TRP A 103 -29.82 -3.56 25.98
C TRP A 103 -29.83 -2.24 25.21
N LEU A 104 -28.92 -2.12 24.23
CA LEU A 104 -28.93 -1.05 23.18
C LEU A 104 -30.18 -1.15 22.29
N LEU A 105 -30.97 -2.22 22.35
CA LEU A 105 -32.08 -2.43 21.37
C LEU A 105 -33.42 -1.90 21.86
N PRO A 106 -33.81 -2.03 23.15
CA PRO A 106 -34.99 -1.29 23.61
C PRO A 106 -34.81 0.19 23.29
N PRO A 107 -33.76 0.87 23.83
CA PRO A 107 -33.53 2.26 23.50
C PRO A 107 -33.85 2.52 22.01
N SER A 108 -33.12 1.82 21.15
CA SER A 108 -33.11 2.01 19.67
C SER A 108 -34.56 2.08 19.18
N PHE A 109 -35.38 1.10 19.62
CA PHE A 109 -36.83 0.98 19.32
C PHE A 109 -37.53 2.25 19.83
N LEU A 110 -37.36 2.61 21.11
CA LEU A 110 -38.08 3.75 21.77
C LEU A 110 -37.85 5.08 21.02
N LEU A 111 -36.66 5.31 20.47
CA LEU A 111 -36.38 6.49 19.61
C LEU A 111 -37.21 6.37 18.33
N LEU A 112 -37.32 5.15 17.82
CA LEU A 112 -38.22 4.87 16.67
C LEU A 112 -39.65 5.20 17.07
N LEU A 113 -40.13 4.71 18.22
CA LEU A 113 -41.55 4.91 18.57
C LEU A 113 -41.76 6.40 18.88
N ALA A 114 -40.76 7.07 19.46
CA ALA A 114 -40.76 8.53 19.72
C ALA A 114 -41.01 9.30 18.43
N SER A 115 -40.22 9.01 17.39
CA SER A 115 -40.29 9.62 16.03
C SER A 115 -41.72 9.67 15.48
N SER A 116 -42.50 8.61 15.67
CA SER A 116 -43.88 8.45 15.11
C SER A 116 -44.89 9.21 15.97
N MET A 117 -44.50 9.67 17.16
CA MET A 117 -45.40 10.41 18.08
C MET A 117 -45.01 11.90 18.17
N VAL A 118 -43.82 12.26 17.68
CA VAL A 118 -43.32 13.67 17.57
C VAL A 118 -43.80 14.23 16.24
N GLU A 119 -44.16 15.51 16.18
CA GLU A 119 -44.65 16.16 14.94
C GLU A 119 -45.60 15.21 14.18
N ALA A 120 -45.38 15.01 12.88
CA ALA A 120 -46.25 14.20 11.99
C ALA A 120 -45.53 12.89 11.63
N GLY A 121 -44.58 12.45 12.44
CA GLY A 121 -43.84 11.20 12.22
C GLY A 121 -42.98 11.28 10.97
N ALA A 122 -42.05 10.33 10.80
CA ALA A 122 -41.11 10.28 9.67
C ALA A 122 -41.64 9.28 8.67
N GLY A 123 -42.58 9.69 7.83
CA GLY A 123 -42.92 9.00 6.57
C GLY A 123 -42.00 9.47 5.44
N THR A 124 -40.85 8.84 5.32
CA THR A 124 -39.73 9.12 4.38
C THR A 124 -39.46 7.91 3.49
N GLY A 125 -40.01 6.76 3.91
CA GLY A 125 -39.61 5.38 3.54
C GLY A 125 -38.42 4.92 4.36
N TRP A 126 -38.10 3.63 4.30
CA TRP A 126 -37.03 3.01 5.11
C TRP A 126 -35.67 3.37 4.52
N THR A 127 -35.67 3.89 3.30
CA THR A 127 -34.50 4.41 2.54
C THR A 127 -34.10 5.80 3.07
N VAL A 128 -35.05 6.55 3.63
CA VAL A 128 -34.86 7.93 4.20
C VAL A 128 -34.05 8.75 3.19
N TYR A 129 -34.65 9.09 2.06
CA TYR A 129 -33.97 9.78 0.93
C TYR A 129 -34.05 11.28 1.11
N PRO A 130 -32.93 12.04 1.08
CA PRO A 130 -33.04 13.47 0.88
C PRO A 130 -33.37 13.71 -0.60
N PRO A 131 -34.02 14.84 -0.97
CA PRO A 131 -34.42 15.85 0.02
C PRO A 131 -35.74 15.73 0.81
N LEU A 132 -36.57 14.68 0.66
CA LEU A 132 -37.80 14.51 1.52
C LEU A 132 -37.43 14.43 3.00
N ALA A 133 -36.28 13.81 3.31
CA ALA A 133 -35.90 13.39 4.68
C ALA A 133 -35.20 14.54 5.39
N GLY A 134 -34.89 15.59 4.60
CA GLY A 134 -34.29 16.88 4.95
C GLY A 134 -35.21 17.82 5.72
N ASN A 135 -34.64 18.96 6.12
CA ASN A 135 -35.06 19.78 7.28
C ASN A 135 -36.10 20.82 6.85
N LEU A 136 -36.52 20.77 5.57
CA LEU A 136 -37.52 21.69 4.95
C LEU A 136 -38.85 20.96 4.72
N ALA A 137 -38.81 19.70 4.24
CA ALA A 137 -40.00 18.86 4.05
C ALA A 137 -40.31 18.14 5.36
N HIS A 138 -39.31 17.53 5.97
CA HIS A 138 -39.41 16.85 7.30
C HIS A 138 -38.64 17.68 8.37
N ALA A 139 -39.05 18.94 8.58
CA ALA A 139 -38.68 19.82 9.72
C ALA A 139 -39.30 19.30 11.02
N GLY A 140 -38.53 19.19 12.09
CA GLY A 140 -38.95 18.50 13.33
C GLY A 140 -37.90 17.50 13.80
N ALA A 141 -38.20 16.79 14.90
CA ALA A 141 -37.27 15.80 15.53
C ALA A 141 -37.43 14.40 14.91
N SER A 142 -38.57 14.11 14.25
CA SER A 142 -38.98 12.76 13.78
C SER A 142 -37.77 12.08 13.12
N VAL A 143 -37.27 12.68 12.03
CA VAL A 143 -36.25 12.03 11.15
C VAL A 143 -34.93 11.94 11.92
N ASP A 144 -34.73 12.79 12.92
CA ASP A 144 -33.50 12.78 13.75
C ASP A 144 -33.53 11.60 14.68
N LEU A 145 -34.69 11.36 15.29
CA LEU A 145 -35.00 10.23 16.19
C LEU A 145 -34.85 8.90 15.45
N THR A 146 -35.23 8.85 14.17
CA THR A 146 -35.13 7.68 13.25
C THR A 146 -33.64 7.40 12.97
N ILE A 147 -32.87 8.43 12.62
CA ILE A 147 -31.38 8.37 12.43
C ILE A 147 -30.73 7.86 13.71
N PHE A 148 -31.23 8.27 14.86
CA PHE A 148 -30.65 7.81 16.15
C PHE A 148 -31.04 6.36 16.46
N SER A 149 -32.27 5.95 16.18
CA SER A 149 -32.68 4.51 16.23
C SER A 149 -31.57 3.68 15.61
N LEU A 150 -31.21 4.00 14.38
CA LEU A 150 -30.33 3.21 13.49
C LEU A 150 -28.90 3.22 14.02
N HIS A 151 -28.45 4.32 14.64
CA HIS A 151 -27.08 4.47 15.18
C HIS A 151 -26.91 3.40 16.24
N LEU A 152 -27.84 3.36 17.20
CA LEU A 152 -27.79 2.44 18.36
C LEU A 152 -27.94 1.01 17.83
N ALA A 153 -28.78 0.83 16.82
CA ALA A 153 -29.18 -0.48 16.29
C ALA A 153 -28.02 -1.03 15.48
N GLY A 154 -27.20 -0.14 14.92
CA GLY A 154 -25.97 -0.48 14.17
C GLY A 154 -24.78 -0.73 15.08
N VAL A 155 -24.80 -0.18 16.30
CA VAL A 155 -23.72 -0.40 17.30
C VAL A 155 -23.96 -1.80 17.90
N SER A 156 -25.18 -2.11 18.34
CA SER A 156 -25.61 -3.50 18.70
C SER A 156 -25.05 -4.51 17.71
N SER A 157 -25.39 -4.36 16.44
CA SER A 157 -25.02 -5.31 15.36
C SER A 157 -23.51 -5.49 15.20
N ILE A 158 -22.77 -4.38 15.08
CA ILE A 158 -21.29 -4.33 14.84
C ILE A 158 -20.56 -4.89 16.07
N LEU A 159 -21.06 -4.62 17.27
CA LEU A 159 -20.41 -5.15 18.50
C LEU A 159 -20.70 -6.64 18.55
N GLY A 160 -21.88 -7.05 18.13
CA GLY A 160 -22.33 -8.45 18.20
C GLY A 160 -21.64 -9.31 17.17
N ALA A 161 -21.29 -8.73 16.03
CA ALA A 161 -20.54 -9.36 14.92
C ALA A 161 -19.09 -9.63 15.38
N ILE A 162 -18.45 -8.62 15.98
CA ILE A 162 -17.08 -8.75 16.56
C ILE A 162 -17.05 -9.93 17.53
N ASN A 163 -18.16 -10.14 18.22
CA ASN A 163 -18.30 -11.21 19.25
C ASN A 163 -18.42 -12.57 18.61
N PHE A 164 -19.25 -12.72 17.59
CA PHE A 164 -19.48 -14.02 16.92
C PHE A 164 -18.16 -14.40 16.26
N ILE A 165 -17.70 -13.61 15.29
CA ILE A 165 -16.47 -13.90 14.52
C ILE A 165 -15.37 -14.26 15.52
N THR A 166 -15.17 -13.49 16.58
CA THR A 166 -14.06 -13.81 17.51
C THR A 166 -14.35 -15.13 18.22
N THR A 167 -15.61 -15.42 18.51
CA THR A 167 -16.07 -16.70 19.13
C THR A 167 -15.87 -17.89 18.19
N ILE A 168 -16.34 -17.81 16.93
CA ILE A 168 -16.34 -18.95 15.97
C ILE A 168 -14.91 -19.26 15.53
N ILE A 169 -14.06 -18.25 15.45
CA ILE A 169 -12.64 -18.36 15.00
C ILE A 169 -11.78 -18.92 16.14
N ASN A 170 -12.04 -18.48 17.36
CA ASN A 170 -11.03 -18.60 18.43
C ASN A 170 -11.36 -19.72 19.41
N MET A 171 -12.62 -20.13 19.52
CA MET A 171 -13.08 -20.88 20.73
C MET A 171 -13.69 -22.23 20.33
N LYS A 172 -13.13 -22.88 19.32
CA LYS A 172 -13.53 -24.25 18.93
C LYS A 172 -12.63 -25.22 19.68
N PRO A 173 -12.91 -26.55 19.65
CA PRO A 173 -11.91 -27.52 20.06
C PRO A 173 -10.67 -27.40 19.19
N PRO A 174 -9.44 -27.52 19.76
CA PRO A 174 -8.22 -27.28 18.99
C PRO A 174 -8.18 -28.18 17.74
N ALA A 175 -8.56 -29.44 17.90
CA ALA A 175 -8.55 -30.44 16.80
C ALA A 175 -9.48 -30.00 15.65
N MET A 176 -10.51 -29.22 15.97
CA MET A 176 -11.56 -28.80 14.99
C MET A 176 -11.06 -27.69 14.07
N SER A 177 -11.01 -27.98 12.77
CA SER A 177 -10.80 -26.99 11.69
C SER A 177 -12.14 -26.27 11.44
N GLN A 178 -12.09 -25.10 10.82
CA GLN A 178 -13.29 -24.35 10.40
C GLN A 178 -14.18 -25.31 9.58
N TYR A 179 -13.56 -26.27 8.89
CA TYR A 179 -14.26 -27.12 7.90
C TYR A 179 -15.03 -28.25 8.56
N GLN A 180 -15.27 -28.18 9.87
CA GLN A 180 -15.94 -29.27 10.62
C GLN A 180 -16.85 -28.61 11.64
N THR A 181 -17.29 -27.38 11.32
CA THR A 181 -18.28 -26.59 12.09
C THR A 181 -19.59 -26.65 11.31
N PRO A 182 -20.74 -26.68 12.00
CA PRO A 182 -22.01 -26.81 11.30
C PRO A 182 -22.32 -25.61 10.35
N LEU A 183 -23.33 -25.78 9.48
CA LEU A 183 -23.65 -24.81 8.41
C LEU A 183 -24.18 -23.54 9.05
N PHE A 184 -24.91 -23.67 10.12
CA PHE A 184 -25.47 -22.50 10.80
C PHE A 184 -24.25 -21.72 11.23
N VAL A 185 -23.24 -22.44 11.71
CA VAL A 185 -22.15 -21.73 12.42
C VAL A 185 -21.56 -20.83 11.34
N TRP A 186 -21.14 -21.46 10.24
CA TRP A 186 -20.73 -20.78 8.99
C TRP A 186 -21.69 -19.64 8.59
N SER A 187 -23.00 -19.85 8.47
CA SER A 187 -23.97 -18.78 8.07
C SER A 187 -23.80 -17.47 8.86
N VAL A 188 -23.54 -17.59 10.17
CA VAL A 188 -23.56 -16.49 11.18
C VAL A 188 -22.24 -15.73 11.13
N MET A 189 -21.16 -16.45 10.92
CA MET A 189 -19.79 -15.94 10.76
C MET A 189 -19.83 -15.03 9.55
N ILE A 190 -20.32 -15.52 8.42
CA ILE A 190 -20.40 -14.78 7.11
C ILE A 190 -21.33 -13.57 7.28
N THR A 191 -22.43 -13.75 8.00
CA THR A 191 -23.48 -12.71 8.19
C THR A 191 -22.96 -11.61 9.10
N ALA A 192 -21.87 -11.87 9.82
CA ALA A 192 -21.29 -10.93 10.79
C ALA A 192 -20.25 -10.08 10.05
N VAL A 193 -19.50 -10.69 9.15
CA VAL A 193 -18.60 -9.97 8.19
C VAL A 193 -19.40 -9.02 7.31
N LEU A 194 -20.60 -9.39 6.84
CA LEU A 194 -21.45 -8.49 6.01
C LEU A 194 -21.87 -7.26 6.82
N LEU A 195 -22.38 -7.47 8.05
CA LEU A 195 -22.71 -6.46 9.08
C LEU A 195 -21.49 -5.60 9.34
N LEU A 196 -20.35 -6.22 9.60
CA LEU A 196 -19.12 -5.52 10.07
C LEU A 196 -18.67 -4.47 9.05
N LEU A 197 -18.94 -4.71 7.78
CA LEU A 197 -18.29 -3.99 6.67
C LEU A 197 -19.30 -3.01 6.09
N SER A 198 -20.61 -3.25 6.26
CA SER A 198 -21.68 -2.45 5.58
C SER A 198 -22.29 -1.43 6.51
N LEU A 199 -22.39 -1.76 7.81
CA LEU A 199 -23.13 -0.93 8.79
C LEU A 199 -22.35 0.36 9.02
N PRO A 200 -21.00 0.34 9.09
CA PRO A 200 -20.22 1.57 9.16
C PRO A 200 -20.53 2.63 8.07
N VAL A 201 -20.76 2.19 6.84
CA VAL A 201 -21.05 3.06 5.66
C VAL A 201 -22.52 3.51 5.74
N LEU A 202 -23.42 2.65 6.25
CA LEU A 202 -24.81 3.08 6.57
C LEU A 202 -24.80 4.22 7.56
N ALA A 203 -23.95 4.11 8.59
CA ALA A 203 -23.90 5.03 9.74
C ALA A 203 -23.39 6.35 9.22
N ALA A 204 -22.46 6.27 8.27
CA ALA A 204 -21.69 7.43 7.77
C ALA A 204 -22.69 8.31 7.00
N GLY A 205 -23.55 7.63 6.22
CA GLY A 205 -24.58 8.22 5.37
C GLY A 205 -25.65 8.86 6.21
N ILE A 206 -26.14 8.17 7.22
CA ILE A 206 -27.21 8.77 8.06
C ILE A 206 -26.61 9.84 8.97
N THR A 207 -25.28 9.85 9.20
CA THR A 207 -24.56 10.93 9.92
C THR A 207 -24.51 12.21 9.06
N MET A 208 -24.26 12.10 7.76
CA MET A 208 -24.24 13.27 6.85
C MET A 208 -25.65 13.85 6.77
N LEU A 209 -26.67 13.03 6.89
CA LEU A 209 -28.06 13.53 6.88
C LEU A 209 -28.37 14.30 8.17
N LEU A 210 -27.99 13.78 9.33
CA LEU A 210 -28.09 14.53 10.61
C LEU A 210 -27.39 15.90 10.45
N THR A 211 -26.16 15.93 9.93
CA THR A 211 -25.38 17.21 9.79
C THR A 211 -25.86 18.04 8.59
N ASP A 212 -26.73 17.53 7.72
CA ASP A 212 -27.43 18.38 6.73
C ASP A 212 -28.65 19.00 7.39
N ARG A 213 -29.42 18.27 8.20
CA ARG A 213 -30.60 18.78 8.95
C ARG A 213 -30.19 19.77 10.08
N ASN A 214 -29.01 19.63 10.69
CA ASN A 214 -28.74 20.27 12.00
C ASN A 214 -27.51 21.21 11.96
N LEU A 215 -26.43 20.91 11.23
CA LEU A 215 -25.15 21.68 11.36
C LEU A 215 -24.83 22.48 10.10
N ASN A 216 -25.75 22.54 9.12
CA ASN A 216 -25.72 23.36 7.88
C ASN A 216 -24.61 22.86 6.94
N THR A 217 -24.41 21.55 6.87
CA THR A 217 -23.68 20.91 5.76
C THR A 217 -24.62 20.82 4.56
N THR A 218 -24.06 20.41 3.43
CA THR A 218 -24.72 20.36 2.11
C THR A 218 -24.20 19.13 1.35
N PHE A 219 -24.20 17.97 2.01
CA PHE A 219 -23.71 16.70 1.43
C PHE A 219 -24.67 16.32 0.31
N PHE A 220 -25.95 16.52 0.59
CA PHE A 220 -27.06 16.06 -0.29
C PHE A 220 -27.90 17.25 -0.74
N ASP A 221 -27.35 18.46 -0.66
CA ASP A 221 -28.10 19.72 -0.97
C ASP A 221 -27.46 20.40 -2.17
N PRO A 222 -28.10 20.38 -3.37
CA PRO A 222 -27.53 21.01 -4.56
C PRO A 222 -27.22 22.51 -4.42
N ALA A 223 -27.73 23.15 -3.37
CA ALA A 223 -27.54 24.58 -3.08
C ALA A 223 -26.06 24.79 -2.74
N GLY A 224 -25.46 23.82 -2.03
CA GLY A 224 -24.05 23.89 -1.61
C GLY A 224 -23.14 22.95 -2.40
N GLY A 225 -23.55 22.49 -3.60
CA GLY A 225 -22.71 21.64 -4.48
C GLY A 225 -22.96 20.14 -4.33
N GLY A 226 -23.80 19.76 -3.35
CA GLY A 226 -24.09 18.37 -2.99
C GLY A 226 -24.96 17.65 -3.99
N ASP A 227 -25.18 16.37 -3.75
CA ASP A 227 -25.91 15.48 -4.66
C ASP A 227 -26.78 14.59 -3.81
N PRO A 228 -28.11 14.67 -3.98
CA PRO A 228 -29.01 13.73 -3.33
C PRO A 228 -28.60 12.28 -3.63
N ILE A 229 -28.13 11.97 -4.83
CA ILE A 229 -27.80 10.58 -5.30
C ILE A 229 -26.65 10.00 -4.47
N LEU A 230 -25.63 10.79 -4.13
CA LEU A 230 -24.55 10.36 -3.20
C LEU A 230 -25.17 9.52 -2.08
N TYR A 231 -26.22 10.01 -1.44
CA TYR A 231 -26.89 9.32 -0.31
C TYR A 231 -27.39 7.93 -0.76
N GLN A 232 -28.01 7.85 -1.93
CA GLN A 232 -28.62 6.60 -2.42
C GLN A 232 -27.51 5.53 -2.44
N HIS A 233 -26.28 5.89 -2.85
CA HIS A 233 -25.13 4.95 -3.03
C HIS A 233 -24.66 4.46 -1.67
N LEU A 234 -24.19 5.35 -0.81
CA LEU A 234 -23.78 4.95 0.56
C LEU A 234 -24.86 4.05 1.21
N PHE A 235 -26.13 4.39 1.13
CA PHE A 235 -27.22 3.62 1.80
C PHE A 235 -27.30 2.26 1.11
N TRP A 236 -27.34 2.25 -0.22
CA TRP A 236 -27.52 0.95 -0.94
C TRP A 236 -26.20 0.17 -0.90
N PHE A 237 -25.08 0.83 -0.58
CA PHE A 237 -23.76 0.16 -0.43
C PHE A 237 -23.88 -0.78 0.78
N PHE A 238 -24.74 -0.37 1.73
CA PHE A 238 -25.12 -1.11 2.94
C PHE A 238 -26.31 -2.03 2.64
N GLY A 239 -27.22 -1.56 1.83
CA GLY A 239 -28.61 -2.03 1.75
C GLY A 239 -28.73 -3.28 0.94
N HIS A 240 -27.88 -3.51 -0.03
CA HIS A 240 -27.87 -4.87 -0.60
C HIS A 240 -27.29 -5.82 0.43
N PRO A 241 -26.04 -5.61 0.92
CA PRO A 241 -25.47 -6.47 1.96
C PRO A 241 -26.44 -6.75 3.12
N GLU A 242 -27.28 -5.77 3.47
CA GLU A 242 -28.32 -5.89 4.56
C GLU A 242 -29.27 -7.06 4.31
N VAL A 243 -29.51 -7.50 3.08
CA VAL A 243 -30.60 -8.48 2.78
C VAL A 243 -30.03 -9.89 2.70
N TYR A 244 -28.79 -10.05 2.25
CA TYR A 244 -28.08 -11.35 2.35
C TYR A 244 -27.75 -11.64 3.84
N ILE A 245 -27.62 -10.58 4.66
CA ILE A 245 -27.65 -10.66 6.16
C ILE A 245 -28.95 -11.38 6.60
N LEU A 246 -30.11 -10.99 6.03
CA LEU A 246 -31.44 -11.36 6.55
C LEU A 246 -31.78 -12.79 6.12
N ILE A 247 -31.15 -13.32 5.07
CA ILE A 247 -31.45 -14.68 4.59
C ILE A 247 -30.36 -15.70 4.98
N LEU A 248 -29.08 -15.29 4.99
CA LEU A 248 -27.94 -16.25 5.19
C LEU A 248 -28.21 -17.20 6.36
N PRO A 249 -28.51 -16.74 7.59
CA PRO A 249 -28.83 -17.67 8.68
C PRO A 249 -30.05 -18.58 8.41
N GLY A 250 -30.98 -18.12 7.57
CA GLY A 250 -32.13 -18.94 7.14
C GLY A 250 -31.62 -20.10 6.36
N PHE A 251 -30.67 -19.85 5.44
CA PHE A 251 -29.88 -20.90 4.77
C PHE A 251 -29.41 -21.90 5.85
N GLY A 252 -28.49 -21.48 6.71
CA GLY A 252 -28.12 -22.18 7.95
C GLY A 252 -29.20 -23.10 8.50
N MET A 253 -30.32 -22.58 9.02
CA MET A 253 -31.35 -23.34 9.76
C MET A 253 -31.90 -24.39 8.80
N ILE A 254 -32.10 -23.95 7.59
CA ILE A 254 -32.81 -24.74 6.57
C ILE A 254 -31.90 -25.96 6.29
N SER A 255 -30.58 -25.74 6.21
CA SER A 255 -29.59 -26.83 5.97
C SER A 255 -29.66 -27.82 7.11
N HIS A 256 -29.82 -27.30 8.33
CA HIS A 256 -29.99 -28.10 9.56
C HIS A 256 -31.23 -28.97 9.56
N ILE A 257 -32.39 -28.36 9.32
CA ILE A 257 -33.74 -28.96 9.52
C ILE A 257 -33.95 -30.08 8.52
N VAL A 258 -33.61 -29.76 7.25
CA VAL A 258 -33.86 -30.63 6.07
C VAL A 258 -32.96 -31.86 6.31
N THR A 259 -31.82 -31.66 6.95
CA THR A 259 -30.86 -32.75 7.25
C THR A 259 -31.47 -33.56 8.37
N TYR A 260 -31.98 -32.94 9.43
CA TYR A 260 -32.30 -33.72 10.64
C TYR A 260 -33.57 -34.54 10.39
N TYR A 261 -34.48 -33.99 9.58
CA TYR A 261 -35.85 -34.52 9.37
C TYR A 261 -35.92 -35.37 8.13
N SER A 262 -34.82 -35.51 7.39
CA SER A 262 -34.58 -36.50 6.30
C SER A 262 -33.82 -37.70 6.87
N GLY A 263 -33.52 -37.63 8.17
CA GLY A 263 -32.73 -38.64 8.88
C GLY A 263 -31.29 -38.78 8.39
N LYS A 264 -30.73 -37.85 7.60
CA LYS A 264 -29.34 -37.93 7.08
C LYS A 264 -28.32 -37.53 8.16
N LYS A 265 -27.06 -37.93 8.04
CA LYS A 265 -26.10 -37.70 9.14
C LYS A 265 -25.32 -36.42 8.85
N GLU A 266 -25.33 -35.92 7.62
CA GLU A 266 -24.85 -34.55 7.25
C GLU A 266 -25.61 -34.09 6.02
N PRO A 267 -25.64 -32.78 5.70
CA PRO A 267 -26.35 -32.32 4.50
C PRO A 267 -25.48 -32.63 3.26
N PHE A 268 -26.11 -32.67 2.09
CA PHE A 268 -25.42 -32.98 0.82
C PHE A 268 -24.45 -31.83 0.56
N GLY A 269 -23.18 -32.10 0.23
CA GLY A 269 -22.22 -31.15 -0.38
C GLY A 269 -21.75 -30.01 0.54
N TYR A 270 -21.35 -30.36 1.76
CA TYR A 270 -21.00 -29.45 2.88
C TYR A 270 -20.24 -28.23 2.33
N MET A 271 -19.10 -28.48 1.68
CA MET A 271 -18.13 -27.49 1.11
C MET A 271 -18.76 -26.69 -0.03
N GLY A 272 -19.74 -27.29 -0.72
CA GLY A 272 -20.58 -26.60 -1.71
C GLY A 272 -21.37 -25.49 -1.05
N MET A 273 -21.96 -25.80 0.10
CA MET A 273 -22.79 -24.86 0.88
C MET A 273 -21.87 -23.81 1.50
N VAL A 274 -20.65 -24.19 1.88
CA VAL A 274 -19.65 -23.18 2.33
C VAL A 274 -19.32 -22.25 1.15
N TRP A 275 -19.03 -22.75 -0.05
CA TRP A 275 -18.58 -21.85 -1.16
C TRP A 275 -19.72 -20.90 -1.50
N ALA A 276 -20.93 -21.44 -1.65
CA ALA A 276 -22.22 -20.77 -1.94
C ALA A 276 -22.44 -19.45 -1.16
N MET A 277 -22.32 -19.48 0.17
CA MET A 277 -22.62 -18.32 1.05
C MET A 277 -21.48 -17.30 1.07
N MET A 278 -20.25 -17.80 0.96
CA MET A 278 -19.03 -16.97 0.85
C MET A 278 -19.08 -16.23 -0.47
N SER A 279 -19.78 -16.79 -1.46
CA SER A 279 -20.00 -16.14 -2.77
C SER A 279 -21.11 -15.09 -2.63
N ILE A 280 -22.30 -15.53 -2.24
CA ILE A 280 -23.52 -14.72 -1.98
C ILE A 280 -23.15 -13.53 -1.09
N GLY A 281 -22.29 -13.75 -0.10
CA GLY A 281 -21.72 -12.68 0.72
C GLY A 281 -21.00 -11.70 -0.17
N PHE A 282 -19.94 -12.18 -0.84
CA PHE A 282 -18.99 -11.40 -1.67
C PHE A 282 -19.70 -10.64 -2.79
N LEU A 283 -20.50 -11.31 -3.63
CA LEU A 283 -21.22 -10.66 -4.76
C LEU A 283 -22.32 -9.73 -4.21
N GLY A 284 -22.70 -9.86 -2.92
CA GLY A 284 -23.80 -9.09 -2.32
C GLY A 284 -23.34 -7.67 -2.08
N PHE A 285 -22.03 -7.44 -2.27
CA PHE A 285 -21.35 -6.16 -1.96
C PHE A 285 -21.14 -5.37 -3.25
N ILE A 286 -21.21 -6.05 -4.40
CA ILE A 286 -20.80 -5.44 -5.70
C ILE A 286 -22.01 -5.29 -6.59
N VAL A 287 -23.19 -5.00 -6.03
CA VAL A 287 -24.45 -5.01 -6.80
C VAL A 287 -25.37 -3.81 -6.50
N TRP A 288 -24.98 -2.91 -5.58
CA TRP A 288 -25.85 -1.91 -4.89
C TRP A 288 -26.63 -0.96 -5.82
N ALA A 289 -26.11 -0.69 -7.01
CA ALA A 289 -26.68 0.25 -8.01
C ALA A 289 -27.87 -0.36 -8.76
N HIS A 290 -28.21 -1.64 -8.53
CA HIS A 290 -29.46 -2.23 -9.10
C HIS A 290 -30.71 -1.61 -8.42
N HIS A 291 -30.55 -0.77 -7.39
CA HIS A 291 -31.64 -0.10 -6.66
C HIS A 291 -31.83 1.31 -7.17
N MET A 292 -31.05 1.66 -8.18
CA MET A 292 -30.85 3.04 -8.70
C MET A 292 -30.83 3.06 -10.24
N PHE A 293 -31.62 2.24 -10.92
CA PHE A 293 -31.59 2.13 -12.40
C PHE A 293 -32.41 3.21 -13.11
N THR A 294 -33.18 4.02 -12.38
CA THR A 294 -34.01 5.12 -12.95
C THR A 294 -33.54 6.49 -12.43
N VAL A 295 -32.33 6.58 -11.87
CA VAL A 295 -31.70 7.83 -11.33
C VAL A 295 -30.99 8.59 -12.47
N GLY A 296 -30.64 7.90 -13.55
CA GLY A 296 -30.11 8.55 -14.77
C GLY A 296 -28.61 8.37 -14.87
N MET A 297 -28.14 7.11 -14.82
CA MET A 297 -26.69 6.78 -14.77
C MET A 297 -26.29 6.09 -16.08
N ASP A 298 -25.01 6.23 -16.42
CA ASP A 298 -24.41 5.84 -17.71
C ASP A 298 -24.80 4.38 -18.01
N VAL A 299 -25.09 4.13 -19.29
CA VAL A 299 -25.65 2.86 -19.83
C VAL A 299 -24.67 1.72 -19.55
N ASP A 300 -23.36 2.00 -19.64
CA ASP A 300 -22.25 1.03 -19.51
C ASP A 300 -22.21 0.48 -18.09
N THR A 301 -22.51 1.36 -17.13
CA THR A 301 -22.66 1.08 -15.67
C THR A 301 -23.91 0.22 -15.49
N ARG A 302 -25.07 0.71 -15.92
CA ARG A 302 -26.39 0.00 -15.77
C ARG A 302 -26.30 -1.46 -16.24
N ALA A 303 -25.54 -1.77 -17.30
CA ALA A 303 -25.37 -3.14 -17.89
C ALA A 303 -24.41 -3.97 -17.07
N TYR A 304 -23.40 -3.37 -16.45
CA TYR A 304 -22.54 -4.09 -15.45
C TYR A 304 -23.45 -4.62 -14.33
N PHE A 305 -24.23 -3.72 -13.69
CA PHE A 305 -25.04 -4.00 -12.49
C PHE A 305 -26.11 -5.02 -12.78
N THR A 306 -26.72 -4.92 -13.95
CA THR A 306 -27.63 -5.94 -14.50
C THR A 306 -26.92 -7.28 -14.41
N SER A 307 -25.79 -7.40 -15.12
CA SER A 307 -25.01 -8.64 -15.34
C SER A 307 -24.46 -9.20 -14.00
N ALA A 308 -23.88 -8.33 -13.16
CA ALA A 308 -23.33 -8.64 -11.81
C ALA A 308 -24.42 -9.14 -10.85
N THR A 309 -25.62 -8.57 -10.95
CA THR A 309 -26.76 -8.89 -10.06
C THR A 309 -27.19 -10.33 -10.39
N MET A 310 -27.05 -10.74 -11.64
CA MET A 310 -27.57 -12.05 -12.11
C MET A 310 -26.62 -13.21 -11.78
N ILE A 311 -25.32 -12.95 -11.51
CA ILE A 311 -24.29 -14.01 -11.27
C ILE A 311 -24.61 -14.77 -9.98
N ILE A 312 -25.15 -14.03 -9.00
CA ILE A 312 -25.66 -14.49 -7.68
C ILE A 312 -26.55 -15.74 -7.82
N ALA A 313 -27.18 -15.98 -8.97
CA ALA A 313 -28.19 -17.06 -9.14
C ALA A 313 -27.49 -18.42 -9.11
N ILE A 314 -26.24 -18.46 -9.60
CA ILE A 314 -25.50 -19.75 -9.71
C ILE A 314 -25.25 -20.26 -8.31
N PRO A 315 -24.55 -19.53 -7.40
CA PRO A 315 -24.25 -20.06 -6.08
C PRO A 315 -25.54 -20.31 -5.29
N THR A 316 -26.58 -19.47 -5.47
CA THR A 316 -27.88 -19.67 -4.80
C THR A 316 -28.51 -20.97 -5.36
N GLY A 317 -28.35 -21.24 -6.65
CA GLY A 317 -28.84 -22.50 -7.25
C GLY A 317 -28.28 -23.68 -6.50
N VAL A 318 -26.96 -23.67 -6.29
CA VAL A 318 -26.18 -24.78 -5.70
C VAL A 318 -26.87 -25.18 -4.39
N LYS A 319 -27.34 -24.17 -3.67
CA LYS A 319 -27.95 -24.36 -2.34
C LYS A 319 -29.33 -24.93 -2.52
N VAL A 320 -30.10 -24.39 -3.45
CA VAL A 320 -31.45 -24.97 -3.66
C VAL A 320 -31.25 -26.44 -4.00
N PHE A 321 -30.39 -26.74 -4.97
CA PHE A 321 -30.24 -28.13 -5.49
C PHE A 321 -29.60 -29.03 -4.42
N SER A 322 -28.72 -28.52 -3.55
CA SER A 322 -28.20 -29.28 -2.39
C SER A 322 -29.40 -29.67 -1.51
N TRP A 323 -30.11 -28.74 -0.84
CA TRP A 323 -31.21 -29.11 0.09
C TRP A 323 -31.95 -30.29 -0.55
N LEU A 324 -32.20 -30.20 -1.85
CA LEU A 324 -33.17 -31.10 -2.51
C LEU A 324 -32.57 -32.50 -2.57
N ALA A 325 -31.23 -32.54 -2.68
CA ALA A 325 -30.39 -33.75 -2.67
C ALA A 325 -30.24 -34.26 -1.25
N THR A 326 -30.30 -33.39 -0.25
CA THR A 326 -30.29 -33.79 1.17
C THR A 326 -31.58 -34.53 1.52
N LEU A 327 -32.66 -34.31 0.76
CA LEU A 327 -33.93 -35.06 0.92
C LEU A 327 -33.84 -36.42 0.21
N HIS A 328 -33.05 -36.51 -0.86
CA HIS A 328 -33.01 -37.67 -1.78
C HIS A 328 -32.60 -38.91 -1.00
N GLY A 329 -33.49 -39.93 -0.98
CA GLY A 329 -33.38 -41.14 -0.15
C GLY A 329 -33.25 -40.83 1.34
N GLY A 330 -33.98 -39.81 1.78
CA GLY A 330 -34.16 -39.54 3.21
C GLY A 330 -35.33 -40.33 3.76
N ASN A 331 -35.35 -40.53 5.09
CA ASN A 331 -36.47 -41.10 5.87
C ASN A 331 -37.25 -39.91 6.38
N ILE A 332 -38.11 -39.36 5.53
CA ILE A 332 -38.79 -38.07 5.77
C ILE A 332 -39.75 -38.26 6.96
N LYS A 333 -39.57 -37.46 8.03
CA LYS A 333 -40.44 -37.41 9.24
C LYS A 333 -41.25 -36.10 9.16
N TRP A 334 -42.57 -36.18 8.95
CA TRP A 334 -43.37 -35.05 8.41
C TRP A 334 -43.73 -34.08 9.54
N SER A 335 -42.74 -33.50 10.20
CA SER A 335 -42.94 -32.57 11.35
C SER A 335 -43.44 -31.23 10.83
N PRO A 336 -44.04 -30.37 11.69
CA PRO A 336 -44.21 -28.96 11.38
C PRO A 336 -42.94 -28.37 10.75
N ALA A 337 -41.80 -28.53 11.41
CA ALA A 337 -40.54 -27.81 11.09
C ALA A 337 -40.02 -28.20 9.69
N MET A 338 -40.30 -29.43 9.24
CA MET A 338 -40.00 -29.90 7.86
C MET A 338 -40.87 -29.13 6.86
N MET A 339 -42.15 -28.97 7.17
CA MET A 339 -43.18 -28.19 6.42
C MET A 339 -42.71 -26.75 6.20
N TRP A 340 -42.19 -26.12 7.25
CA TRP A 340 -41.64 -24.74 7.23
C TRP A 340 -40.46 -24.65 6.26
N ALA A 341 -39.58 -25.66 6.24
CA ALA A 341 -38.35 -25.72 5.45
C ALA A 341 -38.72 -25.93 3.98
N LEU A 342 -39.63 -26.85 3.75
CA LEU A 342 -40.12 -27.22 2.40
C LEU A 342 -40.73 -26.00 1.71
N GLY A 343 -41.67 -25.33 2.40
CA GLY A 343 -42.26 -24.05 1.95
C GLY A 343 -41.19 -23.05 1.61
N PHE A 344 -40.26 -22.78 2.55
CA PHE A 344 -39.09 -21.91 2.27
C PHE A 344 -38.63 -22.27 0.87
N ILE A 345 -38.22 -23.52 0.65
CA ILE A 345 -37.42 -23.90 -0.55
C ILE A 345 -38.16 -23.43 -1.80
N PHE A 346 -39.48 -23.55 -1.84
CA PHE A 346 -40.27 -23.20 -3.05
C PHE A 346 -40.60 -21.68 -3.06
N LEU A 347 -40.88 -21.03 -1.94
CA LEU A 347 -41.35 -19.62 -2.02
C LEU A 347 -40.14 -18.69 -2.04
N PHE A 348 -39.01 -19.14 -1.51
CA PHE A 348 -37.72 -18.44 -1.70
C PHE A 348 -37.35 -18.49 -3.19
N THR A 349 -37.51 -19.66 -3.83
CA THR A 349 -37.11 -19.81 -5.26
C THR A 349 -38.06 -18.99 -6.15
N VAL A 350 -39.31 -18.77 -5.76
CA VAL A 350 -40.24 -17.88 -6.49
C VAL A 350 -39.66 -16.47 -6.40
N GLY A 351 -39.68 -15.87 -5.22
CA GLY A 351 -39.11 -14.55 -4.96
C GLY A 351 -37.73 -14.34 -5.58
N GLY A 352 -36.95 -15.41 -5.71
CA GLY A 352 -35.53 -15.33 -6.07
C GLY A 352 -35.39 -15.04 -7.54
N LEU A 353 -36.25 -15.66 -8.32
CA LEU A 353 -36.40 -15.38 -9.77
C LEU A 353 -37.09 -14.03 -10.01
N THR A 354 -38.17 -13.73 -9.32
CA THR A 354 -38.88 -12.43 -9.55
C THR A 354 -37.87 -11.26 -9.42
N GLY A 355 -36.68 -11.46 -8.82
CA GLY A 355 -35.59 -10.48 -8.62
C GLY A 355 -34.49 -10.57 -9.68
N ILE A 356 -34.47 -11.69 -10.41
CA ILE A 356 -33.66 -11.86 -11.65
C ILE A 356 -34.33 -11.09 -12.79
N VAL A 357 -35.65 -11.09 -12.88
CA VAL A 357 -36.46 -10.09 -13.64
C VAL A 357 -35.84 -8.71 -13.39
N LEU A 358 -35.88 -8.30 -12.11
CA LEU A 358 -35.52 -6.91 -11.64
C LEU A 358 -34.07 -6.59 -11.99
N ALA A 359 -33.23 -7.60 -12.22
CA ALA A 359 -31.78 -7.51 -12.46
C ALA A 359 -31.55 -6.75 -13.79
N ASN A 360 -32.52 -6.86 -14.68
CA ASN A 360 -32.50 -6.31 -16.06
C ASN A 360 -32.91 -4.87 -15.90
N SER A 361 -32.00 -3.96 -16.20
CA SER A 361 -32.19 -2.50 -16.11
C SER A 361 -33.35 -2.11 -17.01
N SER A 362 -33.36 -2.71 -18.20
CA SER A 362 -34.46 -2.72 -19.19
C SER A 362 -35.81 -2.73 -18.47
N LEU A 363 -36.23 -3.88 -17.95
CA LEU A 363 -37.56 -4.06 -17.30
C LEU A 363 -37.67 -3.14 -16.10
N ASP A 364 -36.67 -3.15 -15.20
CA ASP A 364 -36.80 -2.35 -13.96
C ASP A 364 -37.21 -0.89 -14.25
N ILE A 365 -36.88 -0.37 -15.43
CA ILE A 365 -37.42 0.90 -15.98
C ILE A 365 -38.91 0.94 -15.66
N VAL A 366 -39.63 -0.14 -15.93
CA VAL A 366 -41.12 -0.13 -15.83
C VAL A 366 -41.55 -0.70 -14.48
N LEU A 367 -40.73 -1.59 -13.91
CA LEU A 367 -41.10 -2.34 -12.68
C LEU A 367 -40.61 -1.54 -11.47
N HIS A 368 -39.72 -0.57 -11.63
CA HIS A 368 -39.21 0.22 -10.48
C HIS A 368 -40.37 0.94 -9.79
N ASP A 369 -40.33 1.04 -8.47
CA ASP A 369 -41.36 1.71 -7.63
C ASP A 369 -42.78 1.32 -8.10
N THR A 370 -42.98 0.03 -8.42
CA THR A 370 -44.30 -0.67 -8.46
C THR A 370 -44.36 -1.73 -7.34
N TYR A 371 -45.53 -2.28 -7.05
CA TYR A 371 -45.75 -3.41 -6.13
C TYR A 371 -44.97 -4.66 -6.61
N TYR A 372 -44.61 -4.80 -7.90
CA TYR A 372 -43.94 -6.02 -8.40
C TYR A 372 -42.73 -6.24 -7.47
N VAL A 373 -42.11 -5.12 -7.04
CA VAL A 373 -40.87 -5.08 -6.22
C VAL A 373 -41.27 -5.55 -4.82
N VAL A 374 -42.32 -4.92 -4.31
CA VAL A 374 -42.94 -5.33 -3.02
C VAL A 374 -43.22 -6.83 -3.06
N ALA A 375 -43.75 -7.37 -4.17
CA ALA A 375 -44.07 -8.82 -4.31
C ALA A 375 -42.79 -9.65 -4.23
N HIS A 376 -41.77 -9.39 -5.05
CA HIS A 376 -40.44 -10.07 -4.98
C HIS A 376 -39.97 -10.27 -3.54
N PHE A 377 -39.88 -9.17 -2.76
CA PHE A 377 -39.17 -9.10 -1.45
C PHE A 377 -40.10 -9.43 -0.27
N HIS A 378 -41.37 -9.71 -0.53
CA HIS A 378 -42.28 -10.29 0.48
C HIS A 378 -42.34 -11.81 0.32
N TYR A 379 -41.85 -12.37 -0.80
CA TYR A 379 -41.72 -13.81 -1.03
C TYR A 379 -40.38 -14.27 -0.42
N VAL A 380 -39.37 -13.43 -0.46
CA VAL A 380 -38.06 -13.88 0.08
C VAL A 380 -38.00 -13.61 1.57
N LEU A 381 -38.77 -12.65 2.08
CA LEU A 381 -38.68 -12.20 3.48
C LEU A 381 -39.83 -12.78 4.29
N SER A 382 -41.06 -12.71 3.77
CA SER A 382 -42.29 -13.15 4.48
C SER A 382 -42.42 -14.65 4.32
N MET A 383 -41.93 -15.15 3.20
CA MET A 383 -42.12 -16.57 2.79
C MET A 383 -40.76 -17.27 2.72
N GLY A 384 -39.69 -16.60 3.15
CA GLY A 384 -38.37 -17.23 3.35
C GLY A 384 -37.90 -16.97 4.76
N ALA A 385 -37.36 -15.77 5.00
CA ALA A 385 -36.73 -15.33 6.25
C ALA A 385 -37.67 -15.63 7.43
N VAL A 386 -38.99 -15.44 7.30
CA VAL A 386 -39.92 -15.75 8.41
C VAL A 386 -40.18 -17.26 8.45
N PHE A 387 -40.13 -17.97 7.34
CA PHE A 387 -40.32 -19.44 7.33
C PHE A 387 -39.14 -20.15 8.03
N ALA A 388 -37.91 -19.76 7.71
CA ALA A 388 -36.71 -20.12 8.49
C ALA A 388 -36.97 -19.87 9.97
N ILE A 389 -37.42 -18.67 10.32
CA ILE A 389 -37.63 -18.30 11.74
C ILE A 389 -38.62 -19.26 12.40
N MET A 390 -39.77 -19.55 11.77
CA MET A 390 -40.85 -20.36 12.39
C MET A 390 -40.42 -21.82 12.41
N GLY A 391 -39.79 -22.26 11.31
CA GLY A 391 -39.08 -23.55 11.19
C GLY A 391 -38.12 -23.80 12.33
N GLY A 392 -37.07 -22.99 12.42
CA GLY A 392 -36.10 -23.06 13.52
C GLY A 392 -36.87 -23.07 14.81
N PHE A 393 -37.54 -21.97 15.13
CA PHE A 393 -38.31 -21.78 16.39
C PHE A 393 -39.07 -23.06 16.73
N VAL A 394 -39.74 -23.64 15.73
CA VAL A 394 -40.57 -24.85 15.98
C VAL A 394 -39.64 -26.01 16.30
N HIS A 395 -38.55 -26.16 15.57
CA HIS A 395 -37.64 -27.31 15.77
C HIS A 395 -36.90 -27.21 17.11
N TRP A 396 -36.53 -26.01 17.53
CA TRP A 396 -35.61 -25.84 18.68
C TRP A 396 -36.37 -25.36 19.91
N PHE A 397 -37.69 -25.10 19.84
CA PHE A 397 -38.43 -24.61 21.02
C PHE A 397 -38.22 -25.47 22.27
N PRO A 398 -38.14 -26.83 22.17
CA PRO A 398 -37.95 -27.69 23.34
C PRO A 398 -36.55 -27.64 23.99
N LEU A 399 -35.53 -27.24 23.23
CA LEU A 399 -34.14 -27.05 23.70
C LEU A 399 -34.09 -25.85 24.63
N PHE A 400 -34.85 -24.81 24.33
CA PHE A 400 -34.77 -23.51 25.06
C PHE A 400 -35.63 -23.68 26.31
N SER A 401 -36.71 -24.45 26.16
CA SER A 401 -37.78 -24.51 27.17
C SER A 401 -37.65 -25.80 27.96
N GLY A 402 -37.50 -26.92 27.23
CA GLY A 402 -37.55 -28.29 27.78
C GLY A 402 -38.89 -28.93 27.55
N TYR A 403 -39.84 -28.21 26.98
CA TYR A 403 -41.22 -28.68 26.71
C TYR A 403 -41.46 -28.85 25.22
N THR A 404 -42.39 -29.74 24.85
CA THR A 404 -42.90 -29.94 23.48
C THR A 404 -44.11 -29.01 23.22
N LEU A 405 -44.32 -28.62 21.96
CA LEU A 405 -45.50 -27.91 21.45
C LEU A 405 -46.51 -28.98 21.01
N ASN A 406 -47.74 -28.64 20.64
CA ASN A 406 -48.66 -29.67 20.10
C ASN A 406 -48.55 -29.68 18.58
N ASP A 407 -48.02 -30.77 17.97
CA ASP A 407 -47.51 -30.76 16.57
C ASP A 407 -48.67 -30.53 15.64
N THR A 408 -49.85 -31.05 15.97
CA THR A 408 -51.11 -30.88 15.21
C THR A 408 -51.40 -29.39 15.08
N TRP A 409 -51.60 -28.74 16.23
CA TRP A 409 -51.77 -27.28 16.34
C TRP A 409 -50.74 -26.58 15.44
N ALA A 410 -49.48 -26.99 15.50
CA ALA A 410 -48.34 -26.26 14.92
C ALA A 410 -48.32 -26.44 13.40
N LYS A 411 -48.97 -27.49 12.90
CA LYS A 411 -49.26 -27.65 11.45
C LYS A 411 -50.53 -26.83 11.15
N ILE A 412 -51.55 -26.84 12.02
CA ILE A 412 -52.70 -25.92 11.84
C ILE A 412 -52.10 -24.49 11.68
N HIS A 413 -51.17 -24.05 12.51
CA HIS A 413 -50.49 -22.73 12.32
C HIS A 413 -49.85 -22.61 10.92
N PHE A 414 -48.98 -23.53 10.52
CA PHE A 414 -48.32 -23.52 9.19
C PHE A 414 -49.40 -23.43 8.11
N ALA A 415 -50.51 -24.15 8.27
CA ALA A 415 -51.55 -24.31 7.23
C ALA A 415 -52.09 -22.93 6.90
N ILE A 416 -52.54 -22.19 7.91
CA ILE A 416 -53.27 -20.90 7.77
C ILE A 416 -52.29 -19.84 7.26
N MET A 417 -51.06 -19.84 7.77
CA MET A 417 -50.02 -18.85 7.37
C MET A 417 -49.70 -19.01 5.88
N PHE A 418 -49.52 -20.23 5.41
CA PHE A 418 -49.33 -20.55 3.96
C PHE A 418 -50.41 -19.88 3.08
N VAL A 419 -51.69 -20.17 3.34
CA VAL A 419 -52.83 -19.57 2.62
C VAL A 419 -52.81 -18.04 2.78
N GLY A 420 -52.37 -17.48 3.89
CA GLY A 420 -52.43 -16.02 4.13
C GLY A 420 -51.38 -15.22 3.37
N VAL A 421 -50.10 -15.55 3.46
CA VAL A 421 -49.01 -14.83 2.75
C VAL A 421 -49.16 -15.07 1.25
N ASN A 422 -49.59 -16.25 0.79
CA ASN A 422 -49.69 -16.43 -0.69
C ASN A 422 -50.84 -15.61 -1.26
N MET A 423 -52.00 -15.59 -0.59
CA MET A 423 -53.14 -14.72 -0.99
C MET A 423 -52.75 -13.25 -0.80
N THR A 424 -52.01 -12.90 0.25
CA THR A 424 -51.51 -11.51 0.42
C THR A 424 -50.72 -11.05 -0.82
N PHE A 425 -49.78 -11.85 -1.32
CA PHE A 425 -48.65 -11.36 -2.16
C PHE A 425 -48.74 -11.88 -3.59
N PHE A 426 -49.46 -12.95 -3.87
CA PHE A 426 -49.43 -13.45 -5.25
C PHE A 426 -50.10 -12.43 -6.17
N PRO A 427 -51.17 -11.71 -5.74
CA PRO A 427 -51.79 -10.65 -6.54
C PRO A 427 -50.98 -9.38 -6.76
N GLN A 428 -50.01 -9.13 -5.88
CA GLN A 428 -49.14 -7.94 -5.97
C GLN A 428 -48.25 -8.08 -7.20
N HIS A 429 -48.15 -9.29 -7.80
CA HIS A 429 -47.33 -9.49 -9.04
C HIS A 429 -48.07 -8.80 -10.18
N PHE A 430 -49.38 -8.97 -10.18
CA PHE A 430 -50.32 -8.47 -11.21
C PHE A 430 -50.42 -6.95 -11.12
N LEU A 431 -50.44 -6.42 -9.89
CA LEU A 431 -50.68 -4.97 -9.67
C LEU A 431 -49.54 -4.23 -10.34
N GLY A 432 -48.29 -4.61 -10.06
CA GLY A 432 -47.10 -3.88 -10.53
C GLY A 432 -46.88 -4.11 -12.02
N LEU A 433 -47.43 -5.19 -12.56
CA LEU A 433 -47.36 -5.36 -14.03
C LEU A 433 -48.27 -4.29 -14.64
N SER A 434 -49.46 -4.11 -14.06
CA SER A 434 -50.48 -3.11 -14.45
C SER A 434 -50.06 -1.71 -13.98
N GLY A 435 -48.93 -1.64 -13.29
CA GLY A 435 -48.17 -0.39 -13.08
C GLY A 435 -48.67 0.44 -11.91
N MET A 436 -49.25 -0.22 -10.89
CA MET A 436 -49.59 0.41 -9.58
C MET A 436 -48.30 0.83 -8.87
N PRO A 437 -48.08 2.12 -8.58
CA PRO A 437 -46.88 2.54 -7.86
C PRO A 437 -46.91 2.08 -6.41
N ARG A 438 -45.74 2.16 -5.75
CA ARG A 438 -45.53 1.89 -4.32
C ARG A 438 -45.93 3.14 -3.54
N ARG A 439 -46.22 3.01 -2.24
CA ARG A 439 -46.19 4.09 -1.22
C ARG A 439 -47.36 5.04 -1.47
N TYR A 440 -48.52 4.48 -1.86
CA TYR A 440 -49.80 5.16 -2.17
C TYR A 440 -50.87 4.72 -1.18
N SER A 441 -51.53 5.65 -0.49
CA SER A 441 -52.73 5.38 0.37
C SER A 441 -53.92 4.99 -0.50
N ASP A 442 -53.93 5.40 -1.75
CA ASP A 442 -55.14 5.20 -2.57
C ASP A 442 -54.75 4.89 -4.01
N TYR A 443 -55.60 4.21 -4.79
CA TYR A 443 -55.23 3.72 -6.13
C TYR A 443 -56.34 3.99 -7.15
N PRO A 444 -55.99 4.11 -8.45
CA PRO A 444 -56.98 4.15 -9.53
C PRO A 444 -57.93 2.94 -9.47
N ASP A 445 -59.21 3.23 -9.77
CA ASP A 445 -60.39 2.32 -9.71
C ASP A 445 -59.96 0.95 -10.21
N ALA A 446 -59.22 0.93 -11.30
CA ALA A 446 -58.80 -0.29 -12.02
C ALA A 446 -58.25 -1.33 -11.03
N TYR A 447 -57.39 -0.90 -10.12
CA TYR A 447 -56.55 -1.81 -9.30
C TYR A 447 -57.28 -2.36 -8.09
N THR A 448 -58.61 -2.37 -8.05
CA THR A 448 -59.33 -2.58 -6.76
C THR A 448 -59.33 -4.06 -6.40
N MET A 449 -59.78 -4.93 -7.32
CA MET A 449 -60.02 -6.38 -7.02
C MET A 449 -58.79 -6.95 -6.30
N TRP A 450 -57.59 -6.82 -6.89
CA TRP A 450 -56.35 -7.46 -6.35
C TRP A 450 -56.05 -6.89 -4.96
N ASN A 451 -56.50 -5.67 -4.70
CA ASN A 451 -56.12 -4.91 -3.50
C ASN A 451 -57.05 -5.34 -2.37
N THR A 452 -58.31 -5.60 -2.74
CA THR A 452 -59.30 -6.26 -1.85
C THR A 452 -58.70 -7.61 -1.42
N ILE A 453 -58.36 -8.44 -2.40
CA ILE A 453 -57.93 -9.85 -2.22
C ILE A 453 -56.65 -9.86 -1.36
N SER A 454 -55.60 -9.12 -1.80
CA SER A 454 -54.32 -8.92 -1.06
C SER A 454 -54.54 -8.66 0.44
N SER A 455 -55.59 -7.95 0.80
CA SER A 455 -55.82 -7.48 2.17
C SER A 455 -56.60 -8.55 2.92
N MET A 456 -57.46 -9.29 2.21
CA MET A 456 -58.13 -10.47 2.80
C MET A 456 -57.03 -11.40 3.31
N GLY A 457 -56.04 -11.72 2.45
CA GLY A 457 -54.85 -12.51 2.82
C GLY A 457 -54.24 -12.02 4.10
N SER A 458 -54.19 -10.69 4.31
CA SER A 458 -53.46 -10.10 5.47
C SER A 458 -54.29 -10.31 6.74
N PHE A 459 -55.59 -10.61 6.62
CA PHE A 459 -56.48 -10.96 7.76
C PHE A 459 -56.40 -12.46 8.10
N ILE A 460 -55.98 -13.27 7.13
CA ILE A 460 -55.73 -14.71 7.39
C ILE A 460 -54.40 -14.78 8.14
N SER A 461 -53.37 -14.09 7.64
CA SER A 461 -52.06 -14.02 8.32
C SER A 461 -52.22 -13.55 9.75
N LEU A 462 -53.32 -12.91 10.14
CA LEU A 462 -53.48 -12.39 11.53
C LEU A 462 -53.93 -13.53 12.45
N THR A 463 -54.87 -14.33 11.99
CA THR A 463 -55.35 -15.55 12.66
C THR A 463 -54.11 -16.38 13.01
N ALA A 464 -53.20 -16.58 12.05
CA ALA A 464 -51.91 -17.28 12.24
C ALA A 464 -51.15 -16.72 13.46
N VAL A 465 -50.93 -15.40 13.46
CA VAL A 465 -50.07 -14.72 14.47
C VAL A 465 -50.68 -14.83 15.86
N MET A 466 -52.01 -14.90 15.95
CA MET A 466 -52.76 -14.92 17.23
C MET A 466 -52.69 -16.37 17.74
N LEU A 467 -52.92 -17.33 16.84
CA LEU A 467 -52.82 -18.80 17.11
C LEU A 467 -51.45 -19.14 17.72
N MET A 468 -50.40 -18.49 17.24
CA MET A 468 -49.01 -18.87 17.64
C MET A 468 -48.73 -18.38 19.06
N VAL A 469 -49.44 -17.36 19.50
CA VAL A 469 -49.33 -16.83 20.88
C VAL A 469 -50.04 -17.80 21.82
N PHE A 470 -51.17 -18.38 21.39
CA PHE A 470 -51.92 -19.38 22.18
C PHE A 470 -51.23 -20.73 22.11
N ILE A 471 -50.47 -21.03 21.05
CA ILE A 471 -49.74 -22.32 20.95
C ILE A 471 -48.52 -22.29 21.88
N ILE A 472 -47.97 -21.10 22.17
CA ILE A 472 -46.76 -20.98 23.01
C ILE A 472 -47.23 -21.16 24.44
N TRP A 473 -48.42 -20.69 24.73
CA TRP A 473 -49.03 -20.77 26.07
C TRP A 473 -49.32 -22.26 26.41
N GLU A 474 -50.21 -22.90 25.65
CA GLU A 474 -50.56 -24.35 25.75
C GLU A 474 -49.34 -25.12 26.25
N ALA A 475 -48.20 -24.96 25.57
CA ALA A 475 -46.99 -25.79 25.75
C ALA A 475 -46.42 -25.59 27.16
N PHE A 476 -46.44 -24.35 27.60
CA PHE A 476 -45.93 -23.93 28.91
C PHE A 476 -47.00 -24.31 29.94
N ALA A 477 -48.26 -24.10 29.58
CA ALA A 477 -49.45 -24.48 30.38
C ALA A 477 -49.35 -25.97 30.68
N SER A 478 -49.05 -26.77 29.66
CA SER A 478 -49.22 -28.23 29.71
C SER A 478 -48.01 -28.87 30.42
N LYS A 479 -46.82 -28.30 30.14
CA LYS A 479 -45.49 -28.74 30.61
C LYS A 479 -45.28 -30.24 30.35
N ARG A 480 -45.22 -30.63 29.08
CA ARG A 480 -44.77 -31.99 28.69
C ARG A 480 -43.25 -31.93 28.55
N GLU A 481 -42.49 -32.65 29.37
CA GLU A 481 -41.00 -32.54 29.39
C GLU A 481 -40.41 -33.44 28.30
N VAL A 482 -39.53 -32.88 27.46
CA VAL A 482 -38.76 -33.69 26.48
C VAL A 482 -38.10 -34.80 27.29
N LEU A 483 -38.06 -36.01 26.75
CA LEU A 483 -37.36 -37.18 27.33
C LEU A 483 -36.09 -37.42 26.54
N THR A 484 -36.27 -37.79 25.25
CA THR A 484 -35.25 -38.32 24.31
C THR A 484 -35.31 -37.67 22.92
N VAL A 485 -34.14 -37.40 22.33
CA VAL A 485 -33.97 -36.73 21.01
C VAL A 485 -33.12 -37.67 20.14
N ASP A 486 -33.48 -37.76 18.85
CA ASP A 486 -32.76 -38.55 17.82
C ASP A 486 -31.56 -37.74 17.33
N LEU A 487 -30.53 -38.43 16.81
CA LEU A 487 -29.60 -37.88 15.80
C LEU A 487 -28.59 -36.95 16.48
N THR A 488 -28.45 -37.17 17.79
CA THR A 488 -27.60 -36.46 18.75
C THR A 488 -26.12 -36.60 18.38
N THR A 489 -25.78 -37.66 17.64
CA THR A 489 -24.40 -38.08 17.35
C THR A 489 -23.77 -37.06 16.40
N THR A 490 -24.64 -36.33 15.70
CA THR A 490 -24.32 -35.37 14.62
C THR A 490 -24.94 -34.00 14.94
N ASN A 491 -25.47 -33.79 16.15
CA ASN A 491 -26.24 -32.56 16.51
C ASN A 491 -26.00 -32.17 17.97
N LEU A 492 -24.73 -31.86 18.32
CA LEU A 492 -24.13 -31.51 19.65
C LEU A 492 -24.96 -30.60 20.55
N GLU A 493 -25.82 -29.76 19.99
CA GLU A 493 -26.70 -28.84 20.72
C GLU A 493 -27.63 -29.64 21.65
N TRP A 494 -28.11 -30.80 21.18
CA TRP A 494 -29.14 -31.61 21.88
C TRP A 494 -28.46 -32.45 22.99
N LEU A 495 -27.13 -32.48 23.04
CA LEU A 495 -26.41 -33.40 23.97
C LEU A 495 -26.45 -33.01 25.45
N ASN A 496 -26.92 -31.81 25.81
CA ASN A 496 -26.79 -31.39 27.24
C ASN A 496 -28.17 -31.31 27.87
N GLY A 497 -29.19 -31.81 27.20
CA GLY A 497 -30.51 -31.99 27.81
C GLY A 497 -31.37 -30.78 27.62
N CYS A 498 -32.68 -30.95 27.51
CA CYS A 498 -33.64 -29.84 27.25
C CYS A 498 -34.24 -29.36 28.57
N PRO A 499 -34.04 -28.09 28.99
CA PRO A 499 -33.06 -27.18 28.41
C PRO A 499 -31.67 -27.47 28.96
N PRO A 500 -30.57 -27.06 28.30
CA PRO A 500 -29.24 -27.38 28.80
C PRO A 500 -28.91 -26.47 29.98
N PRO A 501 -27.92 -26.85 30.81
CA PRO A 501 -27.61 -26.14 32.05
C PRO A 501 -27.04 -24.72 31.86
N TYR A 502 -27.10 -23.87 32.88
CA TYR A 502 -26.60 -22.47 32.79
C TYR A 502 -25.18 -22.55 32.19
N HIS A 503 -24.33 -23.33 32.85
CA HIS A 503 -22.96 -23.60 32.37
C HIS A 503 -22.89 -24.93 31.59
N THR A 504 -22.60 -24.83 30.30
CA THR A 504 -22.37 -25.96 29.36
C THR A 504 -20.87 -25.97 29.09
N PHE A 505 -20.39 -27.14 28.66
CA PHE A 505 -18.99 -27.39 28.27
C PHE A 505 -18.04 -26.85 29.33
N GLU A 506 -18.39 -27.00 30.62
CA GLU A 506 -17.58 -26.49 31.77
C GLU A 506 -16.23 -27.24 31.67
N GLU A 507 -16.34 -28.52 31.36
CA GLU A 507 -15.22 -29.37 30.92
C GLU A 507 -15.38 -29.53 29.41
N PRO A 508 -14.42 -29.06 28.57
CA PRO A 508 -14.57 -29.02 27.11
C PRO A 508 -14.63 -30.41 26.46
N THR A 509 -15.10 -30.48 25.21
CA THR A 509 -15.18 -31.79 24.52
C THR A 509 -13.75 -32.28 24.21
N TYR A 510 -13.58 -33.60 24.22
CA TYR A 510 -12.38 -34.30 23.71
C TYR A 510 -12.57 -34.46 22.21
N VAL A 511 -11.67 -33.93 21.39
CA VAL A 511 -11.54 -34.26 19.93
C VAL A 511 -10.05 -34.47 19.59
N ASN A 512 -9.68 -35.64 19.08
CA ASN A 512 -8.23 -35.96 18.96
C ASN A 512 -7.81 -35.81 17.49
N LEU A 513 -6.50 -35.64 17.30
CA LEU A 513 -5.84 -35.44 15.99
C LEU A 513 -5.33 -36.83 15.55
N LYS A 514 -5.77 -37.27 14.37
CA LYS A 514 -5.57 -38.68 13.91
C LYS A 514 -4.31 -38.71 13.04
N FME B 1 -53.21 2.92 -20.06
CN FME B 1 -52.75 4.04 -20.66
O1 FME B 1 -52.77 5.17 -20.18
CA FME B 1 -53.69 2.82 -18.69
CB FME B 1 -54.86 3.77 -18.46
CG FME B 1 -56.06 3.45 -19.32
SD FME B 1 -57.49 4.36 -18.71
CE FME B 1 -58.18 3.25 -17.49
C FME B 1 -54.14 1.41 -18.32
O FME B 1 -54.26 0.52 -19.16
N ALA B 2 -54.38 1.21 -17.02
CA ALA B 2 -54.65 -0.12 -16.49
C ALA B 2 -56.15 -0.26 -16.18
N TYR B 3 -56.70 -1.41 -16.58
CA TYR B 3 -58.14 -1.78 -16.60
C TYR B 3 -58.40 -2.86 -15.56
N PRO B 4 -59.67 -3.11 -15.18
CA PRO B 4 -59.95 -4.02 -14.08
C PRO B 4 -59.41 -5.45 -14.30
N MET B 5 -58.87 -6.06 -13.23
CA MET B 5 -58.51 -7.51 -13.16
C MET B 5 -57.23 -7.77 -13.99
N GLN B 6 -56.59 -6.71 -14.46
CA GLN B 6 -55.42 -6.84 -15.35
C GLN B 6 -54.33 -7.73 -14.72
N LEU B 7 -53.84 -8.68 -15.52
CA LEU B 7 -52.84 -9.69 -15.10
C LEU B 7 -51.44 -9.18 -15.40
N GLY B 8 -51.23 -8.68 -16.61
CA GLY B 8 -49.89 -8.39 -17.16
C GLY B 8 -49.70 -6.91 -17.47
N PHE B 9 -48.92 -6.63 -18.49
CA PHE B 9 -48.46 -5.27 -18.81
C PHE B 9 -49.52 -4.51 -19.60
N GLN B 10 -49.53 -3.18 -19.44
CA GLN B 10 -50.28 -2.27 -20.33
C GLN B 10 -49.89 -2.52 -21.79
N ASP B 11 -50.75 -2.17 -22.74
CA ASP B 11 -50.46 -2.44 -24.17
C ASP B 11 -49.42 -1.43 -24.67
N ALA B 12 -48.44 -1.94 -25.41
CA ALA B 12 -47.27 -1.12 -25.84
C ALA B 12 -47.80 -0.06 -26.81
N THR B 13 -47.77 1.21 -26.38
CA THR B 13 -48.00 2.39 -27.23
C THR B 13 -46.72 2.82 -27.92
N SER B 14 -45.52 2.52 -27.38
CA SER B 14 -44.24 2.84 -28.08
C SER B 14 -43.48 1.55 -28.39
N PRO B 15 -42.65 1.49 -29.46
CA PRO B 15 -41.98 0.23 -29.85
C PRO B 15 -41.03 -0.35 -28.80
N ILE B 16 -40.15 0.46 -28.21
CA ILE B 16 -39.33 0.06 -27.03
C ILE B 16 -40.19 -0.79 -26.08
N MET B 17 -41.39 -0.34 -25.76
CA MET B 17 -42.24 -0.98 -24.73
C MET B 17 -42.73 -2.33 -25.25
N GLU B 18 -43.10 -2.38 -26.52
CA GLU B 18 -43.29 -3.63 -27.29
C GLU B 18 -42.10 -4.53 -27.01
N GLU B 19 -40.88 -4.05 -27.28
CA GLU B 19 -39.65 -4.89 -27.18
C GLU B 19 -39.59 -5.53 -25.79
N LEU B 20 -39.85 -4.72 -24.75
CA LEU B 20 -39.91 -5.19 -23.35
C LEU B 20 -40.91 -6.36 -23.30
N LEU B 21 -42.17 -6.19 -23.71
CA LEU B 21 -43.23 -7.22 -23.56
C LEU B 21 -42.71 -8.60 -23.96
N HIS B 22 -42.12 -8.73 -25.15
CA HIS B 22 -41.57 -9.97 -25.75
C HIS B 22 -40.35 -10.48 -24.97
N PHE B 23 -39.43 -9.59 -24.64
CA PHE B 23 -38.32 -9.87 -23.69
C PHE B 23 -38.94 -10.35 -22.37
N HIS B 24 -39.82 -9.59 -21.71
CA HIS B 24 -40.52 -10.04 -20.47
C HIS B 24 -41.13 -11.42 -20.68
N ASP B 25 -41.70 -11.67 -21.86
CA ASP B 25 -42.32 -12.96 -22.26
C ASP B 25 -41.27 -14.09 -22.23
N HIS B 26 -40.06 -13.80 -22.72
CA HIS B 26 -38.87 -14.70 -22.66
C HIS B 26 -38.53 -15.08 -21.21
N THR B 27 -38.21 -14.09 -20.38
CA THR B 27 -37.79 -14.24 -18.96
C THR B 27 -38.83 -15.07 -18.17
N LEU B 28 -40.12 -14.96 -18.48
CA LEU B 28 -41.18 -15.66 -17.72
C LEU B 28 -41.29 -17.13 -18.16
N MET B 29 -40.88 -17.44 -19.39
CA MET B 29 -40.86 -18.80 -19.95
C MET B 29 -39.96 -19.65 -19.04
N ILE B 30 -38.78 -19.09 -18.72
CA ILE B 30 -37.71 -19.71 -17.88
C ILE B 30 -38.14 -19.70 -16.41
N VAL B 31 -38.71 -18.60 -15.93
CA VAL B 31 -39.20 -18.52 -14.54
C VAL B 31 -40.24 -19.64 -14.38
N PHE B 32 -41.18 -19.77 -15.34
CA PHE B 32 -42.32 -20.71 -15.21
C PHE B 32 -41.75 -22.13 -15.16
N LEU B 33 -40.65 -22.37 -15.86
CA LEU B 33 -39.85 -23.62 -15.90
C LEU B 33 -39.18 -23.93 -14.56
N ILE B 34 -38.21 -23.09 -14.14
CA ILE B 34 -37.36 -23.38 -12.96
C ILE B 34 -38.33 -23.61 -11.78
N SER B 35 -39.37 -22.78 -11.65
CA SER B 35 -40.42 -22.93 -10.61
C SER B 35 -41.12 -24.29 -10.74
N SER B 36 -41.34 -24.81 -11.95
CA SER B 36 -42.07 -26.10 -12.09
C SER B 36 -41.09 -27.26 -11.84
N LEU B 37 -39.87 -27.18 -12.39
CA LEU B 37 -38.85 -28.25 -12.19
C LEU B 37 -38.58 -28.38 -10.68
N VAL B 38 -38.55 -27.27 -9.92
CA VAL B 38 -38.24 -27.27 -8.46
C VAL B 38 -39.44 -27.81 -7.68
N LEU B 39 -40.66 -27.43 -8.06
CA LEU B 39 -41.91 -27.91 -7.42
C LEU B 39 -42.08 -29.41 -7.70
N TYR B 40 -41.63 -29.88 -8.86
CA TYR B 40 -41.78 -31.27 -9.34
C TYR B 40 -40.78 -32.17 -8.60
N ILE B 41 -39.49 -31.89 -8.79
CA ILE B 41 -38.37 -32.59 -8.10
C ILE B 41 -38.63 -32.60 -6.60
N ILE B 42 -39.24 -31.57 -6.03
CA ILE B 42 -39.47 -31.57 -4.55
C ILE B 42 -40.37 -32.76 -4.24
N SER B 43 -41.45 -32.90 -4.99
CA SER B 43 -42.54 -33.86 -4.74
C SER B 43 -42.03 -35.28 -5.01
N LEU B 44 -41.15 -35.42 -6.01
CA LEU B 44 -40.48 -36.68 -6.41
C LEU B 44 -39.74 -37.28 -5.21
N MET B 45 -38.85 -36.50 -4.59
CA MET B 45 -38.03 -36.91 -3.41
C MET B 45 -38.92 -37.36 -2.24
N LEU B 46 -40.13 -36.82 -2.10
CA LEU B 46 -41.01 -37.00 -0.91
C LEU B 46 -41.99 -38.16 -1.09
N THR B 47 -42.06 -38.78 -2.28
CA THR B 47 -43.16 -39.71 -2.66
C THR B 47 -42.57 -41.12 -2.90
N THR B 48 -41.50 -41.47 -2.19
CA THR B 48 -40.92 -42.84 -2.15
C THR B 48 -40.59 -43.27 -0.71
N LYS B 49 -40.66 -44.58 -0.48
CA LYS B 49 -40.32 -45.21 0.82
C LYS B 49 -38.87 -45.70 0.74
N LEU B 50 -38.31 -45.82 -0.47
CA LEU B 50 -36.95 -46.38 -0.68
C LEU B 50 -35.97 -45.35 -0.12
N THR B 51 -34.81 -45.78 0.37
CA THR B 51 -33.98 -44.86 1.20
C THR B 51 -32.51 -44.95 0.83
N HIS B 52 -31.75 -43.98 1.28
CA HIS B 52 -30.30 -43.93 1.02
C HIS B 52 -29.66 -42.95 1.99
N THR B 53 -29.54 -43.26 3.28
CA THR B 53 -29.04 -42.24 4.25
C THR B 53 -27.52 -42.18 4.31
N SER B 54 -26.77 -43.06 3.64
CA SER B 54 -25.28 -43.05 3.72
C SER B 54 -24.72 -41.98 2.79
N THR B 55 -23.56 -41.41 3.18
CA THR B 55 -22.80 -40.30 2.53
C THR B 55 -22.91 -40.38 1.00
N MET B 56 -23.06 -39.23 0.33
CA MET B 56 -23.28 -39.16 -1.14
C MET B 56 -22.23 -38.23 -1.76
N ASP B 57 -21.89 -38.39 -3.04
CA ASP B 57 -20.75 -37.66 -3.66
C ASP B 57 -21.24 -36.54 -4.57
N ALA B 58 -20.69 -35.32 -4.36
CA ALA B 58 -21.06 -34.04 -5.00
C ALA B 58 -20.43 -33.93 -6.41
N GLN B 59 -19.13 -33.60 -6.46
CA GLN B 59 -18.41 -33.04 -7.65
C GLN B 59 -19.27 -33.12 -8.93
N GLU B 60 -19.62 -34.35 -9.36
CA GLU B 60 -20.12 -34.63 -10.74
C GLU B 60 -21.52 -34.06 -10.97
N VAL B 61 -22.37 -33.95 -9.94
CA VAL B 61 -23.75 -33.39 -10.07
C VAL B 61 -23.71 -31.87 -9.88
N GLU B 62 -22.78 -31.37 -9.06
CA GLU B 62 -22.59 -29.93 -8.74
C GLU B 62 -22.09 -29.21 -10.01
N THR B 63 -21.56 -29.97 -10.98
CA THR B 63 -21.17 -29.48 -12.34
C THR B 63 -22.40 -29.13 -13.18
N ILE B 64 -23.35 -30.06 -13.34
CA ILE B 64 -24.64 -29.78 -14.04
C ILE B 64 -25.26 -28.54 -13.40
N TRP B 65 -25.32 -28.51 -12.07
CA TRP B 65 -25.97 -27.50 -11.18
C TRP B 65 -25.40 -26.09 -11.32
N THR B 66 -24.36 -25.90 -12.14
CA THR B 66 -23.70 -24.59 -12.30
C THR B 66 -23.68 -24.20 -13.78
N ILE B 67 -23.20 -25.12 -14.63
CA ILE B 67 -22.98 -24.93 -16.10
C ILE B 67 -24.31 -24.72 -16.80
N LEU B 68 -25.37 -25.42 -16.41
CA LEU B 68 -26.72 -25.15 -16.98
C LEU B 68 -27.17 -23.74 -16.57
N PRO B 69 -27.39 -23.40 -15.27
CA PRO B 69 -27.82 -22.06 -14.90
C PRO B 69 -26.98 -20.87 -15.45
N ALA B 70 -25.69 -21.07 -15.71
CA ALA B 70 -24.80 -20.07 -16.32
C ALA B 70 -25.19 -19.86 -17.80
N ILE B 71 -25.62 -20.92 -18.48
CA ILE B 71 -26.13 -20.80 -19.87
C ILE B 71 -27.51 -20.12 -19.81
N ILE B 72 -28.40 -20.62 -18.95
CA ILE B 72 -29.77 -20.06 -18.76
C ILE B 72 -29.68 -18.55 -18.51
N LEU B 73 -28.59 -18.07 -17.91
CA LEU B 73 -28.38 -16.66 -17.52
C LEU B 73 -27.77 -15.82 -18.65
N ILE B 74 -26.86 -16.36 -19.45
CA ILE B 74 -26.41 -15.62 -20.68
C ILE B 74 -27.66 -15.40 -21.56
N LEU B 75 -28.40 -16.46 -21.84
CA LEU B 75 -29.69 -16.47 -22.60
C LEU B 75 -30.60 -15.30 -22.20
N ILE B 76 -30.70 -14.99 -20.91
CA ILE B 76 -31.57 -13.87 -20.43
C ILE B 76 -30.85 -12.54 -20.66
N ALA B 77 -29.57 -12.43 -20.28
CA ALA B 77 -28.76 -11.19 -20.36
C ALA B 77 -28.62 -10.74 -21.81
N LEU B 78 -28.33 -11.65 -22.74
CA LEU B 78 -27.97 -11.34 -24.15
C LEU B 78 -28.98 -10.37 -24.74
N PRO B 79 -30.31 -10.65 -24.62
CA PRO B 79 -31.36 -9.70 -25.03
C PRO B 79 -31.60 -8.52 -24.06
N SER B 80 -31.41 -8.73 -22.75
CA SER B 80 -31.61 -7.65 -21.75
C SER B 80 -30.65 -6.49 -22.07
N LEU B 81 -29.43 -6.84 -22.48
CA LEU B 81 -28.37 -5.84 -22.77
C LEU B 81 -28.61 -5.23 -24.14
N ARG B 82 -29.06 -6.01 -25.13
CA ARG B 82 -29.52 -5.47 -26.44
C ARG B 82 -30.55 -4.36 -26.22
N ILE B 83 -31.56 -4.60 -25.38
CA ILE B 83 -32.74 -3.72 -25.29
C ILE B 83 -32.38 -2.46 -24.47
N LEU B 84 -31.28 -2.56 -23.71
CA LEU B 84 -30.80 -1.50 -22.77
C LEU B 84 -29.97 -0.49 -23.55
N TYR B 85 -29.10 -1.00 -24.43
CA TYR B 85 -28.27 -0.17 -25.35
C TYR B 85 -29.19 0.42 -26.42
N MET B 86 -30.17 -0.37 -26.91
CA MET B 86 -31.26 0.10 -27.83
C MET B 86 -32.00 1.33 -27.23
N MET B 87 -32.08 1.50 -25.90
CA MET B 87 -32.79 2.64 -25.26
C MET B 87 -31.96 3.92 -25.35
N ASP B 88 -30.62 3.78 -25.41
CA ASP B 88 -29.65 4.89 -25.61
C ASP B 88 -29.75 5.34 -27.08
N GLU B 89 -28.97 4.71 -27.96
CA GLU B 89 -28.99 4.80 -29.46
C GLU B 89 -28.98 6.24 -29.94
N ILE B 90 -28.26 6.48 -31.05
CA ILE B 90 -28.11 7.81 -31.72
C ILE B 90 -29.39 8.15 -32.51
N ASN B 91 -30.44 8.57 -31.79
CA ASN B 91 -31.75 9.01 -32.35
C ASN B 91 -31.69 10.52 -32.64
N ASN B 92 -32.63 11.01 -33.45
CA ASN B 92 -32.66 12.42 -33.94
C ASN B 92 -33.99 13.05 -33.53
N PRO B 93 -34.04 13.74 -32.37
CA PRO B 93 -35.30 14.24 -31.84
C PRO B 93 -35.64 15.63 -32.41
N SER B 94 -36.93 15.89 -32.55
CA SER B 94 -37.51 17.06 -33.26
C SER B 94 -38.11 18.05 -32.24
N LEU B 95 -38.31 17.60 -30.99
CA LEU B 95 -38.96 18.39 -29.94
C LEU B 95 -38.34 18.03 -28.59
N THR B 96 -38.17 19.04 -27.73
CA THR B 96 -37.48 18.97 -26.45
C THR B 96 -38.44 19.64 -25.45
N VAL B 97 -39.16 18.84 -24.68
CA VAL B 97 -40.04 19.30 -23.57
C VAL B 97 -39.30 19.01 -22.25
N LYS B 98 -39.22 19.99 -21.34
CA LYS B 98 -38.69 19.79 -19.97
C LYS B 98 -39.88 19.73 -19.02
N THR B 99 -39.88 18.74 -18.14
CA THR B 99 -40.89 18.60 -17.05
C THR B 99 -40.19 18.83 -15.72
N MET B 100 -40.86 19.55 -14.80
CA MET B 100 -40.45 19.76 -13.39
C MET B 100 -41.50 19.15 -12.45
N GLY B 101 -41.02 18.49 -11.40
CA GLY B 101 -41.88 17.91 -10.36
C GLY B 101 -41.98 18.82 -9.16
N HIS B 102 -43.20 19.04 -8.69
CA HIS B 102 -43.44 19.83 -7.48
C HIS B 102 -44.27 19.01 -6.50
N GLN B 103 -44.11 19.36 -5.23
CA GLN B 103 -45.07 19.05 -4.14
C GLN B 103 -46.32 19.86 -4.41
N TRP B 104 -47.43 19.30 -4.92
CA TRP B 104 -47.55 18.01 -5.59
C TRP B 104 -48.29 18.21 -6.92
N TYR B 105 -47.60 18.69 -7.95
CA TYR B 105 -48.10 18.72 -9.35
C TYR B 105 -46.90 18.63 -10.29
N TRP B 106 -47.13 18.63 -11.61
CA TRP B 106 -46.03 18.70 -12.63
C TRP B 106 -46.17 19.97 -13.48
N SER B 107 -45.08 20.73 -13.59
CA SER B 107 -44.99 21.85 -14.55
C SER B 107 -44.28 21.35 -15.84
N TYR B 108 -44.58 21.99 -16.97
CA TYR B 108 -44.07 21.66 -18.31
C TYR B 108 -43.48 22.92 -18.94
N GLU B 109 -42.37 22.75 -19.65
CA GLU B 109 -41.73 23.84 -20.44
C GLU B 109 -41.49 23.33 -21.87
N TYR B 110 -42.15 23.95 -22.83
CA TYR B 110 -41.77 23.87 -24.27
C TYR B 110 -41.11 25.21 -24.63
N THR B 111 -39.77 25.22 -24.76
CA THR B 111 -38.97 26.47 -24.90
C THR B 111 -38.03 26.39 -26.10
N ASP B 112 -38.28 25.51 -27.06
CA ASP B 112 -37.47 25.46 -28.32
C ASP B 112 -37.54 26.79 -29.06
N TYR B 113 -38.77 27.15 -29.47
CA TYR B 113 -39.17 28.37 -30.22
C TYR B 113 -39.61 29.45 -29.24
N GLU B 114 -40.68 29.19 -28.47
CA GLU B 114 -41.39 30.18 -27.60
C GLU B 114 -41.01 29.96 -26.13
N ASP B 115 -41.67 30.66 -25.22
CA ASP B 115 -41.45 30.58 -23.74
C ASP B 115 -42.78 30.06 -23.15
N LEU B 116 -43.20 28.88 -23.60
CA LEU B 116 -44.49 28.24 -23.21
C LEU B 116 -44.30 27.39 -21.94
N SER B 117 -44.97 27.75 -20.85
CA SER B 117 -44.87 27.04 -19.55
C SER B 117 -46.24 27.00 -18.89
N PHE B 118 -46.49 25.95 -18.11
CA PHE B 118 -47.79 25.69 -17.46
C PHE B 118 -47.65 24.51 -16.52
N ASP B 119 -48.49 24.58 -15.49
CA ASP B 119 -48.77 23.56 -14.46
C ASP B 119 -49.86 22.58 -14.91
N SER B 120 -49.99 21.50 -14.14
CA SER B 120 -50.73 20.27 -14.49
C SER B 120 -51.09 19.53 -13.19
N TYR B 121 -52.26 19.83 -12.62
CA TYR B 121 -52.81 19.26 -11.37
C TYR B 121 -53.82 18.16 -11.71
N MET B 122 -54.36 17.52 -10.66
CA MET B 122 -55.28 16.35 -10.72
C MET B 122 -56.70 16.86 -10.55
N ILE B 123 -57.67 16.23 -11.21
CA ILE B 123 -59.10 16.61 -11.09
C ILE B 123 -59.67 15.99 -9.80
N PRO B 124 -59.98 16.78 -8.75
CA PRO B 124 -60.51 16.25 -7.50
C PRO B 124 -61.76 15.38 -7.72
N THR B 125 -61.88 14.25 -7.02
CA THR B 125 -62.92 13.25 -7.37
C THR B 125 -64.23 14.01 -7.61
N SER B 126 -64.59 14.91 -6.69
CA SER B 126 -65.83 15.75 -6.71
C SER B 126 -66.07 16.49 -8.03
N GLU B 127 -65.03 16.79 -8.81
CA GLU B 127 -65.09 17.64 -10.05
C GLU B 127 -64.84 16.82 -11.33
N LEU B 128 -64.77 15.49 -11.26
CA LEU B 128 -64.63 14.66 -12.50
C LEU B 128 -65.93 14.76 -13.28
N LYS B 129 -65.84 14.83 -14.61
CA LYS B 129 -67.03 14.80 -15.48
C LYS B 129 -67.33 13.33 -15.77
N PRO B 130 -68.60 12.90 -15.64
CA PRO B 130 -68.98 11.49 -15.75
C PRO B 130 -68.34 10.81 -16.96
N GLY B 131 -67.59 9.73 -16.71
CA GLY B 131 -66.64 9.15 -17.68
C GLY B 131 -65.19 9.37 -17.27
N GLU B 132 -64.89 10.33 -16.37
CA GLU B 132 -63.47 10.71 -16.09
C GLU B 132 -62.88 9.80 -15.02
N LEU B 133 -61.63 9.39 -15.23
CA LEU B 133 -60.88 8.35 -14.49
C LEU B 133 -60.31 8.91 -13.21
N ARG B 134 -60.98 8.70 -12.08
CA ARG B 134 -60.49 9.00 -10.71
C ARG B 134 -58.97 8.77 -10.57
N LEU B 135 -58.30 9.79 -10.01
CA LEU B 135 -56.88 9.87 -9.57
C LEU B 135 -55.93 9.97 -10.76
N LEU B 136 -56.43 10.08 -11.98
CA LEU B 136 -55.60 9.93 -13.21
C LEU B 136 -55.70 11.16 -14.10
N GLU B 137 -56.83 11.87 -14.04
CA GLU B 137 -57.18 12.94 -15.00
C GLU B 137 -56.45 14.20 -14.56
N VAL B 138 -55.96 15.01 -15.50
CA VAL B 138 -55.25 16.28 -15.18
C VAL B 138 -56.01 17.40 -15.87
N ASP B 139 -55.99 18.61 -15.31
CA ASP B 139 -56.68 19.79 -15.91
C ASP B 139 -56.01 20.13 -17.26
N ASN B 140 -54.68 20.32 -17.28
CA ASN B 140 -53.90 20.60 -18.50
C ASN B 140 -53.04 19.39 -18.86
N ARG B 141 -53.27 18.81 -20.05
CA ARG B 141 -52.59 17.58 -20.50
C ARG B 141 -51.25 17.98 -21.11
N VAL B 142 -50.36 16.99 -21.26
CA VAL B 142 -49.12 17.08 -22.07
C VAL B 142 -49.50 16.71 -23.50
N VAL B 143 -49.99 17.68 -24.27
CA VAL B 143 -50.16 17.53 -25.75
C VAL B 143 -48.73 17.44 -26.33
N LEU B 144 -48.47 16.32 -27.03
CA LEU B 144 -47.26 15.98 -27.81
C LEU B 144 -47.72 15.55 -29.20
N PRO B 145 -46.96 15.89 -30.28
CA PRO B 145 -47.22 15.39 -31.62
C PRO B 145 -46.87 13.90 -31.69
N MET B 146 -47.76 13.08 -32.26
CA MET B 146 -47.59 11.61 -32.32
C MET B 146 -46.65 11.26 -33.48
N GLU B 147 -46.13 10.03 -33.47
CA GLU B 147 -45.22 9.44 -34.51
C GLU B 147 -43.96 10.27 -34.74
N MET B 148 -43.38 10.91 -33.72
CA MET B 148 -42.07 11.64 -33.81
C MET B 148 -41.24 11.44 -32.54
N THR B 149 -39.90 11.48 -32.70
CA THR B 149 -38.88 11.36 -31.62
C THR B 149 -38.74 12.67 -30.81
N ILE B 150 -39.05 12.57 -29.52
CA ILE B 150 -39.20 13.73 -28.59
C ILE B 150 -38.17 13.57 -27.45
N ARG B 151 -37.48 14.63 -27.07
CA ARG B 151 -36.51 14.63 -25.94
C ARG B 151 -37.14 15.24 -24.69
N MET B 152 -37.39 14.42 -23.67
CA MET B 152 -37.93 14.85 -22.36
C MET B 152 -36.76 14.93 -21.38
N LEU B 153 -36.53 16.14 -20.85
CA LEU B 153 -35.61 16.42 -19.72
C LEU B 153 -36.42 16.51 -18.42
N VAL B 154 -36.04 15.76 -17.36
CA VAL B 154 -36.77 15.69 -16.05
C VAL B 154 -35.88 16.24 -14.94
N SER B 155 -36.46 17.08 -14.09
CA SER B 155 -35.86 17.58 -12.84
C SER B 155 -36.99 17.95 -11.90
N SER B 156 -36.69 18.32 -10.66
CA SER B 156 -37.69 18.74 -9.65
C SER B 156 -37.19 20.00 -8.96
N GLU B 157 -38.11 20.86 -8.52
CA GLU B 157 -37.78 22.11 -7.82
C GLU B 157 -37.99 21.90 -6.32
N ASP B 158 -38.04 20.65 -5.87
CA ASP B 158 -38.18 20.37 -4.42
C ASP B 158 -37.71 18.93 -4.17
N VAL B 159 -38.60 18.04 -3.73
CA VAL B 159 -38.22 16.66 -3.33
C VAL B 159 -37.99 15.82 -4.59
N LEU B 160 -37.71 14.53 -4.44
CA LEU B 160 -37.59 13.62 -5.59
C LEU B 160 -39.00 13.28 -6.06
N HIS B 161 -39.18 13.29 -7.36
CA HIS B 161 -40.36 12.68 -8.01
C HIS B 161 -39.82 11.62 -8.97
N SER B 162 -40.71 10.92 -9.66
CA SER B 162 -40.36 10.05 -10.80
C SER B 162 -41.43 10.25 -11.86
N TRP B 163 -40.98 10.56 -13.10
CA TRP B 163 -41.81 10.82 -14.29
C TRP B 163 -41.97 9.52 -15.06
N ALA B 164 -43.20 9.07 -15.18
CA ALA B 164 -43.52 7.63 -15.35
C ALA B 164 -44.75 7.50 -16.23
N VAL B 165 -44.60 6.90 -17.41
CA VAL B 165 -45.72 6.61 -18.34
C VAL B 165 -45.59 5.16 -18.77
N PRO B 166 -46.15 4.20 -17.99
CA PRO B 166 -46.01 2.77 -18.28
C PRO B 166 -46.15 2.36 -19.75
N SER B 167 -47.24 2.75 -20.39
CA SER B 167 -47.65 2.31 -21.78
C SER B 167 -46.56 2.62 -22.82
N LEU B 168 -45.71 3.64 -22.57
CA LEU B 168 -44.64 4.07 -23.50
C LEU B 168 -43.31 3.45 -23.08
N GLY B 169 -43.27 2.85 -21.88
CA GLY B 169 -42.05 2.24 -21.29
C GLY B 169 -41.10 3.28 -20.78
N LEU B 170 -41.65 4.30 -20.10
CA LEU B 170 -40.85 5.45 -19.58
C LEU B 170 -40.99 5.56 -18.08
N LYS B 171 -39.84 5.73 -17.46
CA LYS B 171 -39.77 6.16 -16.06
C LYS B 171 -38.35 6.66 -15.85
N THR B 172 -38.28 7.91 -15.45
CA THR B 172 -37.07 8.68 -15.11
C THR B 172 -37.41 9.51 -13.89
N ASP B 173 -36.50 9.50 -12.93
CA ASP B 173 -36.55 10.25 -11.67
C ASP B 173 -36.35 11.75 -11.92
N ALA B 174 -37.12 12.59 -11.23
CA ALA B 174 -36.89 14.05 -11.08
C ALA B 174 -35.90 14.32 -9.92
N ILE B 175 -34.64 14.69 -10.20
CA ILE B 175 -33.66 14.94 -9.09
C ILE B 175 -33.25 16.41 -9.11
N PRO B 176 -33.65 17.18 -8.06
CA PRO B 176 -33.38 18.61 -7.96
C PRO B 176 -31.92 18.99 -8.24
N GLY B 177 -31.71 19.89 -9.19
CA GLY B 177 -30.37 20.28 -9.69
C GLY B 177 -29.84 19.28 -10.70
N ARG B 178 -30.70 18.47 -11.30
CA ARG B 178 -30.22 17.40 -12.21
C ARG B 178 -31.20 17.26 -13.35
N LEU B 179 -30.69 17.35 -14.56
CA LEU B 179 -31.51 17.30 -15.77
C LEU B 179 -31.32 15.90 -16.39
N ASN B 180 -32.27 14.98 -16.13
CA ASN B 180 -32.29 13.59 -16.66
C ASN B 180 -33.07 13.53 -17.96
N GLN B 181 -32.41 13.00 -18.99
CA GLN B 181 -32.89 12.86 -20.39
C GLN B 181 -33.47 11.46 -20.66
N THR B 182 -34.71 11.36 -21.13
CA THR B 182 -35.31 10.13 -21.75
C THR B 182 -35.88 10.49 -23.13
N THR B 183 -36.38 9.52 -23.89
CA THR B 183 -36.88 9.79 -25.27
C THR B 183 -38.21 9.10 -25.47
N LEU B 184 -39.06 9.79 -26.21
CA LEU B 184 -40.49 9.53 -26.20
C LEU B 184 -40.91 9.42 -27.65
N MET B 185 -41.57 8.32 -27.97
CA MET B 185 -41.96 7.94 -29.34
C MET B 185 -43.31 7.24 -29.19
N SER B 186 -44.44 7.89 -29.48
CA SER B 186 -45.74 7.18 -29.64
C SER B 186 -45.97 6.70 -31.09
N SER B 187 -46.27 5.39 -31.25
CA SER B 187 -46.69 4.70 -32.49
C SER B 187 -48.16 5.01 -32.84
N ARG B 188 -48.91 5.47 -31.85
CA ARG B 188 -50.37 5.77 -31.99
C ARG B 188 -50.68 7.11 -31.34
N PRO B 189 -51.85 7.74 -31.61
CA PRO B 189 -52.34 8.86 -30.81
C PRO B 189 -53.22 8.34 -29.68
N GLY B 190 -53.79 9.24 -28.89
CA GLY B 190 -54.76 8.97 -27.81
C GLY B 190 -54.31 9.59 -26.51
N LEU B 191 -54.89 9.14 -25.39
CA LEU B 191 -54.53 9.62 -24.03
C LEU B 191 -53.71 8.53 -23.32
N TYR B 192 -52.62 8.89 -22.64
CA TYR B 192 -51.67 7.88 -22.10
C TYR B 192 -51.23 8.31 -20.71
N TYR B 193 -51.60 7.55 -19.68
CA TYR B 193 -51.62 8.00 -18.26
C TYR B 193 -50.47 7.39 -17.44
N GLY B 194 -50.13 8.05 -16.33
CA GLY B 194 -48.99 7.72 -15.45
C GLY B 194 -49.11 8.48 -14.15
N GLN B 195 -48.30 8.13 -13.16
CA GLN B 195 -48.37 8.61 -11.75
C GLN B 195 -46.95 8.86 -11.18
N CYS B 196 -46.81 9.55 -10.04
CA CYS B 196 -45.50 9.81 -9.36
C CYS B 196 -45.01 8.44 -8.84
N SER B 197 -43.78 8.07 -9.24
CA SER B 197 -43.09 6.81 -8.85
C SER B 197 -41.88 7.11 -7.96
N GLU B 198 -41.98 8.12 -7.10
CA GLU B 198 -41.16 8.29 -5.87
C GLU B 198 -41.97 9.09 -4.81
N ILE B 199 -41.85 8.59 -3.58
CA ILE B 199 -42.53 9.10 -2.36
C ILE B 199 -42.02 10.51 -2.08
N CYS B 200 -42.90 11.48 -2.22
CA CYS B 200 -42.60 12.94 -2.24
C CYS B 200 -43.35 13.69 -1.11
N GLY B 201 -44.18 12.99 -0.35
CA GLY B 201 -44.92 13.53 0.81
C GLY B 201 -46.40 13.28 0.69
N SER B 202 -47.21 14.21 1.21
CA SER B 202 -48.65 14.05 1.54
C SER B 202 -49.52 13.62 0.35
N ASN B 203 -49.22 14.06 -0.88
CA ASN B 203 -50.09 13.84 -2.07
C ASN B 203 -49.29 13.20 -3.22
N HIS B 204 -48.36 12.27 -2.91
CA HIS B 204 -47.58 11.43 -3.87
C HIS B 204 -48.52 10.67 -4.82
N SER B 205 -49.55 10.04 -4.23
CA SER B 205 -50.69 9.34 -4.90
C SER B 205 -51.30 10.25 -5.97
N PHE B 206 -51.55 11.47 -5.54
CA PHE B 206 -52.38 12.44 -6.26
C PHE B 206 -51.44 13.48 -6.88
N MET B 207 -50.64 13.05 -7.84
CA MET B 207 -49.95 13.95 -8.81
C MET B 207 -49.62 13.12 -10.05
N PRO B 208 -50.67 12.85 -10.86
CA PRO B 208 -50.52 12.09 -12.10
C PRO B 208 -50.04 12.83 -13.35
N ILE B 209 -49.75 12.04 -14.39
CA ILE B 209 -49.36 12.45 -15.77
C ILE B 209 -50.41 11.95 -16.77
N VAL B 210 -50.67 12.68 -17.83
CA VAL B 210 -51.53 12.25 -18.96
C VAL B 210 -50.84 12.88 -20.13
N LEU B 211 -50.36 12.05 -21.05
CA LEU B 211 -50.00 12.50 -22.41
C LEU B 211 -51.27 12.51 -23.26
N GLU B 212 -51.42 13.55 -24.08
CA GLU B 212 -52.28 13.60 -25.30
C GLU B 212 -51.39 13.62 -26.55
N LEU B 213 -51.37 12.54 -27.33
CA LEU B 213 -50.67 12.53 -28.62
C LEU B 213 -51.72 12.93 -29.63
N VAL B 214 -51.30 13.70 -30.64
CA VAL B 214 -52.17 14.20 -31.73
C VAL B 214 -51.24 14.46 -32.92
N PRO B 215 -51.75 14.71 -34.14
CA PRO B 215 -50.87 15.14 -35.22
C PRO B 215 -50.03 16.38 -34.88
N LEU B 216 -48.98 16.61 -35.70
CA LEU B 216 -48.04 17.76 -35.64
C LEU B 216 -48.81 19.08 -35.79
N LYS B 217 -49.85 19.11 -36.62
CA LYS B 217 -50.50 20.37 -37.09
C LYS B 217 -51.60 20.78 -36.11
N TYR B 218 -52.17 19.82 -35.40
CA TYR B 218 -53.08 20.03 -34.25
C TYR B 218 -52.27 20.38 -32.99
N PHE B 219 -50.96 20.13 -33.02
CA PHE B 219 -50.01 20.47 -31.92
C PHE B 219 -49.65 21.95 -32.02
N GLU B 220 -49.20 22.40 -33.18
CA GLU B 220 -48.49 23.71 -33.33
C GLU B 220 -49.45 24.83 -32.93
N LYS B 221 -50.72 24.67 -33.27
CA LYS B 221 -51.85 25.52 -32.85
C LYS B 221 -52.01 25.48 -31.32
N TRP B 222 -52.00 24.27 -30.74
CA TRP B 222 -52.17 24.09 -29.27
C TRP B 222 -51.03 24.84 -28.57
N SER B 223 -49.81 24.75 -29.13
CA SER B 223 -48.62 25.46 -28.60
C SER B 223 -48.95 26.97 -28.54
N ALA B 224 -49.36 27.54 -29.67
CA ALA B 224 -49.58 28.98 -29.88
C ALA B 224 -50.76 29.47 -29.04
N SER B 225 -51.68 28.60 -28.65
CA SER B 225 -52.96 28.95 -27.98
C SER B 225 -52.74 29.06 -26.47
N MET B 226 -51.58 28.57 -25.99
CA MET B 226 -51.17 28.45 -24.56
C MET B 226 -50.26 29.61 -24.14
N LEU B 227 -49.55 30.30 -25.05
CA LEU B 227 -48.64 31.40 -24.67
C LEU B 227 -49.48 32.58 -24.17
N HIS C 3 -15.98 -26.82 38.89
CA HIS C 3 -14.59 -26.33 38.48
C HIS C 3 -14.48 -26.32 36.95
N GLN C 4 -13.95 -25.25 36.35
CA GLN C 4 -13.70 -25.16 34.88
C GLN C 4 -12.36 -25.83 34.51
N THR C 5 -12.34 -26.56 33.39
CA THR C 5 -11.11 -27.06 32.70
C THR C 5 -11.04 -26.59 31.23
N HIS C 6 -11.55 -25.42 30.89
CA HIS C 6 -11.16 -24.63 29.69
C HIS C 6 -10.42 -23.39 30.20
N ALA C 7 -9.78 -22.63 29.31
CA ALA C 7 -8.79 -21.60 29.66
C ALA C 7 -9.37 -20.21 29.39
N TYR C 8 -10.70 -20.11 29.27
CA TYR C 8 -11.46 -18.90 28.81
C TYR C 8 -11.98 -18.09 30.01
N HIS C 9 -12.49 -16.89 29.78
CA HIS C 9 -13.12 -16.02 30.83
C HIS C 9 -14.66 -16.17 30.89
N MET C 10 -15.16 -16.60 32.04
CA MET C 10 -16.59 -16.54 32.45
C MET C 10 -16.75 -15.24 33.25
N VAL C 11 -17.48 -14.25 32.75
CA VAL C 11 -17.46 -12.89 33.35
C VAL C 11 -18.52 -12.78 34.43
N ASN C 12 -18.19 -12.20 35.58
CA ASN C 12 -19.21 -11.96 36.63
C ASN C 12 -20.33 -11.12 36.01
N PRO C 13 -21.58 -11.29 36.47
CA PRO C 13 -22.66 -10.35 36.14
C PRO C 13 -22.24 -8.87 36.34
N SER C 14 -22.38 -8.06 35.29
CA SER C 14 -21.96 -6.63 35.29
C SER C 14 -23.20 -5.74 35.15
N PRO C 15 -23.23 -4.56 35.81
CA PRO C 15 -24.30 -3.58 35.55
C PRO C 15 -24.09 -2.76 34.27
N TRP C 16 -22.83 -2.68 33.80
CA TRP C 16 -22.31 -1.65 32.84
C TRP C 16 -22.91 -1.74 31.44
N PRO C 17 -23.10 -2.92 30.83
CA PRO C 17 -23.88 -3.00 29.60
C PRO C 17 -25.17 -2.18 29.72
N LEU C 18 -25.87 -2.28 30.84
CA LEU C 18 -27.16 -1.59 31.03
C LEU C 18 -26.94 -0.08 31.09
N THR C 19 -25.92 0.36 31.81
CA THR C 19 -25.60 1.80 32.07
C THR C 19 -25.10 2.42 30.76
N GLY C 20 -24.35 1.65 29.96
CA GLY C 20 -23.92 2.06 28.63
C GLY C 20 -25.09 2.21 27.68
N ALA C 21 -25.91 1.16 27.55
CA ALA C 21 -27.13 1.16 26.71
C ALA C 21 -27.93 2.41 27.11
N LEU C 22 -28.28 2.55 28.39
CA LEU C 22 -29.00 3.72 28.95
C LEU C 22 -28.26 5.03 28.62
N SER C 23 -26.95 5.08 28.84
CA SER C 23 -26.08 6.24 28.45
C SER C 23 -26.36 6.70 27.02
N ALA C 24 -26.65 5.78 26.12
CA ALA C 24 -26.86 6.05 24.68
C ALA C 24 -28.21 6.77 24.50
N LEU C 25 -29.26 6.29 25.16
CA LEU C 25 -30.65 6.81 25.07
C LEU C 25 -30.66 8.24 25.58
N LEU C 26 -29.80 8.50 26.55
CA LEU C 26 -29.56 9.84 27.13
C LEU C 26 -28.79 10.74 26.14
N MET C 27 -27.74 10.22 25.53
CA MET C 27 -26.87 10.99 24.63
C MET C 27 -27.63 11.31 23.33
N THR C 28 -28.49 10.43 22.84
CA THR C 28 -29.23 10.61 21.55
C THR C 28 -30.51 11.41 21.78
N SER C 29 -31.28 11.14 22.83
CA SER C 29 -32.44 12.02 23.17
C SER C 29 -31.89 13.38 23.64
N GLY C 30 -30.69 13.40 24.20
CA GLY C 30 -29.96 14.62 24.59
C GLY C 30 -29.57 15.48 23.42
N LEU C 31 -28.89 14.95 22.42
CA LEU C 31 -28.56 15.74 21.19
C LEU C 31 -29.86 16.29 20.60
N THR C 32 -30.89 15.44 20.45
CA THR C 32 -32.24 15.80 19.89
C THR C 32 -32.80 16.99 20.69
N MET C 33 -32.58 16.97 22.00
CA MET C 33 -33.07 18.00 22.96
C MET C 33 -32.26 19.29 22.80
N TRP C 34 -31.01 19.21 22.32
CA TRP C 34 -30.13 20.37 22.06
C TRP C 34 -30.48 20.97 20.70
N PHE C 35 -30.65 20.14 19.68
CA PHE C 35 -30.93 20.53 18.28
C PHE C 35 -32.28 21.26 18.16
N HIS C 36 -33.31 20.86 18.93
CA HIS C 36 -34.74 21.16 18.63
C HIS C 36 -35.40 22.06 19.68
N PHE C 37 -35.12 21.82 20.97
CA PHE C 37 -35.64 22.60 22.11
C PHE C 37 -34.44 23.27 22.82
N ASN C 38 -33.27 23.23 22.17
CA ASN C 38 -32.12 24.13 22.40
C ASN C 38 -31.69 24.06 23.87
N SER C 39 -31.57 22.84 24.43
CA SER C 39 -31.19 22.56 25.83
C SER C 39 -30.20 21.39 25.93
N MET C 40 -29.18 21.53 26.78
CA MET C 40 -28.12 20.51 27.00
C MET C 40 -28.28 19.80 28.35
N THR C 41 -29.46 19.86 28.98
CA THR C 41 -29.68 19.19 30.29
C THR C 41 -29.37 17.71 30.10
N LEU C 42 -30.15 17.04 29.22
CA LEU C 42 -30.19 15.58 29.00
C LEU C 42 -28.83 15.09 28.52
N LEU C 43 -28.22 15.83 27.61
CA LEU C 43 -26.95 15.50 26.91
C LEU C 43 -25.79 15.38 27.92
N MET C 44 -25.74 16.30 28.90
CA MET C 44 -24.69 16.30 29.95
C MET C 44 -24.98 15.13 30.91
N ILE C 45 -26.26 14.81 31.13
CA ILE C 45 -26.64 13.64 31.98
C ILE C 45 -26.13 12.38 31.28
N GLY C 46 -26.48 12.21 30.01
CA GLY C 46 -25.99 11.13 29.13
C GLY C 46 -24.48 11.06 29.13
N LEU C 47 -23.81 12.17 28.88
CA LEU C 47 -22.35 12.17 28.65
C LEU C 47 -21.62 11.69 29.89
N THR C 48 -22.10 12.08 31.07
CA THR C 48 -21.50 11.80 32.41
C THR C 48 -21.67 10.32 32.74
N THR C 49 -22.91 9.81 32.69
CA THR C 49 -23.22 8.36 32.84
C THR C 49 -22.26 7.53 31.97
N ASN C 50 -21.97 8.00 30.75
CA ASN C 50 -21.17 7.32 29.70
C ASN C 50 -19.71 7.19 30.20
N MET C 51 -19.10 8.30 30.60
CA MET C 51 -17.72 8.39 31.15
C MET C 51 -17.62 7.55 32.41
N LEU C 52 -18.66 7.54 33.22
CA LEU C 52 -18.67 6.74 34.46
C LEU C 52 -18.75 5.26 34.08
N THR C 53 -19.50 4.92 33.01
CA THR C 53 -19.69 3.54 32.52
C THR C 53 -18.37 3.08 31.90
N MET C 54 -17.73 3.97 31.15
CA MET C 54 -16.47 3.68 30.41
C MET C 54 -15.35 3.45 31.42
N TYR C 55 -15.27 4.30 32.45
CA TYR C 55 -14.26 4.23 33.52
C TYR C 55 -14.38 2.89 34.23
N GLN C 56 -15.59 2.56 34.63
CA GLN C 56 -15.83 1.44 35.55
C GLN C 56 -15.59 0.15 34.79
N TRP C 57 -16.13 0.06 33.59
CA TRP C 57 -16.03 -1.11 32.68
C TRP C 57 -14.56 -1.50 32.54
N TRP C 58 -13.73 -0.59 32.05
CA TRP C 58 -12.31 -0.88 31.75
C TRP C 58 -11.48 -1.01 33.02
N ARG C 59 -11.88 -0.38 34.13
CA ARG C 59 -11.35 -0.72 35.47
C ARG C 59 -11.43 -2.23 35.71
N ASP C 60 -12.62 -2.79 35.56
CA ASP C 60 -12.87 -4.21 35.88
C ASP C 60 -12.07 -5.09 34.91
N VAL C 61 -11.93 -4.69 33.65
CA VAL C 61 -11.09 -5.42 32.65
C VAL C 61 -9.65 -5.57 33.20
N ILE C 62 -9.04 -4.48 33.68
CA ILE C 62 -7.70 -4.52 34.31
C ILE C 62 -7.77 -5.40 35.57
N ARG C 63 -8.77 -5.15 36.42
CA ARG C 63 -8.94 -5.97 37.66
C ARG C 63 -8.87 -7.46 37.28
N GLU C 64 -9.54 -7.79 36.17
CA GLU C 64 -9.75 -9.16 35.67
C GLU C 64 -8.45 -9.68 35.11
N SER C 65 -7.66 -8.82 34.50
CA SER C 65 -6.39 -9.21 33.84
C SER C 65 -5.20 -9.09 34.81
N THR C 66 -4.92 -7.90 35.35
CA THR C 66 -3.66 -7.63 36.10
C THR C 66 -3.74 -8.34 37.45
N PHE C 67 -4.90 -8.24 38.11
CA PHE C 67 -5.07 -8.67 39.52
C PHE C 67 -5.53 -10.13 39.56
N GLN C 68 -6.56 -10.52 38.80
CA GLN C 68 -7.13 -11.90 38.90
C GLN C 68 -6.41 -12.86 37.96
N GLY C 69 -5.61 -12.37 37.04
CA GLY C 69 -4.92 -13.12 35.97
C GLY C 69 -5.85 -14.03 35.15
N HIS C 70 -6.96 -13.51 34.64
CA HIS C 70 -7.93 -14.31 33.81
C HIS C 70 -7.51 -14.35 32.34
N HIS C 71 -6.72 -13.39 31.86
CA HIS C 71 -6.24 -13.32 30.45
C HIS C 71 -5.14 -14.36 30.20
N THR C 72 -5.55 -15.63 30.10
CA THR C 72 -4.74 -16.80 29.62
C THR C 72 -4.44 -16.63 28.13
N PRO C 73 -3.39 -17.30 27.57
CA PRO C 73 -3.00 -17.12 26.17
C PRO C 73 -4.17 -17.18 25.17
N ALA C 74 -5.21 -17.95 25.47
CA ALA C 74 -6.45 -17.98 24.66
C ALA C 74 -7.13 -16.62 24.74
N VAL C 75 -7.50 -16.20 25.94
CA VAL C 75 -8.41 -15.05 26.13
C VAL C 75 -7.82 -13.86 25.39
N GLN C 76 -6.49 -13.84 25.37
CA GLN C 76 -5.63 -12.73 24.94
C GLN C 76 -5.46 -12.78 23.41
N LYS C 77 -5.71 -13.93 22.82
CA LYS C 77 -5.64 -14.12 21.35
C LYS C 77 -7.04 -13.82 20.80
N GLY C 78 -8.07 -13.83 21.64
CA GLY C 78 -9.43 -13.40 21.24
C GLY C 78 -9.55 -11.89 21.28
N LEU C 79 -8.66 -11.25 22.04
CA LEU C 79 -8.62 -9.81 22.28
C LEU C 79 -8.05 -9.16 21.02
N ARG C 80 -7.02 -9.77 20.41
CA ARG C 80 -6.40 -9.37 19.12
C ARG C 80 -7.44 -9.43 18.01
N TYR C 81 -7.95 -10.61 17.72
CA TYR C 81 -9.05 -10.83 16.76
C TYR C 81 -10.11 -9.75 16.97
N GLY C 82 -10.39 -9.35 18.21
CA GLY C 82 -11.45 -8.39 18.53
C GLY C 82 -11.05 -7.00 18.09
N MET C 83 -9.90 -6.53 18.58
CA MET C 83 -9.37 -5.17 18.33
C MET C 83 -9.12 -5.01 16.81
N ILE C 84 -8.88 -6.08 16.08
CA ILE C 84 -8.52 -5.93 14.65
C ILE C 84 -9.78 -5.79 13.80
N LEU C 85 -10.83 -6.48 14.18
CA LEU C 85 -12.14 -6.47 13.50
C LEU C 85 -12.77 -5.12 13.80
N PHE C 86 -12.51 -4.60 14.99
CA PHE C 86 -12.90 -3.22 15.36
C PHE C 86 -12.24 -2.25 14.37
N ILE C 87 -10.95 -2.42 14.08
CA ILE C 87 -10.25 -1.34 13.34
C ILE C 87 -10.79 -1.31 11.92
N ILE C 88 -11.08 -2.50 11.40
CA ILE C 88 -11.83 -2.69 10.14
C ILE C 88 -13.08 -1.83 10.20
N SER C 89 -13.85 -1.82 11.29
CA SER C 89 -15.20 -1.21 11.30
C SER C 89 -15.07 0.31 11.23
N GLU C 90 -14.14 0.89 12.00
CA GLU C 90 -13.63 2.29 11.88
C GLU C 90 -13.18 2.62 10.46
N VAL C 91 -12.59 1.65 9.74
CA VAL C 91 -11.99 1.88 8.40
C VAL C 91 -13.12 2.13 7.42
N LEU C 92 -14.20 1.37 7.53
CA LEU C 92 -15.31 1.35 6.54
C LEU C 92 -16.15 2.59 6.74
N PHE C 93 -15.94 3.26 7.87
CA PHE C 93 -16.75 4.41 8.29
C PHE C 93 -16.08 5.60 7.60
N PHE C 94 -14.81 5.84 7.90
CA PHE C 94 -13.89 6.79 7.20
C PHE C 94 -13.95 6.65 5.67
N THR C 95 -14.02 5.43 5.12
CA THR C 95 -14.24 5.09 3.66
C THR C 95 -15.44 5.87 3.18
N GLY C 96 -16.50 5.83 3.97
CA GLY C 96 -17.77 6.47 3.65
C GLY C 96 -17.56 7.95 3.41
N PHE C 97 -16.63 8.58 4.12
CA PHE C 97 -16.35 10.03 4.02
C PHE C 97 -15.48 10.37 2.82
N PHE C 98 -14.43 9.59 2.56
CA PHE C 98 -13.57 9.72 1.38
C PHE C 98 -14.43 9.70 0.13
N TRP C 99 -15.34 8.72 0.07
CA TRP C 99 -16.39 8.55 -0.97
C TRP C 99 -17.17 9.85 -1.15
N ALA C 100 -17.79 10.38 -0.09
CA ALA C 100 -18.46 11.70 -0.09
C ALA C 100 -17.55 12.73 -0.75
N PHE C 101 -16.26 12.70 -0.43
CA PHE C 101 -15.26 13.67 -0.94
C PHE C 101 -15.06 13.45 -2.47
N TYR C 102 -14.62 12.26 -2.85
CA TYR C 102 -14.33 11.86 -4.26
C TYR C 102 -15.56 11.97 -5.16
N HIS C 103 -16.80 11.83 -4.67
CA HIS C 103 -18.05 12.09 -5.42
C HIS C 103 -18.16 13.56 -5.82
N SER C 104 -17.84 14.47 -4.89
CA SER C 104 -18.17 15.93 -4.89
C SER C 104 -17.08 16.76 -5.57
N SER C 105 -15.82 16.35 -5.47
CA SER C 105 -14.64 17.01 -6.09
C SER C 105 -14.46 16.55 -7.55
N LEU C 106 -14.78 15.29 -7.86
CA LEU C 106 -14.43 14.70 -9.18
C LEU C 106 -15.49 15.09 -10.21
N ALA C 107 -16.70 15.43 -9.76
CA ALA C 107 -17.81 15.97 -10.57
C ALA C 107 -18.42 17.18 -9.87
N PRO C 108 -17.82 18.38 -10.01
CA PRO C 108 -18.41 19.57 -9.42
C PRO C 108 -19.67 19.98 -10.19
N THR C 109 -20.57 20.67 -9.50
CA THR C 109 -21.92 21.03 -10.01
C THR C 109 -21.96 22.48 -10.53
N PRO C 110 -22.89 22.82 -11.45
CA PRO C 110 -23.08 24.19 -11.89
C PRO C 110 -23.03 25.21 -10.75
N GLU C 111 -23.72 24.88 -9.66
CA GLU C 111 -23.90 25.67 -8.41
C GLU C 111 -22.57 26.13 -7.76
N LEU C 112 -21.46 25.39 -7.94
CA LEU C 112 -20.13 25.65 -7.32
C LEU C 112 -19.23 26.48 -8.25
N GLY C 113 -19.59 26.59 -9.53
CA GLY C 113 -18.69 27.08 -10.59
C GLY C 113 -18.48 26.01 -11.64
N GLY C 114 -18.96 24.80 -11.37
CA GLY C 114 -18.77 23.61 -12.21
C GLY C 114 -17.36 23.06 -12.06
N CYS C 115 -16.64 23.50 -11.01
CA CYS C 115 -15.17 23.39 -10.86
C CYS C 115 -14.78 23.17 -9.40
N TRP C 116 -13.70 22.42 -9.20
CA TRP C 116 -13.04 22.22 -7.89
C TRP C 116 -11.68 22.88 -7.90
N PRO C 117 -11.22 23.59 -6.83
CA PRO C 117 -12.08 23.98 -5.72
C PRO C 117 -13.20 24.93 -6.13
N PRO C 118 -14.34 24.98 -5.39
CA PRO C 118 -15.41 25.92 -5.71
C PRO C 118 -14.97 27.37 -5.92
N THR C 119 -15.88 28.17 -6.46
CA THR C 119 -15.73 29.65 -6.51
C THR C 119 -15.94 30.14 -5.08
N GLY C 120 -15.05 31.01 -4.60
CA GLY C 120 -15.18 31.73 -3.33
C GLY C 120 -14.49 31.00 -2.19
N ILE C 121 -13.88 29.84 -2.46
CA ILE C 121 -13.17 29.02 -1.43
C ILE C 121 -11.67 29.22 -1.58
N HIS C 122 -11.02 29.56 -0.47
CA HIS C 122 -9.57 29.88 -0.40
C HIS C 122 -8.88 28.78 0.40
N PRO C 123 -8.52 27.65 -0.25
CA PRO C 123 -7.98 26.50 0.46
C PRO C 123 -6.72 26.90 1.24
N LEU C 124 -6.35 26.14 2.28
CA LEU C 124 -5.08 26.34 3.04
C LEU C 124 -3.94 25.79 2.18
N ASN C 125 -2.75 26.37 2.30
CA ASN C 125 -1.55 25.81 1.64
C ASN C 125 -1.17 24.52 2.35
N PRO C 126 -1.02 23.39 1.63
CA PRO C 126 -0.69 22.12 2.26
C PRO C 126 0.79 21.99 2.72
N LEU C 127 1.63 22.91 2.26
CA LEU C 127 3.08 22.96 2.63
C LEU C 127 3.27 23.71 3.95
N GLU C 128 2.22 24.24 4.56
CA GLU C 128 2.31 25.11 5.76
C GLU C 128 2.09 24.23 6.98
N VAL C 129 1.09 24.56 7.81
CA VAL C 129 0.84 23.81 9.07
C VAL C 129 0.44 22.38 8.78
N PRO C 130 -0.32 22.07 7.70
CA PRO C 130 -0.67 20.68 7.38
C PRO C 130 0.54 19.76 7.18
N LEU C 131 1.58 20.23 6.50
CA LEU C 131 2.89 19.53 6.39
C LEU C 131 3.43 19.23 7.79
N LEU C 132 3.44 20.24 8.65
CA LEU C 132 3.90 20.19 10.06
C LEU C 132 3.03 19.23 10.88
N ASN C 133 1.73 19.18 10.60
CA ASN C 133 0.82 18.19 11.22
C ASN C 133 1.25 16.80 10.76
N THR C 134 1.47 16.61 9.46
CA THR C 134 1.87 15.29 8.88
C THR C 134 3.17 14.81 9.52
N SER C 135 4.12 15.72 9.79
CA SER C 135 5.46 15.43 10.37
C SER C 135 5.34 14.97 11.82
N VAL C 136 4.54 15.68 12.61
CA VAL C 136 4.30 15.33 14.04
C VAL C 136 3.79 13.89 14.10
N LEU C 137 2.72 13.55 13.38
CA LEU C 137 2.17 12.17 13.55
C LEU C 137 3.25 11.13 13.22
N LEU C 138 3.89 11.19 12.05
CA LEU C 138 4.85 10.17 11.55
C LEU C 138 6.01 10.03 12.54
N ALA C 139 6.53 11.15 13.05
CA ALA C 139 7.38 11.15 14.26
C ALA C 139 6.79 10.20 15.33
N SER C 140 5.52 10.38 15.72
CA SER C 140 4.90 9.68 16.88
C SER C 140 4.70 8.19 16.57
N GLY C 141 4.85 7.77 15.31
CA GLY C 141 4.94 6.33 14.96
C GLY C 141 6.37 5.83 15.07
N VAL C 142 7.35 6.72 14.91
CA VAL C 142 8.77 6.44 15.27
C VAL C 142 8.87 6.38 16.81
N SER C 143 8.27 7.30 17.55
CA SER C 143 8.30 7.32 19.04
C SER C 143 7.59 6.09 19.66
N ILE C 144 6.32 5.83 19.39
CA ILE C 144 5.60 4.67 20.00
C ILE C 144 6.30 3.36 19.65
N THR C 145 6.97 3.26 18.49
CA THR C 145 7.61 1.98 18.05
C THR C 145 8.85 1.76 18.91
N TRP C 146 9.49 2.86 19.29
CA TRP C 146 10.57 2.91 20.30
C TRP C 146 10.05 2.29 21.59
N ALA C 147 8.91 2.79 22.06
CA ALA C 147 8.27 2.42 23.34
C ALA C 147 8.10 0.91 23.39
N HIS C 148 7.39 0.37 22.42
CA HIS C 148 7.19 -1.09 22.28
C HIS C 148 8.52 -1.84 22.47
N HIS C 149 9.56 -1.47 21.72
CA HIS C 149 10.88 -2.16 21.77
C HIS C 149 11.50 -1.96 23.17
N SER C 150 11.45 -0.74 23.72
CA SER C 150 11.87 -0.47 25.12
C SER C 150 11.15 -1.43 26.09
N LEU C 151 9.82 -1.47 26.06
CA LEU C 151 8.97 -2.34 26.95
C LEU C 151 9.40 -3.80 26.82
N MET C 152 9.62 -4.26 25.58
CA MET C 152 9.85 -5.69 25.25
C MET C 152 11.20 -6.12 25.82
N GLU C 153 12.13 -5.19 25.88
CA GLU C 153 13.53 -5.37 26.30
C GLU C 153 13.64 -5.12 27.81
N GLY C 154 12.56 -4.61 28.41
CA GLY C 154 12.48 -4.44 29.87
C GLY C 154 13.20 -3.17 30.29
N ASP C 155 13.01 -2.12 29.50
CA ASP C 155 13.54 -0.78 29.82
C ASP C 155 12.34 0.12 30.13
N ARG C 156 11.84 -0.02 31.36
CA ARG C 156 10.75 0.76 31.97
C ARG C 156 10.89 2.25 31.72
N LYS C 157 12.12 2.76 31.86
CA LYS C 157 12.47 4.21 31.84
C LYS C 157 12.30 4.72 30.40
N HIS C 158 12.96 4.08 29.43
CA HIS C 158 13.00 4.51 28.00
C HIS C 158 11.65 4.31 27.33
N MET C 159 10.80 3.47 27.92
CA MET C 159 9.42 3.17 27.50
C MET C 159 8.51 4.32 27.97
N LEU C 160 8.84 4.95 29.10
CA LEU C 160 8.05 6.09 29.61
C LEU C 160 8.47 7.34 28.82
N GLN C 161 9.76 7.51 28.57
CA GLN C 161 10.29 8.64 27.74
C GLN C 161 9.68 8.58 26.32
N ALA C 162 9.67 7.39 25.72
CA ALA C 162 9.17 7.15 24.34
C ALA C 162 7.66 7.44 24.30
N LEU C 163 6.96 7.03 25.37
CA LEU C 163 5.48 7.11 25.38
C LEU C 163 5.12 8.56 25.62
N PHE C 164 5.87 9.23 26.50
CA PHE C 164 5.66 10.66 26.82
C PHE C 164 5.80 11.49 25.53
N ILE C 165 6.84 11.24 24.74
CA ILE C 165 7.10 11.93 23.44
C ILE C 165 5.92 11.68 22.49
N THR C 166 5.42 10.44 22.42
CA THR C 166 4.26 10.09 21.58
C THR C 166 3.06 10.97 21.93
N ILE C 167 2.74 11.07 23.22
CA ILE C 167 1.47 11.65 23.69
C ILE C 167 1.57 13.16 23.50
N THR C 168 2.74 13.73 23.83
CA THR C 168 3.00 15.20 23.72
C THR C 168 2.89 15.61 22.25
N LEU C 169 3.38 14.79 21.31
CA LEU C 169 3.18 15.03 19.86
C LEU C 169 1.70 14.99 19.55
N GLY C 170 1.01 13.95 19.99
CA GLY C 170 -0.47 13.86 19.89
C GLY C 170 -1.12 15.13 20.38
N VAL C 171 -0.71 15.65 21.54
CA VAL C 171 -1.32 16.87 22.14
C VAL C 171 -0.98 18.04 21.22
N TYR C 172 0.25 18.06 20.73
CA TYR C 172 0.78 19.09 19.80
C TYR C 172 0.06 18.99 18.46
N PHE C 173 -0.28 17.79 17.95
CA PHE C 173 -1.11 17.68 16.72
C PHE C 173 -2.43 18.39 16.96
N THR C 174 -3.12 18.04 18.04
CA THR C 174 -4.46 18.53 18.45
C THR C 174 -4.48 20.06 18.55
N LEU C 175 -3.58 20.68 19.33
CA LEU C 175 -3.54 22.16 19.49
C LEU C 175 -3.34 22.79 18.10
N LEU C 176 -2.30 22.38 17.37
CA LEU C 176 -2.06 22.82 15.97
C LEU C 176 -3.34 22.77 15.15
N GLN C 177 -4.05 21.63 15.16
CA GLN C 177 -5.28 21.37 14.37
C GLN C 177 -6.41 22.34 14.77
N ALA C 178 -6.67 22.54 16.07
CA ALA C 178 -7.70 23.46 16.60
C ALA C 178 -7.36 24.94 16.31
N SER C 179 -6.09 25.34 16.25
CA SER C 179 -5.69 26.68 15.74
C SER C 179 -6.03 26.81 14.26
N GLU C 180 -5.85 25.74 13.47
CA GLU C 180 -6.04 25.78 12.00
C GLU C 180 -7.54 25.80 11.70
N TYR C 181 -8.37 25.20 12.54
CA TYR C 181 -9.84 25.33 12.45
C TYR C 181 -10.19 26.82 12.59
N TYR C 182 -9.61 27.47 13.60
CA TYR C 182 -9.96 28.87 13.98
C TYR C 182 -9.54 29.83 12.85
N GLU C 183 -8.31 29.69 12.33
CA GLU C 183 -7.78 30.59 11.26
C GLU C 183 -8.47 30.34 9.92
N ALA C 184 -9.22 29.25 9.75
CA ALA C 184 -9.72 28.84 8.42
C ALA C 184 -10.66 29.91 7.87
N PRO C 185 -10.47 30.38 6.61
CA PRO C 185 -11.32 31.42 6.03
C PRO C 185 -12.60 30.85 5.40
N PHE C 186 -12.97 29.64 5.83
CA PHE C 186 -14.19 28.91 5.39
C PHE C 186 -14.70 28.09 6.58
N THR C 187 -15.99 27.75 6.57
CA THR C 187 -16.64 27.09 7.73
C THR C 187 -17.34 25.81 7.28
N ILE C 188 -17.79 25.01 8.24
CA ILE C 188 -18.64 23.81 7.97
C ILE C 188 -19.84 24.21 7.12
N SER C 189 -20.24 25.50 7.08
CA SER C 189 -21.45 25.96 6.34
C SER C 189 -21.16 26.25 4.85
N ASP C 190 -19.91 26.13 4.39
CA ASP C 190 -19.47 26.70 3.08
C ASP C 190 -19.67 25.61 2.01
N GLY C 191 -20.93 25.21 1.85
CA GLY C 191 -21.37 23.98 1.18
C GLY C 191 -20.42 22.80 1.31
N VAL C 192 -20.24 22.08 0.22
CA VAL C 192 -19.78 20.66 0.21
C VAL C 192 -18.25 20.59 0.37
N TYR C 193 -17.52 21.67 0.13
CA TYR C 193 -16.08 21.80 0.46
C TYR C 193 -15.92 21.79 1.97
N GLY C 194 -16.47 22.81 2.64
CA GLY C 194 -16.51 22.94 4.09
C GLY C 194 -17.09 21.69 4.71
N SER C 195 -18.20 21.19 4.20
CA SER C 195 -18.91 19.98 4.68
C SER C 195 -17.95 18.78 4.80
N THR C 196 -17.42 18.32 3.67
CA THR C 196 -16.39 17.25 3.57
C THR C 196 -15.24 17.55 4.52
N PHE C 197 -14.73 18.79 4.45
CA PHE C 197 -13.47 19.17 5.11
C PHE C 197 -13.61 18.99 6.63
N PHE C 198 -14.65 19.60 7.21
CA PHE C 198 -14.77 19.68 8.69
C PHE C 198 -15.16 18.30 9.18
N VAL C 199 -16.19 17.70 8.58
CA VAL C 199 -16.77 16.46 9.16
C VAL C 199 -15.66 15.39 9.14
N ALA C 200 -14.91 15.29 8.05
CA ALA C 200 -13.87 14.26 7.85
C ALA C 200 -12.57 14.52 8.62
N THR C 201 -11.92 15.68 8.43
CA THR C 201 -10.72 16.07 9.22
C THR C 201 -11.13 16.15 10.71
N GLY C 202 -12.43 16.35 10.95
CA GLY C 202 -13.09 16.48 12.26
C GLY C 202 -13.18 15.16 12.98
N PHE C 203 -13.98 14.21 12.50
CA PHE C 203 -14.04 12.83 13.04
C PHE C 203 -12.65 12.26 13.27
N HIS C 204 -11.71 12.46 12.34
CA HIS C 204 -10.28 12.04 12.50
C HIS C 204 -9.70 12.63 13.79
N GLY C 205 -10.04 13.89 14.07
CA GLY C 205 -9.46 14.70 15.16
C GLY C 205 -9.86 14.14 16.49
N LEU C 206 -11.11 13.68 16.61
CA LEU C 206 -11.67 13.08 17.86
C LEU C 206 -10.98 11.73 18.08
N HIS C 207 -10.70 11.03 16.99
CA HIS C 207 -9.95 9.77 16.95
C HIS C 207 -8.53 9.95 17.51
N VAL C 208 -7.89 11.14 17.35
CA VAL C 208 -6.54 11.44 17.91
C VAL C 208 -6.70 11.68 19.41
N ILE C 209 -7.81 12.28 19.82
CA ILE C 209 -8.06 12.57 21.26
C ILE C 209 -8.39 11.23 21.94
N ILE C 210 -9.25 10.44 21.34
CA ILE C 210 -9.43 9.03 21.79
C ILE C 210 -8.04 8.39 21.90
N GLY C 211 -7.20 8.58 20.87
CA GLY C 211 -5.85 8.01 20.74
C GLY C 211 -4.93 8.38 21.89
N SER C 212 -4.85 9.66 22.22
CA SER C 212 -4.01 10.21 23.30
C SER C 212 -4.55 9.81 24.67
N THR C 213 -5.86 9.91 24.86
CA THR C 213 -6.52 9.31 26.05
C THR C 213 -5.98 7.90 26.25
N PHE C 214 -6.03 7.03 25.25
CA PHE C 214 -5.75 5.58 25.42
C PHE C 214 -4.26 5.35 25.72
N LEU C 215 -3.38 6.20 25.18
CA LEU C 215 -1.94 6.14 25.50
C LEU C 215 -1.72 6.71 26.90
N ILE C 216 -2.45 7.74 27.31
CA ILE C 216 -2.25 8.33 28.66
C ILE C 216 -2.62 7.24 29.67
N VAL C 217 -3.67 6.46 29.43
CA VAL C 217 -4.06 5.31 30.30
C VAL C 217 -2.85 4.37 30.37
N CYS C 218 -2.32 3.98 29.21
CA CYS C 218 -1.12 3.12 29.05
C CYS C 218 0.03 3.65 29.89
N PHE C 219 0.21 4.97 29.91
CA PHE C 219 1.36 5.64 30.58
C PHE C 219 1.20 5.57 32.10
N PHE C 220 0.01 5.86 32.62
CA PHE C 220 -0.29 5.67 34.06
C PHE C 220 -0.23 4.19 34.42
N ARG C 221 -0.71 3.28 33.58
CA ARG C 221 -0.72 1.83 33.93
C ARG C 221 0.71 1.30 34.00
N GLN C 222 1.58 1.76 33.09
CA GLN C 222 3.04 1.42 33.08
C GLN C 222 3.68 2.00 34.33
N LEU C 223 3.33 3.24 34.71
CA LEU C 223 3.80 3.84 35.99
C LEU C 223 3.59 2.82 37.12
N LYS C 224 2.43 2.18 37.21
CA LYS C 224 2.08 1.28 38.33
C LYS C 224 2.48 -0.17 38.03
N PHE C 225 3.27 -0.42 36.99
CA PHE C 225 4.04 -1.68 36.79
C PHE C 225 3.11 -2.82 36.33
N HIS C 226 1.98 -2.51 35.67
CA HIS C 226 0.91 -3.42 35.17
C HIS C 226 1.44 -4.37 34.08
N PHE C 227 2.32 -3.87 33.20
CA PHE C 227 2.80 -4.50 31.95
C PHE C 227 4.13 -5.22 32.14
N THR C 228 4.22 -6.47 31.63
CA THR C 228 5.45 -7.29 31.54
C THR C 228 6.12 -7.20 30.16
N SER C 229 7.41 -7.51 30.10
CA SER C 229 8.15 -7.82 28.85
C SER C 229 7.21 -8.49 27.82
N ASN C 230 6.25 -9.32 28.24
CA ASN C 230 5.57 -10.26 27.31
C ASN C 230 4.03 -10.16 27.31
N HIS C 231 3.37 -9.58 28.33
CA HIS C 231 1.89 -9.51 28.35
C HIS C 231 1.42 -8.07 28.50
N HIS C 232 1.25 -7.37 27.37
CA HIS C 232 1.01 -5.91 27.37
C HIS C 232 -0.05 -5.53 26.32
N PHE C 233 -1.14 -6.29 26.23
CA PHE C 233 -2.08 -6.18 25.08
C PHE C 233 -2.65 -4.76 25.04
N GLY C 234 -3.03 -4.22 26.20
CA GLY C 234 -3.59 -2.88 26.32
C GLY C 234 -2.70 -1.82 25.69
N PHE C 235 -1.42 -2.11 25.44
CA PHE C 235 -0.50 -1.17 24.77
C PHE C 235 -0.39 -1.52 23.28
N GLU C 236 -0.83 -2.70 22.91
CA GLU C 236 -0.79 -3.15 21.51
C GLU C 236 -1.99 -2.53 20.78
N ALA C 237 -3.18 -2.79 21.31
CA ALA C 237 -4.47 -2.18 20.97
C ALA C 237 -4.30 -0.67 20.73
N ALA C 238 -3.57 0.00 21.61
CA ALA C 238 -3.33 1.46 21.61
C ALA C 238 -2.41 1.84 20.44
N ALA C 239 -1.30 1.11 20.28
CA ALA C 239 -0.34 1.29 19.17
C ALA C 239 -1.11 1.14 17.86
N TRP C 240 -1.70 -0.02 17.62
CA TRP C 240 -2.40 -0.30 16.35
C TRP C 240 -3.31 0.88 16.04
N TYR C 241 -4.16 1.22 17.00
CA TYR C 241 -5.16 2.31 16.91
C TYR C 241 -4.44 3.60 16.53
N TRP C 242 -3.27 3.83 17.12
CA TRP C 242 -2.46 5.04 16.87
C TRP C 242 -1.95 5.02 15.42
N HIS C 243 -1.50 3.88 14.90
CA HIS C 243 -0.99 3.78 13.52
C HIS C 243 -2.16 3.97 12.55
N PHE C 244 -3.32 3.42 12.86
CA PHE C 244 -4.56 3.60 12.06
C PHE C 244 -4.92 5.11 11.95
N VAL C 245 -4.81 5.80 13.07
CA VAL C 245 -5.08 7.25 13.21
C VAL C 245 -4.05 8.06 12.41
N ASP C 246 -2.94 7.44 12.06
CA ASP C 246 -1.85 8.17 11.36
C ASP C 246 -2.04 7.99 9.84
N VAL C 247 -2.46 6.80 9.40
CA VAL C 247 -2.54 6.39 7.98
C VAL C 247 -3.77 7.07 7.41
N VAL C 248 -4.86 7.07 8.17
CA VAL C 248 -6.06 7.91 7.91
C VAL C 248 -5.57 9.35 7.73
N TRP C 249 -4.84 9.94 8.67
CA TRP C 249 -4.36 11.35 8.46
C TRP C 249 -3.70 11.44 7.07
N LEU C 250 -2.76 10.54 6.75
CA LEU C 250 -1.97 10.55 5.49
C LEU C 250 -2.87 10.60 4.25
N PHE C 251 -3.90 9.76 4.25
CA PHE C 251 -4.97 9.68 3.23
C PHE C 251 -5.72 11.02 3.17
N LEU C 252 -6.20 11.56 4.30
CA LEU C 252 -6.75 12.96 4.39
C LEU C 252 -5.77 13.95 3.71
N TYR C 253 -4.54 14.06 4.20
CA TYR C 253 -3.52 15.02 3.71
C TYR C 253 -3.44 14.95 2.18
N VAL C 254 -3.29 13.76 1.62
CA VAL C 254 -3.05 13.52 0.17
C VAL C 254 -4.35 13.80 -0.59
N SER C 255 -5.47 13.30 -0.08
CA SER C 255 -6.83 13.44 -0.67
C SER C 255 -7.30 14.88 -0.53
N ILE C 256 -7.56 15.36 0.69
CA ILE C 256 -8.35 16.62 0.90
C ILE C 256 -7.48 17.88 0.83
N TYR C 257 -6.24 17.84 1.33
CA TYR C 257 -5.34 19.02 1.46
C TYR C 257 -4.54 19.28 0.17
N TRP C 258 -4.00 18.23 -0.45
CA TRP C 258 -3.01 18.35 -1.55
C TRP C 258 -3.73 18.21 -2.91
N TRP C 259 -4.21 17.02 -3.28
CA TRP C 259 -4.95 16.77 -4.54
C TRP C 259 -6.23 17.62 -4.61
N GLY C 260 -6.84 17.99 -3.48
CA GLY C 260 -8.02 18.90 -3.41
C GLY C 260 -7.68 20.31 -2.93
N SER C 261 -6.52 20.85 -3.31
CA SER C 261 -6.05 22.24 -3.06
C SER C 261 -6.26 23.13 -4.30
N SER D 4 -39.52 -50.10 30.87
CA SER D 4 -40.22 -48.89 30.37
C SER D 4 -39.59 -47.62 30.96
N VAL D 5 -40.14 -47.12 32.07
CA VAL D 5 -40.16 -45.68 32.45
C VAL D 5 -38.78 -45.05 32.23
N VAL D 6 -38.75 -43.94 31.50
CA VAL D 6 -37.53 -43.15 31.16
C VAL D 6 -37.49 -41.90 32.06
N LYS D 7 -36.30 -41.52 32.49
CA LYS D 7 -36.10 -40.26 33.25
C LYS D 7 -35.41 -39.26 32.33
N SER D 8 -35.80 -37.98 32.46
CA SER D 8 -35.01 -36.80 32.02
C SER D 8 -33.51 -37.08 32.25
N GLU D 9 -33.14 -37.20 33.54
CA GLU D 9 -31.78 -37.09 34.12
C GLU D 9 -30.72 -37.84 33.28
N ASP D 10 -31.12 -38.81 32.45
CA ASP D 10 -30.20 -39.71 31.73
C ASP D 10 -30.23 -39.43 30.24
N TYR D 11 -30.20 -38.15 29.86
CA TYR D 11 -30.02 -37.68 28.47
C TYR D 11 -28.63 -38.12 27.99
N ALA D 12 -27.70 -38.35 28.92
CA ALA D 12 -26.29 -38.67 28.63
C ALA D 12 -26.11 -40.18 28.40
N LEU D 13 -27.15 -40.96 28.67
CA LEU D 13 -27.04 -42.43 28.54
C LEU D 13 -27.65 -42.85 27.20
N PRO D 14 -27.20 -43.98 26.63
CA PRO D 14 -27.83 -44.48 25.42
C PRO D 14 -29.31 -44.75 25.72
N SER D 15 -30.19 -44.10 24.94
CA SER D 15 -31.68 -44.22 25.01
C SER D 15 -32.16 -45.12 23.87
N TYR D 16 -33.39 -45.63 23.99
CA TYR D 16 -34.06 -46.53 23.01
C TYR D 16 -34.96 -45.65 22.13
N VAL D 17 -35.19 -46.09 20.89
CA VAL D 17 -35.97 -45.35 19.84
C VAL D 17 -36.40 -46.34 18.74
N ASP D 18 -37.61 -46.15 18.24
CA ASP D 18 -38.16 -46.80 17.01
C ASP D 18 -37.87 -45.91 15.80
N ARG D 19 -37.18 -46.47 14.80
CA ARG D 19 -36.66 -45.75 13.62
C ARG D 19 -36.20 -46.72 12.53
N ARG D 20 -36.83 -46.66 11.36
CA ARG D 20 -36.56 -47.63 10.25
C ARG D 20 -35.12 -47.48 9.71
N ASP D 21 -34.41 -46.35 9.92
CA ASP D 21 -33.01 -46.24 9.45
C ASP D 21 -32.05 -46.65 10.58
N TYR D 22 -32.58 -47.01 11.76
CA TYR D 22 -31.84 -47.54 12.92
C TYR D 22 -32.63 -48.70 13.54
N PRO D 23 -32.74 -49.85 12.83
CA PRO D 23 -33.72 -50.88 13.19
C PRO D 23 -33.39 -51.67 14.46
N LEU D 24 -32.10 -51.65 14.87
CA LEU D 24 -31.57 -52.31 16.08
C LEU D 24 -30.98 -51.23 16.98
N PRO D 25 -31.78 -50.63 17.88
CA PRO D 25 -31.27 -49.57 18.76
C PRO D 25 -30.31 -50.04 19.88
N ASP D 26 -29.77 -49.05 20.61
CA ASP D 26 -28.58 -49.20 21.48
C ASP D 26 -28.93 -50.00 22.75
N VAL D 27 -30.20 -50.02 23.14
CA VAL D 27 -30.65 -50.70 24.38
C VAL D 27 -31.99 -51.38 24.16
N ALA D 28 -32.32 -52.31 25.04
CA ALA D 28 -33.62 -53.01 25.02
C ALA D 28 -34.70 -51.99 25.37
N HIS D 29 -35.95 -52.29 25.05
CA HIS D 29 -37.14 -51.55 25.53
C HIS D 29 -37.39 -51.88 27.01
N VAL D 30 -37.35 -53.16 27.40
CA VAL D 30 -37.53 -53.61 28.83
C VAL D 30 -36.17 -54.04 29.38
N LYS D 31 -35.56 -53.21 30.23
CA LYS D 31 -34.25 -53.46 30.89
C LYS D 31 -34.41 -54.54 31.98
N ASN D 32 -35.46 -54.41 32.80
CA ASN D 32 -35.68 -55.19 34.03
C ASN D 32 -36.71 -56.31 33.84
N LEU D 33 -36.30 -57.53 34.19
CA LEU D 33 -37.02 -58.79 33.94
C LEU D 33 -37.64 -59.32 35.24
N SER D 34 -38.93 -59.70 35.19
CA SER D 34 -39.61 -60.48 36.26
C SER D 34 -39.00 -61.89 36.34
N ALA D 35 -39.56 -62.75 37.18
CA ALA D 35 -39.04 -64.11 37.42
C ALA D 35 -39.22 -64.90 36.14
N SER D 36 -40.40 -64.72 35.57
CA SER D 36 -40.95 -65.49 34.42
C SER D 36 -40.18 -65.09 33.17
N GLN D 37 -39.96 -63.78 33.00
CA GLN D 37 -39.25 -63.18 31.84
C GLN D 37 -37.81 -63.71 31.84
N LYS D 38 -37.20 -63.90 33.01
CA LYS D 38 -35.83 -64.44 33.21
C LYS D 38 -35.75 -65.88 32.67
N ALA D 39 -36.84 -66.64 32.81
CA ALA D 39 -36.86 -68.07 32.46
C ALA D 39 -37.19 -68.23 30.97
N LEU D 40 -37.66 -67.17 30.31
CA LEU D 40 -37.89 -67.14 28.84
C LEU D 40 -36.55 -66.84 28.14
N LYS D 41 -35.88 -65.77 28.57
CA LYS D 41 -34.45 -65.48 28.30
C LYS D 41 -33.61 -66.73 28.51
N GLU D 42 -33.96 -67.60 29.47
CA GLU D 42 -33.26 -68.91 29.69
C GLU D 42 -33.55 -69.88 28.54
N LYS D 43 -34.79 -69.87 28.06
CA LYS D 43 -35.31 -70.79 27.01
C LYS D 43 -34.71 -70.40 25.65
N GLU D 44 -34.34 -69.12 25.53
CA GLU D 44 -33.74 -68.50 24.33
C GLU D 44 -32.30 -68.99 24.11
N LYS D 45 -31.68 -69.61 25.12
CA LYS D 45 -30.31 -70.18 24.98
C LYS D 45 -30.38 -71.59 24.35
N ALA D 46 -31.56 -72.22 24.36
CA ALA D 46 -31.82 -73.55 23.77
C ALA D 46 -32.20 -73.38 22.30
N SER D 47 -32.62 -74.46 21.63
CA SER D 47 -33.23 -74.47 20.27
C SER D 47 -34.42 -73.50 20.24
N TRP D 48 -34.59 -72.73 19.16
CA TRP D 48 -35.65 -71.68 19.05
C TRP D 48 -36.97 -72.33 18.60
N SER D 49 -36.92 -73.57 18.07
CA SER D 49 -38.08 -74.42 17.70
C SER D 49 -38.87 -74.84 18.94
N SER D 50 -38.22 -74.84 20.12
CA SER D 50 -38.81 -75.25 21.42
C SER D 50 -39.43 -74.06 22.16
N LEU D 51 -39.73 -72.97 21.44
CA LEU D 51 -40.48 -71.78 21.92
C LEU D 51 -41.87 -71.81 21.30
N SER D 52 -42.90 -71.35 22.02
CA SER D 52 -44.27 -71.08 21.49
C SER D 52 -44.23 -69.81 20.63
N ILE D 53 -45.28 -69.58 19.82
CA ILE D 53 -45.48 -68.28 19.12
C ILE D 53 -45.64 -67.23 20.21
N ASP D 54 -46.60 -67.42 21.11
CA ASP D 54 -46.78 -66.60 22.33
C ASP D 54 -45.38 -66.30 22.90
N GLU D 55 -44.53 -67.32 23.09
CA GLU D 55 -43.20 -67.19 23.76
C GLU D 55 -42.22 -66.40 22.89
N LYS D 56 -42.46 -66.37 21.57
CA LYS D 56 -41.64 -65.63 20.55
C LYS D 56 -42.03 -64.15 20.51
N VAL D 57 -43.32 -63.85 20.37
CA VAL D 57 -43.88 -62.46 20.43
C VAL D 57 -43.30 -61.76 21.67
N GLU D 58 -43.38 -62.40 22.83
CA GLU D 58 -42.93 -61.84 24.12
C GLU D 58 -41.45 -61.44 24.08
N LEU D 59 -40.58 -62.32 23.62
CA LEU D 59 -39.14 -62.01 23.47
C LEU D 59 -39.00 -60.77 22.56
N TYR D 60 -39.74 -60.71 21.43
CA TYR D 60 -39.72 -59.55 20.48
C TYR D 60 -40.10 -58.28 21.21
N ARG D 61 -41.10 -58.33 22.09
CA ARG D 61 -41.64 -57.15 22.83
C ARG D 61 -40.78 -56.75 24.05
N LEU D 62 -39.84 -57.58 24.50
CA LEU D 62 -38.83 -57.17 25.50
C LEU D 62 -37.76 -56.28 24.85
N LYS D 63 -37.25 -56.67 23.67
CA LYS D 63 -36.06 -56.05 23.03
C LYS D 63 -36.44 -54.75 22.28
N PHE D 64 -37.73 -54.53 21.99
CA PHE D 64 -38.26 -53.51 21.04
C PHE D 64 -39.66 -53.10 21.44
N LYS D 65 -40.02 -51.84 21.24
CA LYS D 65 -41.31 -51.30 21.75
C LYS D 65 -42.34 -51.54 20.66
N GLU D 66 -42.30 -50.76 19.59
CA GLU D 66 -43.29 -50.89 18.48
C GLU D 66 -42.70 -51.76 17.39
N SER D 67 -43.54 -52.55 16.71
CA SER D 67 -43.16 -53.34 15.53
C SER D 67 -42.94 -52.38 14.36
N PHE D 68 -42.34 -52.85 13.29
CA PHE D 68 -42.11 -52.01 12.09
C PHE D 68 -43.44 -51.52 11.58
N ALA D 69 -44.45 -52.39 11.51
CA ALA D 69 -45.76 -52.07 10.90
C ALA D 69 -46.47 -51.08 11.80
N GLU D 70 -46.18 -51.13 13.10
CA GLU D 70 -46.76 -50.23 14.11
C GLU D 70 -46.07 -48.86 14.00
N MET D 71 -44.74 -48.86 13.79
CA MET D 71 -43.94 -47.62 13.82
C MET D 71 -44.21 -46.88 12.52
N ASN D 72 -44.72 -47.58 11.49
CA ASN D 72 -44.88 -47.05 10.11
C ASN D 72 -46.34 -46.86 9.72
N ARG D 73 -47.27 -46.81 10.68
CA ARG D 73 -48.71 -46.78 10.39
C ARG D 73 -49.14 -45.32 10.14
N SER D 74 -49.97 -45.08 9.12
CA SER D 74 -50.52 -43.74 8.82
C SER D 74 -51.75 -43.47 9.68
N THR D 75 -52.14 -42.19 9.78
CA THR D 75 -53.07 -41.65 10.79
C THR D 75 -54.23 -40.93 10.12
N ASN D 76 -54.95 -40.11 10.88
CA ASN D 76 -55.92 -39.13 10.35
C ASN D 76 -55.54 -37.74 10.90
N GLU D 77 -54.27 -37.44 11.15
CA GLU D 77 -53.88 -36.08 11.59
C GLU D 77 -54.54 -35.11 10.59
N TRP D 78 -54.23 -35.28 9.30
CA TRP D 78 -54.59 -34.36 8.18
C TRP D 78 -56.06 -33.91 8.28
N LYS D 79 -56.98 -34.80 8.62
CA LYS D 79 -58.42 -34.44 8.76
C LYS D 79 -58.52 -33.27 9.73
N THR D 80 -58.00 -33.42 10.95
CA THR D 80 -57.96 -32.36 11.97
C THR D 80 -57.12 -31.17 11.47
N VAL D 81 -56.03 -31.39 10.73
CA VAL D 81 -55.13 -30.29 10.30
C VAL D 81 -55.82 -29.46 9.19
N VAL D 82 -56.51 -30.11 8.27
CA VAL D 82 -57.21 -29.44 7.14
C VAL D 82 -58.52 -28.78 7.65
N GLY D 83 -59.36 -29.52 8.36
CA GLY D 83 -60.64 -29.01 8.85
C GLY D 83 -60.52 -27.91 9.90
N ALA D 84 -59.51 -27.93 10.76
CA ALA D 84 -59.27 -26.85 11.76
C ALA D 84 -58.75 -25.61 11.04
N ALA D 85 -57.78 -25.73 10.14
CA ALA D 85 -57.37 -24.61 9.25
C ALA D 85 -58.63 -23.94 8.64
N MET D 86 -59.56 -24.74 8.10
CA MET D 86 -60.72 -24.24 7.33
C MET D 86 -61.72 -23.57 8.28
N PHE D 87 -61.63 -23.88 9.58
CA PHE D 87 -62.44 -23.21 10.61
C PHE D 87 -61.77 -21.85 10.89
N PHE D 88 -60.47 -21.82 11.05
CA PHE D 88 -59.78 -20.56 11.41
C PHE D 88 -59.77 -19.63 10.20
N ILE D 89 -59.67 -20.16 8.98
CA ILE D 89 -59.78 -19.30 7.77
C ILE D 89 -61.20 -18.79 7.70
N GLY D 90 -62.16 -19.52 8.26
CA GLY D 90 -63.59 -19.17 8.30
C GLY D 90 -63.79 -17.99 9.23
N PHE D 91 -63.49 -18.22 10.50
CA PHE D 91 -63.39 -17.16 11.54
C PHE D 91 -62.92 -15.85 10.90
N THR D 92 -61.82 -15.91 10.15
CA THR D 92 -61.09 -14.74 9.58
C THR D 92 -62.01 -13.81 8.77
N ALA D 93 -63.15 -14.32 8.27
CA ALA D 93 -64.14 -13.55 7.48
C ALA D 93 -64.99 -12.70 8.46
N LEU D 94 -65.28 -13.25 9.62
CA LEU D 94 -66.06 -12.54 10.65
C LEU D 94 -65.39 -11.20 10.95
N LEU D 95 -64.07 -11.20 11.06
CA LEU D 95 -63.30 -9.93 11.16
C LEU D 95 -63.55 -9.07 9.92
N LEU D 96 -63.43 -9.63 8.72
CA LEU D 96 -63.60 -8.87 7.44
C LEU D 96 -65.01 -8.27 7.33
N ILE D 97 -66.06 -9.00 7.71
CA ILE D 97 -67.49 -8.54 7.68
C ILE D 97 -67.64 -7.42 8.71
N TRP D 98 -67.02 -7.57 9.86
CA TRP D 98 -67.04 -6.53 10.92
C TRP D 98 -66.41 -5.26 10.38
N GLU D 99 -65.26 -5.38 9.70
CA GLU D 99 -64.45 -4.28 9.12
C GLU D 99 -65.32 -3.50 8.14
N LYS D 100 -66.03 -4.21 7.26
CA LYS D 100 -66.88 -3.60 6.20
C LYS D 100 -68.04 -2.86 6.85
N HIS D 101 -68.58 -3.36 7.96
CA HIS D 101 -69.91 -2.93 8.46
C HIS D 101 -69.74 -1.70 9.34
N TYR D 102 -68.64 -1.63 10.08
CA TYR D 102 -68.39 -0.60 11.13
C TYR D 102 -67.22 0.33 10.77
N VAL D 103 -66.21 -0.13 10.03
CA VAL D 103 -64.96 0.66 9.83
C VAL D 103 -65.02 1.36 8.49
N TYR D 104 -65.28 0.62 7.40
CA TYR D 104 -65.06 1.05 6.00
C TYR D 104 -66.20 1.98 5.58
N GLY D 105 -65.88 3.23 5.22
CA GLY D 105 -66.87 4.23 4.82
C GLY D 105 -67.55 3.82 3.51
N PRO D 106 -68.49 4.62 2.98
CA PRO D 106 -68.98 4.48 1.61
C PRO D 106 -67.90 4.72 0.56
N ILE D 107 -67.82 3.88 -0.48
CA ILE D 107 -66.79 3.92 -1.57
C ILE D 107 -67.12 5.06 -2.55
N PRO D 108 -66.16 5.48 -3.42
CA PRO D 108 -66.38 6.66 -4.24
C PRO D 108 -67.48 6.47 -5.32
N HIS D 109 -68.05 7.59 -5.74
CA HIS D 109 -69.15 7.68 -6.73
C HIS D 109 -68.68 7.22 -8.13
N THR D 110 -67.36 7.20 -8.42
CA THR D 110 -66.86 6.74 -9.74
C THR D 110 -66.99 5.24 -9.86
N PHE D 111 -67.79 4.60 -8.99
CA PHE D 111 -67.98 3.13 -8.89
C PHE D 111 -69.46 2.75 -9.09
N GLU D 112 -70.38 3.74 -9.09
CA GLU D 112 -71.85 3.56 -9.33
C GLU D 112 -72.10 3.09 -10.76
N GLU D 113 -73.01 2.15 -10.96
CA GLU D 113 -73.40 1.52 -12.26
C GLU D 113 -73.24 2.50 -13.42
N GLU D 114 -73.94 3.65 -13.35
CA GLU D 114 -73.93 4.78 -14.34
C GLU D 114 -72.50 5.06 -14.83
N TRP D 115 -71.63 5.52 -13.91
CA TRP D 115 -70.26 6.02 -14.18
C TRP D 115 -69.45 4.93 -14.92
N VAL D 116 -69.48 3.68 -14.41
CA VAL D 116 -68.73 2.53 -15.01
C VAL D 116 -69.13 2.44 -16.47
N ALA D 117 -70.44 2.47 -16.76
CA ALA D 117 -71.00 2.40 -18.13
C ALA D 117 -70.48 3.56 -19.00
N LYS D 118 -70.42 4.77 -18.46
CA LYS D 118 -70.02 5.97 -19.23
C LYS D 118 -68.52 5.95 -19.38
N GLN D 119 -67.84 5.62 -18.28
CA GLN D 119 -66.36 5.56 -18.15
C GLN D 119 -65.81 4.45 -19.01
N THR D 120 -66.61 3.40 -19.28
CA THR D 120 -66.20 2.17 -20.01
C THR D 120 -66.11 2.52 -21.50
N LYS D 121 -67.16 3.19 -22.02
CA LYS D 121 -67.24 3.67 -23.43
C LYS D 121 -66.15 4.73 -23.66
N ARG D 122 -66.11 5.76 -22.80
CA ARG D 122 -65.03 6.79 -22.73
C ARG D 122 -63.67 6.12 -22.93
N MET D 123 -63.44 4.94 -22.29
CA MET D 123 -62.20 4.11 -22.41
C MET D 123 -62.13 3.43 -23.79
N LEU D 124 -63.24 2.93 -24.34
CA LEU D 124 -63.26 2.29 -25.68
C LEU D 124 -63.15 3.39 -26.73
N ASP D 125 -63.48 4.63 -26.36
CA ASP D 125 -63.52 5.81 -27.25
C ASP D 125 -62.09 6.31 -27.44
N MET D 126 -61.21 6.04 -26.48
CA MET D 126 -59.77 6.42 -26.56
C MET D 126 -58.91 5.18 -26.90
N LYS D 127 -59.56 4.01 -27.06
CA LYS D 127 -58.97 2.75 -27.57
C LYS D 127 -57.90 2.28 -26.56
N VAL D 128 -58.33 2.19 -25.29
CA VAL D 128 -57.49 1.64 -24.20
C VAL D 128 -57.14 0.21 -24.63
N ALA D 129 -55.85 -0.13 -24.62
CA ALA D 129 -55.33 -1.50 -24.85
C ALA D 129 -55.98 -2.13 -26.07
N PRO D 130 -55.73 -1.60 -27.29
CA PRO D 130 -56.44 -2.04 -28.49
C PRO D 130 -55.81 -3.23 -29.24
N ILE D 131 -54.61 -3.67 -28.81
CA ILE D 131 -53.90 -4.82 -29.46
C ILE D 131 -54.35 -6.14 -28.80
N GLN D 132 -54.64 -6.15 -27.48
CA GLN D 132 -55.01 -7.39 -26.71
C GLN D 132 -56.03 -7.14 -25.58
N GLY D 133 -55.81 -6.16 -24.71
CA GLY D 133 -56.32 -6.13 -23.32
C GLY D 133 -57.74 -5.62 -23.16
N PHE D 134 -58.11 -4.48 -23.76
CA PHE D 134 -59.46 -3.87 -23.51
C PHE D 134 -60.24 -3.62 -24.82
N SER D 135 -59.98 -2.50 -25.50
CA SER D 135 -60.73 -2.06 -26.72
C SER D 135 -60.74 -3.17 -27.79
N ALA D 136 -59.71 -4.05 -27.83
CA ALA D 136 -59.58 -5.20 -28.77
C ALA D 136 -60.65 -6.27 -28.48
N LYS D 137 -61.15 -6.30 -27.25
CA LYS D 137 -62.26 -7.19 -26.84
C LYS D 137 -63.60 -6.52 -27.17
N TRP D 138 -63.59 -5.49 -28.02
CA TRP D 138 -64.84 -4.80 -28.46
C TRP D 138 -64.92 -4.73 -29.99
N ASP D 139 -66.05 -5.19 -30.52
CA ASP D 139 -66.46 -5.09 -31.94
C ASP D 139 -67.00 -3.68 -32.15
N TYR D 140 -66.40 -2.91 -33.04
CA TYR D 140 -66.76 -1.48 -33.28
C TYR D 140 -67.84 -1.37 -34.35
N ASP D 141 -67.96 -2.34 -35.26
CA ASP D 141 -69.00 -2.35 -36.33
C ASP D 141 -70.34 -2.78 -35.71
N LYS D 142 -70.43 -4.02 -35.24
CA LYS D 142 -71.65 -4.57 -34.56
C LYS D 142 -71.91 -3.78 -33.27
N ASN D 143 -70.88 -3.12 -32.69
CA ASN D 143 -71.00 -2.18 -31.55
C ASN D 143 -71.42 -2.98 -30.31
N GLU D 144 -70.66 -4.02 -29.97
CA GLU D 144 -70.95 -4.93 -28.82
C GLU D 144 -69.70 -5.73 -28.47
N TRP D 145 -69.57 -6.17 -27.22
CA TRP D 145 -68.43 -7.04 -26.78
C TRP D 145 -68.36 -8.29 -27.67
N LYS D 146 -67.15 -8.72 -28.01
CA LYS D 146 -66.88 -9.78 -29.00
C LYS D 146 -67.26 -11.14 -28.41
N LYS D 147 -67.69 -12.07 -29.26
CA LYS D 147 -68.10 -13.44 -28.85
C LYS D 147 -67.04 -14.44 -29.33
N HIS E 5 -16.28 -48.06 -4.21
CA HIS E 5 -15.07 -48.18 -5.07
C HIS E 5 -14.85 -49.65 -5.48
N GLU E 6 -15.86 -50.52 -5.30
CA GLU E 6 -15.72 -52.00 -5.39
C GLU E 6 -16.88 -52.57 -6.22
N THR E 7 -16.69 -53.75 -6.82
CA THR E 7 -17.77 -54.54 -7.48
C THR E 7 -18.83 -54.90 -6.44
N ASP E 8 -19.96 -55.46 -6.88
CA ASP E 8 -21.09 -55.93 -6.04
C ASP E 8 -20.74 -57.28 -5.39
N GLU E 9 -19.91 -58.10 -6.04
CA GLU E 9 -19.51 -59.44 -5.53
C GLU E 9 -18.58 -59.25 -4.34
N GLU E 10 -17.70 -58.25 -4.38
CA GLU E 10 -16.81 -57.86 -3.26
C GLU E 10 -17.67 -57.42 -2.07
N PHE E 11 -18.58 -56.46 -2.30
CA PHE E 11 -19.52 -55.89 -1.30
C PHE E 11 -20.20 -57.06 -0.55
N ASP E 12 -21.02 -57.85 -1.27
CA ASP E 12 -21.73 -59.04 -0.73
C ASP E 12 -20.77 -59.91 0.08
N ALA E 13 -19.60 -60.23 -0.48
CA ALA E 13 -18.54 -61.02 0.20
C ALA E 13 -18.14 -60.33 1.50
N ARG E 14 -17.67 -59.07 1.40
CA ARG E 14 -17.05 -58.27 2.51
C ARG E 14 -17.93 -58.28 3.76
N TRP E 15 -19.25 -58.27 3.56
CA TRP E 15 -20.30 -58.15 4.61
C TRP E 15 -20.58 -59.52 5.21
N VAL E 16 -20.74 -60.55 4.37
CA VAL E 16 -20.89 -61.97 4.82
C VAL E 16 -19.71 -62.27 5.74
N THR E 17 -18.49 -61.90 5.36
CA THR E 17 -17.27 -62.11 6.17
C THR E 17 -17.44 -61.43 7.54
N TYR E 18 -17.88 -60.19 7.57
CA TYR E 18 -18.18 -59.39 8.79
C TYR E 18 -19.08 -60.20 9.75
N PHE E 19 -20.11 -60.87 9.20
CA PHE E 19 -21.23 -61.45 9.98
C PHE E 19 -20.96 -62.92 10.35
N ASN E 20 -19.96 -63.53 9.72
CA ASN E 20 -19.52 -64.89 10.08
C ASN E 20 -18.32 -64.81 11.03
N LYS E 21 -18.02 -63.63 11.57
CA LYS E 21 -17.11 -63.49 12.73
C LYS E 21 -17.72 -64.27 13.90
N PRO E 22 -17.01 -65.27 14.48
CA PRO E 22 -17.53 -66.07 15.59
C PRO E 22 -17.52 -65.41 16.98
N ASP E 23 -16.58 -64.49 17.24
CA ASP E 23 -16.59 -63.65 18.45
C ASP E 23 -17.04 -62.23 18.06
N ILE E 24 -17.93 -62.14 17.06
CA ILE E 24 -18.87 -61.01 16.85
C ILE E 24 -19.62 -60.79 18.17
N ASP E 25 -19.79 -59.53 18.57
CA ASP E 25 -20.59 -59.18 19.77
C ASP E 25 -21.80 -58.37 19.30
N ALA E 26 -22.75 -58.12 20.19
CA ALA E 26 -24.00 -57.42 19.82
C ALA E 26 -23.73 -55.95 19.47
N TRP E 27 -22.61 -55.34 19.89
CA TRP E 27 -22.30 -53.97 19.42
C TRP E 27 -22.00 -54.02 17.92
N GLU E 28 -21.38 -55.13 17.47
CA GLU E 28 -20.93 -55.34 16.08
C GLU E 28 -22.11 -55.80 15.20
N LEU E 29 -23.10 -56.46 15.83
CA LEU E 29 -24.32 -57.01 15.16
C LEU E 29 -25.26 -55.87 14.77
N ARG E 30 -25.52 -54.98 15.73
CA ARG E 30 -26.32 -53.74 15.58
C ARG E 30 -25.59 -52.82 14.58
N LYS E 31 -24.36 -52.43 14.87
CA LYS E 31 -23.51 -51.65 13.92
C LYS E 31 -23.80 -52.03 12.46
N GLY E 32 -23.48 -53.27 12.08
CA GLY E 32 -23.50 -53.77 10.70
C GLY E 32 -24.88 -53.75 10.07
N MET E 33 -25.94 -54.06 10.84
CA MET E 33 -27.32 -53.93 10.32
C MET E 33 -27.65 -52.44 10.14
N ASN E 34 -27.31 -51.60 11.10
CA ASN E 34 -27.64 -50.16 11.07
C ASN E 34 -26.77 -49.43 10.04
N THR E 35 -25.64 -50.03 9.66
CA THR E 35 -24.75 -49.48 8.61
C THR E 35 -25.30 -49.85 7.24
N LEU E 36 -25.98 -51.00 7.17
CA LEU E 36 -26.26 -51.70 5.90
C LEU E 36 -27.59 -51.23 5.32
N VAL E 37 -28.59 -51.02 6.17
CA VAL E 37 -29.89 -50.38 5.77
C VAL E 37 -29.63 -48.99 5.18
N GLY E 38 -28.47 -48.40 5.43
CA GLY E 38 -28.14 -47.06 4.89
C GLY E 38 -28.04 -47.03 3.37
N TYR E 39 -27.66 -48.14 2.72
CA TYR E 39 -27.22 -48.23 1.30
C TYR E 39 -28.42 -48.43 0.38
N ASP E 40 -28.27 -48.05 -0.90
CA ASP E 40 -29.38 -48.09 -1.88
C ASP E 40 -29.46 -49.49 -2.43
N LEU E 41 -29.96 -50.43 -1.63
CA LEU E 41 -29.93 -51.86 -1.97
C LEU E 41 -30.57 -52.65 -0.85
N VAL E 42 -31.38 -53.64 -1.22
CA VAL E 42 -31.81 -54.73 -0.31
C VAL E 42 -30.68 -55.75 -0.28
N PRO E 43 -30.19 -56.18 0.91
CA PRO E 43 -29.10 -57.15 0.99
C PRO E 43 -29.43 -58.49 0.28
N GLU E 44 -28.40 -59.16 -0.28
CA GLU E 44 -28.47 -60.57 -0.75
C GLU E 44 -28.86 -61.50 0.40
N PRO E 45 -29.76 -62.47 0.16
CA PRO E 45 -30.13 -63.48 1.16
C PRO E 45 -28.95 -64.14 1.89
N LYS E 46 -27.79 -64.27 1.25
CA LYS E 46 -26.59 -64.93 1.84
C LYS E 46 -26.02 -64.09 2.99
N ILE E 47 -26.21 -62.76 2.98
CA ILE E 47 -25.94 -61.85 4.13
C ILE E 47 -27.05 -62.01 5.18
N ILE E 48 -28.32 -61.98 4.78
CA ILE E 48 -29.42 -62.13 5.77
C ILE E 48 -29.22 -63.46 6.48
N ASP E 49 -28.81 -64.50 5.75
CA ASP E 49 -28.32 -65.80 6.31
C ASP E 49 -27.23 -65.59 7.37
N ALA E 50 -26.14 -64.93 6.99
CA ALA E 50 -24.91 -64.78 7.82
C ALA E 50 -25.29 -64.08 9.11
N ALA E 51 -26.19 -63.09 9.03
CA ALA E 51 -26.66 -62.25 10.15
C ALA E 51 -27.57 -63.06 11.05
N LEU E 52 -28.60 -63.65 10.47
CA LEU E 52 -29.56 -64.55 11.17
C LEU E 52 -28.77 -65.58 12.01
N ARG E 53 -27.59 -66.01 11.52
CA ARG E 53 -26.66 -66.97 12.21
C ARG E 53 -25.75 -66.28 13.25
N ALA E 54 -25.45 -64.99 13.09
CA ALA E 54 -24.69 -64.21 14.11
C ALA E 54 -25.61 -63.94 15.30
N CYS E 55 -26.93 -63.93 15.05
CA CYS E 55 -27.94 -63.75 16.13
C CYS E 55 -27.90 -65.03 16.94
N ARG E 56 -27.93 -66.19 16.26
CA ARG E 56 -27.99 -67.50 16.96
C ARG E 56 -26.76 -67.59 17.87
N ARG E 57 -25.57 -67.23 17.38
CA ARG E 57 -24.33 -67.21 18.21
C ARG E 57 -24.54 -66.35 19.47
N LEU E 58 -25.39 -65.33 19.37
CA LEU E 58 -25.55 -64.22 20.33
C LEU E 58 -26.84 -64.38 21.16
N ASN E 59 -27.63 -65.43 20.87
CA ASN E 59 -28.80 -65.88 21.65
C ASN E 59 -29.81 -64.74 21.71
N ASP E 60 -30.03 -64.14 20.53
CA ASP E 60 -30.98 -63.01 20.33
C ASP E 60 -31.95 -63.33 19.18
N PHE E 61 -33.07 -63.98 19.50
CA PHE E 61 -34.19 -64.33 18.57
C PHE E 61 -34.82 -63.04 18.05
N ALA E 62 -34.95 -62.07 18.94
CA ALA E 62 -35.67 -60.80 18.71
C ALA E 62 -35.07 -60.12 17.49
N SER E 63 -33.81 -59.73 17.56
CA SER E 63 -33.08 -59.01 16.49
C SER E 63 -33.18 -59.78 15.17
N ALA E 64 -33.28 -61.12 15.21
CA ALA E 64 -33.39 -61.96 14.01
C ALA E 64 -34.74 -61.73 13.31
N VAL E 65 -35.78 -61.39 14.08
CA VAL E 65 -37.09 -60.98 13.48
C VAL E 65 -36.85 -59.58 12.92
N ARG E 66 -36.45 -58.63 13.74
CA ARG E 66 -36.29 -57.21 13.34
C ARG E 66 -35.58 -57.14 11.99
N ILE E 67 -34.57 -58.01 11.77
CA ILE E 67 -33.75 -58.04 10.54
C ILE E 67 -34.64 -58.31 9.34
N LEU E 68 -35.56 -59.26 9.50
CA LEU E 68 -36.55 -59.69 8.47
C LEU E 68 -37.55 -58.54 8.23
N GLU E 69 -38.01 -57.85 9.27
CA GLU E 69 -38.83 -56.61 9.13
C GLU E 69 -38.13 -55.59 8.22
N VAL E 70 -36.82 -55.45 8.36
CA VAL E 70 -35.96 -54.42 7.69
C VAL E 70 -35.74 -54.76 6.22
N VAL E 71 -35.55 -56.02 5.92
CA VAL E 71 -35.57 -56.55 4.53
C VAL E 71 -36.83 -55.99 3.85
N LYS E 72 -37.99 -56.23 4.44
CA LYS E 72 -39.28 -55.93 3.76
C LYS E 72 -39.43 -54.41 3.56
N ASP E 73 -38.74 -53.62 4.38
CA ASP E 73 -38.87 -52.15 4.45
C ASP E 73 -37.96 -51.50 3.40
N LYS E 74 -36.73 -52.01 3.28
CA LYS E 74 -35.68 -51.47 2.36
C LYS E 74 -36.19 -51.63 0.91
N ALA E 75 -37.04 -52.64 0.71
CA ALA E 75 -37.74 -52.95 -0.56
C ALA E 75 -38.74 -51.85 -0.93
N GLY E 76 -39.52 -51.37 0.04
CA GLY E 76 -40.61 -50.44 -0.26
C GLY E 76 -41.61 -51.10 -1.21
N PRO E 77 -41.92 -50.45 -2.35
CA PRO E 77 -43.07 -50.81 -3.19
C PRO E 77 -42.81 -52.01 -4.11
N HIS E 78 -41.54 -52.44 -4.18
CA HIS E 78 -41.11 -53.65 -4.93
C HIS E 78 -41.53 -54.86 -4.09
N LYS E 79 -42.80 -55.27 -4.22
CA LYS E 79 -43.51 -56.25 -3.35
C LYS E 79 -42.88 -57.63 -3.48
N GLU E 80 -42.28 -57.90 -4.65
CA GLU E 80 -41.78 -59.25 -5.00
C GLU E 80 -40.44 -59.52 -4.35
N ILE E 81 -39.78 -58.56 -3.69
CA ILE E 81 -38.40 -58.83 -3.18
C ILE E 81 -38.49 -59.74 -1.95
N TYR E 82 -39.25 -59.34 -0.93
CA TYR E 82 -39.34 -60.06 0.36
C TYR E 82 -39.72 -61.51 0.14
N PRO E 83 -40.76 -61.83 -0.66
CA PRO E 83 -41.17 -63.22 -0.87
C PRO E 83 -40.04 -64.10 -1.44
N TYR E 84 -39.19 -63.53 -2.29
CA TYR E 84 -38.09 -64.28 -2.95
C TYR E 84 -36.99 -64.50 -1.91
N VAL E 85 -36.75 -63.49 -1.09
CA VAL E 85 -35.69 -63.53 -0.04
C VAL E 85 -36.06 -64.61 0.96
N ILE E 86 -37.35 -64.73 1.27
CA ILE E 86 -37.95 -65.65 2.31
C ILE E 86 -38.00 -67.08 1.75
N GLN E 87 -37.99 -67.23 0.43
CA GLN E 87 -37.73 -68.52 -0.27
C GLN E 87 -36.26 -68.87 0.00
N GLU E 88 -35.31 -68.14 -0.58
CA GLU E 88 -33.84 -68.38 -0.44
C GLU E 88 -33.41 -68.66 1.02
N LEU E 89 -34.10 -68.10 2.01
CA LEU E 89 -33.76 -68.23 3.46
C LEU E 89 -34.52 -69.38 4.15
N ARG E 90 -35.66 -69.83 3.62
CA ARG E 90 -36.49 -70.93 4.19
C ARG E 90 -35.63 -72.00 4.86
N PRO E 91 -34.55 -72.51 4.23
CA PRO E 91 -33.67 -73.47 4.90
C PRO E 91 -33.14 -73.01 6.27
N THR E 92 -32.28 -71.98 6.30
CA THR E 92 -31.72 -71.34 7.52
C THR E 92 -32.81 -70.99 8.52
N LEU E 93 -34.01 -70.67 8.03
CA LEU E 93 -35.11 -70.21 8.90
C LEU E 93 -35.56 -71.42 9.74
N ASN E 94 -35.98 -72.51 9.09
CA ASN E 94 -36.49 -73.74 9.76
C ASN E 94 -35.34 -74.55 10.38
N GLU E 95 -34.10 -74.36 9.92
CA GLU E 95 -32.91 -74.86 10.67
C GLU E 95 -32.95 -74.30 12.11
N LEU E 96 -33.18 -72.99 12.27
CA LEU E 96 -32.95 -72.26 13.56
C LEU E 96 -34.28 -71.91 14.24
N GLY E 97 -35.42 -72.36 13.71
CA GLY E 97 -36.76 -72.04 14.25
C GLY E 97 -36.97 -70.54 14.40
N ILE E 98 -36.44 -69.76 13.44
CA ILE E 98 -36.68 -68.29 13.31
C ILE E 98 -38.04 -68.19 12.63
N SER E 99 -39.02 -67.62 13.30
CA SER E 99 -40.34 -67.33 12.72
C SER E 99 -40.33 -65.90 12.16
N THR E 100 -41.02 -65.68 11.05
CA THR E 100 -41.06 -64.40 10.32
C THR E 100 -42.03 -63.43 10.97
N PRO E 101 -41.91 -62.09 10.74
CA PRO E 101 -42.90 -61.15 11.25
C PRO E 101 -44.33 -61.64 11.01
N GLU E 102 -44.58 -62.11 9.78
CA GLU E 102 -45.91 -62.50 9.24
C GLU E 102 -46.52 -63.61 10.08
N GLU E 103 -45.67 -64.49 10.61
CA GLU E 103 -46.07 -65.68 11.41
C GLU E 103 -46.36 -65.24 12.85
N LEU E 104 -45.50 -64.43 13.46
CA LEU E 104 -45.68 -63.94 14.86
C LEU E 104 -46.82 -62.94 14.95
N GLY E 105 -47.36 -62.48 13.80
CA GLY E 105 -48.50 -61.56 13.73
C GLY E 105 -48.09 -60.09 13.86
N LEU E 106 -46.79 -59.81 13.76
CA LEU E 106 -46.24 -58.42 13.90
C LEU E 106 -46.22 -57.72 12.53
N ASP E 107 -47.16 -58.05 11.64
CA ASP E 107 -47.45 -57.23 10.43
C ASP E 107 -48.85 -56.63 10.54
N LYS E 108 -49.54 -56.87 11.65
CA LYS E 108 -50.87 -56.32 11.99
C LYS E 108 -50.73 -54.92 12.60
N VAL E 109 -51.56 -53.98 12.14
CA VAL E 109 -51.70 -52.61 12.73
C VAL E 109 -52.39 -52.72 14.10
N ALA F 1 23.06 0.34 29.53
CA ALA F 1 22.29 -0.70 30.28
C ALA F 1 20.80 -0.35 30.22
N SER F 2 19.94 -1.29 30.62
CA SER F 2 18.46 -1.12 30.71
C SER F 2 18.13 -0.37 32.01
N GLY F 3 18.62 -0.91 33.14
CA GLY F 3 18.08 -0.71 34.51
C GLY F 3 17.08 -1.81 34.83
N GLY F 4 16.36 -2.31 33.81
CA GLY F 4 15.20 -3.21 33.98
C GLY F 4 13.98 -2.40 34.31
N GLY F 5 13.29 -2.76 35.40
CA GLY F 5 12.12 -2.04 35.95
C GLY F 5 10.83 -2.55 35.37
N VAL F 6 10.93 -3.41 34.37
CA VAL F 6 9.78 -4.12 33.76
C VAL F 6 9.71 -5.50 34.42
N PRO F 7 8.60 -5.81 35.10
CA PRO F 7 8.41 -7.14 35.66
C PRO F 7 8.27 -8.11 34.50
N THR F 8 8.40 -9.42 34.77
CA THR F 8 8.33 -10.50 33.77
C THR F 8 7.19 -11.43 34.21
N ASP F 9 6.60 -12.18 33.28
CA ASP F 9 5.50 -13.14 33.57
C ASP F 9 5.89 -14.06 34.73
N GLU F 10 7.08 -14.68 34.66
CA GLU F 10 7.70 -15.48 35.77
C GLU F 10 7.42 -14.80 37.14
N GLU F 11 7.46 -13.48 37.21
CA GLU F 11 7.36 -12.71 38.48
C GLU F 11 5.92 -12.29 38.80
N GLN F 12 5.14 -11.81 37.83
CA GLN F 12 3.92 -10.99 38.09
C GLN F 12 2.66 -11.67 37.59
N ALA F 13 2.80 -12.78 36.88
CA ALA F 13 1.65 -13.60 36.44
C ALA F 13 1.05 -14.26 37.67
N THR F 14 -0.29 -14.23 37.78
CA THR F 14 -1.05 -14.81 38.91
C THR F 14 -2.26 -15.53 38.31
N GLY F 15 -3.08 -16.17 39.14
CA GLY F 15 -4.31 -16.89 38.74
C GLY F 15 -4.08 -17.87 37.61
N LEU F 16 -5.10 -18.06 36.76
CA LEU F 16 -5.16 -19.15 35.75
C LEU F 16 -4.03 -18.99 34.73
N GLU F 17 -3.62 -17.76 34.45
CA GLU F 17 -2.61 -17.44 33.43
C GLU F 17 -1.30 -18.09 33.87
N ARG F 18 -1.03 -18.02 35.18
CA ARG F 18 0.14 -18.62 35.89
C ARG F 18 0.03 -20.14 35.80
N GLU F 19 -1.13 -20.69 36.19
CA GLU F 19 -1.34 -22.16 36.25
C GLU F 19 -1.06 -22.80 34.88
N VAL F 20 -1.32 -22.08 33.79
CA VAL F 20 -1.07 -22.56 32.41
C VAL F 20 0.44 -22.46 32.15
N MET F 21 1.02 -21.29 32.45
CA MET F 21 2.45 -21.03 32.23
C MET F 21 3.27 -22.09 32.97
N LEU F 22 2.91 -22.41 34.22
CA LEU F 22 3.60 -23.40 35.09
C LEU F 22 3.38 -24.83 34.59
N ALA F 23 2.15 -25.18 34.24
CA ALA F 23 1.82 -26.52 33.70
C ALA F 23 2.54 -26.76 32.37
N ALA F 24 2.54 -25.78 31.45
CA ALA F 24 3.10 -25.89 30.08
C ALA F 24 4.57 -26.29 30.14
N ARG F 25 5.32 -25.69 31.07
CA ARG F 25 6.79 -25.85 31.23
C ARG F 25 7.13 -27.30 31.58
N LYS F 26 6.25 -27.99 32.33
CA LYS F 26 6.37 -29.42 32.76
C LYS F 26 5.81 -30.37 31.68
N GLY F 27 5.26 -29.82 30.60
CA GLY F 27 4.76 -30.59 29.44
C GLY F 27 3.41 -31.22 29.71
N GLN F 28 2.45 -30.42 30.21
CA GLN F 28 1.08 -30.85 30.55
C GLN F 28 0.09 -29.78 30.07
N ASP F 29 -1.11 -30.21 29.66
CA ASP F 29 -2.16 -29.30 29.14
C ASP F 29 -3.43 -29.52 29.94
N PRO F 30 -3.44 -29.12 31.23
CA PRO F 30 -4.56 -29.35 32.15
C PRO F 30 -5.84 -28.58 31.81
N TYR F 31 -5.66 -27.49 31.05
CA TYR F 31 -6.73 -26.55 30.64
C TYR F 31 -6.94 -26.62 29.12
N ASN F 32 -6.50 -27.69 28.45
CA ASN F 32 -7.12 -28.23 27.19
C ASN F 32 -6.95 -27.24 26.03
N ILE F 33 -5.78 -26.63 25.94
CA ILE F 33 -5.37 -25.62 24.94
C ILE F 33 -4.85 -26.34 23.68
N LEU F 34 -4.06 -27.39 23.84
CA LEU F 34 -3.52 -28.20 22.72
C LEU F 34 -4.55 -29.31 22.37
N ALA F 35 -4.46 -29.87 21.16
CA ALA F 35 -5.29 -31.02 20.75
C ALA F 35 -4.57 -32.27 21.23
N PRO F 36 -5.24 -33.21 21.94
CA PRO F 36 -4.69 -34.55 22.16
C PRO F 36 -4.29 -35.25 20.86
N LYS F 37 -3.26 -36.09 20.95
CA LYS F 37 -2.75 -37.00 19.88
C LYS F 37 -3.47 -38.36 20.01
N ALA F 38 -3.81 -38.98 18.88
CA ALA F 38 -4.64 -40.21 18.82
C ALA F 38 -3.78 -41.47 18.97
N THR F 39 -4.37 -42.56 19.44
CA THR F 39 -3.71 -43.90 19.48
C THR F 39 -4.17 -44.74 18.28
N SER F 40 -3.72 -45.98 18.19
CA SER F 40 -4.26 -47.00 17.26
C SER F 40 -5.79 -47.04 17.41
N GLY F 41 -6.32 -46.94 18.63
CA GLY F 41 -7.76 -46.85 18.92
C GLY F 41 -8.40 -48.22 18.94
N THR F 42 -7.59 -49.27 19.05
CA THR F 42 -8.04 -50.67 19.23
C THR F 42 -8.50 -50.84 20.69
N LYS F 43 -9.06 -51.99 21.10
CA LYS F 43 -9.50 -52.23 22.50
C LYS F 43 -8.30 -52.31 23.45
N GLU F 44 -7.16 -52.77 22.93
CA GLU F 44 -5.92 -53.01 23.72
C GLU F 44 -5.23 -51.66 23.94
N ASP F 45 -5.27 -50.81 22.90
CA ASP F 45 -4.67 -49.45 22.86
C ASP F 45 -5.74 -48.41 22.58
N PRO F 46 -6.71 -48.21 23.51
CA PRO F 46 -7.76 -47.20 23.35
C PRO F 46 -7.28 -45.75 23.57
N ASN F 47 -8.13 -44.80 23.22
CA ASN F 47 -7.86 -43.33 23.30
C ASN F 47 -8.24 -42.89 24.71
N LEU F 48 -7.26 -42.53 25.54
CA LEU F 48 -7.44 -42.14 26.97
C LEU F 48 -7.96 -40.70 27.08
N VAL F 49 -9.06 -40.49 27.81
CA VAL F 49 -9.79 -39.19 27.88
C VAL F 49 -9.75 -38.68 29.31
N PRO F 50 -8.80 -37.81 29.69
CA PRO F 50 -8.70 -37.38 31.07
C PRO F 50 -9.92 -36.52 31.37
N SER F 51 -10.61 -36.75 32.49
CA SER F 51 -11.83 -36.01 32.90
C SER F 51 -11.80 -35.68 34.39
N ILE F 52 -12.52 -34.63 34.81
CA ILE F 52 -12.70 -34.27 36.26
C ILE F 52 -14.04 -34.84 36.75
N THR F 53 -14.82 -35.50 35.91
CA THR F 53 -16.16 -36.05 36.29
C THR F 53 -16.32 -37.49 35.78
N ASN F 54 -17.51 -38.06 35.95
CA ASN F 54 -17.80 -39.48 35.61
C ASN F 54 -18.23 -39.61 34.14
N LYS F 55 -18.43 -38.49 33.44
CA LYS F 55 -18.65 -38.49 31.97
C LYS F 55 -17.94 -37.28 31.36
N ARG F 56 -17.58 -37.39 30.08
CA ARG F 56 -17.16 -36.23 29.26
C ARG F 56 -17.47 -36.50 27.78
N ILE F 57 -18.02 -35.50 27.07
CA ILE F 57 -18.40 -35.59 25.62
C ILE F 57 -17.15 -35.68 24.78
N VAL F 58 -17.00 -36.77 24.04
CA VAL F 58 -15.96 -36.98 22.98
C VAL F 58 -16.53 -36.62 21.61
N GLY F 59 -15.74 -35.99 20.73
CA GLY F 59 -16.07 -35.83 19.30
C GLY F 59 -15.15 -36.68 18.42
N CYS F 60 -15.66 -37.45 17.45
CA CYS F 60 -14.83 -38.38 16.64
C CYS F 60 -14.77 -37.94 15.17
N ILE F 61 -13.63 -37.41 14.72
CA ILE F 61 -13.43 -37.15 13.28
C ILE F 61 -12.96 -38.47 12.70
N CYS F 62 -13.90 -39.25 12.14
CA CYS F 62 -13.73 -40.70 11.84
C CYS F 62 -12.64 -40.88 10.79
N GLU F 63 -12.58 -40.00 9.79
CA GLU F 63 -11.45 -39.86 8.84
C GLU F 63 -11.10 -38.37 8.68
N GLU F 64 -9.82 -38.06 8.49
CA GLU F 64 -9.27 -36.71 8.13
C GLU F 64 -10.27 -35.96 7.25
N ASP F 65 -10.45 -34.66 7.45
CA ASP F 65 -11.14 -33.67 6.54
C ASP F 65 -12.66 -33.89 6.43
N ASN F 66 -13.16 -35.10 6.75
CA ASN F 66 -14.57 -35.37 7.13
C ASN F 66 -15.24 -34.06 7.58
N SER F 67 -16.45 -33.77 7.08
CA SER F 67 -17.16 -32.50 7.41
C SER F 67 -17.91 -32.59 8.75
N THR F 68 -18.06 -33.78 9.35
CA THR F 68 -19.04 -34.09 10.41
C THR F 68 -18.35 -34.77 11.59
N VAL F 69 -18.28 -34.11 12.74
CA VAL F 69 -17.78 -34.76 13.98
C VAL F 69 -18.94 -35.55 14.59
N ILE F 70 -18.67 -36.82 14.91
CA ILE F 70 -19.55 -37.71 15.70
C ILE F 70 -19.31 -37.45 17.18
N TRP F 71 -20.38 -37.07 17.87
CA TRP F 71 -20.37 -36.69 19.30
C TRP F 71 -21.15 -37.73 20.11
N PHE F 72 -20.72 -37.97 21.34
CA PHE F 72 -21.41 -38.88 22.27
C PHE F 72 -20.81 -38.65 23.65
N TRP F 73 -21.57 -39.06 24.67
CA TRP F 73 -21.14 -39.02 26.07
C TRP F 73 -20.19 -40.19 26.33
N LEU F 74 -19.10 -39.93 27.04
CA LEU F 74 -18.17 -41.00 27.48
C LEU F 74 -18.24 -41.18 29.00
N HIS F 75 -18.36 -42.44 29.44
CA HIS F 75 -18.56 -42.80 30.86
C HIS F 75 -17.36 -43.60 31.39
N LYS F 76 -16.99 -43.37 32.65
CA LYS F 76 -16.21 -44.32 33.49
C LYS F 76 -16.71 -45.73 33.21
N GLY F 77 -15.82 -46.68 32.94
CA GLY F 77 -16.22 -48.07 32.68
C GLY F 77 -15.26 -48.80 31.75
N GLU F 78 -15.80 -49.81 31.05
CA GLU F 78 -15.20 -50.46 29.85
C GLU F 78 -14.85 -49.33 28.89
N ALA F 79 -13.98 -49.56 27.91
CA ALA F 79 -13.80 -48.60 26.79
C ALA F 79 -15.13 -48.49 26.02
N GLN F 80 -15.32 -47.38 25.30
CA GLN F 80 -16.47 -47.13 24.41
C GLN F 80 -15.95 -46.90 23.00
N ARG F 81 -16.65 -47.41 21.99
CA ARG F 81 -16.33 -47.27 20.55
C ARG F 81 -17.27 -46.24 19.92
N CYS F 82 -16.73 -45.33 19.10
CA CYS F 82 -17.49 -44.41 18.22
C CYS F 82 -18.53 -45.23 17.47
N PRO F 83 -19.81 -44.77 17.44
CA PRO F 83 -20.85 -45.47 16.71
C PRO F 83 -20.67 -45.36 15.19
N SER F 84 -19.74 -44.52 14.68
CA SER F 84 -19.39 -44.48 13.23
C SER F 84 -18.27 -45.49 12.92
N CYS F 85 -17.02 -45.21 13.28
CA CYS F 85 -15.82 -46.00 12.85
C CYS F 85 -15.39 -47.09 13.86
N GLY F 86 -16.04 -47.20 15.02
CA GLY F 86 -15.75 -48.22 16.06
C GLY F 86 -14.39 -48.01 16.72
N THR F 87 -13.90 -46.77 16.71
CA THR F 87 -12.63 -46.39 17.38
C THR F 87 -12.89 -46.41 18.88
N HIS F 88 -11.90 -46.78 19.69
CA HIS F 88 -12.10 -47.05 21.14
C HIS F 88 -11.55 -45.87 21.92
N TYR F 89 -12.23 -45.57 23.03
CA TYR F 89 -12.00 -44.40 23.92
C TYR F 89 -12.26 -44.88 25.34
N LYS F 90 -11.47 -44.39 26.30
CA LYS F 90 -11.57 -44.79 27.74
C LYS F 90 -11.38 -43.56 28.64
N LEU F 91 -12.23 -43.43 29.66
CA LEU F 91 -12.26 -42.25 30.56
C LEU F 91 -11.15 -42.48 31.61
N VAL F 92 -10.44 -41.43 32.01
CA VAL F 92 -9.26 -41.51 32.91
C VAL F 92 -9.40 -40.45 34.01
N PRO F 93 -10.32 -40.62 34.99
CA PRO F 93 -10.50 -39.62 36.04
C PRO F 93 -9.18 -39.31 36.76
N HIS F 94 -9.01 -38.03 37.10
CA HIS F 94 -8.01 -37.47 38.04
C HIS F 94 -8.65 -36.25 38.74
N GLN F 95 -7.87 -35.21 39.07
CA GLN F 95 -8.38 -34.02 39.81
C GLN F 95 -7.41 -32.84 39.69
N LEU F 96 -7.73 -31.72 40.37
CA LEU F 96 -6.92 -30.47 40.42
C LEU F 96 -7.20 -29.70 41.73
N ALA F 97 -7.00 -30.35 42.88
CA ALA F 97 -7.17 -29.78 44.24
C ALA F 97 -5.94 -28.95 44.64
N HIS F 98 -4.84 -29.62 45.02
CA HIS F 98 -3.51 -29.02 45.36
C HIS F 98 -2.44 -29.61 44.42
N ALA G 1 13.75 4.20 -3.33
CA ALA G 1 12.89 5.36 -2.95
C ALA G 1 13.67 6.68 -3.12
N SER G 2 13.03 7.79 -2.77
CA SER G 2 13.68 9.10 -2.48
C SER G 2 14.11 9.11 -1.00
N ALA G 3 14.81 8.06 -0.56
CA ALA G 3 15.20 7.81 0.86
C ALA G 3 16.23 6.67 0.92
N ALA G 4 17.28 6.85 1.74
CA ALA G 4 18.50 6.01 1.73
C ALA G 4 19.30 6.23 3.03
N LYS G 5 19.64 5.14 3.74
CA LYS G 5 20.25 5.18 5.10
C LYS G 5 21.15 3.96 5.33
N GLY G 6 20.55 2.77 5.51
CA GLY G 6 21.25 1.46 5.58
C GLY G 6 20.88 0.68 6.82
N ASP G 7 20.32 -0.53 6.66
CA ASP G 7 19.84 -1.43 7.75
C ASP G 7 20.80 -1.34 8.95
N HIS G 8 20.24 -1.23 10.17
CA HIS G 8 21.00 -1.32 11.44
C HIS G 8 20.38 -2.39 12.33
N GLY G 9 20.55 -3.66 11.93
CA GLY G 9 20.25 -4.84 12.77
C GLY G 9 21.22 -4.95 13.94
N GLY G 10 21.02 -4.13 14.98
CA GLY G 10 22.01 -3.88 16.06
C GLY G 10 21.41 -3.89 17.46
N TPO G 11 20.22 -3.29 17.60
CA TPO G 11 19.33 -3.53 18.73
CB TPO G 11 20.01 -3.20 20.08
CG2 TPO G 11 19.17 -2.38 21.03
OG1 TPO G 11 20.33 -4.49 20.74
P TPO G 11 19.25 -5.52 21.41
O1P TPO G 11 19.08 -5.05 22.84
O2P TPO G 11 19.90 -6.88 21.31
O3P TPO G 11 17.96 -5.43 20.61
C TPO G 11 18.03 -2.77 18.48
O TPO G 11 18.01 -1.85 17.66
N GLY G 12 16.95 -3.18 19.16
CA GLY G 12 15.62 -2.68 18.87
C GLY G 12 15.37 -1.30 19.45
N ALA G 13 15.15 -1.23 20.76
CA ALA G 13 14.83 -0.02 21.51
C ALA G 13 15.86 1.08 21.21
N ARG G 14 17.10 0.70 20.89
CA ARG G 14 18.20 1.64 20.60
C ARG G 14 17.99 2.24 19.22
N THR G 15 17.73 1.41 18.22
CA THR G 15 17.64 1.90 16.81
C THR G 15 16.46 2.87 16.71
N TRP G 16 15.33 2.52 17.32
CA TRP G 16 14.06 3.27 17.17
C TRP G 16 14.16 4.55 18.00
N ARG G 17 15.02 4.57 19.01
CA ARG G 17 15.49 5.80 19.70
C ARG G 17 16.40 6.59 18.76
N PHE G 18 17.48 6.00 18.25
CA PHE G 18 18.33 6.60 17.19
C PHE G 18 17.44 7.33 16.18
N LEU G 19 16.48 6.61 15.61
CA LEU G 19 15.58 7.15 14.56
C LEU G 19 14.71 8.29 15.11
N THR G 20 14.17 8.15 16.32
CA THR G 20 13.33 9.18 16.97
C THR G 20 14.15 10.46 16.98
N PHE G 21 15.24 10.45 17.74
CA PHE G 21 16.09 11.65 18.03
C PHE G 21 16.88 12.11 16.80
N GLY G 22 17.35 11.18 15.99
CA GLY G 22 18.16 11.47 14.79
C GLY G 22 17.33 12.00 13.65
N LEU G 23 16.17 11.38 13.34
CA LEU G 23 15.38 11.65 12.09
C LEU G 23 14.04 12.29 12.43
N ALA G 24 13.24 11.70 13.32
CA ALA G 24 11.79 11.97 13.52
C ALA G 24 11.56 13.40 14.06
N LEU G 25 12.19 13.73 15.18
CA LEU G 25 12.00 15.03 15.85
C LEU G 25 12.71 16.14 15.06
N PRO G 26 13.96 15.93 14.53
CA PRO G 26 14.57 16.90 13.63
C PRO G 26 13.58 17.34 12.55
N SER G 27 12.83 16.40 11.97
CA SER G 27 11.81 16.70 10.93
C SER G 27 10.85 17.72 11.50
N VAL G 28 10.39 17.47 12.70
CA VAL G 28 9.33 18.33 13.29
C VAL G 28 9.91 19.72 13.58
N ALA G 29 11.21 19.85 13.83
CA ALA G 29 11.86 21.17 14.06
C ALA G 29 11.98 21.90 12.72
N LEU G 30 12.54 21.26 11.69
CA LEU G 30 12.66 21.82 10.32
C LEU G 30 11.29 22.26 9.87
N CYS G 31 10.32 21.35 9.96
CA CYS G 31 8.92 21.61 9.55
C CYS G 31 8.36 22.79 10.33
N THR G 32 8.81 23.03 11.57
CA THR G 32 8.35 24.17 12.41
C THR G 32 9.08 25.43 11.94
N LEU G 33 10.41 25.40 11.80
CA LEU G 33 11.18 26.51 11.16
C LEU G 33 10.44 27.00 9.91
N ASN G 34 9.83 26.07 9.15
CA ASN G 34 9.27 26.31 7.78
C ASN G 34 7.84 26.82 7.84
N SER G 35 7.24 26.90 9.03
CA SER G 35 5.83 27.33 9.28
C SER G 35 5.84 28.59 10.14
N TRP G 36 6.69 28.60 11.18
CA TRP G 36 6.92 29.76 12.08
C TRP G 36 7.50 30.91 11.25
N LEU G 37 7.81 30.68 9.96
CA LEU G 37 8.11 31.72 8.92
C LEU G 37 6.91 31.94 8.00
N HIS G 38 6.41 30.89 7.33
CA HIS G 38 5.39 30.95 6.24
C HIS G 38 3.95 31.13 6.76
N SER G 39 3.72 31.08 8.07
CA SER G 39 2.38 31.28 8.71
C SER G 39 2.31 32.68 9.35
N GLY G 40 1.45 33.54 8.78
CA GLY G 40 1.21 34.93 9.21
C GLY G 40 -0.01 35.52 8.53
N HIS G 41 -0.87 36.22 9.29
CA HIS G 41 -2.21 36.75 8.88
C HIS G 41 -2.15 37.28 7.44
N ARG G 42 -2.36 36.40 6.46
CA ARG G 42 -2.40 36.76 5.01
C ARG G 42 -3.71 37.54 4.74
N GLU G 43 -3.69 38.46 3.76
CA GLU G 43 -4.79 39.43 3.47
C GLU G 43 -6.11 38.66 3.36
N ARG G 44 -7.15 39.13 4.06
CA ARG G 44 -8.48 38.45 4.12
C ARG G 44 -9.22 38.69 2.80
N PRO G 45 -10.15 37.78 2.43
CA PRO G 45 -10.85 37.89 1.14
C PRO G 45 -11.94 38.97 1.12
N ALA G 46 -12.03 39.70 0.01
CA ALA G 46 -13.18 40.57 -0.28
C ALA G 46 -14.42 39.67 -0.23
N PHE G 47 -15.51 40.16 0.36
CA PHE G 47 -16.81 39.44 0.51
C PHE G 47 -17.60 39.53 -0.80
N ILE G 48 -18.16 38.39 -1.21
CA ILE G 48 -19.15 38.26 -2.31
C ILE G 48 -20.27 37.39 -1.76
N PRO G 49 -21.55 37.82 -1.83
CA PRO G 49 -22.62 37.05 -1.20
C PRO G 49 -23.00 35.74 -1.92
N TYR G 50 -22.00 34.90 -2.27
CA TYR G 50 -22.17 33.65 -3.06
C TYR G 50 -23.18 32.71 -2.39
N HIS G 51 -24.19 32.23 -3.10
CA HIS G 51 -25.38 31.57 -2.47
C HIS G 51 -25.07 30.12 -2.02
N HIS G 52 -23.95 29.55 -2.50
CA HIS G 52 -23.48 28.16 -2.23
C HIS G 52 -22.56 28.12 -1.01
N LEU G 53 -22.27 29.29 -0.41
CA LEU G 53 -21.46 29.45 0.83
C LEU G 53 -22.32 30.13 1.89
N ARG G 54 -21.90 30.04 3.17
CA ARG G 54 -22.60 30.62 4.36
C ARG G 54 -24.06 30.16 4.35
N ILE G 55 -24.25 28.88 4.06
CA ILE G 55 -25.56 28.18 4.17
C ILE G 55 -26.16 28.45 5.55
N ARG G 56 -27.45 28.74 5.61
CA ARG G 56 -28.25 28.70 6.86
C ARG G 56 -29.60 28.09 6.51
N THR G 57 -29.73 26.78 6.60
CA THR G 57 -30.98 26.04 6.30
C THR G 57 -31.78 25.90 7.60
N LYS G 58 -31.07 25.93 8.73
CA LYS G 58 -31.59 25.90 10.13
C LYS G 58 -30.58 26.58 11.05
N PRO G 59 -31.03 27.42 12.01
CA PRO G 59 -30.09 28.08 12.92
C PRO G 59 -29.24 27.02 13.62
N PHE G 60 -28.00 27.34 13.94
CA PHE G 60 -27.17 26.52 14.86
C PHE G 60 -27.87 26.46 16.21
N SER G 61 -27.45 25.55 17.10
CA SER G 61 -28.13 25.29 18.39
C SER G 61 -27.39 26.00 19.53
N TRP G 62 -26.81 27.16 19.22
CA TRP G 62 -25.92 27.95 20.10
C TRP G 62 -25.78 29.38 19.57
N GLY G 63 -25.01 30.23 20.26
CA GLY G 63 -24.81 31.65 19.91
C GLY G 63 -26.14 32.30 19.59
N ASP G 64 -26.11 33.26 18.67
CA ASP G 64 -27.33 33.82 18.03
C ASP G 64 -27.82 32.88 16.93
N GLY G 65 -27.08 31.81 16.64
CA GLY G 65 -27.49 30.74 15.72
C GLY G 65 -27.19 31.11 14.27
N ASN G 66 -26.28 32.07 14.08
CA ASN G 66 -25.83 32.52 12.76
C ASN G 66 -24.30 32.53 12.72
N HIS G 67 -23.65 32.06 13.79
CA HIS G 67 -22.17 31.99 13.94
C HIS G 67 -21.72 30.53 14.03
N THR G 68 -20.72 30.12 13.23
CA THR G 68 -20.11 28.77 13.30
C THR G 68 -19.36 28.62 14.62
N PHE G 69 -18.84 27.44 14.91
CA PHE G 69 -18.31 27.07 16.25
C PHE G 69 -16.94 27.73 16.46
N PHE G 70 -16.08 27.65 15.44
CA PHE G 70 -14.71 28.24 15.49
C PHE G 70 -14.69 29.52 14.70
N HIS G 71 -15.82 30.24 14.68
CA HIS G 71 -16.01 31.50 13.92
C HIS G 71 -14.96 32.52 14.37
N ASN G 72 -14.29 33.15 13.42
CA ASN G 72 -13.19 34.13 13.62
C ASN G 72 -13.63 35.43 12.95
N PRO G 73 -14.04 36.46 13.73
CA PRO G 73 -14.59 37.67 13.13
C PRO G 73 -13.72 38.23 12.00
N ARG G 74 -12.40 38.02 12.06
CA ARG G 74 -11.40 38.67 11.17
C ARG G 74 -11.46 38.06 9.77
N VAL G 75 -11.80 36.79 9.62
CA VAL G 75 -11.61 36.02 8.36
C VAL G 75 -12.89 35.29 7.96
N ASN G 76 -13.94 35.33 8.78
CA ASN G 76 -15.16 34.51 8.60
C ASN G 76 -16.38 35.42 8.48
N PRO G 77 -16.78 35.81 7.25
CA PRO G 77 -17.98 36.63 7.08
C PRO G 77 -19.25 35.90 7.50
N LEU G 78 -20.32 36.66 7.76
CA LEU G 78 -21.68 36.10 7.94
C LEU G 78 -22.35 36.08 6.56
N PRO G 79 -23.59 35.54 6.43
CA PRO G 79 -24.30 35.55 5.14
C PRO G 79 -24.41 36.94 4.50
N THR G 80 -24.54 37.95 5.37
CA THR G 80 -24.83 39.36 5.01
C THR G 80 -23.56 40.20 5.04
N GLY G 81 -22.40 39.57 5.18
CA GLY G 81 -21.09 40.23 5.12
C GLY G 81 -20.37 40.26 6.45
N TYR G 82 -19.12 40.74 6.41
CA TYR G 82 -18.14 40.77 7.52
C TYR G 82 -18.71 41.46 8.76
N GLU G 83 -18.22 41.05 9.94
CA GLU G 83 -18.45 41.74 11.23
C GLU G 83 -17.39 42.81 11.43
N LYS G 84 -17.73 43.95 12.06
CA LYS G 84 -16.78 45.08 12.26
C LYS G 84 -15.69 44.65 13.26
N LYS H 7 -28.57 27.12 -41.02
CA LYS H 7 -28.59 26.23 -39.81
C LYS H 7 -29.77 26.64 -38.91
N ILE H 8 -29.74 27.86 -38.38
CA ILE H 8 -30.74 28.41 -37.40
C ILE H 8 -32.08 28.64 -38.11
N LYS H 9 -32.09 28.79 -39.44
CA LYS H 9 -33.32 28.92 -40.26
C LYS H 9 -34.16 27.65 -40.05
N ASN H 10 -33.52 26.48 -39.95
CA ASN H 10 -34.18 25.15 -39.81
C ASN H 10 -34.02 24.59 -38.40
N TYR H 11 -33.59 25.40 -37.41
CA TYR H 11 -33.47 24.98 -35.98
C TYR H 11 -34.85 24.54 -35.48
N GLN H 12 -34.97 23.25 -35.17
CA GLN H 12 -36.11 22.68 -34.41
C GLN H 12 -35.75 22.70 -32.93
N THR H 13 -34.64 22.04 -32.56
CA THR H 13 -34.12 21.91 -31.17
C THR H 13 -32.66 21.43 -31.21
N ALA H 14 -32.07 21.16 -30.05
CA ALA H 14 -30.62 20.88 -29.96
C ALA H 14 -30.40 19.47 -30.46
N PRO H 15 -29.38 19.25 -31.30
CA PRO H 15 -28.98 17.91 -31.69
C PRO H 15 -28.25 17.22 -30.54
N PHE H 16 -27.99 15.94 -30.73
CA PHE H 16 -27.07 15.13 -29.94
C PHE H 16 -25.70 15.81 -29.96
N ASP H 17 -25.09 16.02 -28.80
CA ASP H 17 -23.72 16.57 -28.62
C ASP H 17 -22.82 15.41 -28.21
N SER H 18 -21.92 14.97 -29.07
CA SER H 18 -21.07 13.77 -28.82
C SER H 18 -20.32 13.92 -27.47
N ARG H 19 -20.30 15.12 -26.87
CA ARG H 19 -19.56 15.44 -25.62
C ARG H 19 -20.45 15.09 -24.42
N PHE H 20 -21.74 14.98 -24.68
CA PHE H 20 -22.78 14.73 -23.66
C PHE H 20 -23.64 13.59 -24.16
N PRO H 21 -23.14 12.34 -24.15
CA PRO H 21 -23.93 11.20 -24.64
C PRO H 21 -24.86 10.57 -23.59
N ASN H 22 -24.71 10.94 -22.33
CA ASN H 22 -25.31 10.20 -21.19
C ASN H 22 -26.66 10.83 -20.78
N GLN H 23 -27.51 10.08 -20.11
CA GLN H 23 -28.87 10.52 -19.76
C GLN H 23 -28.80 11.82 -18.94
N ASN H 24 -27.74 11.99 -18.14
CA ASN H 24 -27.49 13.25 -17.39
C ASN H 24 -26.96 14.32 -18.36
N GLN H 25 -27.73 15.40 -18.46
CA GLN H 25 -27.54 16.49 -19.45
C GLN H 25 -27.43 17.82 -18.71
N THR H 26 -27.08 17.79 -17.40
CA THR H 26 -27.00 18.98 -16.52
C THR H 26 -25.86 19.87 -17.02
N ARG H 27 -24.77 19.25 -17.48
CA ARG H 27 -23.59 19.98 -18.01
C ARG H 27 -23.89 20.57 -19.40
N ASN H 28 -24.74 19.92 -20.21
CA ASN H 28 -25.21 20.41 -21.54
C ASN H 28 -25.81 21.82 -21.41
N CYS H 29 -26.85 21.97 -20.58
CA CYS H 29 -27.52 23.24 -20.18
C CYS H 29 -26.50 24.23 -19.61
N TRP H 30 -25.55 23.71 -18.82
CA TRP H 30 -24.52 24.49 -18.11
C TRP H 30 -23.53 25.04 -19.13
N GLN H 31 -22.97 24.21 -20.00
CA GLN H 31 -21.82 24.62 -20.84
C GLN H 31 -22.30 25.61 -21.90
N ASN H 32 -23.50 25.38 -22.45
CA ASN H 32 -24.06 26.20 -23.56
C ASN H 32 -24.53 27.55 -22.99
N TYR H 33 -24.73 27.65 -21.69
CA TYR H 33 -25.05 28.95 -21.03
C TYR H 33 -23.77 29.76 -20.86
N LEU H 34 -22.67 29.14 -20.44
CA LEU H 34 -21.34 29.78 -20.39
C LEU H 34 -20.96 30.28 -21.79
N ASP H 35 -21.23 29.45 -22.79
CA ASP H 35 -20.68 29.65 -24.15
C ASP H 35 -21.39 30.83 -24.78
N PHE H 36 -22.56 31.20 -24.27
CA PHE H 36 -23.33 32.40 -24.72
C PHE H 36 -22.74 33.64 -24.06
N HIS H 37 -22.68 33.61 -22.73
CA HIS H 37 -22.43 34.80 -21.88
C HIS H 37 -20.97 35.21 -21.95
N ARG H 38 -20.06 34.27 -22.30
CA ARG H 38 -18.63 34.57 -22.63
C ARG H 38 -18.52 35.09 -24.07
N CYS H 39 -19.07 34.36 -25.05
CA CYS H 39 -19.19 34.77 -26.49
C CYS H 39 -19.88 36.14 -26.60
N GLU H 40 -20.81 36.49 -25.70
CA GLU H 40 -21.43 37.82 -25.69
C GLU H 40 -20.52 38.89 -25.03
N LYS H 41 -19.90 38.61 -23.89
CA LYS H 41 -18.89 39.53 -23.31
C LYS H 41 -17.75 39.71 -24.33
N ALA H 42 -17.50 38.70 -25.16
CA ALA H 42 -16.45 38.72 -26.20
C ALA H 42 -16.86 39.68 -27.32
N MET H 43 -18.12 39.61 -27.78
CA MET H 43 -18.57 40.27 -29.03
C MET H 43 -18.97 41.74 -28.80
N THR H 44 -19.22 42.17 -27.55
CA THR H 44 -19.52 43.61 -27.25
C THR H 44 -18.27 44.32 -26.69
N ALA H 45 -17.15 43.59 -26.54
CA ALA H 45 -15.88 44.15 -26.04
C ALA H 45 -14.87 44.30 -27.20
N LYS H 46 -15.32 44.15 -28.46
CA LYS H 46 -14.47 44.26 -29.68
C LYS H 46 -15.22 44.94 -30.84
N GLY H 47 -16.51 45.26 -30.68
CA GLY H 47 -17.29 46.03 -31.64
C GLY H 47 -17.81 45.18 -32.79
N GLY H 48 -18.33 43.98 -32.48
CA GLY H 48 -18.82 43.01 -33.47
C GLY H 48 -20.32 42.71 -33.32
N ASP H 49 -20.77 41.69 -34.06
CA ASP H 49 -22.19 41.24 -34.14
C ASP H 49 -22.41 40.15 -33.08
N VAL H 50 -23.40 40.34 -32.20
CA VAL H 50 -23.77 39.37 -31.12
C VAL H 50 -24.41 38.11 -31.74
N SER H 51 -25.07 38.28 -32.90
CA SER H 51 -25.82 37.25 -33.68
C SER H 51 -24.90 36.12 -34.19
N VAL H 52 -23.66 36.03 -33.68
CA VAL H 52 -22.82 34.81 -33.80
C VAL H 52 -23.15 33.91 -32.60
N CYS H 53 -23.36 34.52 -31.44
CA CYS H 53 -23.60 33.84 -30.15
C CYS H 53 -25.01 33.23 -30.09
N GLU H 54 -25.85 33.45 -31.11
CA GLU H 54 -27.26 32.97 -31.11
C GLU H 54 -27.30 31.45 -30.86
N TRP H 55 -26.48 30.65 -31.55
CA TRP H 55 -26.56 29.17 -31.52
C TRP H 55 -26.71 28.67 -30.09
N TYR H 56 -25.83 29.14 -29.21
CA TYR H 56 -25.73 28.73 -27.80
C TYR H 56 -26.94 29.27 -27.02
N ARG H 57 -27.49 30.42 -27.41
CA ARG H 57 -28.70 31.02 -26.75
C ARG H 57 -29.89 30.06 -26.92
N ARG H 58 -30.07 29.54 -28.16
CA ARG H 58 -31.18 28.62 -28.52
C ARG H 58 -31.06 27.35 -27.66
N VAL H 59 -29.94 26.63 -27.81
CA VAL H 59 -29.60 25.36 -27.09
C VAL H 59 -29.91 25.56 -25.61
N TYR H 60 -29.17 26.45 -24.97
CA TYR H 60 -29.27 26.64 -23.51
C TYR H 60 -30.73 26.85 -23.15
N LYS H 61 -31.53 27.48 -24.02
CA LYS H 61 -32.98 27.73 -23.74
C LYS H 61 -33.82 26.47 -24.01
N SER H 62 -33.47 25.67 -25.02
CA SER H 62 -34.18 24.40 -25.37
C SER H 62 -34.08 23.34 -24.26
N LEU H 63 -33.01 23.38 -23.43
CA LEU H 63 -32.58 22.31 -22.47
C LEU H 63 -32.65 22.81 -21.03
N CYS H 64 -32.11 24.00 -20.80
CA CYS H 64 -32.18 24.65 -19.47
C CYS H 64 -33.62 24.87 -19.04
N PRO H 65 -34.00 24.47 -17.81
CA PRO H 65 -35.28 24.85 -17.21
C PRO H 65 -35.38 26.37 -17.06
N ILE H 66 -36.58 26.95 -17.08
CA ILE H 66 -36.78 28.43 -16.89
C ILE H 66 -36.08 28.93 -15.59
N SER H 67 -36.50 28.51 -14.39
CA SER H 67 -35.95 28.90 -13.05
C SER H 67 -34.41 28.86 -12.99
N TRP H 68 -33.77 27.89 -13.62
CA TRP H 68 -32.29 27.79 -13.64
C TRP H 68 -31.66 29.00 -14.36
N VAL H 69 -32.29 29.48 -15.42
CA VAL H 69 -31.80 30.65 -16.19
C VAL H 69 -32.19 31.88 -15.37
N SER H 70 -33.49 32.09 -15.16
CA SER H 70 -34.05 32.98 -14.11
C SER H 70 -32.94 33.29 -13.10
N THR H 71 -32.45 32.25 -12.41
CA THR H 71 -31.58 32.33 -11.19
C THR H 71 -30.14 32.75 -11.54
N TRP H 72 -29.54 32.17 -12.59
CA TRP H 72 -28.17 32.54 -13.07
C TRP H 72 -28.13 33.98 -13.60
N ASP H 73 -29.23 34.47 -14.14
CA ASP H 73 -29.36 35.87 -14.63
C ASP H 73 -29.27 36.81 -13.41
N ASP H 74 -30.11 36.58 -12.39
CA ASP H 74 -30.20 37.38 -11.14
C ASP H 74 -28.85 37.44 -10.40
N ARG H 75 -27.89 36.58 -10.77
CA ARG H 75 -26.61 36.34 -10.06
C ARG H 75 -25.44 36.88 -10.90
N ARG H 76 -25.63 36.99 -12.20
CA ARG H 76 -24.73 37.75 -13.09
C ARG H 76 -24.94 39.25 -12.81
N ALA H 77 -26.18 39.66 -12.54
CA ALA H 77 -26.58 41.03 -12.16
C ALA H 77 -26.07 41.37 -10.75
N GLU H 78 -26.27 40.44 -9.79
CA GLU H 78 -25.99 40.62 -8.34
C GLU H 78 -24.49 40.42 -8.05
N GLY H 79 -23.75 39.76 -8.96
CA GLY H 79 -22.29 39.58 -8.96
C GLY H 79 -21.87 38.36 -8.15
N THR H 80 -22.70 37.31 -8.19
CA THR H 80 -22.67 36.12 -7.30
C THR H 80 -22.76 34.85 -8.16
N PHE H 81 -22.47 35.00 -9.44
CA PHE H 81 -22.46 33.89 -10.40
C PHE H 81 -21.10 33.22 -10.33
N PRO H 82 -21.05 31.92 -9.96
CA PRO H 82 -19.79 31.27 -9.59
C PRO H 82 -18.91 30.85 -10.78
N GLY H 83 -19.48 30.84 -11.99
CA GLY H 83 -18.81 30.43 -13.23
C GLY H 83 -18.11 31.59 -13.90
N LYS H 84 -16.90 31.36 -14.41
CA LYS H 84 -16.05 32.43 -15.00
C LYS H 84 -16.63 32.83 -16.36
N ILE H 85 -16.80 34.13 -16.53
CA ILE H 85 -17.27 34.80 -17.78
C ILE H 85 -16.34 36.01 -17.97
N THR I 2 -43.50 -74.15 -6.83
CA THR I 2 -42.86 -73.36 -7.94
C THR I 2 -42.11 -72.13 -7.36
N ALA I 3 -40.81 -72.03 -7.66
CA ALA I 3 -39.89 -71.01 -7.12
C ALA I 3 -40.16 -69.66 -7.78
N LEU I 4 -40.17 -68.58 -6.99
CA LEU I 4 -40.05 -67.17 -7.46
C LEU I 4 -38.65 -66.96 -8.05
N ALA I 5 -38.54 -66.16 -9.12
CA ALA I 5 -37.27 -65.80 -9.77
C ALA I 5 -36.72 -64.52 -9.16
N LYS I 6 -35.39 -64.44 -9.10
CA LYS I 6 -34.62 -63.34 -8.47
C LYS I 6 -34.94 -62.03 -9.18
N PRO I 7 -35.49 -61.05 -8.44
CA PRO I 7 -35.72 -59.71 -8.96
C PRO I 7 -34.50 -58.79 -8.85
N GLN I 8 -34.63 -57.56 -9.35
CA GLN I 8 -33.66 -56.45 -9.17
C GLN I 8 -33.64 -56.06 -7.70
N MET I 9 -32.51 -56.20 -7.02
CA MET I 9 -32.46 -55.94 -5.56
C MET I 9 -31.55 -54.74 -5.22
N ARG I 10 -30.73 -54.24 -6.15
CA ARG I 10 -29.74 -53.17 -5.84
C ARG I 10 -30.18 -51.86 -6.53
N GLY I 11 -29.68 -50.73 -6.02
CA GLY I 11 -29.86 -49.39 -6.61
C GLY I 11 -31.29 -49.16 -7.08
N LEU I 12 -32.25 -49.52 -6.22
CA LEU I 12 -33.70 -49.42 -6.50
C LEU I 12 -34.09 -47.94 -6.59
N LEU I 13 -33.55 -47.11 -5.70
CA LEU I 13 -33.85 -45.64 -5.64
C LEU I 13 -33.13 -44.92 -6.76
N ALA I 14 -31.96 -45.41 -7.16
CA ALA I 14 -31.19 -44.92 -8.31
C ALA I 14 -32.08 -45.00 -9.56
N ARG I 15 -32.64 -46.19 -9.81
CA ARG I 15 -33.53 -46.52 -10.96
C ARG I 15 -34.73 -45.56 -10.97
N ARG I 16 -35.35 -45.32 -9.82
CA ARG I 16 -36.56 -44.48 -9.67
C ARG I 16 -36.27 -43.06 -10.17
N LEU I 17 -35.11 -42.51 -9.80
CA LEU I 17 -34.65 -41.12 -10.13
C LEU I 17 -34.32 -41.04 -11.63
N ARG I 18 -33.45 -41.92 -12.14
CA ARG I 18 -32.97 -41.92 -13.56
C ARG I 18 -34.17 -41.94 -14.50
N PHE I 19 -35.25 -42.64 -14.14
CA PHE I 19 -36.55 -42.65 -14.85
C PHE I 19 -37.23 -41.29 -14.78
N HIS I 20 -37.41 -40.73 -13.58
CA HIS I 20 -38.28 -39.54 -13.35
C HIS I 20 -37.54 -38.23 -13.69
N ILE I 21 -36.20 -38.16 -13.65
CA ILE I 21 -35.43 -36.94 -14.00
C ILE I 21 -35.80 -36.56 -15.44
N VAL I 22 -36.00 -37.57 -16.28
CA VAL I 22 -36.47 -37.40 -17.68
C VAL I 22 -37.91 -36.85 -17.66
N GLY I 23 -38.78 -37.46 -16.86
CA GLY I 23 -40.18 -37.02 -16.72
C GLY I 23 -40.32 -35.56 -16.34
N ALA I 24 -39.36 -34.97 -15.63
CA ALA I 24 -39.44 -33.57 -15.16
C ALA I 24 -38.86 -32.63 -16.24
N PHE I 25 -37.73 -32.98 -16.85
CA PHE I 25 -37.27 -32.37 -18.11
C PHE I 25 -38.52 -32.25 -19.01
N MET I 26 -39.20 -33.38 -19.28
CA MET I 26 -40.34 -33.47 -20.24
C MET I 26 -41.43 -32.47 -19.82
N VAL I 27 -41.99 -32.61 -18.61
CA VAL I 27 -43.07 -31.72 -18.10
C VAL I 27 -42.68 -30.27 -18.42
N SER I 28 -41.64 -29.76 -17.76
CA SER I 28 -41.07 -28.39 -17.94
C SER I 28 -40.96 -28.03 -19.43
N LEU I 29 -40.09 -28.72 -20.17
CA LEU I 29 -39.81 -28.48 -21.62
C LEU I 29 -41.09 -28.51 -22.48
N GLY I 30 -42.13 -29.22 -22.03
CA GLY I 30 -43.45 -29.26 -22.70
C GLY I 30 -44.39 -28.16 -22.20
N PHE I 31 -44.07 -27.56 -21.04
CA PHE I 31 -44.64 -26.30 -20.51
C PHE I 31 -43.94 -25.13 -21.21
N ALA I 32 -42.70 -25.35 -21.65
CA ALA I 32 -41.92 -24.44 -22.51
C ALA I 32 -42.69 -24.25 -23.83
N THR I 33 -42.91 -25.33 -24.57
CA THR I 33 -43.63 -25.30 -25.87
C THR I 33 -44.98 -24.59 -25.67
N PHE I 34 -45.78 -25.05 -24.70
CA PHE I 34 -47.16 -24.57 -24.43
C PHE I 34 -47.18 -23.04 -24.34
N TYR I 35 -46.18 -22.45 -23.70
CA TYR I 35 -46.11 -20.98 -23.44
C TYR I 35 -45.82 -20.22 -24.74
N LYS I 36 -44.93 -20.78 -25.57
CA LYS I 36 -44.58 -20.23 -26.91
C LYS I 36 -45.86 -20.14 -27.73
N PHE I 37 -46.48 -21.29 -28.03
CA PHE I 37 -47.81 -21.37 -28.69
C PHE I 37 -48.78 -20.43 -27.94
N ALA I 38 -49.21 -20.80 -26.73
CA ALA I 38 -50.37 -20.21 -26.01
C ALA I 38 -50.25 -18.70 -25.78
N VAL I 39 -49.04 -18.13 -25.69
CA VAL I 39 -48.85 -16.74 -25.19
C VAL I 39 -47.84 -15.98 -26.08
N ALA I 40 -46.53 -16.25 -25.98
CA ALA I 40 -45.48 -15.46 -26.68
C ALA I 40 -45.78 -15.30 -28.18
N GLU I 41 -45.91 -16.40 -28.94
CA GLU I 41 -46.07 -16.35 -30.42
C GLU I 41 -47.41 -15.68 -30.79
N LYS I 42 -48.33 -15.53 -29.83
CA LYS I 42 -49.61 -14.80 -30.00
C LYS I 42 -49.36 -13.28 -29.98
N ARG I 43 -48.75 -12.78 -28.90
CA ARG I 43 -48.24 -11.40 -28.74
C ARG I 43 -47.56 -10.93 -30.04
N LYS I 44 -46.56 -11.66 -30.54
CA LYS I 44 -45.84 -11.26 -31.77
C LYS I 44 -46.79 -11.24 -32.97
N LYS I 45 -47.77 -12.17 -33.01
CA LYS I 45 -48.74 -12.33 -34.12
C LYS I 45 -49.78 -11.22 -34.03
N ALA I 46 -50.08 -10.76 -32.82
CA ALA I 46 -51.18 -9.82 -32.52
C ALA I 46 -50.71 -8.37 -32.71
N TYR I 47 -49.43 -8.07 -32.46
CA TYR I 47 -48.83 -6.72 -32.69
C TYR I 47 -48.64 -6.58 -34.20
N ALA I 48 -48.09 -7.60 -34.86
CA ALA I 48 -47.83 -7.59 -36.32
C ALA I 48 -49.15 -7.47 -37.08
N ASP I 49 -50.19 -8.16 -36.65
CA ASP I 49 -51.51 -8.17 -37.33
C ASP I 49 -52.16 -6.80 -37.20
N PHE I 50 -51.96 -6.13 -36.06
CA PHE I 50 -52.63 -4.86 -35.70
C PHE I 50 -52.03 -3.72 -36.52
N TYR I 51 -50.70 -3.67 -36.55
CA TYR I 51 -49.90 -2.56 -37.10
C TYR I 51 -49.82 -2.66 -38.64
N ARG I 52 -50.09 -3.87 -39.19
CA ARG I 52 -49.93 -4.17 -40.64
C ARG I 52 -50.80 -3.23 -41.48
N ASN I 53 -52.11 -3.17 -41.17
CA ASN I 53 -53.08 -2.32 -41.87
C ASN I 53 -53.57 -1.22 -40.91
N TYR I 54 -52.65 -0.52 -40.24
CA TYR I 54 -52.96 0.59 -39.29
C TYR I 54 -52.78 1.93 -40.01
N ASP I 55 -53.85 2.73 -40.09
CA ASP I 55 -53.81 4.17 -40.48
C ASP I 55 -53.97 4.99 -39.20
N SER I 56 -52.88 5.61 -38.69
CA SER I 56 -52.89 6.38 -37.42
C SER I 56 -53.76 7.65 -37.55
N MET I 57 -54.11 8.04 -38.78
CA MET I 57 -54.98 9.22 -39.04
C MET I 57 -56.44 8.81 -38.88
N LYS I 58 -56.78 7.58 -39.21
CA LYS I 58 -58.15 7.04 -39.04
C LYS I 58 -58.37 6.76 -37.54
N ASP I 59 -57.30 6.41 -36.83
CA ASP I 59 -57.36 6.34 -35.34
C ASP I 59 -57.63 7.74 -34.81
N PHE I 60 -56.76 8.70 -35.14
CA PHE I 60 -56.83 10.09 -34.62
C PHE I 60 -58.22 10.67 -34.86
N GLU I 61 -58.78 10.41 -36.05
CA GLU I 61 -60.05 10.97 -36.57
C GLU I 61 -61.24 10.54 -35.71
N GLU I 62 -61.43 9.23 -35.54
CA GLU I 62 -62.55 8.63 -34.76
C GLU I 62 -62.42 9.10 -33.31
N MET I 63 -61.18 9.21 -32.80
CA MET I 63 -60.87 9.71 -31.44
C MET I 63 -61.31 11.17 -31.30
N ARG I 64 -61.18 11.96 -32.38
CA ARG I 64 -61.45 13.41 -32.41
C ARG I 64 -62.96 13.64 -32.41
N LYS I 65 -63.69 12.90 -33.25
CA LYS I 65 -65.16 12.93 -33.33
C LYS I 65 -65.75 12.55 -31.96
N ALA I 66 -65.04 11.73 -31.19
CA ALA I 66 -65.52 11.13 -29.92
C ALA I 66 -65.43 12.14 -28.78
N GLY I 67 -64.67 13.22 -28.97
CA GLY I 67 -64.56 14.38 -28.05
C GLY I 67 -63.55 14.16 -26.92
N ILE I 68 -62.58 13.25 -27.06
CA ILE I 68 -61.60 12.87 -25.98
C ILE I 68 -60.47 13.93 -25.82
N PHE I 69 -60.00 14.54 -26.91
CA PHE I 69 -58.82 15.43 -26.96
C PHE I 69 -59.16 16.86 -26.52
N GLN I 70 -58.16 17.55 -25.97
CA GLN I 70 -58.19 18.98 -25.56
C GLN I 70 -57.61 19.85 -26.67
N SER I 71 -56.71 19.30 -27.48
CA SER I 71 -55.90 20.01 -28.50
C SER I 71 -56.58 19.98 -29.87
N ALA I 72 -57.59 19.14 -30.00
CA ALA I 72 -58.20 18.76 -31.29
C ALA I 72 -59.72 18.60 -31.06
N LYS I 73 -60.48 19.67 -31.28
CA LYS I 73 -61.94 19.72 -30.99
C LYS I 73 -62.70 19.04 -32.14
N PHE J 1 8.62 5.46 41.58
CA PHE J 1 7.53 4.67 42.19
C PHE J 1 8.04 3.25 42.43
N GLU J 2 7.22 2.44 43.13
CA GLU J 2 7.50 1.00 43.44
C GLU J 2 6.24 0.16 43.19
N ASN J 3 6.48 -1.10 42.79
CA ASN J 3 5.52 -2.13 42.33
C ASN J 3 4.63 -2.54 43.50
N ARG J 4 3.33 -2.25 43.42
CA ARG J 4 2.32 -2.69 44.42
C ARG J 4 1.28 -3.57 43.72
N VAL J 5 1.66 -4.26 42.66
CA VAL J 5 0.76 -5.08 41.79
C VAL J 5 0.35 -6.34 42.59
N ALA J 6 1.19 -6.75 43.53
CA ALA J 6 1.04 -8.00 44.32
C ALA J 6 0.05 -7.79 45.46
N GLU J 7 -0.05 -6.58 46.01
CA GLU J 7 -1.07 -6.28 47.06
C GLU J 7 -2.46 -6.27 46.43
N LYS J 8 -2.61 -5.57 45.30
CA LYS J 8 -3.92 -5.37 44.61
C LYS J 8 -4.42 -6.73 44.08
N GLN J 9 -3.50 -7.67 43.81
CA GLN J 9 -3.79 -9.04 43.31
C GLN J 9 -4.48 -9.86 44.40
N LYS J 10 -3.99 -9.78 45.65
CA LYS J 10 -4.49 -10.56 46.82
C LYS J 10 -5.88 -10.06 47.20
N LEU J 11 -6.03 -8.74 47.19
CA LEU J 11 -7.31 -8.02 47.40
C LEU J 11 -8.38 -8.55 46.45
N PHE J 12 -8.04 -8.82 45.18
CA PHE J 12 -9.01 -9.14 44.09
C PHE J 12 -9.25 -10.65 43.92
N GLN J 13 -8.40 -11.51 44.52
CA GLN J 13 -8.53 -12.99 44.50
C GLN J 13 -9.17 -13.48 45.81
N GLU J 14 -9.47 -12.58 46.73
CA GLU J 14 -10.00 -12.90 48.08
C GLU J 14 -11.41 -13.48 47.92
N ASP J 15 -11.72 -14.61 48.54
CA ASP J 15 -12.98 -15.37 48.30
C ASP J 15 -14.11 -14.80 49.15
N ASN J 16 -14.45 -13.52 48.97
CA ASN J 16 -15.57 -12.78 49.64
C ASN J 16 -16.87 -12.89 48.83
N GLY J 17 -16.78 -13.42 47.60
CA GLY J 17 -17.91 -13.60 46.66
C GLY J 17 -18.54 -12.29 46.23
N LEU J 18 -17.82 -11.16 46.37
CA LEU J 18 -18.20 -9.88 45.71
C LEU J 18 -17.86 -10.01 44.23
N PRO J 19 -18.78 -9.65 43.31
CA PRO J 19 -18.43 -9.62 41.90
C PRO J 19 -17.36 -8.53 41.75
N VAL J 20 -16.54 -8.64 40.71
CA VAL J 20 -15.35 -7.78 40.41
C VAL J 20 -15.64 -6.31 40.62
N HIS J 21 -16.82 -5.84 40.25
CA HIS J 21 -17.16 -4.39 40.21
C HIS J 21 -17.57 -3.88 41.61
N LEU J 22 -17.36 -4.65 42.67
CA LEU J 22 -17.60 -4.17 44.07
C LEU J 22 -16.44 -4.57 44.98
N LYS J 23 -15.45 -5.29 44.44
CA LYS J 23 -14.34 -5.97 45.18
C LYS J 23 -13.30 -4.95 45.71
N GLY J 24 -13.47 -3.67 45.36
CA GLY J 24 -12.54 -2.58 45.72
C GLY J 24 -12.96 -1.86 47.00
N GLY J 25 -14.13 -2.18 47.56
CA GLY J 25 -14.58 -1.61 48.85
C GLY J 25 -15.18 -0.21 48.73
N ALA J 26 -16.21 0.06 49.55
CA ALA J 26 -16.92 1.33 49.77
C ALA J 26 -17.10 2.15 48.48
N THR J 27 -16.02 2.71 47.91
CA THR J 27 -15.99 3.61 46.72
C THR J 27 -16.78 3.03 45.55
N ASP J 28 -16.49 1.79 45.16
CA ASP J 28 -17.10 1.07 44.00
C ASP J 28 -18.62 1.17 44.08
N ASN J 29 -19.18 0.85 45.27
CA ASN J 29 -20.62 0.97 45.65
C ASN J 29 -21.10 2.41 45.47
N ILE J 30 -20.35 3.40 45.95
CA ILE J 30 -20.74 4.84 45.85
C ILE J 30 -20.68 5.22 44.36
N LEU J 31 -19.72 4.68 43.63
CA LEU J 31 -19.61 4.90 42.16
C LEU J 31 -20.69 4.11 41.42
N TYR J 32 -21.05 2.93 41.91
CA TYR J 32 -22.09 2.04 41.31
C TYR J 32 -23.45 2.74 41.46
N ARG J 33 -23.80 3.11 42.70
CA ARG J 33 -25.16 3.59 43.08
C ARG J 33 -25.38 5.02 42.58
N VAL J 34 -24.32 5.84 42.61
CA VAL J 34 -24.30 7.20 41.99
C VAL J 34 -24.58 7.05 40.49
N THR J 35 -23.98 6.06 39.82
CA THR J 35 -24.05 5.85 38.34
C THR J 35 -25.49 5.50 37.96
N MET J 36 -26.02 4.44 38.55
CA MET J 36 -27.38 3.86 38.37
C MET J 36 -28.54 4.85 38.65
N THR J 37 -28.35 5.72 39.63
CA THR J 37 -29.26 6.84 39.98
C THR J 37 -29.41 7.73 38.74
N LEU J 38 -28.31 8.20 38.13
CA LEU J 38 -28.34 9.16 36.99
C LEU J 38 -28.97 8.53 35.73
N CYS J 39 -28.63 7.27 35.45
CA CYS J 39 -29.16 6.48 34.31
C CYS J 39 -30.68 6.33 34.45
N LEU J 40 -31.16 5.69 35.51
CA LEU J 40 -32.62 5.54 35.75
C LEU J 40 -33.25 6.93 35.96
N GLY J 41 -32.52 7.88 36.54
CA GLY J 41 -32.98 9.27 36.75
C GLY J 41 -33.17 10.02 35.44
N GLY J 42 -32.14 10.01 34.59
CA GLY J 42 -32.15 10.68 33.27
C GLY J 42 -32.96 9.91 32.26
N THR J 43 -33.20 8.62 32.48
CA THR J 43 -34.17 7.82 31.68
C THR J 43 -35.58 8.35 31.91
N LEU J 44 -36.03 8.42 33.17
CA LEU J 44 -37.35 8.98 33.54
C LEU J 44 -37.53 10.37 32.93
N TYR J 45 -36.53 11.26 33.12
CA TYR J 45 -36.51 12.63 32.58
C TYR J 45 -36.82 12.55 31.07
N SER J 46 -36.04 11.76 30.33
CA SER J 46 -36.06 11.67 28.85
C SER J 46 -37.42 11.17 28.36
N LEU J 47 -38.13 10.35 29.15
CA LEU J 47 -39.53 9.97 28.84
C LEU J 47 -40.36 11.25 28.86
N TYR J 48 -40.45 11.93 30.01
CA TYR J 48 -41.18 13.23 30.14
C TYR J 48 -40.84 14.13 28.93
N CYS J 49 -39.59 14.16 28.48
CA CYS J 49 -39.20 14.96 27.28
C CYS J 49 -39.95 14.48 26.03
N LEU J 50 -39.70 13.24 25.61
CA LEU J 50 -40.51 12.54 24.57
C LEU J 50 -41.97 12.97 24.75
N GLY J 51 -42.48 12.86 25.97
CA GLY J 51 -43.90 13.06 26.34
C GLY J 51 -44.39 14.46 26.06
N TRP J 52 -43.59 15.46 26.45
CA TRP J 52 -43.82 16.90 26.18
C TRP J 52 -43.77 17.14 24.67
N ALA J 53 -42.70 16.68 24.01
CA ALA J 53 -42.39 16.99 22.59
C ALA J 53 -43.42 16.34 21.64
N SER J 54 -44.30 15.47 22.13
CA SER J 54 -45.31 14.73 21.33
C SER J 54 -46.50 15.62 20.95
N PHE J 55 -46.95 16.47 21.87
CA PHE J 55 -48.14 17.36 21.68
C PHE J 55 -47.71 18.70 21.08
N PRO J 56 -48.65 19.47 20.48
CA PRO J 56 -48.36 20.83 20.02
C PRO J 56 -48.46 21.83 21.18
N HIS J 57 -47.81 23.00 21.06
CA HIS J 57 -47.61 23.98 22.17
C HIS J 57 -47.95 25.43 21.78
N LYS J 58 -47.96 26.33 22.78
CA LYS J 58 -48.16 27.80 22.69
C LYS J 58 -49.65 28.11 22.47
N ALA K 6 -56.70 -47.45 22.65
CA ALA K 6 -57.96 -46.79 22.14
C ALA K 6 -57.74 -46.32 20.71
N PRO K 7 -58.76 -45.74 20.03
CA PRO K 7 -58.52 -44.94 18.82
C PRO K 7 -58.17 -43.53 19.30
N ASP K 8 -57.63 -42.67 18.42
CA ASP K 8 -57.09 -41.34 18.83
C ASP K 8 -58.03 -40.22 18.38
N PHE K 9 -57.77 -38.99 18.86
CA PHE K 9 -58.51 -37.73 18.51
C PHE K 9 -58.87 -37.69 17.02
N HIS K 10 -57.95 -38.10 16.14
CA HIS K 10 -58.15 -38.01 14.67
C HIS K 10 -59.12 -39.10 14.20
N ASP K 11 -59.17 -40.24 14.89
CA ASP K 11 -60.20 -41.29 14.59
C ASP K 11 -61.56 -40.76 15.04
N LYS K 12 -61.67 -40.42 16.34
CA LYS K 12 -62.91 -40.00 17.03
C LYS K 12 -63.52 -38.76 16.35
N TYR K 13 -62.70 -37.79 15.92
CA TYR K 13 -63.21 -36.43 15.52
C TYR K 13 -62.68 -35.97 14.15
N GLY K 14 -61.80 -36.72 13.50
CA GLY K 14 -61.19 -36.31 12.22
C GLY K 14 -62.21 -35.77 11.24
N ASN K 15 -63.31 -36.47 11.03
CA ASN K 15 -64.29 -36.19 9.94
C ASN K 15 -65.16 -35.00 10.33
N ALA K 16 -65.65 -35.01 11.58
CA ALA K 16 -66.40 -33.89 12.18
C ALA K 16 -65.63 -32.59 11.92
N VAL K 17 -64.37 -32.53 12.36
CA VAL K 17 -63.54 -31.30 12.21
C VAL K 17 -63.47 -30.98 10.71
N LEU K 18 -63.12 -31.96 9.86
CA LEU K 18 -62.88 -31.77 8.39
C LEU K 18 -64.18 -31.33 7.72
N ALA K 19 -65.29 -31.98 8.05
CA ALA K 19 -66.63 -31.75 7.43
C ALA K 19 -67.13 -30.35 7.80
N SER K 20 -67.05 -29.99 9.08
CA SER K 20 -67.75 -28.82 9.68
C SER K 20 -66.91 -27.55 9.51
N GLY K 21 -65.58 -27.70 9.44
CA GLY K 21 -64.68 -26.62 9.02
C GLY K 21 -65.01 -26.22 7.59
N ALA K 22 -64.75 -27.13 6.66
CA ALA K 22 -64.85 -26.86 5.20
C ALA K 22 -66.21 -26.23 4.88
N THR K 23 -67.24 -26.58 5.65
CA THR K 23 -68.63 -26.07 5.47
C THR K 23 -68.77 -24.64 6.01
N PHE K 24 -68.35 -24.41 7.24
CA PHE K 24 -68.41 -23.10 7.90
C PHE K 24 -67.53 -22.15 7.08
N CYS K 25 -66.37 -22.63 6.64
CA CYS K 25 -65.46 -21.90 5.72
C CYS K 25 -66.21 -21.49 4.44
N VAL K 26 -66.85 -22.44 3.78
CA VAL K 26 -67.46 -22.12 2.45
C VAL K 26 -68.55 -21.07 2.68
N ALA K 27 -69.38 -21.21 3.71
CA ALA K 27 -70.57 -20.38 3.97
C ALA K 27 -70.20 -18.90 4.18
N VAL K 28 -69.29 -18.65 5.14
CA VAL K 28 -69.00 -17.25 5.61
C VAL K 28 -68.28 -16.50 4.48
N TRP K 29 -67.43 -17.19 3.72
CA TRP K 29 -66.67 -16.59 2.60
C TRP K 29 -67.59 -16.19 1.42
N VAL K 30 -68.41 -17.12 0.90
CA VAL K 30 -69.52 -16.82 -0.06
C VAL K 30 -70.28 -15.61 0.48
N TYR K 31 -70.86 -15.73 1.66
CA TYR K 31 -71.67 -14.65 2.28
C TYR K 31 -70.87 -13.33 2.28
N MET K 32 -69.65 -13.36 2.74
CA MET K 32 -68.84 -12.13 2.88
C MET K 32 -68.46 -11.58 1.49
N ALA K 33 -68.45 -12.44 0.48
CA ALA K 33 -68.10 -12.08 -0.91
C ALA K 33 -69.34 -11.54 -1.66
N THR K 34 -70.56 -12.03 -1.33
CA THR K 34 -71.77 -11.85 -2.18
C THR K 34 -72.87 -11.01 -1.50
N GLN K 35 -72.88 -10.84 -0.16
CA GLN K 35 -74.07 -10.31 0.57
C GLN K 35 -73.85 -9.02 1.38
N ILE K 36 -72.67 -8.39 1.43
CA ILE K 36 -72.44 -7.17 2.29
C ILE K 36 -72.04 -5.93 1.46
N GLY K 37 -72.00 -6.03 0.12
CA GLY K 37 -71.72 -4.90 -0.78
C GLY K 37 -70.26 -4.48 -0.76
N ILE K 38 -69.36 -5.45 -0.65
CA ILE K 38 -67.93 -5.29 -1.08
C ILE K 38 -67.92 -5.09 -2.59
N GLU K 39 -67.12 -4.14 -3.10
CA GLU K 39 -67.04 -3.75 -4.54
C GLU K 39 -65.76 -4.32 -5.16
N TRP K 40 -65.88 -5.33 -6.02
CA TRP K 40 -64.76 -6.17 -6.54
C TRP K 40 -64.23 -5.55 -7.82
N ASN K 41 -65.09 -4.86 -8.56
CA ASN K 41 -64.65 -4.15 -9.79
C ASN K 41 -64.13 -5.19 -10.75
N PRO K 42 -65.01 -6.12 -11.19
CA PRO K 42 -64.61 -7.14 -12.14
C PRO K 42 -64.49 -6.54 -13.55
N SER K 43 -63.72 -7.18 -14.43
CA SER K 43 -63.57 -6.71 -15.84
C SER K 43 -64.97 -6.47 -16.39
N PRO K 44 -65.24 -5.29 -17.00
CA PRO K 44 -66.58 -4.98 -17.51
C PRO K 44 -66.98 -5.76 -18.78
N VAL K 45 -65.99 -6.45 -19.36
CA VAL K 45 -66.02 -7.05 -20.73
C VAL K 45 -67.16 -8.06 -20.74
N GLY K 46 -67.99 -8.01 -21.77
CA GLY K 46 -69.25 -8.78 -21.93
C GLY K 46 -70.17 -8.71 -20.73
N ARG K 47 -70.15 -7.63 -19.95
CA ARG K 47 -70.93 -7.53 -18.69
C ARG K 47 -71.67 -6.19 -18.69
N VAL K 48 -70.95 -5.11 -18.38
CA VAL K 48 -71.38 -3.69 -18.49
C VAL K 48 -71.73 -3.39 -19.96
N THR K 49 -72.80 -2.63 -20.21
CA THR K 49 -73.20 -2.08 -21.53
C THR K 49 -72.75 -0.63 -21.69
N PRO K 50 -71.77 -0.28 -22.58
CA PRO K 50 -71.28 1.09 -22.68
C PRO K 50 -72.44 2.07 -22.90
N LYS K 51 -72.40 3.21 -22.22
CA LYS K 51 -73.40 4.30 -22.21
C LYS K 51 -72.68 5.56 -22.67
N GLU K 52 -73.35 6.47 -23.39
CA GLU K 52 -72.70 7.68 -23.93
C GLU K 52 -72.32 8.56 -22.75
N TRP K 53 -71.18 9.27 -22.85
CA TRP K 53 -70.68 10.23 -21.83
C TRP K 53 -70.55 11.63 -22.43
N ARG K 54 -70.62 11.74 -23.77
CA ARG K 54 -70.86 13.00 -24.53
C ARG K 54 -69.55 13.78 -24.57
N HIS L 2 -26.00 -20.15 42.99
CA HIS L 2 -26.25 -20.55 41.56
C HIS L 2 -27.74 -20.40 41.25
N TYR L 3 -28.06 -19.93 40.04
CA TYR L 3 -29.44 -19.78 39.51
C TYR L 3 -30.03 -21.17 39.24
N GLU L 4 -31.37 -21.24 39.32
CA GLU L 4 -32.26 -22.41 39.10
C GLU L 4 -31.97 -23.12 37.78
N GLU L 5 -31.89 -24.45 37.75
CA GLU L 5 -31.64 -25.21 36.47
C GLU L 5 -32.96 -25.89 36.05
N GLY L 6 -33.20 -26.08 34.75
CA GLY L 6 -34.19 -27.07 34.27
C GLY L 6 -35.47 -26.45 33.72
N PRO L 7 -36.46 -27.26 33.29
CA PRO L 7 -37.63 -26.75 32.56
C PRO L 7 -38.51 -25.79 33.35
N GLY L 8 -38.84 -24.63 32.76
CA GLY L 8 -39.61 -23.55 33.40
C GLY L 8 -38.77 -22.72 34.35
N LYS L 9 -37.44 -22.90 34.38
CA LYS L 9 -36.54 -22.18 35.33
C LYS L 9 -35.65 -21.18 34.61
N ASN L 10 -35.47 -21.35 33.31
CA ASN L 10 -34.43 -20.62 32.54
C ASN L 10 -35.05 -19.45 31.76
N ILE L 11 -36.10 -18.84 32.31
CA ILE L 11 -36.86 -17.70 31.69
C ILE L 11 -37.03 -16.60 32.72
N PRO L 12 -37.29 -15.34 32.29
CA PRO L 12 -37.44 -14.23 33.24
C PRO L 12 -38.89 -14.04 33.70
N PHE L 13 -39.79 -14.91 33.26
CA PHE L 13 -41.17 -14.98 33.79
C PHE L 13 -41.31 -16.29 34.54
N SER L 14 -42.50 -16.52 35.11
CA SER L 14 -42.87 -17.73 35.88
C SER L 14 -43.96 -18.50 35.11
N VAL L 15 -43.80 -19.83 34.98
CA VAL L 15 -44.86 -20.70 34.40
C VAL L 15 -45.48 -21.58 35.47
N GLU L 16 -45.38 -21.19 36.75
CA GLU L 16 -45.79 -22.03 37.92
C GLU L 16 -47.32 -22.18 37.94
N ASN L 17 -48.06 -21.23 37.35
CA ASN L 17 -49.55 -21.24 37.32
C ASN L 17 -50.03 -20.68 35.99
N LYS L 18 -50.66 -21.54 35.18
CA LYS L 18 -50.95 -21.25 33.75
C LYS L 18 -51.95 -20.11 33.52
N TRP L 19 -52.62 -19.57 34.54
CA TRP L 19 -53.72 -18.60 34.32
C TRP L 19 -53.20 -17.19 34.62
N ARG L 20 -52.25 -17.06 35.53
CA ARG L 20 -51.37 -15.87 35.61
C ARG L 20 -50.56 -15.85 34.30
N LEU L 21 -50.12 -17.00 33.76
CA LEU L 21 -49.27 -16.98 32.55
C LEU L 21 -50.05 -16.40 31.36
N LEU L 22 -51.33 -16.78 31.20
CA LEU L 22 -52.23 -16.27 30.13
C LEU L 22 -52.37 -14.75 30.28
N ALA L 23 -52.58 -14.23 31.50
CA ALA L 23 -52.65 -12.77 31.76
C ALA L 23 -51.36 -12.12 31.26
N MET L 24 -50.21 -12.78 31.49
CA MET L 24 -48.87 -12.20 31.22
C MET L 24 -48.68 -12.11 29.72
N MET L 25 -49.04 -13.17 29.00
CA MET L 25 -48.84 -13.25 27.52
C MET L 25 -49.85 -12.32 26.86
N THR L 26 -51.06 -12.22 27.42
CA THR L 26 -52.16 -11.28 27.03
C THR L 26 -51.57 -9.86 26.92
N LEU L 27 -50.97 -9.33 27.98
CA LEU L 27 -50.33 -7.98 28.06
C LEU L 27 -49.15 -7.86 27.11
N PHE L 28 -48.11 -8.63 27.37
CA PHE L 28 -46.87 -8.69 26.56
C PHE L 28 -47.21 -8.54 25.09
N PHE L 29 -47.88 -9.52 24.48
CA PHE L 29 -48.09 -9.58 23.01
C PHE L 29 -49.10 -8.50 22.64
N GLY L 30 -50.18 -8.41 23.42
CA GLY L 30 -51.32 -7.51 23.16
C GLY L 30 -50.97 -6.04 23.14
N SER L 31 -50.25 -5.57 24.17
CA SER L 31 -49.63 -4.22 24.26
C SER L 31 -48.90 -3.90 22.96
N GLY L 32 -48.09 -4.84 22.45
CA GLY L 32 -47.22 -4.61 21.29
C GLY L 32 -48.03 -4.45 20.04
N PHE L 33 -49.09 -5.23 19.89
CA PHE L 33 -50.07 -5.14 18.81
C PHE L 33 -50.99 -3.95 19.02
N ALA L 34 -51.41 -3.64 20.24
CA ALA L 34 -52.16 -2.38 20.53
C ALA L 34 -51.37 -1.13 20.11
N ALA L 35 -50.04 -1.15 20.14
CA ALA L 35 -49.23 0.09 20.11
C ALA L 35 -49.47 0.83 18.80
N PRO L 36 -49.08 0.33 17.61
CA PRO L 36 -49.33 1.10 16.38
C PRO L 36 -50.70 1.80 16.27
N PHE L 37 -51.78 1.21 16.77
CA PHE L 37 -53.17 1.73 16.67
C PHE L 37 -53.33 3.00 17.51
N PHE L 38 -52.87 2.97 18.77
CA PHE L 38 -53.00 4.09 19.73
C PHE L 38 -52.05 5.19 19.27
N ILE L 39 -51.06 4.84 18.42
CA ILE L 39 -50.05 5.82 17.93
C ILE L 39 -50.64 6.54 16.73
N VAL L 40 -51.41 5.81 15.92
CA VAL L 40 -52.09 6.39 14.73
C VAL L 40 -53.22 7.28 15.23
N ARG L 41 -53.95 6.85 16.25
CA ARG L 41 -55.00 7.64 16.93
C ARG L 41 -54.40 9.03 17.28
N HIS L 42 -53.32 9.09 18.07
CA HIS L 42 -52.69 10.32 18.65
C HIS L 42 -52.23 11.27 17.53
N GLN L 43 -51.72 10.72 16.44
CA GLN L 43 -51.34 11.53 15.25
C GLN L 43 -52.59 12.14 14.61
N LEU L 44 -53.74 11.49 14.63
CA LEU L 44 -54.97 12.11 14.05
C LEU L 44 -55.64 13.07 15.06
N LEU L 45 -55.27 12.96 16.34
CA LEU L 45 -56.06 13.56 17.44
C LEU L 45 -55.53 14.96 17.73
N LYS L 46 -54.25 15.21 17.41
CA LYS L 46 -53.63 16.56 17.35
C LYS L 46 -54.33 17.39 16.27
N LYS L 47 -53.79 17.44 15.05
CA LYS L 47 -54.38 18.23 13.94
C LYS L 47 -54.64 17.30 12.74
N ILE M 2 -38.19 -36.90 19.01
CA ILE M 2 -38.66 -36.26 20.26
C ILE M 2 -39.71 -37.14 20.93
N THR M 3 -39.32 -37.80 22.03
CA THR M 3 -40.24 -38.41 23.05
C THR M 3 -40.35 -37.45 24.24
N ALA M 4 -41.57 -37.23 24.70
CA ALA M 4 -41.90 -36.38 25.84
C ALA M 4 -42.54 -37.27 26.91
N LYS M 5 -42.60 -36.76 28.16
CA LYS M 5 -43.48 -37.31 29.21
C LYS M 5 -44.90 -36.96 28.80
N PRO M 6 -45.90 -37.47 29.56
CA PRO M 6 -47.19 -36.79 29.68
C PRO M 6 -47.13 -35.37 30.30
N ALA M 7 -48.13 -34.53 30.04
CA ALA M 7 -48.24 -33.21 30.66
C ALA M 7 -48.38 -33.33 32.20
N LYS M 8 -47.84 -32.39 32.96
CA LYS M 8 -47.90 -32.41 34.46
C LYS M 8 -49.19 -31.70 34.90
N THR M 9 -49.65 -30.76 34.06
CA THR M 9 -50.83 -29.90 34.29
C THR M 9 -51.64 -29.87 32.99
N PRO M 10 -52.14 -31.03 32.52
CA PRO M 10 -52.89 -31.12 31.28
C PRO M 10 -53.93 -30.02 31.10
N THR M 11 -53.91 -29.42 29.92
CA THR M 11 -54.81 -28.30 29.60
C THR M 11 -56.01 -28.88 28.86
N SER M 12 -57.10 -29.14 29.58
CA SER M 12 -58.28 -29.81 29.01
C SER M 12 -58.68 -28.99 27.79
N PRO M 13 -59.52 -29.56 26.88
CA PRO M 13 -60.23 -28.78 25.87
C PRO M 13 -60.74 -27.48 26.48
N LYS M 14 -61.79 -27.53 27.31
CA LYS M 14 -62.33 -26.34 28.04
C LYS M 14 -61.21 -25.32 28.34
N GLU M 15 -60.07 -25.72 28.94
CA GLU M 15 -58.97 -24.80 29.30
C GLU M 15 -58.36 -24.21 28.03
N GLN M 16 -58.05 -25.07 27.05
CA GLN M 16 -57.63 -24.65 25.68
C GLN M 16 -58.60 -23.62 25.09
N ALA M 17 -59.91 -23.87 25.15
CA ALA M 17 -61.00 -23.02 24.60
C ALA M 17 -60.94 -21.61 25.21
N ILE M 18 -60.64 -21.53 26.49
CA ILE M 18 -60.41 -20.24 27.20
C ILE M 18 -59.21 -19.56 26.54
N GLY M 19 -57.97 -20.00 26.81
CA GLY M 19 -56.71 -19.46 26.22
C GLY M 19 -56.86 -18.98 24.78
N LEU M 20 -57.46 -19.79 23.92
CA LEU M 20 -57.88 -19.37 22.54
C LEU M 20 -58.83 -18.16 22.62
N SER M 21 -59.87 -18.20 23.46
CA SER M 21 -60.88 -17.10 23.60
C SER M 21 -60.16 -15.83 24.06
N VAL M 22 -59.34 -15.91 25.11
CA VAL M 22 -58.66 -14.74 25.73
C VAL M 22 -57.66 -14.15 24.72
N THR M 23 -56.96 -15.02 23.99
CA THR M 23 -55.80 -14.62 23.16
C THR M 23 -56.40 -13.91 21.96
N PHE M 24 -57.40 -14.50 21.33
CA PHE M 24 -58.01 -13.84 20.16
C PHE M 24 -58.48 -12.44 20.55
N LEU M 25 -59.03 -12.24 21.76
CA LEU M 25 -59.69 -10.97 22.19
C LEU M 25 -58.65 -9.90 22.51
N SER M 26 -57.48 -10.31 23.02
CA SER M 26 -56.39 -9.41 23.45
C SER M 26 -55.83 -8.60 22.27
N PHE M 27 -55.83 -9.19 21.07
CA PHE M 27 -55.49 -8.55 19.78
C PHE M 27 -56.72 -7.82 19.25
N LEU M 28 -57.80 -8.59 19.01
CA LEU M 28 -59.05 -8.12 18.37
C LEU M 28 -59.69 -6.90 19.08
N LEU M 29 -59.86 -6.89 20.42
CA LEU M 29 -60.70 -5.87 21.13
C LEU M 29 -60.15 -4.44 21.00
N PRO M 30 -58.91 -4.12 21.46
CA PRO M 30 -58.41 -2.75 21.39
C PRO M 30 -58.28 -2.24 19.95
N ALA M 31 -57.81 -3.09 19.02
CA ALA M 31 -57.67 -2.70 17.61
C ALA M 31 -59.02 -2.16 17.18
N GLY M 32 -60.08 -2.89 17.57
CA GLY M 32 -61.49 -2.59 17.23
C GLY M 32 -61.93 -1.22 17.70
N TRP M 33 -61.55 -0.87 18.93
CA TRP M 33 -61.94 0.37 19.64
C TRP M 33 -61.26 1.61 19.00
N VAL M 34 -60.09 1.44 18.40
CA VAL M 34 -59.38 2.54 17.68
C VAL M 34 -60.03 2.63 16.31
N LEU M 35 -60.20 1.49 15.66
CA LEU M 35 -60.73 1.43 14.27
C LEU M 35 -62.22 1.84 14.23
N TYR M 36 -62.99 1.65 15.30
CA TYR M 36 -64.44 1.98 15.40
C TYR M 36 -64.66 3.47 15.65
N HIS M 37 -63.78 4.06 16.44
CA HIS M 37 -63.84 5.51 16.79
C HIS M 37 -63.02 6.31 15.77
N LEU M 38 -62.71 5.74 14.61
CA LEU M 38 -61.80 6.41 13.65
C LEU M 38 -62.42 7.76 13.27
N ASP M 39 -63.64 7.75 12.74
CA ASP M 39 -64.43 8.94 12.30
C ASP M 39 -64.26 10.08 13.33
N ASN M 40 -64.41 9.76 14.61
CA ASN M 40 -64.38 10.74 15.73
C ASN M 40 -63.04 11.48 15.76
N TYR M 41 -61.94 10.78 15.49
CA TYR M 41 -60.55 11.33 15.61
C TYR M 41 -60.35 12.43 14.55
N LYS M 42 -60.95 12.27 13.37
CA LYS M 42 -60.75 13.15 12.19
C LYS M 42 -61.43 14.50 12.39
N LYS M 43 -62.55 14.56 13.11
CA LYS M 43 -63.34 15.79 13.34
C LYS M 43 -62.65 16.67 14.39
N SER M 44 -61.37 16.99 14.19
CA SER M 44 -60.47 17.69 15.15
C SER M 44 -59.12 18.02 14.47
N FME N 1 48.14 -23.12 -11.82
CN FME N 1 47.28 -22.93 -12.84
O1 FME N 1 46.17 -22.40 -12.76
CA FME N 1 47.84 -22.79 -10.43
CB FME N 1 48.91 -23.32 -9.45
CG FME N 1 48.63 -24.74 -8.94
SD FME N 1 47.06 -24.89 -8.03
CE FME N 1 47.63 -25.50 -6.45
C FME N 1 47.69 -21.28 -10.23
O FME N 1 47.23 -20.85 -9.17
N PHE N 2 48.12 -20.52 -11.24
CA PHE N 2 47.90 -19.08 -11.34
C PHE N 2 46.48 -18.80 -11.84
N ILE N 3 46.10 -19.41 -12.97
CA ILE N 3 44.73 -19.32 -13.58
C ILE N 3 43.68 -19.59 -12.51
N ASN N 4 43.92 -20.56 -11.61
CA ASN N 4 42.91 -20.97 -10.61
C ASN N 4 42.83 -19.96 -9.44
N ARG N 5 43.86 -19.11 -9.28
CA ARG N 5 43.98 -18.16 -8.13
C ARG N 5 43.52 -16.76 -8.55
N TRP N 6 43.87 -16.32 -9.75
CA TRP N 6 43.70 -14.91 -10.20
C TRP N 6 42.58 -14.78 -11.23
N LEU N 7 42.20 -15.88 -11.89
CA LEU N 7 41.13 -15.85 -12.91
C LEU N 7 39.87 -16.47 -12.31
N PHE N 8 40.01 -17.56 -11.58
CA PHE N 8 38.88 -18.32 -10.98
C PHE N 8 38.75 -17.98 -9.49
N SER N 9 38.97 -16.72 -9.08
CA SER N 9 39.09 -16.35 -7.63
C SER N 9 37.72 -16.35 -6.94
N THR N 10 37.78 -16.62 -5.64
CA THR N 10 36.68 -16.65 -4.63
C THR N 10 37.35 -16.39 -3.28
N ASN N 11 38.16 -15.32 -3.24
CA ASN N 11 38.96 -14.88 -2.07
C ASN N 11 38.81 -13.36 -1.90
N HIS N 12 38.24 -12.89 -0.78
CA HIS N 12 37.85 -11.46 -0.62
C HIS N 12 39.09 -10.62 -0.87
N LYS N 13 40.27 -11.15 -0.52
CA LYS N 13 41.57 -10.47 -0.60
C LYS N 13 42.02 -10.38 -2.07
N ASP N 14 41.95 -11.48 -2.80
CA ASP N 14 42.63 -11.62 -4.12
C ASP N 14 41.87 -10.76 -5.12
N ILE N 15 40.59 -10.55 -4.82
CA ILE N 15 39.67 -9.73 -5.65
C ILE N 15 40.01 -8.27 -5.36
N GLY N 16 40.25 -7.96 -4.08
CA GLY N 16 40.68 -6.62 -3.64
C GLY N 16 41.92 -6.17 -4.39
N THR N 17 42.87 -7.10 -4.62
CA THR N 17 44.20 -6.86 -5.23
C THR N 17 43.98 -6.48 -6.69
N LEU N 18 43.11 -7.25 -7.36
CA LEU N 18 42.72 -7.03 -8.77
C LEU N 18 42.11 -5.63 -8.93
N TYR N 19 41.17 -5.28 -8.06
CA TYR N 19 40.52 -3.96 -8.02
C TYR N 19 41.59 -2.85 -7.92
N LEU N 20 42.44 -2.85 -6.89
CA LEU N 20 43.56 -1.88 -6.83
C LEU N 20 44.29 -1.83 -8.19
N LEU N 21 44.81 -2.96 -8.66
CA LEU N 21 45.65 -3.04 -9.89
C LEU N 21 44.91 -2.45 -11.09
N PHE N 22 43.61 -2.67 -11.17
CA PHE N 22 42.78 -2.23 -12.33
C PHE N 22 42.68 -0.71 -12.30
N GLY N 23 42.39 -0.16 -11.12
CA GLY N 23 42.19 1.28 -10.91
C GLY N 23 43.50 2.02 -10.99
N ALA N 24 44.59 1.33 -10.66
CA ALA N 24 45.98 1.82 -10.81
C ALA N 24 46.27 2.03 -12.30
N TRP N 25 45.82 1.07 -13.11
CA TRP N 25 45.91 1.10 -14.60
C TRP N 25 45.01 2.21 -15.12
N ALA N 26 43.79 2.30 -14.57
CA ALA N 26 42.79 3.30 -14.97
C ALA N 26 43.39 4.69 -14.78
N GLY N 27 44.04 4.96 -13.65
CA GLY N 27 44.59 6.28 -13.31
C GLY N 27 45.57 6.76 -14.37
N MET N 28 46.51 5.92 -14.73
CA MET N 28 47.50 6.21 -15.79
C MET N 28 46.77 6.77 -17.00
N VAL N 29 45.79 6.01 -17.50
CA VAL N 29 44.90 6.42 -18.64
C VAL N 29 44.29 7.78 -18.30
N GLY N 30 43.72 7.89 -17.09
CA GLY N 30 42.88 9.03 -16.71
C GLY N 30 43.69 10.31 -16.74
N THR N 31 44.88 10.22 -16.11
CA THR N 31 45.89 11.30 -15.95
C THR N 31 46.25 11.79 -17.35
N ALA N 32 46.77 10.91 -18.21
CA ALA N 32 47.12 11.24 -19.61
C ALA N 32 45.94 12.01 -20.24
N LEU N 33 44.69 11.59 -19.97
CA LEU N 33 43.48 12.28 -20.48
C LEU N 33 43.41 13.68 -19.88
N SER N 34 43.78 13.83 -18.60
CA SER N 34 43.76 15.07 -17.80
C SER N 34 44.84 16.04 -18.31
N LEU N 35 45.89 15.51 -18.92
CA LEU N 35 47.10 16.26 -19.33
C LEU N 35 46.87 16.76 -20.75
N LEU N 36 46.35 15.89 -21.60
CA LEU N 36 45.95 16.26 -22.98
C LEU N 36 45.00 17.45 -22.90
N ILE N 37 44.10 17.48 -21.91
CA ILE N 37 43.09 18.56 -21.74
C ILE N 37 43.85 19.87 -21.64
N ARG N 38 44.80 19.95 -20.70
CA ARG N 38 45.45 21.20 -20.25
C ARG N 38 46.59 21.54 -21.22
N ALA N 39 46.98 20.58 -22.06
CA ALA N 39 47.80 20.87 -23.26
C ALA N 39 47.01 21.88 -24.09
N GLU N 40 45.77 21.54 -24.42
CA GLU N 40 44.92 22.34 -25.35
C GLU N 40 44.70 23.77 -24.82
N LEU N 41 44.60 23.94 -23.49
CA LEU N 41 44.22 25.23 -22.84
C LEU N 41 45.46 25.98 -22.30
N GLY N 42 46.67 25.45 -22.52
CA GLY N 42 47.93 25.93 -21.91
C GLY N 42 48.43 27.22 -22.55
N GLN N 43 48.17 27.39 -23.85
CA GLN N 43 48.19 28.70 -24.57
C GLN N 43 46.87 28.90 -25.33
N PRO N 44 46.55 30.16 -25.71
CA PRO N 44 45.36 30.45 -26.50
C PRO N 44 45.49 29.85 -27.91
N GLY N 45 44.37 29.81 -28.65
CA GLY N 45 44.28 29.09 -29.92
C GLY N 45 44.19 27.60 -29.69
N THR N 46 44.51 26.83 -30.76
CA THR N 46 44.13 25.41 -30.95
C THR N 46 45.36 24.49 -30.89
N LEU N 47 45.19 23.27 -30.38
CA LEU N 47 46.23 22.21 -30.44
C LEU N 47 45.68 21.02 -31.24
N LEU N 48 44.61 20.37 -30.74
CA LEU N 48 44.09 19.08 -31.28
C LEU N 48 43.20 19.32 -32.51
N GLY N 49 42.39 20.39 -32.50
CA GLY N 49 41.35 20.69 -33.52
C GLY N 49 40.05 21.10 -32.87
N ASP N 50 38.94 21.10 -33.62
CA ASP N 50 37.61 21.56 -33.17
C ASP N 50 37.20 20.86 -31.87
N ASP N 51 36.29 21.48 -31.12
CA ASP N 51 35.75 21.02 -29.82
C ASP N 51 35.42 19.52 -29.83
N GLN N 52 35.14 18.91 -31.00
CA GLN N 52 34.77 17.46 -31.03
C GLN N 52 35.88 16.65 -30.36
N ILE N 53 36.98 16.34 -31.05
CA ILE N 53 38.16 15.57 -30.51
C ILE N 53 38.42 15.96 -29.05
N TYR N 54 38.31 17.25 -28.68
CA TYR N 54 38.65 17.82 -27.35
C TYR N 54 37.66 17.36 -26.27
N ASN N 55 36.37 17.28 -26.59
CA ASN N 55 35.37 16.91 -25.57
C ASN N 55 35.33 15.39 -25.43
N VAL N 56 35.93 14.68 -26.39
CA VAL N 56 36.15 13.21 -26.32
C VAL N 56 37.23 12.94 -25.27
N VAL N 57 38.31 13.72 -25.25
CA VAL N 57 39.26 13.61 -24.12
C VAL N 57 38.55 14.06 -22.84
N VAL N 58 37.75 15.13 -22.89
CA VAL N 58 37.14 15.71 -21.67
C VAL N 58 36.25 14.64 -21.05
N THR N 59 35.32 14.13 -21.88
CA THR N 59 34.33 13.07 -21.55
C THR N 59 35.06 11.83 -21.02
N ALA N 60 35.96 11.27 -21.84
CA ALA N 60 36.74 10.06 -21.56
C ALA N 60 37.32 10.14 -20.15
N HIS N 61 37.77 11.33 -19.75
CA HIS N 61 38.47 11.58 -18.46
C HIS N 61 37.43 11.17 -17.39
N ALA N 62 36.33 11.92 -17.32
CA ALA N 62 35.25 11.74 -16.34
C ALA N 62 34.95 10.25 -16.13
N PHE N 63 34.78 9.47 -17.21
CA PHE N 63 34.34 8.06 -17.11
C PHE N 63 35.47 7.25 -16.50
N VAL N 64 36.71 7.48 -16.92
CA VAL N 64 37.86 6.66 -16.44
C VAL N 64 38.16 7.04 -14.98
N MET N 65 38.13 8.34 -14.68
CA MET N 65 38.51 8.81 -13.33
C MET N 65 37.43 8.41 -12.35
N ILE N 66 36.14 8.53 -12.74
CA ILE N 66 35.02 8.17 -11.84
C ILE N 66 34.98 6.65 -11.73
N PHE N 67 34.58 5.97 -12.80
CA PHE N 67 34.08 4.57 -12.84
C PHE N 67 35.17 3.48 -12.86
N PHE N 68 36.37 3.75 -13.38
CA PHE N 68 37.47 2.75 -13.42
C PHE N 68 38.62 3.08 -12.44
N MET N 69 38.66 4.29 -11.84
CA MET N 69 39.75 4.71 -10.91
C MET N 69 39.22 4.79 -9.46
N VAL N 70 38.30 5.72 -9.19
CA VAL N 70 37.91 6.08 -7.81
C VAL N 70 37.05 4.95 -7.26
N MET N 71 36.01 4.54 -8.00
CA MET N 71 35.04 3.54 -7.48
C MET N 71 35.71 2.18 -7.32
N PRO N 72 36.45 1.67 -8.33
CA PRO N 72 37.13 0.37 -8.18
C PRO N 72 38.10 0.33 -7.01
N ILE N 73 38.85 1.41 -6.78
CA ILE N 73 39.88 1.44 -5.70
C ILE N 73 39.15 1.52 -4.35
N MET N 74 38.46 2.62 -4.07
CA MET N 74 37.75 2.82 -2.78
C MET N 74 36.84 1.61 -2.49
N ILE N 75 35.78 1.38 -3.28
CA ILE N 75 34.74 0.35 -2.96
C ILE N 75 35.38 -1.04 -2.99
N GLY N 76 35.90 -1.46 -4.15
CA GLY N 76 36.18 -2.87 -4.47
C GLY N 76 37.50 -3.34 -3.88
N GLY N 77 38.51 -2.46 -3.85
CA GLY N 77 39.84 -2.77 -3.30
C GLY N 77 39.83 -2.69 -1.78
N PHE N 78 39.66 -1.48 -1.26
CA PHE N 78 39.73 -1.21 0.19
C PHE N 78 38.51 -1.85 0.83
N GLY N 79 37.42 -2.00 0.09
CA GLY N 79 36.25 -2.72 0.61
C GLY N 79 36.58 -4.19 0.81
N ASN N 80 36.89 -4.87 -0.29
CA ASN N 80 37.04 -6.35 -0.31
C ASN N 80 38.28 -6.72 0.52
N TRP N 81 39.28 -5.83 0.58
CA TRP N 81 40.50 -6.02 1.44
C TRP N 81 40.12 -5.85 2.92
N LEU N 82 39.51 -4.74 3.33
CA LEU N 82 39.40 -4.39 4.78
C LEU N 82 38.15 -5.00 5.41
N VAL N 83 36.97 -4.81 4.82
CA VAL N 83 35.65 -5.10 5.44
C VAL N 83 35.70 -6.39 6.23
N PRO N 84 35.99 -7.56 5.59
CA PRO N 84 35.88 -8.87 6.24
C PRO N 84 36.92 -9.06 7.35
N LEU N 85 38.01 -8.28 7.28
CA LEU N 85 39.07 -8.37 8.32
C LEU N 85 38.55 -7.60 9.53
N MET N 86 37.93 -6.47 9.22
CA MET N 86 37.44 -5.52 10.23
C MET N 86 36.26 -6.12 11.00
N ILE N 87 35.58 -7.16 10.47
CA ILE N 87 34.45 -7.78 11.24
C ILE N 87 34.71 -9.26 11.56
N GLY N 88 35.91 -9.77 11.27
CA GLY N 88 36.30 -11.15 11.60
C GLY N 88 35.58 -12.19 10.74
N ALA N 89 35.39 -11.92 9.44
CA ALA N 89 34.61 -12.79 8.55
C ALA N 89 35.58 -13.51 7.63
N PRO N 90 35.36 -14.82 7.39
CA PRO N 90 36.30 -15.62 6.61
C PRO N 90 36.36 -15.13 5.17
N ASP N 91 35.20 -14.93 4.54
CA ASP N 91 35.09 -14.22 3.24
C ASP N 91 33.78 -13.43 3.19
N MET N 92 33.45 -12.98 1.99
CA MET N 92 32.19 -12.29 1.64
C MET N 92 31.07 -13.33 1.51
N ALA N 93 29.83 -12.85 1.44
CA ALA N 93 28.54 -13.61 1.44
C ALA N 93 28.50 -14.57 0.26
N PHE N 94 28.81 -13.97 -0.90
CA PHE N 94 28.66 -14.46 -2.27
C PHE N 94 30.01 -14.30 -2.96
N PRO N 95 31.03 -15.14 -2.67
CA PRO N 95 32.39 -14.91 -3.19
C PRO N 95 32.47 -15.05 -4.72
N ARG N 96 31.67 -15.97 -5.28
CA ARG N 96 31.63 -16.26 -6.74
C ARG N 96 31.14 -14.98 -7.42
N MET N 97 30.09 -14.37 -6.88
CA MET N 97 29.50 -13.16 -7.50
C MET N 97 30.49 -12.00 -7.41
N ASN N 98 31.24 -11.93 -6.30
CA ASN N 98 32.26 -10.92 -5.96
C ASN N 98 33.28 -10.79 -7.11
N ASN N 99 33.80 -11.92 -7.60
CA ASN N 99 34.77 -12.02 -8.73
C ASN N 99 34.12 -11.55 -10.03
N MET N 100 32.86 -11.90 -10.32
CA MET N 100 32.22 -11.39 -11.58
C MET N 100 32.14 -9.86 -11.47
N SER N 101 31.99 -9.32 -10.26
CA SER N 101 31.91 -7.85 -10.08
C SER N 101 33.21 -7.20 -10.57
N PHE N 102 34.32 -7.95 -10.64
CA PHE N 102 35.61 -7.38 -11.04
C PHE N 102 35.76 -7.49 -12.55
N TRP N 103 35.50 -8.69 -13.05
CA TRP N 103 35.80 -9.13 -14.44
C TRP N 103 34.87 -8.40 -15.42
N LEU N 104 33.78 -7.81 -14.91
CA LEU N 104 32.82 -7.00 -15.68
C LEU N 104 33.44 -5.65 -16.05
N LEU N 105 34.58 -5.30 -15.44
CA LEU N 105 35.16 -3.92 -15.43
C LEU N 105 36.22 -3.73 -16.51
N PRO N 106 37.03 -4.75 -16.85
CA PRO N 106 37.82 -4.73 -18.07
C PRO N 106 36.88 -4.57 -19.26
N PRO N 107 35.89 -5.46 -19.48
CA PRO N 107 34.96 -5.28 -20.59
C PRO N 107 34.51 -3.82 -20.69
N SER N 108 33.78 -3.35 -19.68
CA SER N 108 33.28 -1.97 -19.54
C SER N 108 34.25 -0.95 -20.16
N PHE N 109 35.53 -1.00 -19.76
CA PHE N 109 36.59 -0.10 -20.29
C PHE N 109 36.70 -0.27 -21.80
N LEU N 110 36.97 -1.50 -22.26
CA LEU N 110 37.15 -1.84 -23.69
C LEU N 110 36.01 -1.22 -24.54
N LEU N 111 34.73 -1.28 -24.11
CA LEU N 111 33.61 -0.65 -24.88
C LEU N 111 33.80 0.86 -24.89
N LEU N 112 34.31 1.42 -23.78
CA LEU N 112 34.71 2.85 -23.74
C LEU N 112 35.79 3.12 -24.80
N LEU N 113 36.94 2.44 -24.67
CA LEU N 113 38.08 2.56 -25.62
C LEU N 113 37.54 2.47 -27.05
N ALA N 114 36.74 1.43 -27.33
CA ALA N 114 36.05 1.27 -28.63
C ALA N 114 35.45 2.61 -29.07
N SER N 115 34.60 3.20 -28.23
CA SER N 115 33.83 4.46 -28.42
C SER N 115 34.68 5.59 -28.99
N SER N 116 35.84 5.86 -28.39
CA SER N 116 36.71 7.01 -28.71
C SER N 116 37.47 6.72 -30.01
N MET N 117 37.59 5.44 -30.40
CA MET N 117 38.37 4.98 -31.58
C MET N 117 37.47 4.78 -32.80
N VAL N 118 36.17 4.56 -32.60
CA VAL N 118 35.17 4.39 -33.71
C VAL N 118 34.57 5.76 -34.03
N GLU N 119 34.14 5.97 -35.28
CA GLU N 119 33.54 7.24 -35.76
C GLU N 119 34.35 8.43 -35.23
N ALA N 120 33.68 9.53 -34.85
CA ALA N 120 34.31 10.75 -34.30
C ALA N 120 34.57 10.60 -32.78
N GLY N 121 33.93 9.60 -32.15
CA GLY N 121 33.90 9.37 -30.68
C GLY N 121 32.69 10.01 -30.02
N ALA N 122 32.40 9.68 -28.76
CA ALA N 122 31.24 10.23 -28.02
C ALA N 122 31.71 11.45 -27.26
N GLY N 123 31.85 12.57 -27.97
CA GLY N 123 32.17 13.91 -27.44
C GLY N 123 30.90 14.61 -26.99
N THR N 124 30.31 14.11 -25.91
CA THR N 124 28.96 14.48 -25.41
C THR N 124 28.99 15.20 -24.06
N GLY N 125 30.03 14.97 -23.24
CA GLY N 125 30.03 15.24 -21.80
C GLY N 125 29.60 14.00 -21.03
N TRP N 126 30.14 13.74 -19.83
CA TRP N 126 29.82 12.51 -19.05
C TRP N 126 28.34 12.44 -18.68
N THR N 127 27.62 13.55 -18.80
CA THR N 127 26.14 13.66 -18.67
C THR N 127 25.41 13.01 -19.86
N VAL N 128 26.08 12.84 -21.02
CA VAL N 128 25.60 12.15 -22.24
C VAL N 128 24.23 12.70 -22.65
N TYR N 129 24.01 14.01 -22.48
CA TYR N 129 22.68 14.65 -22.58
C TYR N 129 22.19 14.56 -24.01
N PRO N 130 20.94 14.12 -24.26
CA PRO N 130 20.30 14.43 -25.55
C PRO N 130 19.84 15.89 -25.61
N PRO N 131 19.62 16.41 -26.85
CA PRO N 131 19.58 15.57 -28.05
C PRO N 131 20.96 15.43 -28.73
N LEU N 132 21.99 16.07 -28.21
CA LEU N 132 23.37 15.99 -28.77
C LEU N 132 23.89 14.55 -28.78
N ALA N 133 23.45 13.68 -27.86
CA ALA N 133 24.00 12.32 -27.70
C ALA N 133 23.18 11.33 -28.53
N GLY N 134 22.14 11.84 -29.20
CA GLY N 134 21.21 11.06 -30.06
C GLY N 134 21.77 10.87 -31.46
N ASN N 135 20.96 10.31 -32.37
CA ASN N 135 21.45 9.65 -33.61
C ASN N 135 21.59 10.68 -34.74
N LEU N 136 21.20 11.94 -34.53
CA LEU N 136 21.28 12.97 -35.59
C LEU N 136 22.52 13.82 -35.38
N ALA N 137 22.79 14.20 -34.13
CA ALA N 137 23.88 15.10 -33.69
C ALA N 137 25.08 14.28 -33.17
N HIS N 138 24.99 12.94 -33.22
CA HIS N 138 26.08 11.99 -32.81
C HIS N 138 25.80 10.59 -33.38
N ALA N 139 25.44 10.52 -34.65
CA ALA N 139 25.17 9.28 -35.40
C ALA N 139 26.42 8.37 -35.38
N GLY N 140 26.29 7.06 -35.10
CA GLY N 140 27.41 6.11 -35.08
C GLY N 140 27.42 5.23 -33.84
N ALA N 141 28.34 4.25 -33.78
CA ALA N 141 28.41 3.22 -32.71
C ALA N 141 29.10 3.76 -31.44
N SER N 142 29.48 5.04 -31.41
CA SER N 142 30.28 5.65 -30.30
C SER N 142 29.47 5.67 -29.01
N VAL N 143 28.34 6.37 -29.02
CA VAL N 143 27.53 6.60 -27.78
C VAL N 143 26.90 5.26 -27.35
N ASP N 144 26.66 4.33 -28.27
CA ASP N 144 25.97 3.04 -27.95
C ASP N 144 27.02 2.07 -27.38
N LEU N 145 28.30 2.40 -27.46
CA LEU N 145 29.42 1.63 -26.85
C LEU N 145 29.57 2.09 -25.38
N THR N 146 29.71 3.42 -25.20
CA THR N 146 29.61 4.16 -23.92
C THR N 146 28.41 3.64 -23.14
N ILE N 147 27.20 3.76 -23.73
CA ILE N 147 25.93 3.36 -23.06
C ILE N 147 26.12 1.94 -22.57
N PHE N 148 26.80 1.12 -23.34
CA PHE N 148 27.01 -0.30 -22.94
C PHE N 148 28.13 -0.36 -21.90
N SER N 149 29.19 0.44 -22.04
CA SER N 149 30.29 0.57 -21.03
C SER N 149 29.69 0.76 -19.65
N LEU N 150 28.67 1.66 -19.59
CA LEU N 150 27.98 2.08 -18.36
C LEU N 150 27.08 0.97 -17.85
N HIS N 151 26.39 0.22 -18.71
CA HIS N 151 25.42 -0.82 -18.29
C HIS N 151 26.19 -1.78 -17.38
N LEU N 152 27.36 -2.22 -17.88
CA LEU N 152 28.21 -3.28 -17.30
C LEU N 152 28.82 -2.77 -15.99
N ALA N 153 29.28 -1.51 -16.00
CA ALA N 153 29.89 -0.80 -14.85
C ALA N 153 28.83 -0.63 -13.76
N GLY N 154 27.57 -0.44 -14.18
CA GLY N 154 26.41 -0.45 -13.30
C GLY N 154 26.25 -1.82 -12.67
N VAL N 155 26.10 -2.83 -13.51
CA VAL N 155 25.81 -4.24 -13.06
C VAL N 155 26.87 -4.63 -12.02
N SER N 156 28.16 -4.45 -12.34
CA SER N 156 29.30 -4.64 -11.40
C SER N 156 28.97 -4.09 -10.01
N SER N 157 28.82 -2.76 -9.92
CA SER N 157 28.55 -2.02 -8.67
C SER N 157 27.27 -2.51 -7.95
N ILE N 158 26.15 -2.68 -8.68
CA ILE N 158 24.86 -3.19 -8.12
C ILE N 158 25.07 -4.60 -7.53
N LEU N 159 25.80 -5.46 -8.24
CA LEU N 159 26.11 -6.83 -7.74
C LEU N 159 27.00 -6.73 -6.49
N GLY N 160 27.90 -5.74 -6.46
CA GLY N 160 28.90 -5.56 -5.38
C GLY N 160 28.30 -5.00 -4.11
N ALA N 161 27.24 -4.20 -4.23
CA ALA N 161 26.48 -3.61 -3.12
C ALA N 161 25.68 -4.71 -2.40
N ILE N 162 25.03 -5.55 -3.19
CA ILE N 162 24.22 -6.72 -2.73
C ILE N 162 25.08 -7.61 -1.83
N ASN N 163 26.36 -7.71 -2.22
CA ASN N 163 27.36 -8.60 -1.60
C ASN N 163 27.89 -7.95 -0.31
N PHE N 164 28.20 -6.64 -0.35
CA PHE N 164 28.70 -5.88 0.83
C PHE N 164 27.58 -5.87 1.86
N ILE N 165 26.37 -5.41 1.49
CA ILE N 165 25.24 -5.23 2.46
C ILE N 165 24.94 -6.57 3.15
N THR N 166 24.84 -7.68 2.40
CA THR N 166 24.67 -9.06 2.92
C THR N 166 25.88 -9.43 3.80
N THR N 167 27.09 -9.01 3.45
CA THR N 167 28.29 -9.35 4.29
C THR N 167 28.27 -8.54 5.60
N ILE N 168 28.16 -7.22 5.52
CA ILE N 168 28.26 -6.35 6.73
C ILE N 168 27.17 -6.72 7.75
N ILE N 169 26.02 -7.22 7.29
CA ILE N 169 24.81 -7.47 8.10
C ILE N 169 24.91 -8.87 8.73
N ASN N 170 24.99 -9.89 7.87
CA ASN N 170 24.71 -11.31 8.21
C ASN N 170 25.97 -12.03 8.68
N MET N 171 27.16 -11.44 8.54
CA MET N 171 28.42 -12.23 8.73
C MET N 171 29.35 -11.63 9.79
N LYS N 172 28.81 -11.00 10.83
CA LYS N 172 29.58 -10.45 11.98
C LYS N 172 29.60 -11.50 13.08
N PRO N 173 30.44 -11.36 14.15
CA PRO N 173 30.37 -12.23 15.31
C PRO N 173 28.99 -12.05 15.94
N PRO N 174 28.37 -13.12 16.49
CA PRO N 174 26.96 -13.07 16.86
C PRO N 174 26.62 -11.97 17.89
N ALA N 175 27.52 -11.70 18.82
CA ALA N 175 27.33 -10.70 19.89
C ALA N 175 27.51 -9.29 19.33
N MET N 176 28.31 -9.15 18.27
CA MET N 176 28.64 -7.84 17.65
C MET N 176 27.38 -7.22 17.01
N SER N 177 26.94 -6.07 17.56
CA SER N 177 25.89 -5.20 16.99
C SER N 177 26.45 -4.36 15.83
N GLN N 178 25.53 -3.77 15.07
CA GLN N 178 25.87 -2.87 13.94
C GLN N 178 26.64 -1.69 14.55
N TYR N 179 26.30 -1.33 15.78
CA TYR N 179 26.82 -0.10 16.44
C TYR N 179 28.18 -0.37 17.10
N GLN N 180 28.83 -1.51 16.81
CA GLN N 180 30.26 -1.71 17.15
C GLN N 180 31.01 -2.17 15.92
N THR N 181 30.54 -1.75 14.74
CA THR N 181 31.28 -1.97 13.47
C THR N 181 32.18 -0.76 13.27
N PRO N 182 33.44 -0.93 12.80
CA PRO N 182 34.31 0.22 12.55
C PRO N 182 33.61 1.22 11.62
N LEU N 183 34.14 2.43 11.49
CA LEU N 183 33.44 3.49 10.71
C LEU N 183 33.53 3.16 9.22
N PHE N 184 34.60 2.49 8.79
CA PHE N 184 34.85 2.21 7.36
C PHE N 184 33.71 1.31 6.90
N VAL N 185 33.32 0.41 7.80
CA VAL N 185 32.23 -0.57 7.55
C VAL N 185 30.96 0.27 7.36
N TRP N 186 30.52 1.01 8.37
CA TRP N 186 29.40 1.97 8.23
C TRP N 186 29.55 2.77 6.93
N SER N 187 30.73 3.38 6.71
CA SER N 187 31.02 4.20 5.50
C SER N 187 30.60 3.45 4.24
N VAL N 188 30.76 2.11 4.22
CA VAL N 188 30.69 1.32 2.96
C VAL N 188 29.28 0.79 2.74
N MET N 189 28.65 0.24 3.77
CA MET N 189 27.28 -0.25 3.64
C MET N 189 26.37 0.93 3.27
N ILE N 190 26.63 2.15 3.77
CA ILE N 190 25.76 3.33 3.47
C ILE N 190 25.84 3.62 1.98
N THR N 191 27.04 3.47 1.42
CA THR N 191 27.37 3.71 0.00
C THR N 191 26.72 2.64 -0.87
N ALA N 192 26.85 1.38 -0.47
CA ALA N 192 26.31 0.22 -1.20
C ALA N 192 24.80 0.39 -1.30
N VAL N 193 24.20 1.14 -0.36
CA VAL N 193 22.75 1.49 -0.30
C VAL N 193 22.48 2.58 -1.32
N LEU N 194 23.38 3.57 -1.40
CA LEU N 194 23.28 4.66 -2.38
C LEU N 194 23.39 4.09 -3.80
N LEU N 195 24.35 3.18 -4.04
CA LEU N 195 24.53 2.51 -5.35
C LEU N 195 23.25 1.74 -5.71
N LEU N 196 22.73 0.94 -4.79
CA LEU N 196 21.63 -0.03 -5.05
C LEU N 196 20.39 0.72 -5.55
N LEU N 197 20.25 1.95 -5.09
CA LEU N 197 18.98 2.71 -5.20
C LEU N 197 19.10 3.67 -6.37
N SER N 198 20.30 4.20 -6.61
CA SER N 198 20.62 5.20 -7.65
C SER N 198 20.68 4.57 -9.04
N LEU N 199 21.45 3.47 -9.20
CA LEU N 199 21.94 2.97 -10.51
C LEU N 199 20.82 2.34 -11.33
N PRO N 200 19.85 1.64 -10.72
CA PRO N 200 18.69 1.16 -11.50
C PRO N 200 17.91 2.28 -12.21
N VAL N 201 17.99 3.54 -11.75
CA VAL N 201 17.30 4.65 -12.47
C VAL N 201 18.25 5.19 -13.55
N LEU N 202 19.55 5.27 -13.27
CA LEU N 202 20.56 5.63 -14.29
C LEU N 202 20.39 4.73 -15.52
N ALA N 203 20.31 3.43 -15.21
CA ALA N 203 20.32 2.29 -16.13
C ALA N 203 19.14 2.46 -17.06
N ALA N 204 17.98 2.72 -16.45
CA ALA N 204 16.66 2.86 -17.10
C ALA N 204 16.74 4.01 -18.11
N GLY N 205 17.47 5.08 -17.77
CA GLY N 205 17.54 6.32 -18.57
C GLY N 205 18.48 6.23 -19.75
N ILE N 206 19.63 5.57 -19.61
CA ILE N 206 20.60 5.37 -20.72
C ILE N 206 20.08 4.23 -21.62
N THR N 207 19.21 3.36 -21.11
CA THR N 207 18.49 2.34 -21.90
C THR N 207 17.43 3.05 -22.75
N MET N 208 16.72 4.02 -22.18
CA MET N 208 15.80 4.89 -22.95
C MET N 208 16.55 5.59 -24.08
N LEU N 209 17.77 6.06 -23.82
CA LEU N 209 18.61 6.79 -24.82
C LEU N 209 19.07 5.81 -25.92
N LEU N 210 19.44 4.59 -25.56
CA LEU N 210 19.77 3.48 -26.51
C LEU N 210 18.59 3.24 -27.47
N THR N 211 17.36 3.20 -26.97
CA THR N 211 16.12 3.04 -27.78
C THR N 211 15.67 4.36 -28.42
N ASP N 212 16.35 5.49 -28.24
CA ASP N 212 16.00 6.72 -29.02
C ASP N 212 16.90 6.74 -30.26
N ARG N 213 18.12 6.24 -30.11
CA ARG N 213 19.14 6.12 -31.16
C ARG N 213 18.73 5.01 -32.14
N ASN N 214 18.15 3.92 -31.63
CA ASN N 214 18.14 2.61 -32.33
C ASN N 214 16.73 2.01 -32.58
N LEU N 215 15.69 2.28 -31.76
CA LEU N 215 14.36 1.66 -32.00
C LEU N 215 13.26 2.72 -32.15
N ASN N 216 13.60 3.93 -32.62
CA ASN N 216 12.62 5.00 -32.97
C ASN N 216 11.58 5.18 -31.87
N THR N 217 12.01 5.03 -30.60
CA THR N 217 11.35 5.70 -29.44
C THR N 217 11.67 7.20 -29.54
N THR N 218 10.93 8.01 -28.79
CA THR N 218 10.99 9.49 -28.77
C THR N 218 10.72 9.96 -27.33
N PHE N 219 11.43 9.34 -26.37
CA PHE N 219 11.39 9.64 -24.91
C PHE N 219 11.82 11.09 -24.70
N PHE N 220 12.84 11.48 -25.45
CA PHE N 220 13.64 12.70 -25.21
C PHE N 220 13.57 13.59 -26.43
N ASP N 221 12.65 13.32 -27.36
CA ASP N 221 12.62 13.98 -28.69
C ASP N 221 11.26 14.68 -28.87
N PRO N 222 11.17 16.03 -28.82
CA PRO N 222 9.86 16.70 -28.91
C PRO N 222 9.12 16.49 -30.24
N ALA N 223 9.80 15.94 -31.25
CA ALA N 223 9.20 15.48 -32.52
C ALA N 223 8.11 14.44 -32.23
N GLY N 224 8.43 13.45 -31.39
CA GLY N 224 7.51 12.36 -31.04
C GLY N 224 6.81 12.54 -29.69
N GLY N 225 6.79 13.78 -29.16
CA GLY N 225 6.06 14.20 -27.93
C GLY N 225 6.80 13.94 -26.62
N GLY N 226 8.14 13.84 -26.67
CA GLY N 226 9.05 13.65 -25.51
C GLY N 226 9.75 14.94 -25.09
N ASP N 227 10.62 14.86 -24.08
CA ASP N 227 11.12 16.05 -23.32
C ASP N 227 12.58 15.80 -23.00
N PRO N 228 13.50 16.68 -23.42
CA PRO N 228 14.93 16.51 -23.12
C PRO N 228 15.26 16.64 -21.62
N ILE N 229 14.45 17.43 -20.91
CA ILE N 229 14.55 17.60 -19.44
C ILE N 229 14.41 16.20 -18.79
N LEU N 230 13.37 15.42 -19.13
CA LEU N 230 13.18 14.06 -18.56
C LEU N 230 14.54 13.40 -18.34
N TYR N 231 15.45 13.43 -19.33
CA TYR N 231 16.76 12.72 -19.26
C TYR N 231 17.57 13.18 -18.04
N GLN N 232 17.54 14.48 -17.79
CA GLN N 232 18.42 15.15 -16.80
C GLN N 232 17.86 14.90 -15.39
N HIS N 233 16.56 14.74 -15.26
CA HIS N 233 15.91 14.32 -14.00
C HIS N 233 16.31 12.87 -13.64
N LEU N 234 16.18 11.92 -14.56
CA LEU N 234 16.66 10.51 -14.35
C LEU N 234 18.18 10.49 -14.12
N PHE N 235 18.97 11.15 -14.99
CA PHE N 235 20.47 11.08 -14.91
C PHE N 235 20.90 11.74 -13.61
N TRP N 236 20.44 12.95 -13.37
CA TRP N 236 20.85 13.69 -12.15
C TRP N 236 20.15 13.15 -10.89
N PHE N 237 19.09 12.35 -11.02
CA PHE N 237 18.46 11.63 -9.87
C PHE N 237 19.48 10.65 -9.32
N PHE N 238 20.30 10.08 -10.19
CA PHE N 238 21.40 9.16 -9.87
C PHE N 238 22.69 9.94 -9.57
N GLY N 239 22.85 11.07 -10.27
CA GLY N 239 24.16 11.71 -10.49
C GLY N 239 24.65 12.45 -9.25
N HIS N 240 23.74 12.95 -8.43
CA HIS N 240 24.15 13.48 -7.11
C HIS N 240 24.53 12.30 -6.21
N PRO N 241 23.65 11.31 -5.92
CA PRO N 241 24.08 10.18 -5.11
C PRO N 241 25.45 9.62 -5.54
N GLU N 242 25.75 9.62 -6.85
CA GLU N 242 27.07 9.15 -7.35
C GLU N 242 28.21 9.85 -6.61
N VAL N 243 28.08 11.16 -6.34
CA VAL N 243 29.21 12.00 -5.82
C VAL N 243 29.45 11.59 -4.37
N TYR N 244 28.36 11.27 -3.64
CA TYR N 244 28.41 10.85 -2.21
C TYR N 244 28.91 9.40 -2.16
N ILE N 245 28.69 8.62 -3.22
CA ILE N 245 29.35 7.29 -3.40
C ILE N 245 30.88 7.45 -3.51
N LEU N 246 31.34 8.51 -4.17
CA LEU N 246 32.79 8.67 -4.44
C LEU N 246 33.51 9.20 -3.20
N ILE N 247 32.81 9.87 -2.27
CA ILE N 247 33.43 10.44 -1.05
C ILE N 247 33.25 9.53 0.20
N LEU N 248 32.10 8.86 0.40
CA LEU N 248 31.72 8.25 1.72
C LEU N 248 32.77 7.28 2.25
N PRO N 249 33.25 6.28 1.49
CA PRO N 249 34.37 5.44 1.95
C PRO N 249 35.62 6.28 2.31
N GLY N 250 35.71 7.46 1.68
CA GLY N 250 36.78 8.43 1.94
C GLY N 250 36.75 8.90 3.38
N PHE N 251 35.62 9.48 3.77
CA PHE N 251 35.24 9.77 5.19
C PHE N 251 35.71 8.60 6.07
N GLY N 252 35.09 7.44 5.93
CA GLY N 252 35.52 6.18 6.56
C GLY N 252 37.02 6.05 6.84
N MET N 253 37.89 6.12 5.81
CA MET N 253 39.36 5.87 5.95
C MET N 253 40.01 7.10 6.61
N ILE N 254 39.48 8.28 6.32
CA ILE N 254 39.91 9.52 7.01
C ILE N 254 39.73 9.23 8.51
N SER N 255 38.54 8.73 8.89
CA SER N 255 38.13 8.48 10.30
C SER N 255 39.12 7.50 10.95
N HIS N 256 39.57 6.48 10.21
CA HIS N 256 40.55 5.46 10.67
C HIS N 256 41.96 6.09 10.78
N ILE N 257 42.38 6.87 9.80
CA ILE N 257 43.80 7.34 9.73
C ILE N 257 44.06 8.29 10.89
N VAL N 258 43.15 9.23 11.08
CA VAL N 258 43.28 10.38 12.01
C VAL N 258 43.10 9.84 13.42
N THR N 259 42.35 8.75 13.53
CA THR N 259 42.16 7.99 14.79
C THR N 259 43.48 7.28 15.14
N TYR N 260 44.09 6.57 14.18
CA TYR N 260 45.34 5.77 14.36
C TYR N 260 46.50 6.68 14.78
N TYR N 261 46.80 7.66 13.92
CA TYR N 261 48.05 8.45 13.89
C TYR N 261 47.99 9.62 14.88
N SER N 262 46.92 9.68 15.68
CA SER N 262 46.76 10.53 16.88
C SER N 262 46.88 9.66 18.15
N GLY N 263 46.97 8.35 17.93
CA GLY N 263 47.15 7.36 19.01
C GLY N 263 45.93 7.17 19.87
N LYS N 264 44.73 7.53 19.44
CA LYS N 264 43.47 7.39 20.24
C LYS N 264 42.87 5.99 20.02
N LYS N 265 42.10 5.46 20.97
CA LYS N 265 41.58 4.06 20.88
C LYS N 265 40.25 4.06 20.11
N GLU N 266 39.60 5.22 19.92
CA GLU N 266 38.42 5.36 19.02
C GLU N 266 38.34 6.79 18.49
N PRO N 267 37.47 7.08 17.50
CA PRO N 267 37.29 8.45 17.05
C PRO N 267 36.32 9.14 18.01
N PHE N 268 36.32 10.47 17.99
CA PHE N 268 35.41 11.31 18.82
C PHE N 268 34.01 11.20 18.22
N GLY N 269 33.04 10.75 19.00
CA GLY N 269 31.61 10.78 18.64
C GLY N 269 31.19 9.69 17.67
N TYR N 270 31.59 8.43 17.88
CA TYR N 270 31.31 7.29 16.96
C TYR N 270 29.89 7.39 16.37
N MET N 271 28.84 7.22 17.20
CA MET N 271 27.38 7.30 16.85
C MET N 271 27.04 8.60 16.11
N GLY N 272 27.70 9.70 16.40
CA GLY N 272 27.41 10.99 15.76
C GLY N 272 27.86 10.96 14.32
N MET N 273 29.06 10.41 14.08
CA MET N 273 29.66 10.18 12.74
C MET N 273 28.79 9.18 12.00
N VAL N 274 28.23 8.21 12.70
CA VAL N 274 27.27 7.27 12.05
C VAL N 274 26.00 8.05 11.68
N TRP N 275 25.41 8.85 12.59
CA TRP N 275 24.21 9.69 12.26
C TRP N 275 24.53 10.50 11.01
N ALA N 276 25.58 11.31 11.08
CA ALA N 276 26.18 12.10 9.99
C ALA N 276 26.06 11.42 8.60
N MET N 277 26.75 10.30 8.34
CA MET N 277 26.91 9.69 6.96
C MET N 277 25.58 9.12 6.45
N MET N 278 24.68 8.67 7.33
CA MET N 278 23.34 8.24 6.86
C MET N 278 22.60 9.49 6.45
N SER N 279 22.61 10.51 7.30
CA SER N 279 22.07 11.85 6.97
C SER N 279 22.58 12.26 5.59
N ILE N 280 23.90 12.45 5.49
CA ILE N 280 24.63 12.82 4.24
C ILE N 280 24.09 11.95 3.10
N GLY N 281 23.86 10.66 3.40
CA GLY N 281 23.22 9.68 2.50
C GLY N 281 21.86 10.17 2.05
N PHE N 282 20.92 10.18 2.99
CA PHE N 282 19.46 10.43 2.83
C PHE N 282 19.19 11.73 2.08
N LEU N 283 19.83 12.82 2.49
CA LEU N 283 19.74 14.17 1.85
C LEU N 283 20.36 14.13 0.45
N GLY N 284 21.27 13.20 0.17
CA GLY N 284 22.00 13.15 -1.12
C GLY N 284 21.08 12.72 -2.25
N PHE N 285 19.89 12.25 -1.87
CA PHE N 285 18.88 11.68 -2.80
C PHE N 285 17.83 12.71 -3.19
N ILE N 286 17.57 13.73 -2.38
CA ILE N 286 16.35 14.56 -2.59
C ILE N 286 16.72 15.97 -3.04
N VAL N 287 17.87 16.13 -3.74
CA VAL N 287 18.56 17.43 -4.03
C VAL N 287 18.96 17.56 -5.52
N TRP N 288 18.75 16.54 -6.36
CA TRP N 288 19.40 16.40 -7.70
C TRP N 288 19.25 17.62 -8.60
N ALA N 289 18.14 18.33 -8.58
CA ALA N 289 17.79 19.42 -9.53
C ALA N 289 18.62 20.69 -9.30
N HIS N 290 19.57 20.72 -8.35
CA HIS N 290 20.57 21.83 -8.24
C HIS N 290 21.56 21.75 -9.41
N HIS N 291 21.42 20.69 -10.24
CA HIS N 291 22.19 20.46 -11.50
C HIS N 291 21.47 21.05 -12.72
N MET N 292 20.29 21.66 -12.53
CA MET N 292 19.38 22.08 -13.62
C MET N 292 18.69 23.41 -13.26
N PHE N 293 19.43 24.38 -12.70
CA PHE N 293 18.90 25.70 -12.23
C PHE N 293 18.74 26.68 -13.40
N THR N 294 19.29 26.35 -14.57
CA THR N 294 19.29 27.17 -15.82
C THR N 294 18.26 26.68 -16.85
N VAL N 295 17.70 25.45 -16.68
CA VAL N 295 16.83 24.78 -17.71
C VAL N 295 15.41 25.38 -17.72
N GLY N 296 14.89 25.88 -16.58
CA GLY N 296 13.68 26.71 -16.54
C GLY N 296 12.60 26.26 -15.55
N MET N 297 12.90 25.37 -14.60
CA MET N 297 11.92 24.89 -13.59
C MET N 297 11.34 26.11 -12.86
N ASP N 298 10.13 26.02 -12.30
CA ASP N 298 9.49 27.21 -11.69
C ASP N 298 10.24 27.56 -10.39
N VAL N 299 10.04 28.79 -9.92
CA VAL N 299 10.93 29.47 -8.93
C VAL N 299 10.79 28.73 -7.61
N ASP N 300 9.56 28.29 -7.31
CA ASP N 300 9.18 27.65 -6.03
C ASP N 300 9.93 26.31 -5.89
N THR N 301 10.08 25.57 -6.99
CA THR N 301 10.90 24.34 -7.13
C THR N 301 12.38 24.72 -6.91
N ARG N 302 12.89 25.60 -7.77
CA ARG N 302 14.29 26.10 -7.79
C ARG N 302 14.71 26.47 -6.36
N ALA N 303 13.80 27.12 -5.63
CA ALA N 303 14.02 27.71 -4.29
C ALA N 303 14.06 26.61 -3.22
N TYR N 304 13.25 25.57 -3.40
CA TYR N 304 13.31 24.31 -2.61
C TYR N 304 14.69 23.63 -2.73
N PHE N 305 15.15 23.41 -3.97
CA PHE N 305 16.38 22.61 -4.21
C PHE N 305 17.61 23.38 -3.71
N THR N 306 17.52 24.70 -3.70
CA THR N 306 18.52 25.56 -3.04
C THR N 306 18.56 25.16 -1.58
N SER N 307 17.43 25.25 -0.87
CA SER N 307 17.34 25.05 0.59
C SER N 307 17.75 23.61 0.99
N ALA N 308 17.22 22.58 0.32
CA ALA N 308 17.53 21.15 0.59
C ALA N 308 19.02 20.86 0.42
N THR N 309 19.64 21.43 -0.60
CA THR N 309 21.08 21.24 -0.84
C THR N 309 21.88 21.78 0.36
N MET N 310 21.44 22.88 0.96
CA MET N 310 22.19 23.60 2.00
C MET N 310 22.20 22.77 3.29
N ILE N 311 21.10 22.14 3.67
CA ILE N 311 21.00 21.40 4.96
C ILE N 311 22.16 20.40 5.08
N ILE N 312 22.63 19.84 3.94
CA ILE N 312 23.70 18.80 3.80
C ILE N 312 24.97 19.26 4.52
N ALA N 313 25.13 20.57 4.72
CA ALA N 313 26.35 21.19 5.32
C ALA N 313 26.47 20.77 6.77
N ILE N 314 25.35 20.70 7.47
CA ILE N 314 25.31 20.47 8.93
C ILE N 314 25.84 19.06 9.25
N PRO N 315 25.29 17.95 8.69
CA PRO N 315 25.83 16.62 9.00
C PRO N 315 27.26 16.44 8.47
N THR N 316 27.61 17.08 7.33
CA THR N 316 29.01 17.14 6.81
C THR N 316 29.89 17.91 7.80
N GLY N 317 29.39 19.00 8.39
CA GLY N 317 30.09 19.80 9.42
C GLY N 317 30.43 18.97 10.66
N VAL N 318 29.47 18.14 11.10
CA VAL N 318 29.62 17.25 12.29
C VAL N 318 30.83 16.35 12.09
N LYS N 319 31.01 15.88 10.86
CA LYS N 319 32.14 14.99 10.51
C LYS N 319 33.42 15.82 10.58
N VAL N 320 33.43 17.02 9.98
CA VAL N 320 34.66 17.88 10.01
C VAL N 320 35.05 18.09 11.47
N PHE N 321 34.20 18.70 12.33
CA PHE N 321 34.59 19.03 13.72
C PHE N 321 34.87 17.75 14.51
N SER N 322 34.23 16.62 14.16
CA SER N 322 34.48 15.32 14.84
C SER N 322 35.87 14.74 14.53
N TRP N 323 36.48 15.01 13.37
CA TRP N 323 37.90 14.62 13.12
C TRP N 323 38.80 15.52 13.95
N LEU N 324 38.50 16.81 14.02
CA LEU N 324 39.45 17.77 14.65
C LEU N 324 39.51 17.47 16.16
N ALA N 325 38.39 17.02 16.73
CA ALA N 325 38.26 16.58 18.13
C ALA N 325 38.99 15.24 18.32
N THR N 326 39.01 14.44 17.26
CA THR N 326 39.77 13.15 17.15
C THR N 326 41.28 13.41 17.15
N LEU N 327 41.73 14.65 16.91
CA LEU N 327 43.18 15.04 16.96
C LEU N 327 43.55 15.56 18.36
N HIS N 328 42.62 16.28 19.01
CA HIS N 328 42.82 17.05 20.27
C HIS N 328 43.42 16.15 21.37
N GLY N 329 44.58 16.52 21.89
CA GLY N 329 45.22 15.75 22.98
C GLY N 329 45.76 14.42 22.48
N GLY N 330 46.09 14.35 21.19
CA GLY N 330 46.64 13.16 20.56
C GLY N 330 48.15 13.19 20.58
N ASN N 331 48.78 12.00 20.62
CA ASN N 331 50.23 11.78 20.36
C ASN N 331 50.39 11.77 18.84
N ILE N 332 50.47 12.95 18.24
CA ILE N 332 50.42 13.15 16.76
C ILE N 332 51.71 12.62 16.15
N LYS N 333 51.62 11.56 15.35
CA LYS N 333 52.77 10.93 14.67
C LYS N 333 52.64 11.26 13.18
N TRP N 334 53.53 12.10 12.65
CA TRP N 334 53.33 12.76 11.32
C TRP N 334 53.74 11.85 10.16
N SER N 335 52.99 10.77 9.90
CA SER N 335 53.23 9.83 8.77
C SER N 335 52.95 10.55 7.46
N PRO N 336 53.36 9.97 6.30
CA PRO N 336 52.81 10.38 5.00
C PRO N 336 51.28 10.55 5.09
N ALA N 337 50.62 9.43 5.46
CA ALA N 337 49.17 9.19 5.64
C ALA N 337 48.53 10.28 6.50
N MET N 338 49.24 10.73 7.54
CA MET N 338 48.72 11.81 8.41
C MET N 338 48.79 13.14 7.67
N MET N 339 49.84 13.41 6.89
CA MET N 339 49.85 14.63 6.03
C MET N 339 48.74 14.55 4.99
N TRP N 340 48.46 13.36 4.45
CA TRP N 340 47.36 13.14 3.48
C TRP N 340 46.02 13.55 4.12
N ALA N 341 45.62 12.89 5.19
CA ALA N 341 44.35 13.15 5.89
C ALA N 341 44.19 14.64 6.22
N LEU N 342 45.24 15.27 6.72
CA LEU N 342 45.16 16.67 7.21
C LEU N 342 44.92 17.63 6.04
N GLY N 343 45.53 17.40 4.88
CA GLY N 343 45.20 18.17 3.67
C GLY N 343 43.74 18.01 3.29
N PHE N 344 43.28 16.75 3.16
CA PHE N 344 41.85 16.36 3.03
C PHE N 344 41.03 17.29 3.91
N ILE N 345 41.20 17.17 5.22
CA ILE N 345 40.24 17.81 6.15
C ILE N 345 40.10 19.27 5.74
N PHE N 346 41.16 19.90 5.26
CA PHE N 346 41.09 21.34 4.93
C PHE N 346 40.57 21.53 3.50
N LEU N 347 41.14 20.80 2.52
CA LEU N 347 40.87 21.01 1.07
C LEU N 347 39.44 20.55 0.76
N PHE N 348 38.97 19.53 1.49
CA PHE N 348 37.55 19.12 1.45
C PHE N 348 36.70 20.31 1.94
N THR N 349 37.07 20.90 3.08
CA THR N 349 36.29 21.98 3.74
C THR N 349 36.23 23.23 2.85
N VAL N 350 37.00 23.25 1.77
CA VAL N 350 37.10 24.42 0.85
C VAL N 350 36.15 24.18 -0.32
N GLY N 351 36.27 23.05 -0.98
CA GLY N 351 35.49 22.73 -2.18
C GLY N 351 34.13 22.26 -1.77
N GLY N 352 34.03 21.78 -0.53
CA GLY N 352 32.74 21.64 0.17
C GLY N 352 31.97 22.95 0.23
N LEU N 353 32.66 24.09 0.40
CA LEU N 353 32.04 25.42 0.62
C LEU N 353 31.64 26.06 -0.70
N THR N 354 32.48 25.97 -1.73
CA THR N 354 32.19 26.51 -3.07
C THR N 354 30.84 25.90 -3.55
N GLY N 355 30.57 24.64 -3.20
CA GLY N 355 29.28 23.94 -3.47
C GLY N 355 28.12 24.58 -2.72
N ILE N 356 28.41 25.23 -1.59
CA ILE N 356 27.39 26.01 -0.83
C ILE N 356 27.11 27.31 -1.58
N VAL N 357 28.09 27.93 -2.24
CA VAL N 357 27.87 29.08 -3.18
C VAL N 357 26.89 28.58 -4.25
N LEU N 358 27.24 27.46 -4.87
CA LEU N 358 26.52 26.88 -6.03
C LEU N 358 25.10 26.47 -5.66
N ALA N 359 24.80 26.36 -4.37
CA ALA N 359 23.52 25.78 -3.91
C ALA N 359 22.46 26.86 -4.10
N ASN N 360 22.88 28.11 -4.07
CA ASN N 360 22.01 29.31 -4.24
C ASN N 360 21.63 29.40 -5.71
N SER N 361 20.38 29.03 -6.03
CA SER N 361 19.78 29.06 -7.39
C SER N 361 20.16 30.37 -8.10
N SER N 362 19.99 31.50 -7.41
CA SER N 362 20.31 32.89 -7.85
C SER N 362 21.69 32.95 -8.48
N LEU N 363 22.73 32.68 -7.71
CA LEU N 363 24.13 32.73 -8.23
C LEU N 363 24.36 31.64 -9.30
N ASP N 364 23.92 30.40 -9.11
CA ASP N 364 24.30 29.31 -10.06
C ASP N 364 23.93 29.74 -11.50
N ILE N 365 22.94 30.63 -11.63
CA ILE N 365 22.58 31.31 -12.91
C ILE N 365 23.87 31.75 -13.60
N VAL N 366 24.73 32.44 -12.86
CA VAL N 366 25.98 33.01 -13.45
C VAL N 366 27.10 31.97 -13.34
N LEU N 367 27.08 31.11 -12.33
CA LEU N 367 28.19 30.17 -12.08
C LEU N 367 28.07 28.92 -12.96
N HIS N 368 26.86 28.48 -13.30
CA HIS N 368 26.63 27.23 -14.08
C HIS N 368 27.44 27.27 -15.38
N ASP N 369 28.01 26.15 -15.80
CA ASP N 369 28.70 25.94 -17.10
C ASP N 369 29.81 26.98 -17.23
N THR N 370 30.39 27.43 -16.11
CA THR N 370 31.71 28.10 -16.02
C THR N 370 32.63 27.19 -15.20
N TYR N 371 33.94 27.46 -15.20
CA TYR N 371 34.99 26.64 -14.51
C TYR N 371 34.79 26.63 -12.98
N TYR N 372 34.15 27.66 -12.41
CA TYR N 372 33.81 27.69 -10.96
C TYR N 372 33.36 26.29 -10.53
N VAL N 373 32.30 25.79 -11.20
CA VAL N 373 31.77 24.41 -11.03
C VAL N 373 32.93 23.43 -11.16
N VAL N 374 33.63 23.42 -12.31
CA VAL N 374 34.85 22.61 -12.53
C VAL N 374 35.71 22.65 -11.24
N ALA N 375 36.00 23.86 -10.72
CA ALA N 375 36.99 24.04 -9.64
C ALA N 375 36.43 23.43 -8.36
N HIS N 376 35.21 23.82 -7.97
CA HIS N 376 34.39 23.17 -6.91
C HIS N 376 34.65 21.67 -6.83
N PHE N 377 34.28 20.91 -7.88
CA PHE N 377 34.21 19.43 -7.81
C PHE N 377 35.60 18.80 -8.08
N HIS N 378 36.61 19.60 -8.42
CA HIS N 378 38.03 19.15 -8.56
C HIS N 378 38.78 19.30 -7.23
N TYR N 379 38.18 19.99 -6.24
CA TYR N 379 38.72 20.18 -4.88
C TYR N 379 38.27 19.00 -4.01
N VAL N 380 37.02 18.55 -4.18
CA VAL N 380 36.42 17.42 -3.39
C VAL N 380 36.85 16.07 -3.95
N LEU N 381 37.32 16.06 -5.22
CA LEU N 381 37.60 14.82 -5.98
C LEU N 381 39.11 14.68 -6.18
N SER N 382 39.78 15.73 -6.66
CA SER N 382 41.25 15.67 -6.88
C SER N 382 42.00 15.78 -5.55
N MET N 383 41.49 16.59 -4.60
CA MET N 383 42.11 16.76 -3.26
C MET N 383 41.20 16.22 -2.15
N GLY N 384 39.99 15.75 -2.47
CA GLY N 384 39.18 14.99 -1.50
C GLY N 384 39.40 13.50 -1.68
N ALA N 385 38.69 12.92 -2.65
CA ALA N 385 38.55 11.47 -2.86
C ALA N 385 39.93 10.84 -3.08
N VAL N 386 40.85 11.57 -3.73
CA VAL N 386 42.20 11.04 -4.11
C VAL N 386 43.12 11.00 -2.90
N PHE N 387 43.08 12.04 -2.04
CA PHE N 387 43.85 12.13 -0.76
C PHE N 387 43.38 11.01 0.19
N ALA N 388 42.08 10.73 0.27
CA ALA N 388 41.56 9.56 1.03
C ALA N 388 42.30 8.32 0.55
N ILE N 389 42.33 8.17 -0.78
CA ILE N 389 42.89 6.99 -1.51
C ILE N 389 44.38 6.88 -1.18
N MET N 390 45.12 7.97 -1.40
CA MET N 390 46.59 8.03 -1.14
C MET N 390 46.84 7.65 0.31
N GLY N 391 46.19 8.34 1.24
CA GLY N 391 46.38 8.14 2.69
C GLY N 391 46.26 6.68 3.06
N GLY N 392 45.12 6.08 2.72
CA GLY N 392 44.79 4.68 3.06
C GLY N 392 45.72 3.75 2.35
N PHE N 393 46.02 4.05 1.08
CA PHE N 393 46.95 3.25 0.26
C PHE N 393 48.30 3.20 0.97
N VAL N 394 48.84 4.39 1.28
CA VAL N 394 50.11 4.57 2.03
C VAL N 394 49.97 3.74 3.31
N HIS N 395 48.92 4.02 4.08
CA HIS N 395 48.65 3.45 5.42
C HIS N 395 48.45 1.93 5.37
N TRP N 396 47.75 1.40 4.36
CA TRP N 396 47.46 -0.06 4.30
C TRP N 396 48.30 -0.82 3.28
N PHE N 397 49.15 -0.15 2.51
CA PHE N 397 50.06 -0.82 1.56
C PHE N 397 50.87 -1.87 2.32
N PRO N 398 51.34 -1.62 3.56
CA PRO N 398 52.10 -2.61 4.31
C PRO N 398 51.39 -3.94 4.59
N LEU N 399 50.05 -3.92 4.65
CA LEU N 399 49.21 -5.09 4.98
C LEU N 399 49.03 -5.93 3.74
N PHE N 400 48.77 -5.25 2.64
CA PHE N 400 48.47 -5.90 1.35
C PHE N 400 49.77 -6.56 0.87
N SER N 401 50.91 -5.85 0.97
CA SER N 401 52.23 -6.24 0.41
C SER N 401 53.06 -7.05 1.41
N GLY N 402 53.09 -6.65 2.68
CA GLY N 402 54.00 -7.19 3.71
C GLY N 402 55.25 -6.32 3.87
N TYR N 403 55.44 -5.42 2.93
CA TYR N 403 56.64 -4.59 2.70
C TYR N 403 56.32 -3.11 3.00
N THR N 404 57.24 -2.39 3.68
CA THR N 404 57.13 -0.96 4.09
C THR N 404 57.55 -0.04 2.93
N LEU N 405 56.94 1.14 2.82
CA LEU N 405 57.42 2.18 1.89
C LEU N 405 58.50 2.97 2.62
N ASN N 406 59.30 3.71 1.86
CA ASN N 406 60.23 4.73 2.39
C ASN N 406 59.41 5.99 2.72
N ASP N 407 59.10 6.18 4.00
CA ASP N 407 58.25 7.29 4.54
C ASP N 407 58.75 8.64 4.04
N THR N 408 60.07 8.86 3.98
CA THR N 408 60.69 10.13 3.51
C THR N 408 60.20 10.43 2.09
N TRP N 409 60.42 9.47 1.18
CA TRP N 409 59.98 9.52 -0.24
C TRP N 409 58.49 9.86 -0.28
N ALA N 410 57.71 9.12 0.50
CA ALA N 410 56.22 9.17 0.59
C ALA N 410 55.73 10.55 1.02
N LYS N 411 56.58 11.35 1.68
CA LYS N 411 56.31 12.78 2.01
C LYS N 411 56.79 13.63 0.84
N ILE N 412 57.93 13.27 0.28
CA ILE N 412 58.44 13.91 -0.96
C ILE N 412 57.31 13.93 -2.00
N HIS N 413 56.58 12.81 -2.16
CA HIS N 413 55.46 12.67 -3.13
C HIS N 413 54.30 13.58 -2.70
N PHE N 414 53.87 13.52 -1.42
CA PHE N 414 52.79 14.38 -0.87
C PHE N 414 53.03 15.86 -1.23
N ALA N 415 54.28 16.31 -1.05
CA ALA N 415 54.67 17.75 -1.05
C ALA N 415 54.56 18.30 -2.48
N ILE N 416 55.06 17.55 -3.47
CA ILE N 416 54.89 17.91 -4.91
C ILE N 416 53.38 18.05 -5.19
N MET N 417 52.64 16.97 -4.94
CA MET N 417 51.20 16.80 -5.27
C MET N 417 50.43 18.01 -4.72
N PHE N 418 50.70 18.39 -3.46
CA PHE N 418 49.99 19.48 -2.73
C PHE N 418 50.11 20.80 -3.51
N VAL N 419 51.32 21.16 -3.96
CA VAL N 419 51.57 22.41 -4.72
C VAL N 419 50.90 22.34 -6.11
N GLY N 420 50.92 21.15 -6.74
CA GLY N 420 50.34 20.85 -8.07
C GLY N 420 48.82 21.02 -8.14
N VAL N 421 48.06 20.31 -7.31
CA VAL N 421 46.57 20.33 -7.38
C VAL N 421 46.06 21.73 -7.00
N ASN N 422 46.68 22.37 -5.99
CA ASN N 422 46.22 23.70 -5.52
C ASN N 422 46.39 24.69 -6.67
N MET N 423 47.62 24.81 -7.19
CA MET N 423 48.00 25.67 -8.34
C MET N 423 47.20 25.26 -9.60
N THR N 424 46.98 23.96 -9.85
CA THR N 424 46.16 23.51 -11.00
C THR N 424 44.77 24.17 -11.01
N PHE N 425 44.13 24.25 -9.83
CA PHE N 425 42.66 24.41 -9.67
C PHE N 425 42.24 25.70 -8.96
N PHE N 426 43.10 26.28 -8.12
CA PHE N 426 42.74 27.57 -7.47
C PHE N 426 42.45 28.61 -8.55
N PRO N 427 43.32 28.78 -9.57
CA PRO N 427 43.09 29.80 -10.59
C PRO N 427 41.73 29.68 -11.32
N GLN N 428 41.16 28.47 -11.38
CA GLN N 428 39.90 28.19 -12.13
C GLN N 428 38.72 28.85 -11.41
N HIS N 429 38.93 29.39 -10.21
CA HIS N 429 37.85 30.01 -9.40
C HIS N 429 37.50 31.30 -10.09
N PHE N 430 38.57 32.03 -10.48
CA PHE N 430 38.57 33.30 -11.22
C PHE N 430 37.98 33.04 -12.62
N LEU N 431 38.62 32.16 -13.39
CA LEU N 431 38.13 31.79 -14.73
C LEU N 431 36.59 31.74 -14.76
N GLY N 432 35.94 31.13 -13.76
CA GLY N 432 34.47 31.04 -13.70
C GLY N 432 33.78 32.33 -13.22
N LEU N 433 34.41 33.06 -12.30
CA LEU N 433 33.87 34.37 -11.85
C LEU N 433 33.93 35.35 -13.03
N SER N 434 35.06 35.44 -13.74
CA SER N 434 35.24 36.29 -14.96
C SER N 434 34.41 35.72 -16.13
N GLY N 435 34.17 34.41 -16.16
CA GLY N 435 33.08 33.82 -16.97
C GLY N 435 33.52 32.86 -18.06
N MET N 436 34.78 32.38 -18.02
CA MET N 436 35.35 31.36 -18.93
C MET N 436 34.52 30.08 -18.86
N PRO N 437 33.61 29.81 -19.83
CA PRO N 437 32.69 28.68 -19.74
C PRO N 437 33.37 27.31 -19.73
N ARG N 438 32.58 26.27 -19.53
CA ARG N 438 33.03 24.84 -19.41
C ARG N 438 33.00 24.19 -20.80
N ARG N 439 33.86 23.21 -21.02
CA ARG N 439 33.88 22.33 -22.21
C ARG N 439 34.23 23.18 -23.46
N TYR N 440 35.22 24.09 -23.30
CA TYR N 440 35.82 24.96 -24.34
C TYR N 440 37.29 24.56 -24.58
N SER N 441 37.70 24.42 -25.84
CA SER N 441 39.09 24.15 -26.33
C SER N 441 39.86 25.47 -26.51
N ASP N 442 39.12 26.56 -26.71
CA ASP N 442 39.75 27.90 -26.81
C ASP N 442 38.94 28.90 -25.98
N TYR N 443 39.64 29.94 -25.52
CA TYR N 443 39.13 30.97 -24.60
C TYR N 443 39.51 32.30 -25.18
N PRO N 444 38.62 33.31 -25.07
CA PRO N 444 38.94 34.70 -25.39
C PRO N 444 40.29 35.10 -24.78
N ASP N 445 40.92 36.11 -25.37
CA ASP N 445 42.31 36.57 -25.05
C ASP N 445 42.43 36.73 -23.53
N ALA N 446 41.51 37.50 -22.94
CA ALA N 446 41.38 37.78 -21.49
C ALA N 446 41.95 36.65 -20.63
N TYR N 447 41.47 35.41 -20.84
CA TYR N 447 41.43 34.29 -19.86
C TYR N 447 42.75 33.51 -19.87
N THR N 448 43.86 34.13 -20.33
CA THR N 448 45.10 33.40 -20.71
C THR N 448 45.93 33.11 -19.46
N MET N 449 46.21 34.12 -18.63
CA MET N 449 47.18 34.03 -17.50
C MET N 449 46.83 32.78 -16.68
N TRP N 450 45.62 32.76 -16.12
CA TRP N 450 45.16 31.69 -15.20
C TRP N 450 45.32 30.36 -15.92
N ASN N 451 44.67 30.22 -17.07
CA ASN N 451 44.66 28.98 -17.90
C ASN N 451 46.08 28.43 -18.06
N THR N 452 47.05 29.33 -18.27
CA THR N 452 48.49 29.03 -18.47
C THR N 452 49.05 28.41 -17.19
N ILE N 453 48.88 29.13 -16.06
CA ILE N 453 49.36 28.78 -14.68
C ILE N 453 48.71 27.45 -14.29
N SER N 454 47.38 27.44 -14.38
CA SER N 454 46.48 26.28 -14.22
C SER N 454 47.05 25.03 -14.90
N SER N 455 47.53 25.13 -16.16
CA SER N 455 48.08 23.99 -16.93
C SER N 455 49.53 23.72 -16.54
N MET N 456 50.25 24.68 -15.94
CA MET N 456 51.62 24.44 -15.38
C MET N 456 51.51 23.49 -14.17
N GLY N 457 50.55 23.75 -13.26
CA GLY N 457 50.25 22.91 -12.09
C GLY N 457 49.91 21.48 -12.48
N SER N 458 49.20 21.29 -13.58
CA SER N 458 48.85 19.96 -14.09
C SER N 458 50.13 19.20 -14.44
N PHE N 459 51.22 19.91 -14.77
CA PHE N 459 52.52 19.30 -15.10
C PHE N 459 53.30 18.95 -13.83
N ILE N 460 53.12 19.70 -12.73
CA ILE N 460 53.74 19.30 -11.43
C ILE N 460 53.04 18.02 -10.99
N SER N 461 51.70 18.02 -11.04
CA SER N 461 50.81 16.88 -10.70
C SER N 461 51.23 15.60 -11.44
N LEU N 462 51.88 15.70 -12.61
CA LEU N 462 52.35 14.53 -13.40
C LEU N 462 53.60 13.93 -12.74
N THR N 463 54.57 14.77 -12.39
CA THR N 463 55.82 14.39 -11.69
C THR N 463 55.47 13.55 -10.46
N ALA N 464 54.48 14.04 -9.70
CA ALA N 464 53.85 13.34 -8.56
C ALA N 464 53.50 11.89 -8.95
N VAL N 465 52.79 11.71 -10.07
CA VAL N 465 52.11 10.42 -10.40
C VAL N 465 53.17 9.43 -10.92
N MET N 466 54.27 9.93 -11.50
CA MET N 466 55.42 9.10 -11.94
C MET N 466 56.26 8.72 -10.72
N LEU N 467 56.54 9.69 -9.85
CA LEU N 467 57.34 9.45 -8.63
C LEU N 467 56.65 8.39 -7.75
N MET N 468 55.32 8.29 -7.79
CA MET N 468 54.57 7.31 -6.95
C MET N 468 54.73 5.90 -7.55
N VAL N 469 54.99 5.81 -8.85
CA VAL N 469 55.27 4.53 -9.55
C VAL N 469 56.62 4.01 -9.04
N PHE N 470 57.66 4.85 -9.09
CA PHE N 470 59.02 4.49 -8.62
C PHE N 470 58.97 4.16 -7.13
N ILE N 471 58.02 4.73 -6.37
CA ILE N 471 57.99 4.59 -4.89
C ILE N 471 57.44 3.20 -4.51
N ILE N 472 56.54 2.66 -5.34
CA ILE N 472 55.94 1.30 -5.15
C ILE N 472 56.98 0.25 -5.56
N TRP N 473 57.88 0.62 -6.47
CA TRP N 473 58.97 -0.27 -6.96
C TRP N 473 59.99 -0.45 -5.84
N GLU N 474 60.63 0.65 -5.40
CA GLU N 474 61.55 0.70 -4.24
C GLU N 474 61.08 -0.30 -3.18
N ALA N 475 59.85 -0.12 -2.66
CA ALA N 475 59.26 -0.93 -1.58
C ALA N 475 59.45 -2.41 -1.84
N PHE N 476 59.07 -2.83 -3.05
CA PHE N 476 59.09 -4.25 -3.49
C PHE N 476 60.55 -4.63 -3.73
N ALA N 477 61.28 -3.73 -4.37
CA ALA N 477 62.73 -3.84 -4.61
C ALA N 477 63.47 -4.12 -3.30
N SER N 478 63.30 -3.26 -2.30
CA SER N 478 64.12 -3.24 -1.05
C SER N 478 63.70 -4.38 -0.13
N LYS N 479 62.40 -4.61 0.01
CA LYS N 479 61.77 -5.77 0.72
C LYS N 479 61.97 -5.71 2.24
N ARG N 480 61.67 -4.58 2.88
CA ARG N 480 61.71 -4.49 4.37
C ARG N 480 60.41 -5.08 4.92
N GLU N 481 60.46 -6.21 5.61
CA GLU N 481 59.26 -6.94 6.11
C GLU N 481 58.80 -6.41 7.47
N VAL N 482 57.52 -6.58 7.81
CA VAL N 482 56.90 -5.94 9.00
C VAL N 482 56.98 -6.87 10.24
N LEU N 483 57.79 -6.48 11.25
CA LEU N 483 57.95 -7.16 12.57
C LEU N 483 56.73 -6.89 13.45
N THR N 484 56.55 -5.60 13.77
CA THR N 484 55.63 -5.08 14.80
C THR N 484 54.70 -4.00 14.22
N VAL N 485 53.43 -4.00 14.63
CA VAL N 485 52.46 -2.92 14.29
C VAL N 485 51.71 -2.54 15.56
N ASP N 486 51.50 -1.24 15.77
CA ASP N 486 50.88 -0.61 16.96
C ASP N 486 49.36 -0.81 17.00
N LEU N 487 48.78 -0.80 18.19
CA LEU N 487 47.35 -0.45 18.42
C LEU N 487 46.43 -1.55 17.90
N THR N 488 46.93 -2.78 17.83
CA THR N 488 46.22 -3.91 17.18
C THR N 488 44.95 -4.18 17.98
N THR N 489 44.97 -3.86 19.28
CA THR N 489 43.82 -4.00 20.22
C THR N 489 42.52 -3.43 19.61
N THR N 490 42.62 -2.46 18.72
CA THR N 490 41.49 -1.67 18.19
C THR N 490 41.53 -1.64 16.66
N ASN N 491 42.37 -2.44 15.99
CA ASN N 491 42.44 -2.46 14.50
C ASN N 491 42.62 -3.89 14.00
N LEU N 492 41.54 -4.68 14.03
CA LEU N 492 41.47 -6.14 13.74
C LEU N 492 42.19 -6.59 12.46
N GLU N 493 42.45 -5.65 11.54
CA GLU N 493 42.92 -5.96 10.17
C GLU N 493 44.38 -6.40 10.26
N TRP N 494 45.12 -5.77 11.16
CA TRP N 494 46.57 -6.05 11.35
C TRP N 494 46.80 -7.23 12.28
N LEU N 495 45.77 -7.79 12.93
CA LEU N 495 45.98 -8.81 13.98
C LEU N 495 46.32 -10.17 13.36
N ASN N 496 46.30 -10.32 12.03
CA ASN N 496 46.71 -11.59 11.37
C ASN N 496 48.09 -11.43 10.69
N GLY N 497 48.55 -10.20 10.51
CA GLY N 497 49.93 -9.88 10.09
C GLY N 497 49.96 -9.47 8.64
N CYS N 498 51.15 -9.18 8.11
CA CYS N 498 51.35 -8.59 6.75
C CYS N 498 52.18 -9.50 5.84
N PRO N 499 51.65 -9.94 4.67
CA PRO N 499 50.19 -9.99 4.42
C PRO N 499 49.51 -11.14 5.15
N PRO N 500 48.17 -11.10 5.39
CA PRO N 500 47.51 -12.16 6.13
C PRO N 500 47.21 -13.41 5.29
N PRO N 501 47.09 -14.60 5.93
CA PRO N 501 46.94 -15.89 5.21
C PRO N 501 45.70 -15.98 4.32
N TYR N 502 45.82 -16.62 3.14
CA TYR N 502 44.75 -16.78 2.14
C TYR N 502 43.43 -16.91 2.91
N HIS N 503 43.33 -17.97 3.72
CA HIS N 503 42.26 -18.15 4.73
C HIS N 503 42.65 -17.47 6.03
N THR N 504 41.84 -16.49 6.42
CA THR N 504 41.81 -15.84 7.75
C THR N 504 40.53 -16.28 8.43
N PHE N 505 40.48 -16.22 9.76
CA PHE N 505 39.24 -16.42 10.57
C PHE N 505 38.61 -17.79 10.24
N GLU N 506 39.41 -18.78 9.84
CA GLU N 506 38.94 -20.19 9.60
C GLU N 506 38.26 -20.65 10.88
N GLU N 507 38.85 -20.31 12.03
CA GLU N 507 38.15 -20.38 13.35
C GLU N 507 37.85 -18.94 13.77
N PRO N 508 36.57 -18.59 14.01
CA PRO N 508 36.19 -17.19 14.23
C PRO N 508 36.58 -16.60 15.59
N THR N 509 36.62 -15.26 15.63
CA THR N 509 36.86 -14.39 16.81
C THR N 509 35.88 -14.76 17.95
N TYR N 510 36.36 -14.90 19.20
CA TYR N 510 35.47 -15.19 20.35
C TYR N 510 35.08 -13.87 20.99
N VAL N 511 33.79 -13.53 20.93
CA VAL N 511 33.24 -12.31 21.59
C VAL N 511 31.97 -12.69 22.34
N ASN N 512 31.98 -12.51 23.67
CA ASN N 512 30.81 -12.89 24.51
C ASN N 512 29.99 -11.66 24.90
N LEU N 513 28.74 -11.95 25.29
CA LEU N 513 27.73 -11.01 25.89
C LEU N 513 27.85 -11.02 27.42
N LYS N 514 28.07 -9.85 28.03
CA LYS N 514 28.22 -9.68 29.49
C LYS N 514 26.86 -9.88 30.17
N FME O 1 32.80 42.68 -19.94
CN FME O 1 31.70 43.16 -20.59
O1 FME O 1 31.22 42.78 -21.67
CA FME O 1 33.62 41.58 -20.44
CB FME O 1 34.08 41.81 -21.89
CG FME O 1 34.93 43.06 -22.07
SD FME O 1 35.65 43.15 -23.73
CE FME O 1 37.36 42.72 -23.38
C FME O 1 34.85 41.31 -19.57
O FME O 1 35.24 42.11 -18.72
N ALA O 2 35.47 40.14 -19.82
CA ALA O 2 36.64 39.73 -19.09
C ALA O 2 37.87 40.52 -19.59
N TYR O 3 38.59 41.12 -18.63
CA TYR O 3 39.89 41.81 -18.77
C TYR O 3 40.99 40.99 -18.11
N PRO O 4 42.20 40.90 -18.69
CA PRO O 4 43.21 39.94 -18.21
C PRO O 4 43.50 40.08 -16.71
N MET O 5 43.86 38.97 -16.06
CA MET O 5 44.23 38.87 -14.62
C MET O 5 42.99 39.08 -13.74
N GLN O 6 41.78 38.95 -14.29
CA GLN O 6 40.52 39.30 -13.59
C GLN O 6 40.31 38.28 -12.47
N LEU O 7 40.00 38.78 -11.26
CA LEU O 7 39.74 37.92 -10.08
C LEU O 7 38.23 37.65 -9.99
N GLY O 8 37.40 38.70 -9.99
CA GLY O 8 35.98 38.60 -9.57
C GLY O 8 34.99 38.55 -10.73
N PHE O 9 33.76 39.01 -10.46
CA PHE O 9 32.67 39.17 -11.45
C PHE O 9 32.91 40.43 -12.31
N GLN O 10 32.64 40.29 -13.61
CA GLN O 10 32.40 41.39 -14.59
C GLN O 10 31.43 42.40 -13.96
N ASP O 11 31.43 43.64 -14.41
CA ASP O 11 30.75 44.75 -13.70
C ASP O 11 29.24 44.69 -13.94
N ALA O 12 28.47 44.98 -12.89
CA ALA O 12 27.00 44.99 -12.91
C ALA O 12 26.53 46.05 -13.93
N THR O 13 26.03 45.59 -15.07
CA THR O 13 25.38 46.44 -16.10
C THR O 13 23.87 46.51 -15.78
N SER O 14 23.38 45.63 -14.89
CA SER O 14 21.94 45.51 -14.55
C SER O 14 21.73 45.36 -13.04
N PRO O 15 20.59 45.81 -12.49
CA PRO O 15 20.36 45.81 -11.04
C PRO O 15 20.47 44.40 -10.44
N ILE O 16 19.86 43.41 -11.10
CA ILE O 16 19.92 41.97 -10.73
C ILE O 16 21.40 41.58 -10.54
N MET O 17 22.28 41.95 -11.48
CA MET O 17 23.70 41.51 -11.46
C MET O 17 24.44 42.17 -10.29
N GLU O 18 24.05 43.40 -9.93
CA GLU O 18 24.62 44.14 -8.76
C GLU O 18 24.25 43.42 -7.47
N GLU O 19 22.97 43.06 -7.31
CA GLU O 19 22.45 42.28 -6.15
C GLU O 19 23.34 41.06 -5.90
N LEU O 20 23.68 40.33 -6.97
CA LEU O 20 24.39 39.01 -6.94
C LEU O 20 25.90 39.21 -6.73
N LEU O 21 26.42 40.43 -6.90
CA LEU O 21 27.77 40.82 -6.42
C LEU O 21 27.75 40.91 -4.90
N HIS O 22 26.93 41.81 -4.35
CA HIS O 22 26.77 42.10 -2.90
C HIS O 22 26.36 40.84 -2.15
N PHE O 23 25.46 40.05 -2.71
CA PHE O 23 25.06 38.77 -2.09
C PHE O 23 26.30 37.87 -2.04
N HIS O 24 26.99 37.71 -3.17
CA HIS O 24 28.18 36.83 -3.30
C HIS O 24 29.30 37.29 -2.36
N ASP O 25 29.46 38.61 -2.22
CA ASP O 25 30.31 39.28 -1.20
C ASP O 25 29.99 38.76 0.21
N HIS O 26 28.73 38.83 0.64
CA HIS O 26 28.24 38.36 1.96
C HIS O 26 28.62 36.89 2.12
N THR O 27 28.31 36.08 1.13
CA THR O 27 28.54 34.61 1.12
C THR O 27 30.05 34.33 1.24
N LEU O 28 30.87 35.08 0.51
CA LEU O 28 32.34 34.84 0.46
C LEU O 28 33.00 35.27 1.77
N MET O 29 32.46 36.26 2.48
CA MET O 29 32.93 36.67 3.83
C MET O 29 32.91 35.46 4.77
N ILE O 30 31.79 34.74 4.78
CA ILE O 30 31.53 33.55 5.64
C ILE O 30 32.33 32.35 5.12
N VAL O 31 32.43 32.17 3.81
CA VAL O 31 33.37 31.17 3.24
C VAL O 31 34.74 31.46 3.84
N PHE O 32 35.26 32.68 3.59
CA PHE O 32 36.60 33.13 4.01
C PHE O 32 36.80 32.82 5.49
N LEU O 33 35.72 32.94 6.27
CA LEU O 33 35.68 32.82 7.76
C LEU O 33 35.86 31.37 8.19
N ILE O 34 34.95 30.49 7.73
CA ILE O 34 34.86 29.07 8.20
C ILE O 34 36.18 28.37 7.85
N SER O 35 36.77 28.73 6.71
CA SER O 35 38.07 28.22 6.24
C SER O 35 39.16 28.53 7.27
N SER O 36 39.18 29.76 7.82
CA SER O 36 40.26 30.20 8.72
C SER O 36 40.07 29.58 10.12
N LEU O 37 38.82 29.40 10.59
CA LEU O 37 38.45 28.60 11.81
C LEU O 37 39.07 27.20 11.70
N VAL O 38 38.78 26.49 10.60
CA VAL O 38 39.17 25.07 10.35
C VAL O 38 40.69 25.00 10.16
N LEU O 39 41.26 25.95 9.40
CA LEU O 39 42.73 26.06 9.15
C LEU O 39 43.44 26.41 10.47
N TYR O 40 42.95 27.40 11.21
CA TYR O 40 43.51 27.81 12.52
C TYR O 40 43.47 26.59 13.45
N ILE O 41 42.28 26.13 13.85
CA ILE O 41 42.09 25.03 14.85
C ILE O 41 42.95 23.81 14.48
N ILE O 42 43.10 23.50 13.20
CA ILE O 42 43.89 22.33 12.73
C ILE O 42 45.33 22.48 13.22
N SER O 43 45.83 23.70 13.26
CA SER O 43 47.21 24.04 13.67
C SER O 43 47.26 24.15 15.20
N LEU O 44 46.15 24.55 15.81
CA LEU O 44 46.01 24.51 17.29
C LEU O 44 46.29 23.08 17.79
N MET O 45 45.63 22.06 17.21
CA MET O 45 45.72 20.64 17.69
C MET O 45 47.15 20.13 17.47
N LEU O 46 47.83 20.61 16.43
CA LEU O 46 49.06 19.98 15.93
C LEU O 46 50.31 20.54 16.61
N THR O 47 50.15 21.59 17.43
CA THR O 47 51.26 22.39 18.03
C THR O 47 51.13 22.45 19.57
N THR O 48 50.83 21.31 20.21
CA THR O 48 51.01 21.08 21.68
C THR O 48 51.57 19.67 21.90
N LYS O 49 52.40 19.48 22.92
CA LYS O 49 52.94 18.15 23.31
C LYS O 49 52.09 17.55 24.43
N LEU O 50 51.21 18.36 25.04
CA LEU O 50 50.15 17.92 26.00
C LEU O 50 49.25 16.90 25.29
N THR O 51 48.77 15.91 26.03
CA THR O 51 48.05 14.74 25.50
C THR O 51 46.86 14.49 26.41
N HIS O 52 45.85 13.85 25.84
CA HIS O 52 44.59 13.40 26.48
C HIS O 52 44.02 12.28 25.63
N THR O 53 44.64 11.08 25.69
CA THR O 53 44.29 9.93 24.82
C THR O 53 43.07 9.14 25.33
N SER O 54 42.42 9.52 26.43
CA SER O 54 41.31 8.73 27.02
C SER O 54 39.96 9.30 26.56
N THR O 55 38.90 8.48 26.64
CA THR O 55 37.52 8.76 26.12
C THR O 55 37.10 10.20 26.41
N MET O 56 36.44 10.85 25.45
CA MET O 56 35.88 12.22 25.60
C MET O 56 34.36 12.15 25.43
N ASP O 57 33.64 13.21 25.85
CA ASP O 57 32.17 13.23 25.96
C ASP O 57 31.59 14.17 24.89
N ALA O 58 30.86 13.60 23.92
CA ALA O 58 30.33 14.27 22.72
C ALA O 58 29.20 15.24 23.11
N GLN O 59 27.97 14.72 23.19
CA GLN O 59 26.66 15.45 23.25
C GLN O 59 26.85 16.97 23.38
N GLU O 60 27.38 17.43 24.52
CA GLU O 60 27.40 18.86 24.92
C GLU O 60 28.08 19.72 23.84
N VAL O 61 29.12 19.20 23.19
CA VAL O 61 29.90 19.95 22.14
C VAL O 61 29.13 19.94 20.82
N GLU O 62 28.50 18.82 20.47
CA GLU O 62 27.80 18.59 19.17
C GLU O 62 26.66 19.59 18.97
N THR O 63 26.16 20.19 20.05
CA THR O 63 25.03 21.18 20.06
C THR O 63 25.50 22.49 19.42
N ILE O 64 26.64 23.03 19.85
CA ILE O 64 27.30 24.19 19.18
C ILE O 64 27.44 23.86 17.67
N TRP O 65 27.98 22.66 17.33
CA TRP O 65 28.31 22.09 15.99
C TRP O 65 27.11 21.90 15.08
N THR O 66 25.90 22.28 15.51
CA THR O 66 24.67 22.21 14.69
C THR O 66 24.01 23.60 14.68
N ILE O 67 23.55 24.05 15.86
CA ILE O 67 22.95 25.38 16.16
C ILE O 67 23.72 26.50 15.42
N LEU O 68 25.05 26.44 15.31
CA LEU O 68 25.80 27.54 14.67
C LEU O 68 25.68 27.43 13.14
N PRO O 69 26.15 26.34 12.49
CA PRO O 69 25.90 26.16 11.06
C PRO O 69 24.46 26.43 10.62
N ALA O 70 23.46 25.94 11.38
CA ALA O 70 22.01 26.15 11.12
C ALA O 70 21.71 27.64 11.11
N ILE O 71 22.40 28.40 11.97
CA ILE O 71 22.32 29.89 12.02
C ILE O 71 22.90 30.41 10.71
N ILE O 72 24.18 30.08 10.47
CA ILE O 72 25.00 30.65 9.35
C ILE O 72 24.24 30.45 8.03
N LEU O 73 23.48 29.35 7.91
CA LEU O 73 22.83 28.90 6.66
C LEU O 73 21.56 29.69 6.42
N ILE O 74 20.83 30.10 7.46
CA ILE O 74 19.62 30.94 7.25
C ILE O 74 20.12 32.31 6.84
N LEU O 75 21.03 32.90 7.63
CA LEU O 75 21.73 34.16 7.29
C LEU O 75 22.01 34.17 5.77
N ILE O 76 22.62 33.11 5.23
CA ILE O 76 23.00 32.94 3.78
C ILE O 76 21.75 32.86 2.90
N ALA O 77 20.95 31.82 3.11
CA ALA O 77 19.74 31.44 2.32
C ALA O 77 18.78 32.62 2.19
N LEU O 78 18.61 33.42 3.25
CA LEU O 78 17.51 34.40 3.41
C LEU O 78 17.50 35.45 2.30
N PRO O 79 18.64 36.13 1.98
CA PRO O 79 18.76 36.92 0.74
C PRO O 79 18.88 36.13 -0.58
N SER O 80 19.56 34.98 -0.59
CA SER O 80 19.58 34.08 -1.78
C SER O 80 18.16 34.00 -2.32
N LEU O 81 17.22 33.60 -1.45
CA LEU O 81 15.79 33.44 -1.78
C LEU O 81 15.14 34.79 -2.04
N ARG O 82 15.56 35.88 -1.39
CA ARG O 82 15.02 37.24 -1.68
C ARG O 82 15.43 37.63 -3.11
N ILE O 83 16.73 37.53 -3.44
CA ILE O 83 17.27 37.89 -4.78
C ILE O 83 16.64 36.96 -5.83
N LEU O 84 16.34 35.71 -5.46
CA LEU O 84 15.77 34.65 -6.35
C LEU O 84 14.40 35.05 -6.89
N TYR O 85 13.46 35.40 -6.02
CA TYR O 85 12.07 35.80 -6.36
C TYR O 85 12.06 37.17 -7.05
N MET O 86 12.90 38.09 -6.58
CA MET O 86 13.15 39.42 -7.19
C MET O 86 13.48 39.28 -8.69
N MET O 87 14.06 38.16 -9.14
CA MET O 87 14.42 37.89 -10.56
C MET O 87 13.19 37.56 -11.42
N ASP O 88 12.16 36.88 -10.89
CA ASP O 88 10.93 36.47 -11.63
C ASP O 88 9.93 37.63 -11.68
N GLU O 89 9.31 37.94 -10.54
CA GLU O 89 8.45 39.12 -10.23
C GLU O 89 7.54 39.56 -11.40
N ILE O 90 6.41 40.18 -11.03
CA ILE O 90 5.28 40.66 -11.89
C ILE O 90 5.76 41.78 -12.84
N ASN O 91 6.85 41.56 -13.60
CA ASN O 91 7.49 42.67 -14.36
C ASN O 91 6.65 42.99 -15.61
N ASN O 92 6.97 44.14 -16.23
CA ASN O 92 6.20 44.78 -17.32
C ASN O 92 7.17 45.09 -18.45
N PRO O 93 7.28 44.20 -19.47
CA PRO O 93 8.17 44.44 -20.59
C PRO O 93 7.49 45.15 -21.76
N SER O 94 8.23 46.04 -22.44
CA SER O 94 7.80 46.85 -23.61
C SER O 94 8.42 46.29 -24.89
N LEU O 95 9.22 45.23 -24.76
CA LEU O 95 9.82 44.52 -25.92
C LEU O 95 9.93 43.03 -25.62
N THR O 96 9.58 42.20 -26.61
CA THR O 96 9.75 40.72 -26.61
C THR O 96 10.62 40.39 -27.82
N VAL O 97 11.88 39.98 -27.56
CA VAL O 97 12.80 39.48 -28.60
C VAL O 97 12.95 37.97 -28.38
N LYS O 98 13.02 37.18 -29.45
CA LYS O 98 13.34 35.73 -29.41
C LYS O 98 14.76 35.53 -29.94
N THR O 99 15.46 34.52 -29.44
CA THR O 99 16.78 34.05 -29.97
C THR O 99 16.70 32.54 -30.09
N MET O 100 17.30 31.95 -31.12
CA MET O 100 17.30 30.48 -31.39
C MET O 100 18.74 30.02 -31.59
N GLY O 101 19.08 28.85 -31.07
CA GLY O 101 20.45 28.31 -31.08
C GLY O 101 20.57 27.23 -32.14
N HIS O 102 21.59 27.34 -32.99
CA HIS O 102 21.90 26.34 -34.04
C HIS O 102 23.35 25.92 -33.87
N GLN O 103 23.70 24.73 -34.38
CA GLN O 103 25.10 24.31 -34.63
C GLN O 103 25.57 25.08 -35.86
N TRP O 104 26.38 26.14 -35.71
CA TRP O 104 26.79 26.73 -34.46
C TRP O 104 26.67 28.24 -34.60
N TYR O 105 25.46 28.77 -34.58
CA TYR O 105 25.21 30.24 -34.67
C TYR O 105 23.90 30.54 -33.95
N TRP O 106 23.52 31.83 -33.77
CA TRP O 106 22.24 32.21 -33.11
C TRP O 106 21.38 32.99 -34.10
N SER O 107 20.07 32.73 -34.19
CA SER O 107 19.15 33.56 -35.00
C SER O 107 18.23 34.35 -34.06
N TYR O 108 17.88 35.58 -34.40
CA TYR O 108 17.21 36.54 -33.47
C TYR O 108 15.91 37.00 -34.12
N GLU O 109 14.87 37.29 -33.32
CA GLU O 109 13.59 37.74 -33.91
C GLU O 109 12.99 38.89 -33.09
N TYR O 110 12.56 39.93 -33.80
CA TYR O 110 11.77 41.07 -33.27
C TYR O 110 10.43 41.08 -34.04
N THR O 111 9.35 40.55 -33.43
CA THR O 111 8.08 40.25 -34.16
C THR O 111 6.83 40.85 -33.50
N ASP O 112 6.97 41.79 -32.55
CA ASP O 112 5.83 42.54 -31.97
C ASP O 112 5.02 43.25 -33.06
N TYR O 113 5.69 44.05 -33.92
CA TYR O 113 5.11 44.75 -35.11
C TYR O 113 5.44 43.98 -36.40
N GLU O 114 6.72 43.97 -36.83
CA GLU O 114 7.15 43.44 -38.17
C GLU O 114 7.76 42.05 -37.98
N ASP O 115 8.22 41.41 -39.05
CA ASP O 115 8.75 40.01 -39.04
C ASP O 115 10.27 40.05 -39.26
N LEU O 116 10.94 41.00 -38.59
CA LEU O 116 12.41 41.31 -38.65
C LEU O 116 13.22 40.21 -37.91
N SER O 117 14.02 39.43 -38.65
CA SER O 117 14.80 38.29 -38.09
C SER O 117 16.07 38.06 -38.89
N PHE O 118 17.16 37.59 -38.22
CA PHE O 118 18.53 37.56 -38.80
C PHE O 118 19.46 36.59 -38.05
N ASP O 119 20.48 36.10 -38.77
CA ASP O 119 21.55 35.17 -38.31
C ASP O 119 22.72 35.96 -37.70
N SER O 120 23.49 35.32 -36.81
CA SER O 120 24.57 35.95 -35.99
C SER O 120 25.73 34.96 -35.83
N TYR O 121 26.74 35.06 -36.70
CA TYR O 121 27.93 34.18 -36.72
C TYR O 121 29.10 34.90 -36.03
N MET O 122 30.24 34.21 -35.91
CA MET O 122 31.47 34.70 -35.26
C MET O 122 32.42 35.24 -36.33
N ILE O 123 32.87 36.48 -36.21
CA ILE O 123 33.94 37.09 -37.07
C ILE O 123 35.21 36.26 -36.88
N PRO O 124 35.64 35.43 -37.87
CA PRO O 124 36.67 34.41 -37.62
C PRO O 124 38.02 35.11 -37.37
N THR O 125 38.88 34.55 -36.51
CA THR O 125 40.20 35.16 -36.14
C THR O 125 40.71 35.96 -37.35
N SER O 126 40.76 35.32 -38.52
CA SER O 126 41.40 35.83 -39.78
C SER O 126 40.73 37.08 -40.37
N GLU O 127 39.49 37.44 -40.00
CA GLU O 127 38.80 38.65 -40.52
C GLU O 127 38.51 39.67 -39.42
N LEU O 128 39.23 39.62 -38.29
CA LEU O 128 39.11 40.63 -37.21
C LEU O 128 39.82 41.89 -37.72
N LYS O 129 39.10 43.01 -37.81
CA LYS O 129 39.64 44.36 -38.09
C LYS O 129 40.37 44.85 -36.84
N PRO O 130 41.50 45.58 -36.95
CA PRO O 130 42.37 45.88 -35.80
C PRO O 130 41.71 46.49 -34.56
N GLY O 131 41.68 45.72 -33.46
CA GLY O 131 41.03 46.07 -32.19
C GLY O 131 39.79 45.23 -31.89
N GLU O 132 39.41 44.33 -32.81
CA GLU O 132 38.22 43.44 -32.64
C GLU O 132 38.63 42.25 -31.76
N LEU O 133 37.75 41.90 -30.79
CA LEU O 133 38.02 40.92 -29.71
C LEU O 133 37.89 39.50 -30.24
N ARG O 134 38.96 38.72 -30.14
CA ARG O 134 39.08 37.33 -30.67
C ARG O 134 38.05 36.41 -29.99
N LEU O 135 37.21 35.75 -30.80
CA LEU O 135 36.24 34.68 -30.44
C LEU O 135 34.97 35.25 -29.80
N LEU O 136 34.80 36.57 -29.74
CA LEU O 136 33.66 37.22 -29.03
C LEU O 136 32.80 38.01 -30.02
N GLU O 137 33.38 38.33 -31.17
CA GLU O 137 32.83 39.32 -32.13
C GLU O 137 31.83 38.62 -33.05
N VAL O 138 30.74 39.32 -33.38
CA VAL O 138 29.63 38.83 -34.24
C VAL O 138 29.47 39.79 -35.42
N ASP O 139 29.06 39.27 -36.59
CA ASP O 139 28.76 40.10 -37.78
C ASP O 139 27.51 40.93 -37.45
N ASN O 140 26.39 40.27 -37.12
CA ASN O 140 25.17 40.96 -36.66
C ASN O 140 25.18 41.00 -35.13
N ARG O 141 24.85 42.14 -34.54
CA ARG O 141 24.75 42.32 -33.07
C ARG O 141 23.28 42.42 -32.67
N VAL O 142 22.98 42.06 -31.42
CA VAL O 142 21.61 42.16 -30.82
C VAL O 142 21.45 43.59 -30.30
N VAL O 143 20.91 44.46 -31.14
CA VAL O 143 20.59 45.87 -30.78
C VAL O 143 19.30 45.85 -29.96
N LEU O 144 19.38 46.40 -28.76
CA LEU O 144 18.27 46.48 -27.78
C LEU O 144 18.24 47.90 -27.25
N PRO O 145 17.08 48.42 -26.82
CA PRO O 145 17.05 49.72 -26.17
C PRO O 145 17.50 49.61 -24.69
N MET O 146 18.28 50.58 -24.22
CA MET O 146 18.69 50.67 -22.79
C MET O 146 17.53 51.26 -21.97
N GLU O 147 17.59 51.12 -20.63
CA GLU O 147 16.63 51.65 -19.64
C GLU O 147 15.21 51.19 -20.00
N MET O 148 15.03 49.91 -20.33
CA MET O 148 13.69 49.35 -20.64
C MET O 148 13.68 47.85 -20.32
N THR O 149 12.50 47.27 -20.05
CA THR O 149 12.35 45.83 -19.69
C THR O 149 12.09 44.95 -20.95
N ILE O 150 12.98 43.97 -21.20
CA ILE O 150 12.95 43.14 -22.44
C ILE O 150 12.72 41.65 -22.09
N ARG O 151 11.55 41.11 -22.47
CA ARG O 151 11.27 39.66 -22.45
C ARG O 151 12.12 39.02 -23.55
N MET O 152 13.24 38.41 -23.16
CA MET O 152 13.94 37.45 -24.03
C MET O 152 13.21 36.12 -23.91
N LEU O 153 12.93 35.45 -25.02
CA LEU O 153 12.59 34.02 -25.07
C LEU O 153 13.76 33.27 -25.70
N VAL O 154 14.20 32.16 -25.10
CA VAL O 154 15.35 31.35 -25.61
C VAL O 154 14.82 29.96 -25.98
N SER O 155 15.07 29.54 -27.22
CA SER O 155 14.90 28.15 -27.67
C SER O 155 16.10 27.80 -28.54
N SER O 156 16.08 26.59 -29.14
CA SER O 156 17.00 26.08 -30.17
C SER O 156 16.21 25.39 -31.30
N GLU O 157 16.87 24.96 -32.38
CA GLU O 157 16.21 24.08 -33.37
C GLU O 157 16.81 22.68 -33.30
N ASP O 158 18.12 22.57 -33.02
CA ASP O 158 18.87 21.30 -33.11
C ASP O 158 19.17 20.75 -31.70
N VAL O 159 20.40 20.91 -31.19
CA VAL O 159 20.82 20.33 -29.88
C VAL O 159 20.64 21.41 -28.80
N LEU O 160 21.18 21.16 -27.61
CA LEU O 160 21.05 22.05 -26.45
C LEU O 160 22.12 23.12 -26.61
N HIS O 161 21.70 24.38 -26.55
CA HIS O 161 22.57 25.59 -26.42
C HIS O 161 22.20 26.26 -25.09
N SER O 162 23.06 27.18 -24.65
CA SER O 162 22.83 28.01 -23.44
C SER O 162 23.18 29.46 -23.78
N TRP O 163 22.24 30.36 -23.55
CA TRP O 163 22.32 31.81 -23.84
C TRP O 163 22.73 32.54 -22.56
N ALA O 164 23.88 33.21 -22.57
CA ALA O 164 24.66 33.63 -21.38
C ALA O 164 25.27 35.02 -21.60
N VAL O 165 24.82 36.02 -20.84
CA VAL O 165 25.42 37.39 -20.81
C VAL O 165 25.82 37.70 -19.36
N PRO O 166 27.05 37.31 -18.95
CA PRO O 166 27.44 37.35 -17.55
C PRO O 166 27.35 38.71 -16.83
N SER O 167 27.32 39.83 -17.57
CA SER O 167 27.34 41.20 -16.98
C SER O 167 25.91 41.74 -16.80
N LEU O 168 24.93 41.13 -17.47
CA LEU O 168 23.49 41.44 -17.27
C LEU O 168 22.87 40.38 -16.34
N GLY O 169 23.70 39.42 -15.91
CA GLY O 169 23.36 38.40 -14.90
C GLY O 169 22.39 37.41 -15.48
N LEU O 170 22.62 37.01 -16.72
CA LEU O 170 21.75 36.15 -17.53
C LEU O 170 22.49 34.86 -17.93
N LYS O 171 21.88 33.72 -17.67
CA LYS O 171 22.08 32.47 -18.41
C LYS O 171 20.73 31.75 -18.38
N THR O 172 20.18 31.47 -19.56
CA THR O 172 18.99 30.60 -19.74
C THR O 172 19.34 29.57 -20.81
N ASP O 173 19.00 28.31 -20.59
CA ASP O 173 19.23 27.25 -21.61
C ASP O 173 18.29 27.45 -22.83
N ALA O 174 18.79 27.12 -24.03
CA ALA O 174 17.99 26.96 -25.27
C ALA O 174 17.56 25.48 -25.46
N ILE O 175 16.28 25.14 -25.32
CA ILE O 175 15.86 23.73 -25.56
C ILE O 175 14.84 23.65 -26.68
N PRO O 176 15.02 22.68 -27.60
CA PRO O 176 14.01 22.33 -28.61
C PRO O 176 12.63 22.05 -28.02
N GLY O 177 11.61 22.66 -28.63
CA GLY O 177 10.19 22.49 -28.28
C GLY O 177 9.89 23.11 -26.93
N ARG O 178 10.85 23.86 -26.39
CA ARG O 178 10.72 24.60 -25.11
C ARG O 178 11.08 26.05 -25.42
N LEU O 179 10.52 26.95 -24.63
CA LEU O 179 10.48 28.41 -24.83
C LEU O 179 10.66 28.97 -23.43
N ASN O 180 11.92 29.20 -23.03
CA ASN O 180 12.31 29.76 -21.72
C ASN O 180 12.34 31.27 -21.79
N GLN O 181 11.68 31.90 -20.83
CA GLN O 181 11.61 33.37 -20.69
C GLN O 181 12.70 33.81 -19.70
N THR O 182 13.52 34.79 -20.08
CA THR O 182 14.25 35.67 -19.11
C THR O 182 13.75 37.11 -19.27
N THR O 183 14.09 37.95 -18.30
CA THR O 183 13.95 39.43 -18.38
C THR O 183 15.35 40.01 -18.57
N LEU O 184 15.42 41.23 -19.10
CA LEU O 184 16.67 41.94 -19.39
C LEU O 184 16.44 43.43 -19.13
N MET O 185 17.41 44.07 -18.50
CA MET O 185 17.33 45.51 -18.10
C MET O 185 18.74 46.08 -17.98
N SER O 186 19.21 46.79 -19.01
CA SER O 186 20.52 47.48 -19.00
C SER O 186 20.36 48.91 -18.49
N SER O 187 21.10 49.26 -17.44
CA SER O 187 21.16 50.63 -16.87
C SER O 187 22.12 51.50 -17.69
N ARG O 188 22.97 50.88 -18.52
CA ARG O 188 23.97 51.59 -19.37
C ARG O 188 23.85 51.16 -20.84
N PRO O 189 24.33 52.03 -21.77
CA PRO O 189 24.53 51.64 -23.16
C PRO O 189 25.89 50.96 -23.28
N GLY O 190 26.21 50.42 -24.47
CA GLY O 190 27.50 49.74 -24.75
C GLY O 190 27.34 48.33 -25.29
N LEU O 191 28.47 47.62 -25.41
CA LEU O 191 28.59 46.23 -25.92
C LEU O 191 28.72 45.28 -24.73
N TYR O 192 27.80 44.32 -24.58
CA TYR O 192 27.81 43.34 -23.47
C TYR O 192 27.84 41.95 -24.09
N TYR O 193 28.91 41.23 -23.80
CA TYR O 193 29.38 40.04 -24.56
C TYR O 193 28.95 38.78 -23.82
N GLY O 194 28.93 37.66 -24.53
CA GLY O 194 28.54 36.35 -23.99
C GLY O 194 28.90 35.22 -24.94
N GLN O 195 28.80 33.97 -24.46
CA GLN O 195 29.20 32.77 -25.23
C GLN O 195 28.27 31.59 -24.96
N CYS O 196 28.45 30.49 -25.67
CA CYS O 196 27.56 29.31 -25.48
C CYS O 196 27.95 28.69 -24.15
N SER O 197 26.96 28.39 -23.31
CA SER O 197 27.20 27.75 -22.00
C SER O 197 26.69 26.30 -21.99
N GLU O 198 26.29 25.70 -23.11
CA GLU O 198 26.04 24.24 -23.16
C GLU O 198 26.75 23.63 -24.38
N ILE O 199 27.39 22.49 -24.09
CA ILE O 199 28.29 21.73 -25.01
C ILE O 199 27.47 21.24 -26.21
N CYS O 200 27.60 21.88 -27.37
CA CYS O 200 26.74 21.68 -28.57
C CYS O 200 27.49 21.02 -29.74
N GLY O 201 28.73 20.60 -29.55
CA GLY O 201 29.52 19.87 -30.57
C GLY O 201 30.73 20.67 -31.06
N SER O 202 31.03 20.51 -32.35
CA SER O 202 32.29 20.95 -33.04
C SER O 202 32.62 22.42 -32.75
N ASN O 203 31.69 23.34 -32.97
CA ASN O 203 31.96 24.80 -32.84
C ASN O 203 31.10 25.36 -31.68
N HIS O 204 30.99 24.61 -30.57
CA HIS O 204 30.36 25.04 -29.28
C HIS O 204 31.06 26.27 -28.72
N SER O 205 32.40 26.24 -28.72
CA SER O 205 33.29 27.30 -28.21
C SER O 205 33.08 28.59 -29.02
N PHE O 206 32.80 28.43 -30.31
CA PHE O 206 32.86 29.51 -31.33
C PHE O 206 31.46 29.90 -31.81
N MET O 207 30.50 30.10 -30.90
CA MET O 207 29.15 30.64 -31.25
C MET O 207 28.69 31.60 -30.16
N PRO O 208 29.26 32.82 -30.13
CA PRO O 208 28.98 33.77 -29.06
C PRO O 208 27.83 34.74 -29.33
N ILE O 209 27.60 35.59 -28.33
CA ILE O 209 26.46 36.52 -28.22
C ILE O 209 27.04 37.90 -27.95
N VAL O 210 26.55 38.91 -28.66
CA VAL O 210 26.93 40.33 -28.39
C VAL O 210 25.61 41.08 -28.34
N LEU O 211 25.45 41.92 -27.33
CA LEU O 211 24.34 42.89 -27.26
C LEU O 211 24.91 44.26 -27.64
N GLU O 212 24.02 45.16 -28.03
CA GLU O 212 24.30 46.58 -28.32
C GLU O 212 23.17 47.35 -27.63
N LEU O 213 23.47 48.07 -26.56
CA LEU O 213 22.45 48.85 -25.83
C LEU O 213 22.61 50.31 -26.25
N VAL O 214 21.48 50.95 -26.52
CA VAL O 214 21.39 52.26 -27.21
C VAL O 214 20.09 52.89 -26.76
N PRO O 215 19.93 54.21 -26.83
CA PRO O 215 18.63 54.84 -26.61
C PRO O 215 17.51 54.30 -27.52
N LEU O 216 16.25 54.54 -27.12
CA LEU O 216 15.01 54.05 -27.80
C LEU O 216 15.02 54.44 -29.28
N LYS O 217 15.27 55.73 -29.57
CA LYS O 217 15.01 56.42 -30.87
C LYS O 217 16.12 56.05 -31.87
N TYR O 218 17.26 55.57 -31.38
CA TYR O 218 18.32 54.92 -32.19
C TYR O 218 17.95 53.46 -32.40
N PHE O 219 17.14 52.87 -31.50
CA PHE O 219 16.57 51.50 -31.68
C PHE O 219 15.43 51.56 -32.72
N GLU O 220 14.41 52.41 -32.54
CA GLU O 220 13.25 52.56 -33.45
C GLU O 220 13.74 52.80 -34.89
N LYS O 221 14.89 53.47 -35.04
CA LYS O 221 15.54 53.77 -36.34
C LYS O 221 16.15 52.50 -36.93
N TRP O 222 16.96 51.79 -36.15
CA TRP O 222 17.61 50.51 -36.56
C TRP O 222 16.57 49.48 -37.02
N SER O 223 15.41 49.43 -36.34
CA SER O 223 14.29 48.50 -36.61
C SER O 223 13.82 48.67 -38.05
N ALA O 224 13.28 49.85 -38.35
CA ALA O 224 12.84 50.32 -39.68
C ALA O 224 13.95 50.11 -40.72
N SER O 225 15.22 50.24 -40.34
CA SER O 225 16.39 50.17 -41.26
C SER O 225 16.56 48.75 -41.81
N MET O 226 16.13 47.73 -41.05
CA MET O 226 16.45 46.30 -41.36
C MET O 226 15.35 45.66 -42.22
N LEU O 227 14.09 46.07 -42.08
CA LEU O 227 12.98 45.58 -42.95
C LEU O 227 13.22 46.15 -44.35
N HIS P 3 38.39 -28.70 8.69
CA HIS P 3 38.84 -28.12 10.00
C HIS P 3 38.04 -26.84 10.35
N GLN P 4 37.75 -25.97 9.37
CA GLN P 4 36.98 -24.69 9.55
C GLN P 4 35.91 -24.91 10.64
N THR P 5 35.67 -23.93 11.51
CA THR P 5 34.69 -24.06 12.63
C THR P 5 33.72 -22.88 12.64
N HIS P 6 33.45 -22.32 11.46
CA HIS P 6 32.38 -21.30 11.25
C HIS P 6 31.36 -21.98 10.35
N ALA P 7 30.20 -21.35 10.13
CA ALA P 7 29.01 -21.96 9.52
C ALA P 7 28.90 -21.66 8.04
N TYR P 8 29.86 -20.91 7.48
CA TYR P 8 29.72 -20.23 6.17
C TYR P 8 30.35 -21.07 5.06
N HIS P 9 30.19 -20.61 3.80
CA HIS P 9 30.55 -21.35 2.58
C HIS P 9 31.76 -20.69 1.89
N MET P 10 32.88 -21.43 1.82
CA MET P 10 34.11 -21.11 1.06
C MET P 10 34.02 -21.75 -0.33
N VAL P 11 33.87 -20.96 -1.39
CA VAL P 11 33.41 -21.45 -2.72
C VAL P 11 34.62 -21.88 -3.57
N ASN P 12 34.56 -23.06 -4.18
CA ASN P 12 35.61 -23.61 -5.07
C ASN P 12 35.86 -22.64 -6.20
N PRO P 13 37.14 -22.28 -6.47
CA PRO P 13 37.45 -21.44 -7.61
C PRO P 13 36.60 -21.83 -8.82
N SER P 14 35.73 -20.92 -9.30
CA SER P 14 34.73 -21.17 -10.38
C SER P 14 35.03 -20.27 -11.56
N PRO P 15 35.01 -20.80 -12.79
CA PRO P 15 35.29 -19.99 -14.00
C PRO P 15 34.15 -19.09 -14.49
N TRP P 16 32.91 -19.42 -14.17
CA TRP P 16 31.65 -18.84 -14.71
C TRP P 16 31.59 -17.31 -14.58
N PRO P 17 32.07 -16.72 -13.45
CA PRO P 17 32.20 -15.26 -13.37
C PRO P 17 32.89 -14.66 -14.60
N LEU P 18 34.02 -15.24 -15.01
CA LEU P 18 34.83 -14.78 -16.18
C LEU P 18 34.01 -14.97 -17.44
N THR P 19 33.36 -16.11 -17.58
CA THR P 19 32.57 -16.47 -18.79
C THR P 19 31.31 -15.59 -18.87
N GLY P 20 30.69 -15.30 -17.73
CA GLY P 20 29.58 -14.32 -17.60
C GLY P 20 30.06 -12.90 -17.85
N ALA P 21 31.26 -12.57 -17.39
CA ALA P 21 31.87 -11.26 -17.74
C ALA P 21 32.03 -11.24 -19.27
N LEU P 22 32.75 -12.22 -19.83
CA LEU P 22 33.01 -12.22 -21.29
C LEU P 22 31.67 -12.26 -22.04
N SER P 23 30.70 -13.06 -21.58
CA SER P 23 29.39 -13.24 -22.29
C SER P 23 28.60 -11.93 -22.27
N ALA P 24 29.00 -10.97 -21.45
CA ALA P 24 28.38 -9.62 -21.42
C ALA P 24 28.98 -8.78 -22.55
N LEU P 25 30.28 -8.90 -22.82
CA LEU P 25 31.00 -8.14 -23.88
C LEU P 25 30.58 -8.65 -25.27
N LEU P 26 30.26 -9.94 -25.38
CA LEU P 26 29.75 -10.58 -26.62
C LEU P 26 28.36 -10.03 -26.93
N MET P 27 27.52 -9.97 -25.89
CA MET P 27 26.08 -9.59 -25.95
C MET P 27 25.96 -8.09 -26.25
N THR P 28 26.79 -7.27 -25.60
CA THR P 28 26.79 -5.79 -25.74
C THR P 28 27.53 -5.42 -27.03
N SER P 29 28.65 -6.09 -27.33
CA SER P 29 29.31 -6.03 -28.66
C SER P 29 28.29 -6.44 -29.75
N GLY P 30 27.53 -7.51 -29.49
CA GLY P 30 26.56 -8.13 -30.42
C GLY P 30 25.45 -7.17 -30.82
N LEU P 31 24.81 -6.53 -29.84
CA LEU P 31 23.78 -5.49 -30.06
C LEU P 31 24.37 -4.32 -30.87
N THR P 32 25.51 -3.78 -30.47
CA THR P 32 26.19 -2.66 -31.21
C THR P 32 26.31 -3.02 -32.69
N MET P 33 26.73 -4.27 -32.94
CA MET P 33 27.08 -4.83 -34.26
C MET P 33 25.80 -4.94 -35.09
N TRP P 34 24.70 -5.37 -34.45
CA TRP P 34 23.37 -5.51 -35.10
C TRP P 34 22.81 -4.14 -35.48
N PHE P 35 22.92 -3.13 -34.61
CA PHE P 35 22.29 -1.79 -34.77
C PHE P 35 22.95 -0.98 -35.91
N HIS P 36 24.24 -1.17 -36.13
CA HIS P 36 25.07 -0.21 -36.91
C HIS P 36 25.60 -0.85 -38.19
N PHE P 37 25.99 -2.13 -38.15
CA PHE P 37 26.58 -2.89 -39.28
C PHE P 37 25.76 -4.19 -39.47
N ASN P 38 24.46 -4.10 -39.17
CA ASN P 38 23.40 -5.05 -39.59
C ASN P 38 23.99 -6.47 -39.68
N SER P 39 24.17 -7.15 -38.54
CA SER P 39 24.69 -8.55 -38.42
C SER P 39 24.49 -9.10 -37.00
N MET P 40 24.01 -10.34 -36.89
CA MET P 40 23.63 -10.98 -35.60
C MET P 40 24.65 -12.03 -35.14
N THR P 41 25.85 -12.08 -35.72
CA THR P 41 26.79 -13.20 -35.44
C THR P 41 27.25 -13.12 -33.97
N LEU P 42 27.82 -11.99 -33.52
CA LEU P 42 28.42 -11.87 -32.15
C LEU P 42 27.35 -12.15 -31.10
N LEU P 43 26.20 -11.48 -31.29
CA LEU P 43 25.00 -11.47 -30.41
C LEU P 43 24.57 -12.90 -30.08
N MET P 44 24.58 -13.79 -31.07
CA MET P 44 24.16 -15.21 -30.92
C MET P 44 25.22 -15.97 -30.11
N ILE P 45 26.50 -15.69 -30.37
CA ILE P 45 27.63 -16.24 -29.56
C ILE P 45 27.42 -15.78 -28.11
N GLY P 46 27.19 -14.47 -27.89
CA GLY P 46 26.92 -13.90 -26.56
C GLY P 46 25.75 -14.60 -25.86
N LEU P 47 24.59 -14.62 -26.51
CA LEU P 47 23.37 -15.27 -25.98
C LEU P 47 23.66 -16.70 -25.55
N THR P 48 24.40 -17.45 -26.36
CA THR P 48 24.67 -18.90 -26.11
C THR P 48 25.64 -19.05 -24.93
N THR P 49 26.82 -18.41 -25.01
CA THR P 49 27.80 -18.33 -23.89
C THR P 49 27.10 -17.99 -22.57
N ASN P 50 26.06 -17.15 -22.61
CA ASN P 50 25.30 -16.68 -21.40
C ASN P 50 24.45 -17.85 -20.85
N MET P 51 23.48 -18.36 -21.61
CA MET P 51 22.67 -19.56 -21.29
C MET P 51 23.57 -20.65 -20.71
N LEU P 52 24.79 -20.77 -21.25
CA LEU P 52 25.76 -21.83 -20.89
C LEU P 52 26.37 -21.47 -19.53
N THR P 53 26.84 -20.23 -19.38
CA THR P 53 27.33 -19.65 -18.11
C THR P 53 26.20 -19.70 -17.09
N MET P 54 24.95 -19.39 -17.49
CA MET P 54 23.82 -19.30 -16.54
C MET P 54 23.51 -20.72 -16.03
N TYR P 55 23.31 -21.69 -16.93
CA TYR P 55 23.02 -23.10 -16.58
C TYR P 55 24.07 -23.58 -15.59
N GLN P 56 25.32 -23.34 -15.95
CA GLN P 56 26.48 -24.04 -15.34
C GLN P 56 26.61 -23.56 -13.89
N TRP P 57 26.49 -22.25 -13.72
CA TRP P 57 26.54 -21.54 -12.42
C TRP P 57 25.49 -22.13 -11.46
N TRP P 58 24.23 -22.18 -11.90
CA TRP P 58 23.07 -22.52 -11.03
C TRP P 58 23.02 -24.05 -10.81
N ARG P 59 23.66 -24.82 -11.70
CA ARG P 59 23.97 -26.26 -11.51
C ARG P 59 24.75 -26.41 -10.20
N ASP P 60 25.96 -25.84 -10.16
CA ASP P 60 26.93 -25.94 -9.03
C ASP P 60 26.27 -25.42 -7.76
N VAL P 61 25.54 -24.31 -7.86
CA VAL P 61 24.72 -23.79 -6.71
C VAL P 61 23.86 -24.94 -6.15
N ILE P 62 23.17 -25.73 -6.98
CA ILE P 62 22.32 -26.86 -6.49
C ILE P 62 23.24 -27.93 -5.89
N ARG P 63 24.30 -28.29 -6.61
CA ARG P 63 25.30 -29.30 -6.17
C ARG P 63 25.73 -28.95 -4.73
N GLU P 64 26.11 -27.68 -4.54
CA GLU P 64 26.70 -27.12 -3.30
C GLU P 64 25.71 -27.24 -2.14
N SER P 65 24.42 -27.07 -2.42
CA SER P 65 23.32 -27.01 -1.42
C SER P 65 22.66 -28.39 -1.23
N THR P 66 22.08 -28.96 -2.30
CA THR P 66 21.20 -30.16 -2.18
C THR P 66 22.08 -31.37 -1.76
N PHE P 67 23.26 -31.46 -2.38
CA PHE P 67 24.17 -32.62 -2.35
C PHE P 67 25.22 -32.47 -1.24
N GLN P 68 25.94 -31.35 -1.18
CA GLN P 68 27.13 -31.19 -0.31
C GLN P 68 26.67 -30.59 1.03
N GLY P 69 25.44 -30.03 1.04
CA GLY P 69 24.77 -29.50 2.24
C GLY P 69 25.54 -28.33 2.82
N HIS P 70 25.91 -27.37 1.97
CA HIS P 70 26.74 -26.20 2.36
C HIS P 70 25.83 -25.09 2.89
N HIS P 71 24.60 -24.97 2.39
CA HIS P 71 23.66 -23.90 2.80
C HIS P 71 23.19 -24.17 4.24
N THR P 72 23.95 -23.66 5.23
CA THR P 72 23.60 -23.70 6.68
C THR P 72 22.66 -22.53 6.96
N PRO P 73 21.85 -22.61 8.04
CA PRO P 73 20.82 -21.61 8.32
C PRO P 73 21.31 -20.15 8.27
N ALA P 74 22.59 -19.94 8.56
CA ALA P 74 23.34 -18.69 8.35
C ALA P 74 23.42 -18.40 6.86
N VAL P 75 23.90 -19.35 6.05
CA VAL P 75 24.24 -19.06 4.63
C VAL P 75 22.93 -18.78 3.88
N GLN P 76 21.85 -19.37 4.41
CA GLN P 76 20.51 -19.42 3.84
C GLN P 76 19.85 -18.07 4.13
N LYS P 77 20.27 -17.44 5.20
CA LYS P 77 19.75 -16.14 5.68
C LYS P 77 20.49 -15.07 4.87
N GLY P 78 21.69 -15.39 4.41
CA GLY P 78 22.50 -14.52 3.56
C GLY P 78 21.92 -14.47 2.17
N LEU P 79 21.21 -15.52 1.81
CA LEU P 79 20.57 -15.67 0.47
C LEU P 79 19.27 -14.88 0.41
N ARG P 80 18.53 -14.76 1.51
CA ARG P 80 17.28 -13.96 1.55
C ARG P 80 17.64 -12.48 1.34
N TYR P 81 18.50 -11.95 2.20
CA TYR P 81 19.08 -10.60 2.04
C TYR P 81 19.53 -10.35 0.58
N GLY P 82 20.18 -11.32 -0.07
CA GLY P 82 20.67 -11.13 -1.46
C GLY P 82 19.49 -10.95 -2.40
N MET P 83 18.72 -12.02 -2.54
CA MET P 83 17.45 -12.08 -3.30
C MET P 83 16.56 -10.87 -3.00
N ILE P 84 16.59 -10.28 -1.79
CA ILE P 84 15.60 -9.21 -1.39
C ILE P 84 16.10 -7.87 -1.93
N LEU P 85 17.40 -7.65 -1.82
CA LEU P 85 18.10 -6.43 -2.32
C LEU P 85 18.07 -6.45 -3.84
N PHE P 86 18.12 -7.66 -4.42
CA PHE P 86 18.06 -7.84 -5.88
C PHE P 86 16.71 -7.34 -6.39
N ILE P 87 15.64 -7.43 -5.59
CA ILE P 87 14.32 -6.92 -6.04
C ILE P 87 14.39 -5.39 -6.07
N ILE P 88 14.78 -4.81 -4.95
CA ILE P 88 14.75 -3.37 -4.57
C ILE P 88 15.36 -2.58 -5.73
N SER P 89 16.43 -3.12 -6.30
CA SER P 89 17.10 -2.60 -7.51
C SER P 89 16.15 -2.66 -8.70
N GLU P 90 15.60 -3.83 -8.99
CA GLU P 90 14.60 -4.06 -10.08
C GLU P 90 13.38 -3.17 -9.86
N VAL P 91 12.87 -3.01 -8.62
CA VAL P 91 11.81 -2.00 -8.32
C VAL P 91 12.29 -0.65 -8.83
N LEU P 92 13.53 -0.27 -8.51
CA LEU P 92 14.11 1.09 -8.74
C LEU P 92 14.38 1.33 -10.22
N PHE P 93 14.42 0.24 -10.98
CA PHE P 93 14.59 0.23 -12.45
C PHE P 93 13.25 0.65 -13.02
N PHE P 94 12.25 -0.23 -12.93
CA PHE P 94 10.87 -0.02 -13.45
C PHE P 94 10.38 1.39 -13.07
N THR P 95 10.92 2.00 -12.01
CA THR P 95 10.54 3.37 -11.55
C THR P 95 11.02 4.42 -12.52
N GLY P 96 12.24 4.26 -13.03
CA GLY P 96 12.74 4.93 -14.24
C GLY P 96 11.62 5.14 -15.26
N PHE P 97 10.89 4.08 -15.61
CA PHE P 97 9.94 4.05 -16.77
C PHE P 97 8.60 4.68 -16.38
N PHE P 98 8.14 4.46 -15.14
CA PHE P 98 6.93 5.10 -14.57
C PHE P 98 7.19 6.61 -14.52
N TRP P 99 8.38 7.00 -14.07
CA TRP P 99 8.81 8.42 -14.13
C TRP P 99 8.66 8.91 -15.57
N ALA P 100 9.23 8.19 -16.54
CA ALA P 100 9.05 8.51 -17.98
C ALA P 100 7.57 8.74 -18.33
N PHE P 101 6.65 7.87 -17.88
CA PHE P 101 5.20 7.89 -18.27
C PHE P 101 4.49 9.05 -17.59
N TYR P 102 4.72 9.17 -16.29
CA TYR P 102 4.09 10.25 -15.52
C TYR P 102 4.63 11.61 -15.98
N HIS P 103 5.83 11.69 -16.58
CA HIS P 103 6.39 12.97 -17.07
C HIS P 103 5.61 13.40 -18.31
N SER P 104 5.36 12.46 -19.20
CA SER P 104 4.84 12.68 -20.56
C SER P 104 3.36 13.01 -20.47
N SER P 105 2.61 12.14 -19.77
CA SER P 105 1.13 12.10 -19.67
C SER P 105 0.61 13.29 -18.88
N LEU P 106 1.35 13.78 -17.86
CA LEU P 106 0.84 14.84 -16.95
C LEU P 106 1.10 16.23 -17.53
N ALA P 107 2.04 16.33 -18.48
CA ALA P 107 2.27 17.54 -19.29
C ALA P 107 2.40 17.10 -20.75
N PRO P 108 1.28 16.90 -21.45
CA PRO P 108 1.33 16.62 -22.88
C PRO P 108 1.99 17.77 -23.65
N THR P 109 2.87 17.44 -24.61
CA THR P 109 3.59 18.42 -25.46
C THR P 109 2.61 19.03 -26.45
N PRO P 110 2.80 20.30 -26.89
CA PRO P 110 2.03 20.83 -28.02
C PRO P 110 2.07 19.97 -29.29
N GLU P 111 3.18 19.31 -29.59
CA GLU P 111 3.37 18.46 -30.80
C GLU P 111 2.47 17.21 -30.80
N LEU P 112 1.99 16.73 -29.63
CA LEU P 112 1.02 15.59 -29.51
C LEU P 112 -0.43 16.07 -29.66
N GLY P 113 -0.67 17.38 -29.53
CA GLY P 113 -2.03 17.94 -29.56
C GLY P 113 -2.33 18.72 -28.31
N GLY P 114 -1.36 18.79 -27.39
CA GLY P 114 -1.45 19.36 -26.03
C GLY P 114 -2.41 18.58 -25.14
N CYS P 115 -2.54 17.27 -25.33
CA CYS P 115 -3.57 16.43 -24.65
C CYS P 115 -3.07 15.00 -24.55
N TRP P 116 -3.55 14.26 -23.55
CA TRP P 116 -3.31 12.81 -23.36
C TRP P 116 -4.63 12.06 -23.31
N PRO P 117 -4.74 10.89 -23.98
CA PRO P 117 -3.73 10.42 -24.92
C PRO P 117 -3.54 11.37 -26.10
N PRO P 118 -2.42 11.25 -26.87
CA PRO P 118 -2.22 11.99 -28.11
C PRO P 118 -3.35 11.87 -29.13
N THR P 119 -3.28 12.64 -30.21
CA THR P 119 -4.25 12.59 -31.34
C THR P 119 -3.77 11.48 -32.27
N GLY P 120 -4.69 10.74 -32.89
CA GLY P 120 -4.35 9.64 -33.81
C GLY P 120 -4.03 8.35 -33.07
N ILE P 121 -3.93 8.37 -31.73
CA ILE P 121 -3.82 7.13 -30.88
C ILE P 121 -5.22 6.66 -30.44
N HIS P 122 -5.50 5.37 -30.64
CA HIS P 122 -6.75 4.68 -30.24
C HIS P 122 -6.37 3.65 -29.19
N PRO P 123 -6.30 4.08 -27.90
CA PRO P 123 -5.79 3.24 -26.82
C PRO P 123 -6.55 1.90 -26.77
N LEU P 124 -5.99 0.86 -26.14
CA LEU P 124 -6.71 -0.44 -25.97
C LEU P 124 -7.78 -0.21 -24.89
N ASN P 125 -8.94 -0.85 -25.02
CA ASN P 125 -9.94 -0.96 -23.93
C ASN P 125 -9.29 -1.75 -22.80
N PRO P 126 -9.16 -1.18 -21.58
CA PRO P 126 -8.65 -1.92 -20.43
C PRO P 126 -9.65 -2.90 -19.79
N LEU P 127 -10.91 -2.86 -20.24
CA LEU P 127 -12.01 -3.75 -19.76
C LEU P 127 -12.11 -5.01 -20.64
N GLU P 128 -11.22 -5.12 -21.62
CA GLU P 128 -11.16 -6.31 -22.49
C GLU P 128 -10.03 -7.19 -21.95
N VAL P 129 -9.02 -7.48 -22.75
CA VAL P 129 -8.06 -8.58 -22.42
C VAL P 129 -7.04 -8.12 -21.36
N PRO P 130 -6.76 -6.79 -21.19
CA PRO P 130 -5.96 -6.33 -20.04
C PRO P 130 -6.56 -6.70 -18.68
N LEU P 131 -7.88 -6.57 -18.50
CA LEU P 131 -8.68 -7.21 -17.41
C LEU P 131 -8.37 -8.70 -17.29
N LEU P 132 -8.34 -9.40 -18.40
CA LEU P 132 -8.18 -10.87 -18.47
C LEU P 132 -6.77 -11.21 -18.03
N ASN P 133 -5.83 -10.36 -18.44
CA ASN P 133 -4.41 -10.44 -18.06
C ASN P 133 -4.32 -10.28 -16.54
N THR P 134 -5.00 -9.25 -16.02
CA THR P 134 -4.99 -8.88 -14.58
C THR P 134 -5.45 -10.10 -13.77
N SER P 135 -6.59 -10.71 -14.10
CA SER P 135 -7.20 -11.82 -13.32
C SER P 135 -6.35 -13.09 -13.47
N VAL P 136 -5.71 -13.25 -14.62
CA VAL P 136 -4.76 -14.38 -14.81
C VAL P 136 -3.61 -14.22 -13.79
N LEU P 137 -2.91 -13.09 -13.81
CA LEU P 137 -1.72 -12.88 -12.93
C LEU P 137 -2.10 -12.92 -11.43
N LEU P 138 -3.30 -12.52 -11.02
CA LEU P 138 -3.69 -12.60 -9.58
C LEU P 138 -3.96 -14.05 -9.18
N ALA P 139 -4.90 -14.74 -9.82
CA ALA P 139 -4.98 -16.21 -9.76
C ALA P 139 -3.57 -16.81 -9.56
N SER P 140 -2.62 -16.54 -10.47
CA SER P 140 -1.27 -17.17 -10.45
C SER P 140 -0.63 -16.99 -9.06
N GLY P 141 -0.87 -15.85 -8.40
CA GLY P 141 -0.44 -15.58 -7.02
C GLY P 141 -1.22 -16.36 -5.99
N VAL P 142 -2.47 -16.74 -6.32
CA VAL P 142 -3.40 -17.55 -5.45
C VAL P 142 -2.97 -19.01 -5.54
N SER P 143 -2.67 -19.47 -6.76
CA SER P 143 -2.17 -20.83 -7.04
C SER P 143 -0.84 -21.04 -6.31
N ILE P 144 0.12 -20.10 -6.43
CA ILE P 144 1.53 -20.36 -5.98
C ILE P 144 1.56 -20.41 -4.45
N THR P 145 0.64 -19.72 -3.78
CA THR P 145 0.54 -19.63 -2.31
C THR P 145 0.03 -20.97 -1.78
N TRP P 146 -0.88 -21.59 -2.51
CA TRP P 146 -1.33 -22.98 -2.33
C TRP P 146 -0.08 -23.82 -2.32
N ALA P 147 0.69 -23.79 -3.42
CA ALA P 147 1.92 -24.59 -3.61
C ALA P 147 2.74 -24.54 -2.33
N HIS P 148 3.06 -23.34 -1.86
CA HIS P 148 3.99 -23.17 -0.70
C HIS P 148 3.39 -23.90 0.51
N HIS P 149 2.08 -23.74 0.76
CA HIS P 149 1.41 -24.32 1.95
C HIS P 149 1.40 -25.85 1.80
N SER P 150 1.11 -26.34 0.60
CA SER P 150 1.24 -27.78 0.27
C SER P 150 2.67 -28.28 0.56
N LEU P 151 3.72 -27.58 0.09
CA LEU P 151 5.17 -27.93 0.29
C LEU P 151 5.55 -27.94 1.76
N MET P 152 5.05 -26.98 2.53
CA MET P 152 5.41 -26.83 3.96
C MET P 152 4.67 -27.91 4.76
N GLU P 153 3.58 -28.45 4.19
CA GLU P 153 2.68 -29.43 4.85
C GLU P 153 3.05 -30.85 4.41
N GLY P 154 3.97 -30.98 3.45
CA GLY P 154 4.57 -32.26 3.04
C GLY P 154 3.71 -32.95 2.00
N ASP P 155 2.87 -32.19 1.29
CA ASP P 155 1.93 -32.73 0.28
C ASP P 155 2.55 -32.57 -1.12
N ARG P 156 3.39 -33.53 -1.52
CA ARG P 156 4.22 -33.48 -2.77
C ARG P 156 3.34 -33.30 -4.01
N LYS P 157 2.21 -34.00 -4.03
CA LYS P 157 1.30 -34.06 -5.20
C LYS P 157 0.66 -32.68 -5.43
N HIS P 158 -0.03 -32.14 -4.41
CA HIS P 158 -0.83 -30.89 -4.51
C HIS P 158 0.12 -29.69 -4.70
N MET P 159 1.35 -29.80 -4.20
CA MET P 159 2.44 -28.81 -4.41
C MET P 159 2.77 -28.75 -5.90
N LEU P 160 2.63 -29.85 -6.63
CA LEU P 160 3.04 -29.89 -8.05
C LEU P 160 1.82 -29.46 -8.85
N GLN P 161 0.61 -29.90 -8.48
CA GLN P 161 -0.62 -29.45 -9.18
C GLN P 161 -0.67 -27.93 -9.17
N ALA P 162 -0.51 -27.35 -7.97
CA ALA P 162 -0.63 -25.91 -7.67
C ALA P 162 0.43 -25.14 -8.44
N LEU P 163 1.65 -25.66 -8.41
CA LEU P 163 2.79 -25.04 -9.12
C LEU P 163 2.53 -25.15 -10.63
N PHE P 164 2.05 -26.29 -11.11
CA PHE P 164 1.71 -26.53 -12.55
C PHE P 164 0.67 -25.48 -13.00
N ILE P 165 -0.39 -25.27 -12.23
CA ILE P 165 -1.46 -24.27 -12.54
C ILE P 165 -0.83 -22.87 -12.61
N THR P 166 0.14 -22.58 -11.72
CA THR P 166 0.85 -21.28 -11.68
C THR P 166 1.52 -20.99 -13.00
N ILE P 167 2.32 -21.96 -13.47
CA ILE P 167 3.18 -21.85 -14.69
C ILE P 167 2.27 -21.62 -15.90
N THR P 168 1.20 -22.42 -15.97
CA THR P 168 0.23 -22.46 -17.09
C THR P 168 -0.43 -21.08 -17.24
N LEU P 169 -0.77 -20.43 -16.12
CA LEU P 169 -1.39 -19.07 -16.13
C LEU P 169 -0.33 -18.08 -16.57
N GLY P 170 0.91 -18.29 -16.14
CA GLY P 170 2.06 -17.50 -16.60
C GLY P 170 2.21 -17.60 -18.09
N VAL P 171 2.18 -18.82 -18.63
CA VAL P 171 2.23 -19.07 -20.11
C VAL P 171 0.99 -18.42 -20.75
N TYR P 172 -0.17 -18.50 -20.12
CA TYR P 172 -1.43 -17.94 -20.65
C TYR P 172 -1.32 -16.41 -20.72
N PHE P 173 -0.75 -15.76 -19.69
CA PHE P 173 -0.50 -14.28 -19.69
C PHE P 173 0.35 -13.92 -20.89
N THR P 174 1.46 -14.66 -21.09
CA THR P 174 2.52 -14.38 -22.11
C THR P 174 1.95 -14.47 -23.54
N LEU P 175 1.09 -15.45 -23.85
CA LEU P 175 0.45 -15.58 -25.20
C LEU P 175 -0.50 -14.38 -25.40
N LEU P 176 -1.52 -14.28 -24.54
CA LEU P 176 -2.48 -13.14 -24.47
C LEU P 176 -1.76 -11.83 -24.80
N GLN P 177 -0.66 -11.57 -24.06
CA GLN P 177 0.13 -10.31 -24.06
C GLN P 177 0.80 -10.12 -25.42
N ALA P 178 1.36 -11.19 -26.01
CA ALA P 178 2.04 -11.21 -27.33
C ALA P 178 1.02 -10.93 -28.45
N SER P 179 -0.12 -11.64 -28.42
CA SER P 179 -1.27 -11.40 -29.31
C SER P 179 -1.70 -9.93 -29.21
N GLU P 180 -1.80 -9.41 -27.97
CA GLU P 180 -2.25 -8.04 -27.63
C GLU P 180 -1.32 -7.01 -28.27
N TYR P 181 -0.04 -7.37 -28.37
CA TYR P 181 1.00 -6.59 -29.06
C TYR P 181 0.63 -6.47 -30.53
N TYR P 182 0.41 -7.63 -31.18
CA TYR P 182 0.16 -7.77 -32.64
C TYR P 182 -1.07 -6.94 -33.05
N GLU P 183 -2.21 -7.15 -32.38
CA GLU P 183 -3.51 -6.57 -32.76
C GLU P 183 -3.53 -5.04 -32.55
N ALA P 184 -2.53 -4.47 -31.86
CA ALA P 184 -2.54 -3.09 -31.34
C ALA P 184 -2.47 -2.11 -32.51
N PRO P 185 -3.39 -1.12 -32.58
CA PRO P 185 -3.36 -0.14 -33.67
C PRO P 185 -2.38 1.00 -33.35
N PHE P 186 -1.28 0.66 -32.67
CA PHE P 186 -0.12 1.54 -32.42
C PHE P 186 1.14 0.68 -32.31
N THR P 187 2.28 1.32 -32.54
CA THR P 187 3.62 0.69 -32.61
C THR P 187 4.55 1.37 -31.60
N ILE P 188 5.72 0.79 -31.39
CA ILE P 188 6.81 1.43 -30.57
C ILE P 188 7.30 2.70 -31.26
N SER P 189 7.07 2.85 -32.57
CA SER P 189 7.53 4.02 -33.37
C SER P 189 6.50 5.16 -33.27
N ASP P 190 5.42 4.98 -32.51
CA ASP P 190 4.27 5.91 -32.51
C ASP P 190 4.50 6.95 -31.42
N GLY P 191 5.57 7.71 -31.57
CA GLY P 191 5.95 8.78 -30.64
C GLY P 191 6.09 8.23 -29.23
N VAL P 192 5.90 9.12 -28.25
CA VAL P 192 6.13 8.88 -26.79
C VAL P 192 5.07 7.94 -26.19
N TYR P 193 3.86 7.84 -26.73
CA TYR P 193 2.79 6.95 -26.21
C TYR P 193 3.19 5.48 -26.47
N GLY P 194 3.63 5.21 -27.70
CA GLY P 194 4.17 3.91 -28.13
C GLY P 194 5.40 3.52 -27.34
N SER P 195 6.31 4.48 -27.12
CA SER P 195 7.62 4.32 -26.43
C SER P 195 7.37 3.81 -25.00
N THR P 196 6.75 4.65 -24.15
CA THR P 196 6.36 4.28 -22.77
C THR P 196 5.75 2.88 -22.83
N PHE P 197 4.73 2.68 -23.68
CA PHE P 197 3.83 1.50 -23.67
C PHE P 197 4.66 0.23 -23.85
N PHE P 198 5.36 0.13 -24.97
CA PHE P 198 6.05 -1.12 -25.40
C PHE P 198 7.27 -1.31 -24.50
N VAL P 199 8.10 -0.29 -24.31
CA VAL P 199 9.33 -0.43 -23.48
C VAL P 199 8.95 -0.98 -22.08
N ALA P 200 7.98 -0.38 -21.39
CA ALA P 200 7.57 -0.76 -20.01
C ALA P 200 6.77 -2.07 -19.98
N THR P 201 5.72 -2.22 -20.78
CA THR P 201 4.91 -3.47 -20.83
C THR P 201 5.85 -4.55 -21.36
N GLY P 202 6.76 -4.16 -22.24
CA GLY P 202 7.86 -4.96 -22.80
C GLY P 202 8.80 -5.43 -21.71
N PHE P 203 9.59 -4.54 -21.08
CA PHE P 203 10.55 -4.96 -20.02
C PHE P 203 9.86 -5.88 -19.01
N HIS P 204 8.67 -5.49 -18.51
CA HIS P 204 7.79 -6.30 -17.62
C HIS P 204 7.65 -7.73 -18.16
N GLY P 205 7.39 -7.83 -19.46
CA GLY P 205 7.11 -9.07 -20.19
C GLY P 205 8.24 -10.07 -20.06
N LEU P 206 9.49 -9.61 -20.18
CA LEU P 206 10.67 -10.51 -20.12
C LEU P 206 10.77 -10.99 -18.67
N HIS P 207 10.35 -10.17 -17.72
CA HIS P 207 10.32 -10.53 -16.28
C HIS P 207 9.29 -11.63 -16.01
N VAL P 208 8.22 -11.75 -16.80
CA VAL P 208 7.23 -12.87 -16.68
C VAL P 208 7.86 -14.13 -17.28
N ILE P 209 8.62 -14.00 -18.36
CA ILE P 209 9.30 -15.18 -18.96
C ILE P 209 10.42 -15.59 -18.01
N ILE P 210 11.15 -14.64 -17.41
CA ILE P 210 12.26 -14.98 -16.47
C ILE P 210 11.61 -15.71 -15.30
N GLY P 211 10.52 -15.15 -14.77
CA GLY P 211 9.77 -15.65 -13.61
C GLY P 211 9.29 -17.08 -13.78
N SER P 212 8.55 -17.35 -14.85
CA SER P 212 8.03 -18.69 -15.19
C SER P 212 9.19 -19.69 -15.36
N THR P 213 10.21 -19.33 -16.13
CA THR P 213 11.46 -20.13 -16.27
C THR P 213 11.86 -20.63 -14.87
N PHE P 214 12.09 -19.69 -13.95
CA PHE P 214 12.54 -19.92 -12.55
C PHE P 214 11.50 -20.78 -11.77
N LEU P 215 10.20 -20.68 -12.07
CA LEU P 215 9.16 -21.59 -11.47
C LEU P 215 9.26 -22.99 -12.09
N ILE P 216 9.39 -23.06 -13.44
CA ILE P 216 9.56 -24.34 -14.21
C ILE P 216 10.76 -25.07 -13.61
N VAL P 217 11.85 -24.37 -13.31
CA VAL P 217 13.07 -24.92 -12.62
C VAL P 217 12.67 -25.47 -11.24
N CYS P 218 11.92 -24.72 -10.43
CA CYS P 218 11.46 -25.18 -9.09
C CYS P 218 10.60 -26.46 -9.24
N PHE P 219 9.88 -26.62 -10.33
CA PHE P 219 9.00 -27.78 -10.59
C PHE P 219 9.83 -29.05 -10.86
N PHE P 220 10.79 -28.99 -11.79
CA PHE P 220 11.66 -30.15 -12.15
C PHE P 220 12.49 -30.57 -10.95
N ARG P 221 12.93 -29.61 -10.13
CA ARG P 221 13.66 -29.86 -8.85
C ARG P 221 12.71 -30.51 -7.83
N GLN P 222 11.46 -30.04 -7.72
CA GLN P 222 10.44 -30.69 -6.86
C GLN P 222 10.22 -32.11 -7.42
N LEU P 223 10.06 -32.28 -8.73
CA LEU P 223 9.98 -33.67 -9.29
C LEU P 223 11.14 -34.51 -8.75
N LYS P 224 12.34 -33.96 -8.56
CA LYS P 224 13.53 -34.81 -8.25
C LYS P 224 13.81 -34.88 -6.74
N PHE P 225 12.87 -34.38 -5.92
CA PHE P 225 12.77 -34.55 -4.45
C PHE P 225 13.69 -33.57 -3.71
N HIS P 226 14.20 -32.56 -4.41
CA HIS P 226 15.27 -31.63 -3.96
C HIS P 226 14.88 -30.89 -2.68
N PHE P 227 13.68 -30.29 -2.64
CA PHE P 227 13.17 -29.49 -1.49
C PHE P 227 12.70 -30.42 -0.38
N THR P 228 13.15 -30.15 0.85
CA THR P 228 12.53 -30.69 2.08
C THR P 228 11.33 -29.80 2.42
N SER P 229 10.41 -30.29 3.25
CA SER P 229 9.30 -29.46 3.79
C SER P 229 9.81 -28.11 4.30
N ASN P 230 11.01 -28.03 4.90
CA ASN P 230 11.49 -26.82 5.62
C ASN P 230 12.76 -26.24 5.01
N HIS P 231 13.14 -26.57 3.78
CA HIS P 231 14.39 -26.06 3.13
C HIS P 231 14.18 -25.96 1.64
N HIS P 232 13.61 -24.85 1.20
CA HIS P 232 13.12 -24.67 -0.18
C HIS P 232 13.40 -23.24 -0.66
N PHE P 233 14.52 -22.64 -0.25
CA PHE P 233 14.84 -21.24 -0.61
C PHE P 233 14.65 -20.97 -2.11
N GLY P 234 15.13 -21.86 -2.99
CA GLY P 234 15.02 -21.67 -4.45
C GLY P 234 13.58 -21.57 -4.93
N PHE P 235 12.61 -21.97 -4.11
CA PHE P 235 11.16 -21.81 -4.39
C PHE P 235 10.70 -20.47 -3.83
N GLU P 236 11.10 -20.12 -2.61
CA GLU P 236 10.75 -18.84 -1.95
C GLU P 236 11.22 -17.69 -2.85
N ALA P 237 12.50 -17.71 -3.20
CA ALA P 237 13.14 -16.80 -4.18
C ALA P 237 12.25 -16.72 -5.42
N ALA P 238 11.73 -17.86 -5.89
CA ALA P 238 10.89 -17.92 -7.12
C ALA P 238 9.57 -17.21 -6.89
N ALA P 239 8.90 -17.52 -5.77
CA ALA P 239 7.62 -16.94 -5.33
C ALA P 239 7.74 -15.43 -5.21
N TRP P 240 8.49 -14.92 -4.22
CA TRP P 240 8.73 -13.47 -4.02
C TRP P 240 8.79 -12.80 -5.39
N TYR P 241 9.75 -13.24 -6.21
CA TYR P 241 10.00 -12.71 -7.58
C TYR P 241 8.69 -12.63 -8.35
N TRP P 242 7.94 -13.72 -8.31
CA TRP P 242 6.64 -13.90 -9.00
C TRP P 242 5.61 -12.89 -8.47
N HIS P 243 5.61 -12.61 -7.17
CA HIS P 243 4.68 -11.63 -6.57
C HIS P 243 5.09 -10.22 -7.04
N PHE P 244 6.39 -9.92 -7.06
CA PHE P 244 6.93 -8.62 -7.55
C PHE P 244 6.58 -8.41 -9.03
N VAL P 245 6.64 -9.46 -9.85
CA VAL P 245 6.28 -9.38 -11.30
C VAL P 245 4.77 -9.13 -11.46
N ASP P 246 4.01 -9.46 -10.42
CA ASP P 246 2.54 -9.27 -10.33
C ASP P 246 2.22 -7.79 -10.06
N VAL P 247 2.85 -7.26 -9.04
CA VAL P 247 2.58 -5.90 -8.52
C VAL P 247 2.94 -4.89 -9.61
N VAL P 248 4.08 -5.07 -10.26
CA VAL P 248 4.57 -4.18 -11.36
C VAL P 248 3.46 -4.15 -12.42
N TRP P 249 2.81 -5.30 -12.72
CA TRP P 249 1.70 -5.38 -13.69
C TRP P 249 0.49 -4.58 -13.22
N LEU P 250 0.10 -4.79 -11.95
CA LEU P 250 -1.01 -4.06 -11.31
C LEU P 250 -0.88 -2.57 -11.55
N PHE P 251 0.28 -1.99 -11.22
CA PHE P 251 0.59 -0.55 -11.30
C PHE P 251 0.54 -0.12 -12.76
N LEU P 252 1.18 -0.87 -13.67
CA LEU P 252 1.03 -0.70 -15.16
C LEU P 252 -0.48 -0.67 -15.53
N TYR P 253 -1.24 -1.74 -15.29
CA TYR P 253 -2.71 -1.78 -15.54
C TYR P 253 -3.35 -0.44 -15.10
N VAL P 254 -3.19 -0.12 -13.82
CA VAL P 254 -3.85 1.05 -13.15
C VAL P 254 -3.34 2.34 -13.80
N SER P 255 -2.02 2.51 -13.88
CA SER P 255 -1.37 3.72 -14.46
C SER P 255 -1.62 3.78 -15.98
N ILE P 256 -0.98 2.92 -16.76
CA ILE P 256 -0.78 3.09 -18.24
C ILE P 256 -2.02 2.65 -19.03
N TYR P 257 -2.69 1.55 -18.66
CA TYR P 257 -3.86 1.01 -19.40
C TYR P 257 -5.11 1.87 -19.15
N TRP P 258 -5.40 2.14 -17.88
CA TRP P 258 -6.73 2.59 -17.41
C TRP P 258 -6.80 4.14 -17.33
N TRP P 259 -6.22 4.74 -16.28
CA TRP P 259 -6.08 6.22 -16.08
C TRP P 259 -5.39 6.83 -17.31
N GLY P 260 -4.55 6.04 -17.99
CA GLY P 260 -3.77 6.42 -19.19
C GLY P 260 -4.58 6.46 -20.47
N SER P 261 -5.86 6.02 -20.47
CA SER P 261 -6.78 6.13 -21.64
C SER P 261 -7.46 7.51 -21.59
N SER Q 4 65.09 -9.36 14.01
CA SER Q 4 64.63 -9.79 12.65
C SER Q 4 64.03 -11.20 12.70
N VAL Q 5 63.35 -11.55 13.80
CA VAL Q 5 62.86 -12.94 14.11
C VAL Q 5 61.78 -13.33 13.09
N VAL Q 6 61.59 -14.65 12.88
CA VAL Q 6 60.73 -15.29 11.83
C VAL Q 6 59.28 -14.81 11.98
N LYS Q 7 58.62 -14.50 10.85
CA LYS Q 7 57.18 -14.12 10.78
C LYS Q 7 56.36 -15.35 10.38
N SER Q 8 56.15 -16.28 11.32
CA SER Q 8 55.31 -17.50 11.19
C SER Q 8 54.21 -17.50 12.24
N GLU Q 9 54.55 -17.20 13.50
CA GLU Q 9 53.58 -16.98 14.61
C GLU Q 9 54.11 -15.86 15.51
N ASP Q 10 54.68 -14.81 14.91
CA ASP Q 10 55.19 -13.62 15.64
C ASP Q 10 54.08 -12.56 15.72
N TYR Q 11 53.28 -12.40 14.65
CA TYR Q 11 52.14 -11.46 14.60
C TYR Q 11 51.30 -11.62 15.86
N ALA Q 12 51.27 -12.82 16.45
CA ALA Q 12 50.33 -13.21 17.51
C ALA Q 12 50.88 -12.90 18.90
N LEU Q 13 52.19 -12.70 19.04
CA LEU Q 13 52.83 -12.48 20.36
C LEU Q 13 52.87 -10.98 20.69
N PRO Q 14 52.79 -10.61 21.98
CA PRO Q 14 53.03 -9.21 22.38
C PRO Q 14 54.31 -8.67 21.71
N SER Q 15 54.17 -7.57 20.98
CA SER Q 15 55.29 -6.77 20.44
C SER Q 15 55.85 -5.89 21.56
N TYR Q 16 57.11 -5.44 21.46
CA TYR Q 16 57.64 -4.25 22.18
C TYR Q 16 57.41 -3.06 21.24
N VAL Q 17 57.36 -1.84 21.78
CA VAL Q 17 57.24 -0.58 20.99
C VAL Q 17 57.65 0.61 21.86
N ASP Q 18 58.09 1.71 21.24
CA ASP Q 18 58.43 2.99 21.92
C ASP Q 18 57.41 4.06 21.52
N ARG Q 19 56.55 4.42 22.48
CA ARG Q 19 55.37 5.31 22.29
C ARG Q 19 55.07 6.02 23.62
N ARG Q 20 54.81 7.34 23.55
CA ARG Q 20 54.57 8.23 24.71
C ARG Q 20 53.28 7.84 25.44
N ASP Q 21 52.26 7.35 24.71
CA ASP Q 21 50.90 7.05 25.24
C ASP Q 21 50.92 5.71 25.98
N TYR Q 22 52.05 5.00 25.92
CA TYR Q 22 52.16 3.56 26.28
C TYR Q 22 53.59 3.32 26.73
N PRO Q 23 54.03 4.01 27.82
CA PRO Q 23 55.44 4.05 28.23
C PRO Q 23 55.97 2.72 28.77
N LEU Q 24 55.03 1.92 29.30
CA LEU Q 24 55.30 0.56 29.86
C LEU Q 24 54.75 -0.48 28.88
N PRO Q 25 55.54 -0.97 27.90
CA PRO Q 25 55.03 -1.98 26.96
C PRO Q 25 54.85 -3.33 27.67
N ASP Q 26 54.33 -4.31 26.93
CA ASP Q 26 53.88 -5.63 27.46
C ASP Q 26 55.08 -6.53 27.71
N VAL Q 27 56.17 -6.35 26.97
CA VAL Q 27 57.36 -7.25 27.00
C VAL Q 27 58.63 -6.42 27.19
N ALA Q 28 59.69 -7.04 27.70
CA ALA Q 28 61.06 -6.47 27.77
C ALA Q 28 61.60 -6.30 26.35
N HIS Q 29 62.44 -5.27 26.12
CA HIS Q 29 63.10 -5.06 24.80
C HIS Q 29 64.08 -6.19 24.51
N VAL Q 30 64.81 -6.71 25.51
CA VAL Q 30 65.76 -7.87 25.36
C VAL Q 30 65.17 -9.09 26.10
N LYS Q 31 64.91 -10.18 25.37
CA LYS Q 31 64.22 -11.39 25.89
C LYS Q 31 65.25 -12.39 26.46
N ASN Q 32 66.36 -12.60 25.73
CA ASN Q 32 67.39 -13.62 26.04
C ASN Q 32 68.62 -12.95 26.67
N LEU Q 33 68.95 -13.34 27.91
CA LEU Q 33 69.84 -12.61 28.85
C LEU Q 33 71.20 -13.32 29.02
N SER Q 34 72.27 -12.72 28.50
CA SER Q 34 73.66 -13.26 28.61
C SER Q 34 73.98 -13.55 30.08
N ALA Q 35 74.79 -14.58 30.35
CA ALA Q 35 75.18 -15.04 31.71
C ALA Q 35 75.40 -13.84 32.64
N SER Q 36 76.03 -12.77 32.12
CA SER Q 36 76.33 -11.51 32.87
C SER Q 36 75.02 -10.83 33.28
N GLN Q 37 74.06 -10.72 32.35
CA GLN Q 37 72.77 -9.97 32.50
C GLN Q 37 71.86 -10.63 33.56
N LYS Q 38 71.88 -11.96 33.70
CA LYS Q 38 71.09 -12.69 34.71
C LYS Q 38 71.50 -12.24 36.12
N ALA Q 39 72.81 -12.17 36.35
CA ALA Q 39 73.45 -11.93 37.67
C ALA Q 39 73.34 -10.44 38.05
N LEU Q 40 73.03 -9.57 37.08
CA LEU Q 40 72.71 -8.14 37.32
C LEU Q 40 71.23 -8.05 37.70
N LYS Q 41 70.39 -8.87 37.07
CA LYS Q 41 68.96 -9.00 37.43
C LYS Q 41 68.86 -9.72 38.80
N GLU Q 42 69.87 -10.51 39.17
CA GLU Q 42 69.99 -11.09 40.54
C GLU Q 42 70.18 -9.97 41.56
N LYS Q 43 70.95 -8.93 41.18
CA LYS Q 43 71.35 -7.79 42.05
C LYS Q 43 70.17 -6.82 42.25
N GLU Q 44 69.25 -6.79 41.28
CA GLU Q 44 68.06 -5.90 41.25
C GLU Q 44 67.11 -6.25 42.43
N LYS Q 45 67.21 -7.46 42.98
CA LYS Q 45 66.34 -7.94 44.09
C LYS Q 45 66.87 -7.46 45.45
N ALA Q 46 68.16 -7.08 45.50
CA ALA Q 46 68.83 -6.44 46.65
C ALA Q 46 68.51 -4.93 46.71
N SER Q 47 69.16 -4.19 47.62
CA SER Q 47 69.12 -2.70 47.70
C SER Q 47 69.54 -2.10 46.35
N TRP Q 48 68.95 -0.97 45.97
CA TRP Q 48 69.24 -0.23 44.71
C TRP Q 48 70.31 0.85 44.94
N SER Q 49 70.66 1.16 46.19
CA SER Q 49 71.70 2.18 46.53
C SER Q 49 73.11 1.59 46.31
N SER Q 50 73.21 0.24 46.39
CA SER Q 50 74.45 -0.54 46.23
C SER Q 50 74.59 -1.04 44.78
N LEU Q 51 73.85 -0.43 43.85
CA LEU Q 51 74.07 -0.49 42.37
C LEU Q 51 74.86 0.75 41.97
N SER Q 52 75.68 0.60 40.93
CA SER Q 52 76.41 1.71 40.27
C SER Q 52 75.47 2.40 39.27
N ILE Q 53 75.88 3.60 38.79
CA ILE Q 53 75.20 4.34 37.68
C ILE Q 53 75.21 3.41 36.47
N ASP Q 54 76.41 2.96 36.05
CA ASP Q 54 76.64 1.97 34.97
C ASP Q 54 75.62 0.82 35.08
N GLU Q 55 75.56 0.17 36.25
CA GLU Q 55 74.73 -1.04 36.54
C GLU Q 55 73.22 -0.72 36.55
N LYS Q 56 72.86 0.57 36.70
CA LYS Q 56 71.47 1.09 36.58
C LYS Q 56 71.13 1.35 35.10
N VAL Q 57 71.98 2.06 34.36
CA VAL Q 57 71.82 2.29 32.89
C VAL Q 57 71.56 0.94 32.21
N GLU Q 58 72.33 -0.09 32.56
CA GLU Q 58 72.16 -1.44 31.96
C GLU Q 58 70.76 -1.96 32.31
N LEU Q 59 70.36 -1.86 33.57
CA LEU Q 59 68.99 -2.25 33.99
C LEU Q 59 67.97 -1.58 33.06
N TYR Q 60 68.14 -0.29 32.74
CA TYR Q 60 67.20 0.45 31.85
C TYR Q 60 67.30 -0.08 30.42
N ARG Q 61 68.50 -0.41 29.94
CA ARG Q 61 68.70 -0.88 28.54
C ARG Q 61 68.33 -2.37 28.40
N LEU Q 62 67.98 -3.05 29.50
CA LEU Q 62 67.51 -4.46 29.55
C LEU Q 62 66.00 -4.56 29.25
N LYS Q 63 65.24 -3.51 29.57
CA LYS Q 63 63.75 -3.51 29.59
C LYS Q 63 63.20 -2.61 28.47
N PHE Q 64 64.02 -1.63 28.02
CA PHE Q 64 63.60 -0.50 27.16
C PHE Q 64 64.65 -0.24 26.08
N LYS Q 65 64.19 0.03 24.86
CA LYS Q 65 65.05 0.30 23.68
C LYS Q 65 65.45 1.77 23.71
N GLU Q 66 64.54 2.68 23.32
CA GLU Q 66 64.82 4.15 23.29
C GLU Q 66 64.26 4.83 24.55
N SER Q 67 64.95 5.86 25.02
CA SER Q 67 64.54 6.75 26.15
C SER Q 67 63.54 7.77 25.61
N PHE Q 68 62.84 8.50 26.50
CA PHE Q 68 61.79 9.46 26.09
C PHE Q 68 62.44 10.61 25.30
N ALA Q 69 63.67 10.96 25.66
CA ALA Q 69 64.48 12.00 24.98
C ALA Q 69 64.89 11.46 23.62
N GLU Q 70 65.28 10.18 23.55
CA GLU Q 70 65.74 9.49 22.32
C GLU Q 70 64.54 9.30 21.39
N MET Q 71 63.35 9.09 21.94
CA MET Q 71 62.14 8.79 21.13
C MET Q 71 61.48 10.12 20.74
N ASN Q 72 61.71 11.20 21.48
CA ASN Q 72 61.12 12.55 21.19
C ASN Q 72 62.14 13.49 20.54
N ARG Q 73 63.31 12.98 20.12
CA ARG Q 73 64.32 13.82 19.42
C ARG Q 73 63.71 14.27 18.10
N SER Q 74 64.07 15.45 17.59
CA SER Q 74 63.70 15.89 16.21
C SER Q 74 64.85 15.54 15.24
N THR Q 75 64.55 15.57 13.94
CA THR Q 75 65.41 15.11 12.81
C THR Q 75 65.77 16.30 11.90
N ASN Q 76 66.25 16.01 10.68
CA ASN Q 76 66.48 17.01 9.59
C ASN Q 76 65.73 16.58 8.32
N GLU Q 77 64.75 15.68 8.47
CA GLU Q 77 63.90 15.13 7.39
C GLU Q 77 63.48 16.30 6.50
N TRP Q 78 62.83 17.32 7.10
CA TRP Q 78 62.22 18.46 6.37
C TRP Q 78 63.17 19.07 5.32
N LYS Q 79 64.47 19.19 5.59
CA LYS Q 79 65.46 19.73 4.61
C LYS Q 79 65.47 18.83 3.35
N THR Q 80 65.65 17.53 3.52
CA THR Q 80 65.45 16.49 2.46
C THR Q 80 64.10 16.69 1.76
N VAL Q 81 62.98 16.63 2.50
CA VAL Q 81 61.58 16.57 1.98
C VAL Q 81 61.19 17.89 1.28
N VAL Q 82 61.79 19.01 1.67
CA VAL Q 82 61.48 20.33 1.04
C VAL Q 82 62.41 20.55 -0.15
N GLY Q 83 63.68 20.20 -0.02
CA GLY Q 83 64.65 20.39 -1.12
C GLY Q 83 64.38 19.42 -2.24
N ALA Q 84 64.00 18.18 -1.91
CA ALA Q 84 63.68 17.12 -2.90
C ALA Q 84 62.51 17.57 -3.78
N ALA Q 85 61.34 17.78 -3.18
CA ALA Q 85 60.13 18.35 -3.83
C ALA Q 85 60.54 19.43 -4.83
N MET Q 86 61.30 20.43 -4.35
CA MET Q 86 61.70 21.64 -5.13
C MET Q 86 62.56 21.24 -6.33
N PHE Q 87 63.33 20.17 -6.20
CA PHE Q 87 64.13 19.65 -7.33
C PHE Q 87 63.16 19.09 -8.39
N PHE Q 88 62.23 18.22 -7.98
CA PHE Q 88 61.24 17.54 -8.87
C PHE Q 88 60.27 18.56 -9.48
N ILE Q 89 59.96 19.64 -8.75
CA ILE Q 89 59.18 20.82 -9.21
C ILE Q 89 60.02 21.63 -10.21
N GLY Q 90 61.34 21.69 -10.01
CA GLY Q 90 62.24 22.39 -10.95
C GLY Q 90 62.29 21.63 -12.25
N PHE Q 91 62.59 20.33 -12.15
CA PHE Q 91 62.48 19.33 -13.23
C PHE Q 91 61.24 19.60 -14.06
N THR Q 92 60.09 19.75 -13.39
CA THR Q 92 58.76 19.85 -14.05
C THR Q 92 58.76 20.98 -15.09
N ALA Q 93 59.73 21.90 -15.08
CA ALA Q 93 59.74 23.10 -15.94
C ALA Q 93 60.54 22.78 -17.21
N LEU Q 94 61.49 21.83 -17.12
CA LEU Q 94 62.18 21.22 -18.28
C LEU Q 94 61.11 20.67 -19.23
N LEU Q 95 60.10 20.01 -18.68
CA LEU Q 95 58.95 19.45 -19.44
C LEU Q 95 58.13 20.61 -20.03
N LEU Q 96 57.90 21.66 -19.23
CA LEU Q 96 57.11 22.85 -19.66
C LEU Q 96 57.85 23.65 -20.73
N ILE Q 97 59.17 23.76 -20.63
CA ILE Q 97 60.06 24.44 -21.62
C ILE Q 97 60.04 23.62 -22.91
N TRP Q 98 60.11 22.29 -22.78
CA TRP Q 98 60.04 21.28 -23.88
C TRP Q 98 58.72 21.42 -24.67
N GLU Q 99 57.61 21.53 -23.94
CA GLU Q 99 56.24 21.72 -24.48
C GLU Q 99 56.20 23.00 -25.33
N LYS Q 100 56.73 24.13 -24.84
CA LYS Q 100 56.60 25.45 -25.52
C LYS Q 100 57.45 25.49 -26.82
N HIS Q 101 58.65 24.92 -26.80
CA HIS Q 101 59.62 25.01 -27.92
C HIS Q 101 59.19 24.10 -29.08
N TYR Q 102 58.82 22.84 -28.78
CA TYR Q 102 58.59 21.77 -29.79
C TYR Q 102 57.10 21.60 -30.12
N VAL Q 103 56.20 21.62 -29.13
CA VAL Q 103 54.77 21.22 -29.35
C VAL Q 103 53.95 22.44 -29.80
N TYR Q 104 54.06 23.55 -29.09
CA TYR Q 104 53.26 24.77 -29.33
C TYR Q 104 53.42 25.30 -30.76
N GLY Q 105 52.27 25.57 -31.39
CA GLY Q 105 52.14 26.55 -32.48
C GLY Q 105 52.45 27.94 -31.96
N PRO Q 106 52.61 28.93 -32.86
CA PRO Q 106 52.60 30.34 -32.45
C PRO Q 106 51.18 30.82 -32.13
N ILE Q 107 51.06 31.65 -31.10
CA ILE Q 107 49.74 32.21 -30.65
C ILE Q 107 49.22 33.20 -31.69
N PRO Q 108 47.93 33.59 -31.62
CA PRO Q 108 47.37 34.51 -32.61
C PRO Q 108 47.91 35.95 -32.54
N HIS Q 109 47.72 36.67 -33.66
CA HIS Q 109 48.22 38.04 -33.93
C HIS Q 109 47.54 39.05 -33.02
N THR Q 110 46.45 38.65 -32.36
CA THR Q 110 45.66 39.50 -31.44
C THR Q 110 46.38 39.63 -30.09
N PHE Q 111 47.52 38.92 -29.94
CA PHE Q 111 48.46 39.02 -28.79
C PHE Q 111 49.81 39.62 -29.26
N GLU Q 112 49.80 40.47 -30.31
CA GLU Q 112 50.99 41.23 -30.75
C GLU Q 112 50.90 42.67 -30.19
N GLU Q 113 52.02 43.21 -29.70
CA GLU Q 113 52.18 44.55 -29.07
C GLU Q 113 51.14 45.57 -29.60
N GLU Q 114 51.02 45.69 -30.92
CA GLU Q 114 50.17 46.69 -31.62
C GLU Q 114 48.69 46.49 -31.29
N TRP Q 115 48.17 45.29 -31.55
CA TRP Q 115 46.74 44.90 -31.42
C TRP Q 115 46.25 45.13 -29.99
N VAL Q 116 47.00 44.67 -28.99
CA VAL Q 116 46.72 44.84 -27.53
C VAL Q 116 46.48 46.33 -27.23
N ALA Q 117 47.23 47.22 -27.88
CA ALA Q 117 47.15 48.70 -27.73
C ALA Q 117 45.86 49.24 -28.38
N LYS Q 118 45.61 48.89 -29.64
CA LYS Q 118 44.36 49.25 -30.37
C LYS Q 118 43.14 48.65 -29.66
N GLN Q 119 43.17 47.34 -29.42
CA GLN Q 119 42.10 46.54 -28.77
C GLN Q 119 41.80 47.08 -27.37
N THR Q 120 42.80 47.64 -26.68
CA THR Q 120 42.65 48.19 -25.30
C THR Q 120 41.85 49.49 -25.34
N LYS Q 121 42.14 50.37 -26.29
CA LYS Q 121 41.43 51.68 -26.42
C LYS Q 121 39.99 51.41 -26.84
N ARG Q 122 39.78 50.47 -27.78
CA ARG Q 122 38.42 50.08 -28.22
C ARG Q 122 37.65 49.57 -26.99
N MET Q 123 38.36 49.01 -26.00
CA MET Q 123 37.80 48.58 -24.68
C MET Q 123 37.51 49.79 -23.79
N LEU Q 124 38.41 50.79 -23.77
CA LEU Q 124 38.25 52.08 -23.06
C LEU Q 124 37.23 52.96 -23.80
N ASP Q 125 37.04 52.71 -25.10
CA ASP Q 125 36.09 53.46 -25.96
C ASP Q 125 34.64 53.04 -25.68
N MET Q 126 34.42 51.79 -25.25
CA MET Q 126 33.07 51.25 -24.92
C MET Q 126 32.90 51.14 -23.39
N LYS Q 127 33.89 51.59 -22.61
CA LYS Q 127 33.81 51.69 -21.13
C LYS Q 127 33.60 50.31 -20.51
N VAL Q 128 34.48 49.33 -20.81
CA VAL Q 128 34.53 47.98 -20.19
C VAL Q 128 34.83 48.13 -18.68
N ALA Q 129 34.03 47.45 -17.86
CA ALA Q 129 34.07 47.44 -16.38
C ALA Q 129 34.35 48.83 -15.87
N PRO Q 130 33.45 49.81 -16.14
CA PRO Q 130 33.70 51.22 -15.86
C PRO Q 130 33.27 51.71 -14.47
N ILE Q 131 32.97 50.79 -13.55
CA ILE Q 131 32.66 51.09 -12.12
C ILE Q 131 33.86 50.72 -11.23
N GLN Q 132 34.63 49.68 -11.57
CA GLN Q 132 35.75 49.14 -10.73
C GLN Q 132 36.82 48.44 -11.58
N GLY Q 133 36.42 47.75 -12.65
CA GLY Q 133 37.20 46.65 -13.23
C GLY Q 133 38.34 47.08 -14.14
N PHE Q 134 38.07 47.98 -15.10
CA PHE Q 134 39.01 48.25 -16.22
C PHE Q 134 39.03 49.72 -16.63
N SER Q 135 37.87 50.26 -17.03
CA SER Q 135 37.75 51.65 -17.54
C SER Q 135 37.85 52.67 -16.40
N ALA Q 136 37.51 52.27 -15.16
CA ALA Q 136 37.56 53.12 -13.94
C ALA Q 136 39.01 53.34 -13.46
N LYS Q 137 39.99 52.67 -14.09
CA LYS Q 137 41.44 52.80 -13.79
C LYS Q 137 42.09 53.70 -14.84
N TRP Q 138 41.27 54.35 -15.65
CA TRP Q 138 41.68 55.27 -16.74
C TRP Q 138 41.04 56.65 -16.51
N ASP Q 139 41.85 57.69 -16.32
CA ASP Q 139 41.43 59.11 -16.39
C ASP Q 139 41.16 59.40 -17.86
N TYR Q 140 39.98 59.97 -18.18
CA TYR Q 140 39.53 60.28 -19.57
C TYR Q 140 39.92 61.71 -19.94
N ASP Q 141 39.87 62.64 -18.97
CA ASP Q 141 40.32 64.05 -19.10
C ASP Q 141 41.78 64.08 -19.54
N LYS Q 142 42.70 63.82 -18.61
CA LYS Q 142 44.17 63.87 -18.83
C LYS Q 142 44.56 62.87 -19.93
N ASN Q 143 43.86 61.74 -20.03
CA ASN Q 143 43.99 60.74 -21.12
C ASN Q 143 45.23 59.87 -20.83
N GLU Q 144 45.32 59.34 -19.61
CA GLU Q 144 46.40 58.44 -19.12
C GLU Q 144 45.85 57.59 -17.96
N TRP Q 145 46.59 56.56 -17.54
CA TRP Q 145 46.22 55.68 -16.40
C TRP Q 145 46.35 56.46 -15.09
N LYS Q 146 45.33 56.40 -14.23
CA LYS Q 146 45.40 56.82 -12.81
C LYS Q 146 46.51 56.01 -12.11
N LYS Q 147 47.25 56.60 -11.16
CA LYS Q 147 48.08 55.85 -10.17
C LYS Q 147 47.20 55.57 -8.94
N HIS R 5 31.32 13.55 37.83
CA HIS R 5 31.32 12.07 38.05
C HIS R 5 32.05 11.77 39.37
N GLU R 6 33.28 12.29 39.56
CA GLU R 6 34.05 12.14 40.82
C GLU R 6 35.09 13.27 40.97
N THR R 7 35.28 13.76 42.21
CA THR R 7 36.13 14.94 42.53
C THR R 7 37.61 14.56 42.36
N ASP R 8 38.50 15.52 42.63
CA ASP R 8 39.97 15.41 42.39
C ASP R 8 40.61 14.47 43.42
N GLU R 9 40.19 14.56 44.68
CA GLU R 9 40.81 13.87 45.85
C GLU R 9 40.46 12.39 45.81
N GLU R 10 39.29 12.05 45.26
CA GLU R 10 38.84 10.64 45.03
C GLU R 10 39.74 10.03 43.95
N PHE R 11 39.90 10.74 42.83
CA PHE R 11 40.79 10.32 41.71
C PHE R 11 42.17 10.01 42.27
N ASP R 12 42.67 10.81 43.22
CA ASP R 12 44.03 10.66 43.79
C ASP R 12 44.04 9.52 44.82
N ALA R 13 42.99 9.44 45.65
CA ALA R 13 42.81 8.38 46.66
C ALA R 13 42.73 7.04 45.93
N ARG R 14 41.81 6.93 44.97
CA ARG R 14 41.52 5.68 44.23
C ARG R 14 42.84 5.12 43.66
N TRP R 15 43.65 5.99 43.04
CA TRP R 15 44.88 5.60 42.31
C TRP R 15 46.00 5.24 43.29
N VAL R 16 46.16 6.02 44.37
CA VAL R 16 47.07 5.67 45.50
C VAL R 16 46.69 4.29 46.02
N THR R 17 45.41 4.03 46.24
CA THR R 17 44.90 2.69 46.66
C THR R 17 45.41 1.67 45.64
N TYR R 18 45.09 1.86 44.35
CA TYR R 18 45.50 0.95 43.25
C TYR R 18 46.96 0.52 43.37
N PHE R 19 47.86 1.41 43.76
CA PHE R 19 49.33 1.22 43.67
C PHE R 19 49.90 0.69 45.00
N ASN R 20 49.07 0.65 46.04
CA ASN R 20 49.40 0.08 47.38
C ASN R 20 48.68 -1.25 47.58
N LYS R 21 48.30 -1.91 46.47
CA LYS R 21 47.97 -3.36 46.47
C LYS R 21 49.27 -4.11 46.78
N PRO R 22 49.32 -4.98 47.83
CA PRO R 22 50.54 -5.70 48.17
C PRO R 22 50.88 -6.86 47.21
N ASP R 23 49.87 -7.53 46.66
CA ASP R 23 50.04 -8.64 45.68
C ASP R 23 49.74 -8.11 44.27
N ILE R 24 50.10 -6.84 44.00
CA ILE R 24 50.16 -6.23 42.64
C ILE R 24 51.11 -7.07 41.77
N ASP R 25 50.88 -7.13 40.47
CA ASP R 25 51.70 -7.95 39.53
C ASP R 25 52.17 -7.05 38.39
N ALA R 26 53.12 -7.54 37.61
CA ALA R 26 53.75 -6.78 36.50
C ALA R 26 52.70 -6.23 35.53
N TRP R 27 51.54 -6.88 35.35
CA TRP R 27 50.45 -6.42 34.43
C TRP R 27 49.74 -5.20 35.03
N GLU R 28 49.47 -5.21 36.34
CA GLU R 28 48.66 -4.22 37.09
C GLU R 28 49.45 -2.91 37.25
N LEU R 29 50.77 -3.01 37.39
CA LEU R 29 51.68 -1.84 37.39
C LEU R 29 51.62 -1.19 36.01
N ARG R 30 51.83 -1.96 34.94
CA ARG R 30 51.84 -1.44 33.55
C ARG R 30 50.46 -0.88 33.21
N LYS R 31 49.41 -1.69 33.32
CA LYS R 31 48.00 -1.24 33.16
C LYS R 31 47.84 0.15 33.77
N GLY R 32 48.03 0.26 35.08
CA GLY R 32 47.74 1.44 35.90
C GLY R 32 48.48 2.68 35.42
N MET R 33 49.79 2.57 35.19
CA MET R 33 50.59 3.72 34.68
C MET R 33 50.13 4.11 33.27
N ASN R 34 49.84 3.13 32.41
CA ASN R 34 49.50 3.36 30.99
C ASN R 34 48.08 3.93 30.90
N THR R 35 47.20 3.61 31.85
CA THR R 35 45.84 4.20 31.95
C THR R 35 45.93 5.68 32.35
N LEU R 36 46.96 6.01 33.16
CA LEU R 36 47.08 7.23 33.98
C LEU R 36 47.60 8.37 33.12
N VAL R 37 48.69 8.10 32.39
CA VAL R 37 49.29 9.02 31.38
C VAL R 37 48.26 9.32 30.28
N GLY R 38 47.22 8.50 30.18
CA GLY R 38 46.10 8.70 29.26
C GLY R 38 45.29 9.97 29.50
N TYR R 39 45.31 10.55 30.71
CA TYR R 39 44.42 11.65 31.20
C TYR R 39 45.13 13.00 31.08
N ASP R 40 44.37 14.09 31.00
CA ASP R 40 44.86 15.48 30.82
C ASP R 40 45.21 16.05 32.19
N LEU R 41 46.35 15.61 32.73
CA LEU R 41 46.89 15.95 34.07
C LEU R 41 48.20 15.19 34.27
N VAL R 42 49.18 15.82 34.92
CA VAL R 42 50.34 15.10 35.51
C VAL R 42 49.87 14.51 36.83
N PRO R 43 50.18 13.24 37.17
CA PRO R 43 49.75 12.68 38.45
C PRO R 43 50.29 13.48 39.64
N GLU R 44 49.54 13.45 40.75
CA GLU R 44 49.96 13.94 42.10
C GLU R 44 51.23 13.19 42.54
N PRO R 45 52.23 13.88 43.11
CA PRO R 45 53.41 13.22 43.68
C PRO R 45 53.12 11.99 44.57
N LYS R 46 52.05 12.04 45.39
CA LYS R 46 51.69 10.96 46.37
C LYS R 46 51.31 9.68 45.61
N ILE R 47 50.95 9.81 44.34
CA ILE R 47 50.64 8.68 43.42
C ILE R 47 51.94 8.19 42.77
N ILE R 48 52.73 9.11 42.21
CA ILE R 48 54.05 8.74 41.64
C ILE R 48 54.83 8.03 42.76
N ASP R 49 54.61 8.47 44.01
CA ASP R 49 55.14 7.81 45.24
C ASP R 49 54.65 6.35 45.36
N ALA R 50 53.34 6.12 45.39
CA ALA R 50 52.77 4.76 45.56
C ALA R 50 53.33 3.80 44.48
N ALA R 51 53.44 4.24 43.23
CA ALA R 51 53.86 3.38 42.09
C ALA R 51 55.36 3.12 42.22
N LEU R 52 56.17 4.16 42.46
CA LEU R 52 57.62 3.97 42.68
C LEU R 52 57.85 2.88 43.75
N ARG R 53 56.98 2.79 44.78
CA ARG R 53 57.06 1.74 45.83
C ARG R 53 56.61 0.39 45.24
N ALA R 54 55.53 0.37 44.46
CA ALA R 54 55.05 -0.83 43.74
C ALA R 54 56.19 -1.43 42.91
N CYS R 55 57.07 -0.61 42.34
CA CYS R 55 58.25 -1.09 41.59
C CYS R 55 59.21 -1.82 42.53
N ARG R 56 59.50 -1.25 43.71
CA ARG R 56 60.46 -1.85 44.66
C ARG R 56 59.91 -3.21 45.10
N ARG R 57 58.61 -3.29 45.38
CA ARG R 57 57.92 -4.55 45.77
C ARG R 57 58.00 -5.58 44.62
N LEU R 58 58.09 -5.12 43.37
CA LEU R 58 58.13 -5.98 42.14
C LEU R 58 59.54 -6.05 41.55
N ASN R 59 60.56 -5.65 42.33
CA ASN R 59 62.01 -5.69 41.98
C ASN R 59 62.25 -5.22 40.54
N ASP R 60 61.64 -4.11 40.14
CA ASP R 60 61.74 -3.57 38.75
C ASP R 60 62.26 -2.15 38.83
N PHE R 61 63.54 -1.97 38.57
CA PHE R 61 64.22 -0.66 38.65
C PHE R 61 63.90 0.14 37.39
N ALA R 62 63.93 -0.53 36.24
CA ALA R 62 63.77 0.06 34.90
C ALA R 62 62.51 0.93 34.85
N SER R 63 61.37 0.34 35.17
CA SER R 63 60.04 0.98 35.15
C SER R 63 60.01 2.26 36.01
N ALA R 64 60.73 2.26 37.14
CA ALA R 64 60.78 3.40 38.08
C ALA R 64 61.35 4.62 37.35
N VAL R 65 62.53 4.47 36.74
CA VAL R 65 63.21 5.47 35.87
C VAL R 65 62.22 5.96 34.80
N ARG R 66 61.56 5.04 34.10
CA ARG R 66 60.65 5.31 32.96
C ARG R 66 59.48 6.17 33.45
N ILE R 67 58.85 5.81 34.58
CA ILE R 67 57.67 6.57 35.13
C ILE R 67 58.05 8.04 35.21
N LEU R 68 59.18 8.36 35.83
CA LEU R 68 59.72 9.74 35.95
C LEU R 68 59.76 10.38 34.56
N GLU R 69 60.23 9.64 33.55
CA GLU R 69 60.35 10.14 32.15
C GLU R 69 58.95 10.59 31.69
N VAL R 70 57.90 9.82 31.98
CA VAL R 70 56.53 10.07 31.45
C VAL R 70 55.84 11.15 32.28
N VAL R 71 56.23 11.33 33.55
CA VAL R 71 55.85 12.50 34.40
C VAL R 71 56.31 13.77 33.67
N LYS R 72 57.59 13.84 33.29
CA LYS R 72 58.22 15.05 32.69
C LYS R 72 57.54 15.39 31.35
N ASP R 73 56.96 14.37 30.73
CA ASP R 73 56.43 14.37 29.35
C ASP R 73 54.97 14.82 29.35
N LYS R 74 54.23 14.37 30.36
CA LYS R 74 52.83 14.76 30.62
C LYS R 74 52.73 16.27 30.87
N ALA R 75 53.77 16.86 31.46
CA ALA R 75 53.92 18.30 31.76
C ALA R 75 53.97 19.08 30.44
N GLY R 76 54.77 18.63 29.50
CA GLY R 76 54.93 19.34 28.22
C GLY R 76 55.69 20.64 28.45
N PRO R 77 55.16 21.80 27.99
CA PRO R 77 55.89 23.07 28.08
C PRO R 77 55.92 23.74 29.47
N HIS R 78 55.28 23.11 30.46
CA HIS R 78 55.16 23.65 31.85
C HIS R 78 56.39 23.18 32.64
N LYS R 79 57.50 23.92 32.55
CA LYS R 79 58.86 23.52 33.00
C LYS R 79 58.90 23.33 34.52
N GLU R 80 57.92 23.92 35.20
CA GLU R 80 57.87 24.05 36.67
C GLU R 80 57.40 22.74 37.31
N ILE R 81 56.71 21.85 36.60
CA ILE R 81 55.98 20.71 37.25
C ILE R 81 56.97 19.64 37.71
N TYR R 82 57.82 19.11 36.81
CA TYR R 82 58.76 17.98 37.07
C TYR R 82 59.71 18.35 38.21
N PRO R 83 60.37 19.54 38.20
CA PRO R 83 61.30 19.91 39.25
C PRO R 83 60.64 19.89 40.64
N TYR R 84 59.35 20.24 40.73
CA TYR R 84 58.55 20.25 41.97
C TYR R 84 58.18 18.81 42.32
N VAL R 85 57.85 18.02 41.31
CA VAL R 85 57.45 16.61 41.53
C VAL R 85 58.64 15.93 42.19
N ILE R 86 59.83 16.23 41.72
CA ILE R 86 61.06 15.58 42.23
C ILE R 86 61.18 15.97 43.70
N GLN R 87 61.13 17.27 43.98
CA GLN R 87 61.23 17.83 45.34
C GLN R 87 60.37 16.97 46.28
N GLU R 88 59.06 16.87 46.02
CA GLU R 88 58.08 16.21 46.92
C GLU R 88 58.38 14.71 47.02
N LEU R 89 59.07 14.13 46.03
CA LEU R 89 59.44 12.67 45.97
C LEU R 89 60.81 12.40 46.59
N ARG R 90 61.65 13.43 46.73
CA ARG R 90 63.10 13.29 47.06
C ARG R 90 63.32 12.43 48.32
N PRO R 91 62.42 12.41 49.33
CA PRO R 91 62.52 11.38 50.38
C PRO R 91 62.56 9.93 49.84
N THR R 92 61.47 9.49 49.17
CA THR R 92 61.25 8.16 48.54
C THR R 92 62.38 7.77 47.56
N LEU R 93 62.95 8.73 46.83
CA LEU R 93 64.05 8.51 45.87
C LEU R 93 65.32 8.06 46.62
N ASN R 94 65.75 8.86 47.61
CA ASN R 94 66.98 8.65 48.41
C ASN R 94 66.79 7.45 49.35
N GLU R 95 65.56 7.14 49.74
CA GLU R 95 65.21 5.99 50.61
C GLU R 95 65.51 4.67 49.90
N LEU R 96 65.02 4.52 48.66
CA LEU R 96 65.04 3.27 47.84
C LEU R 96 66.14 3.33 46.76
N GLY R 97 66.88 4.44 46.70
CA GLY R 97 67.99 4.63 45.74
C GLY R 97 67.51 4.62 44.30
N ILE R 98 66.33 5.20 44.06
CA ILE R 98 65.80 5.46 42.69
C ILE R 98 66.53 6.69 42.18
N SER R 99 67.19 6.57 41.03
CA SER R 99 67.93 7.65 40.34
C SER R 99 67.10 8.21 39.19
N THR R 100 67.12 9.54 39.01
CA THR R 100 66.34 10.31 38.00
C THR R 100 66.89 10.00 36.61
N PRO R 101 66.12 10.28 35.53
CA PRO R 101 66.62 10.12 34.17
C PRO R 101 67.74 11.11 33.83
N GLU R 102 67.77 12.27 34.52
CA GLU R 102 68.79 13.34 34.37
C GLU R 102 70.13 12.88 34.98
N GLU R 103 70.07 12.16 36.10
CA GLU R 103 71.23 11.65 36.87
C GLU R 103 71.94 10.52 36.10
N LEU R 104 71.18 9.58 35.50
CA LEU R 104 71.71 8.50 34.61
C LEU R 104 72.01 9.04 33.21
N GLY R 105 71.90 10.35 32.98
CA GLY R 105 72.21 11.01 31.69
C GLY R 105 71.26 10.65 30.56
N LEU R 106 70.11 10.00 30.84
CA LEU R 106 69.13 9.51 29.83
C LEU R 106 68.15 10.60 29.42
N ASP R 107 68.51 11.88 29.57
CA ASP R 107 67.74 13.02 29.04
C ASP R 107 68.59 13.71 27.97
N LYS R 108 69.60 13.01 27.44
CA LYS R 108 70.52 13.54 26.41
C LYS R 108 70.45 12.67 25.16
N VAL R 109 70.24 13.33 24.02
CA VAL R 109 70.45 12.75 22.67
C VAL R 109 71.96 12.71 22.41
N ALA S 1 -7.91 -35.94 2.25
CA ALA S 1 -6.66 -36.19 3.04
C ALA S 1 -5.45 -35.55 2.34
N SER S 2 -4.43 -35.15 3.11
CA SER S 2 -3.14 -34.62 2.60
C SER S 2 -2.32 -35.79 2.04
N GLY S 3 -1.51 -35.51 1.02
CA GLY S 3 -0.78 -36.52 0.23
C GLY S 3 0.29 -37.22 1.05
N GLY S 4 1.47 -36.61 1.17
CA GLY S 4 2.75 -37.28 1.54
C GLY S 4 3.71 -37.31 0.36
N GLY S 5 5.01 -37.43 0.62
CA GLY S 5 6.05 -37.61 -0.40
C GLY S 5 6.99 -36.42 -0.57
N VAL S 6 7.02 -35.50 0.39
CA VAL S 6 8.03 -34.40 0.48
C VAL S 6 9.00 -34.78 1.60
N PRO S 7 10.31 -34.88 1.31
CA PRO S 7 11.28 -35.35 2.30
C PRO S 7 11.38 -34.29 3.39
N THR S 8 11.92 -34.64 4.55
CA THR S 8 12.10 -33.70 5.69
C THR S 8 13.59 -33.53 5.97
N ASP S 9 13.95 -32.44 6.61
CA ASP S 9 15.36 -32.15 6.97
C ASP S 9 15.93 -33.33 7.78
N GLU S 10 15.19 -33.84 8.77
CA GLU S 10 15.52 -35.09 9.51
C GLU S 10 16.02 -36.19 8.57
N GLU S 11 15.43 -36.31 7.39
CA GLU S 11 15.62 -37.45 6.44
C GLU S 11 16.70 -37.16 5.39
N GLN S 12 16.79 -35.93 4.86
CA GLN S 12 17.55 -35.68 3.59
C GLN S 12 18.63 -34.61 3.74
N ALA S 13 18.79 -34.00 4.90
CA ALA S 13 19.89 -33.06 5.21
C ALA S 13 21.24 -33.79 5.17
N THR S 14 22.28 -33.14 4.66
CA THR S 14 23.60 -33.76 4.35
C THR S 14 24.74 -32.77 4.61
N GLY S 15 25.97 -33.29 4.79
CA GLY S 15 27.17 -32.47 5.06
C GLY S 15 26.94 -31.48 6.19
N LEU S 16 27.28 -30.21 5.99
CA LEU S 16 27.44 -29.25 7.10
C LEU S 16 26.07 -28.76 7.62
N GLU S 17 25.06 -28.69 6.75
CA GLU S 17 23.67 -28.36 7.19
C GLU S 17 23.28 -29.34 8.29
N ARG S 18 23.53 -30.63 8.04
CA ARG S 18 23.14 -31.75 8.94
C ARG S 18 23.90 -31.59 10.25
N GLU S 19 25.22 -31.48 10.18
CA GLU S 19 26.15 -31.40 11.34
C GLU S 19 25.62 -30.42 12.40
N VAL S 20 25.03 -29.28 11.98
CA VAL S 20 24.54 -28.19 12.87
C VAL S 20 23.17 -28.58 13.42
N MET S 21 22.29 -29.06 12.55
CA MET S 21 20.94 -29.54 12.95
C MET S 21 21.11 -30.56 14.05
N LEU S 22 22.03 -31.51 13.87
CA LEU S 22 22.33 -32.58 14.85
C LEU S 22 22.85 -31.97 16.16
N ALA S 23 23.92 -31.19 16.06
CA ALA S 23 24.65 -30.59 17.21
C ALA S 23 23.70 -29.74 18.08
N ALA S 24 22.84 -28.91 17.47
CA ALA S 24 21.82 -28.05 18.13
C ALA S 24 20.92 -28.88 19.04
N ARG S 25 20.37 -29.99 18.54
CA ARG S 25 19.38 -30.86 19.23
C ARG S 25 20.02 -31.56 20.46
N LYS S 26 21.35 -31.57 20.55
CA LYS S 26 22.08 -32.06 21.74
C LYS S 26 22.53 -30.91 22.65
N GLY S 27 22.39 -29.65 22.23
CA GLY S 27 22.82 -28.48 23.03
C GLY S 27 24.33 -28.26 22.96
N GLN S 28 24.85 -28.13 21.75
CA GLN S 28 26.28 -27.80 21.51
C GLN S 28 26.31 -26.62 20.51
N ASP S 29 27.48 -26.04 20.24
CA ASP S 29 27.64 -25.08 19.11
C ASP S 29 29.04 -25.19 18.52
N PRO S 30 29.37 -26.35 17.90
CA PRO S 30 30.69 -26.54 17.31
C PRO S 30 31.08 -25.49 16.26
N TYR S 31 30.10 -24.83 15.64
CA TYR S 31 30.27 -23.98 14.43
C TYR S 31 30.03 -22.51 14.73
N ASN S 32 29.96 -22.13 16.02
CA ASN S 32 30.10 -20.75 16.55
C ASN S 32 29.03 -19.83 15.93
N ILE S 33 27.75 -20.28 15.93
CA ILE S 33 26.55 -19.58 15.37
C ILE S 33 25.89 -18.72 16.46
N LEU S 34 25.95 -19.18 17.70
CA LEU S 34 25.44 -18.49 18.92
C LEU S 34 26.57 -17.68 19.60
N ALA S 35 26.19 -16.78 20.50
CA ALA S 35 27.09 -15.91 21.26
C ALA S 35 27.36 -16.56 22.61
N PRO S 36 28.65 -16.76 22.99
CA PRO S 36 29.00 -17.31 24.31
C PRO S 36 28.52 -16.43 25.47
N LYS S 37 27.99 -17.05 26.53
CA LYS S 37 27.52 -16.36 27.77
C LYS S 37 28.74 -15.95 28.59
N ALA S 38 28.63 -14.88 29.39
CA ALA S 38 29.75 -14.35 30.21
C ALA S 38 29.81 -15.08 31.56
N THR S 39 31.02 -15.24 32.10
CA THR S 39 31.33 -15.52 33.51
C THR S 39 31.79 -14.23 34.17
N SER S 40 31.98 -14.24 35.49
CA SER S 40 32.48 -13.10 36.30
C SER S 40 33.79 -12.58 35.67
N GLY S 41 34.60 -13.47 35.13
CA GLY S 41 35.83 -13.13 34.39
C GLY S 41 37.00 -12.86 35.31
N THR S 42 36.93 -13.36 36.55
CA THR S 42 38.00 -13.23 37.58
C THR S 42 39.06 -14.32 37.32
N LYS S 43 40.14 -14.37 38.10
CA LYS S 43 41.22 -15.38 37.91
C LYS S 43 40.70 -16.79 38.22
N GLU S 44 39.69 -16.89 39.08
CA GLU S 44 39.12 -18.18 39.56
C GLU S 44 38.01 -18.65 38.62
N ASP S 45 37.23 -17.73 38.03
CA ASP S 45 36.13 -18.03 37.07
C ASP S 45 36.39 -17.31 35.73
N PRO S 46 37.50 -17.64 35.02
CA PRO S 46 37.78 -17.01 33.73
C PRO S 46 36.78 -17.41 32.66
N ASN S 47 36.79 -16.67 31.53
CA ASN S 47 35.98 -16.92 30.31
C ASN S 47 36.64 -18.07 29.52
N LEU S 48 36.04 -19.26 29.59
CA LEU S 48 36.49 -20.48 28.87
C LEU S 48 36.20 -20.33 27.36
N VAL S 49 37.25 -20.37 26.53
CA VAL S 49 37.23 -20.02 25.07
C VAL S 49 37.67 -21.28 24.30
N PRO S 50 36.72 -22.08 23.76
CA PRO S 50 37.07 -23.32 23.06
C PRO S 50 37.86 -23.01 21.78
N SER S 51 38.90 -23.80 21.48
CA SER S 51 39.68 -23.71 20.21
C SER S 51 39.95 -25.08 19.57
N ILE S 52 39.92 -25.10 18.23
CA ILE S 52 40.51 -26.20 17.42
C ILE S 52 42.03 -26.22 17.62
N THR S 53 42.68 -25.07 17.67
CA THR S 53 44.17 -24.96 17.65
C THR S 53 44.69 -24.45 19.00
N ASN S 54 45.85 -23.78 18.98
CA ASN S 54 46.69 -23.44 20.16
C ASN S 54 46.54 -21.94 20.47
N LYS S 55 45.73 -21.21 19.67
CA LYS S 55 45.36 -19.79 19.96
C LYS S 55 44.08 -19.38 19.21
N ARG S 56 43.32 -18.43 19.77
CA ARG S 56 42.11 -17.85 19.14
C ARG S 56 41.97 -16.37 19.51
N ILE S 57 41.61 -15.52 18.54
CA ILE S 57 41.41 -14.05 18.71
C ILE S 57 40.17 -13.80 19.56
N VAL S 58 40.36 -13.30 20.77
CA VAL S 58 39.27 -12.78 21.65
C VAL S 58 39.00 -11.31 21.30
N GLY S 59 37.71 -10.97 21.19
CA GLY S 59 37.17 -9.60 21.18
C GLY S 59 36.47 -9.34 22.50
N CYS S 60 36.84 -8.26 23.19
CA CYS S 60 36.22 -7.89 24.48
C CYS S 60 35.40 -6.60 24.30
N ILE S 61 34.07 -6.73 24.40
CA ILE S 61 33.16 -5.59 24.69
C ILE S 61 33.22 -5.40 26.20
N CYS S 62 34.08 -4.47 26.66
CA CYS S 62 34.36 -4.22 28.11
C CYS S 62 33.09 -3.78 28.85
N GLU S 63 32.25 -2.97 28.19
CA GLU S 63 30.99 -2.42 28.76
C GLU S 63 29.93 -2.41 27.64
N GLU S 64 28.67 -2.67 28.01
CA GLU S 64 27.50 -2.70 27.09
C GLU S 64 27.49 -1.41 26.29
N ASP S 65 27.15 -1.46 25.00
CA ASP S 65 26.85 -0.26 24.16
C ASP S 65 28.14 0.47 23.73
N ASN S 66 29.25 0.28 24.46
CA ASN S 66 30.63 0.54 23.94
C ASN S 66 30.67 0.20 22.45
N SER S 67 31.29 1.05 21.63
CA SER S 67 31.28 0.99 20.15
C SER S 67 32.66 0.56 19.62
N THR S 68 33.59 0.17 20.50
CA THR S 68 34.96 -0.28 20.15
C THR S 68 35.27 -1.60 20.86
N VAL S 69 35.40 -2.66 20.08
CA VAL S 69 35.77 -3.98 20.63
C VAL S 69 37.29 -4.02 20.72
N ILE S 70 37.79 -4.42 21.89
CA ILE S 70 39.22 -4.70 22.19
C ILE S 70 39.55 -6.11 21.74
N TRP S 71 40.45 -6.23 20.74
CA TRP S 71 40.89 -7.51 20.10
C TRP S 71 42.32 -7.85 20.49
N PHE S 72 42.59 -9.14 20.61
CA PHE S 72 43.89 -9.69 21.03
C PHE S 72 43.86 -11.20 20.79
N TRP S 73 45.04 -11.80 20.59
CA TRP S 73 45.23 -13.26 20.49
C TRP S 73 45.15 -13.83 21.89
N LEU S 74 44.47 -14.98 22.06
CA LEU S 74 44.47 -15.77 23.32
C LEU S 74 45.21 -17.07 23.05
N HIS S 75 46.24 -17.42 23.84
CA HIS S 75 47.03 -18.67 23.71
C HIS S 75 46.74 -19.65 24.84
N LYS S 76 46.86 -20.95 24.52
CA LYS S 76 46.95 -22.08 25.46
C LYS S 76 47.94 -21.72 26.57
N GLY S 77 47.54 -21.86 27.84
CA GLY S 77 48.42 -21.63 29.00
C GLY S 77 47.66 -21.06 30.19
N GLU S 78 48.31 -20.19 30.95
CA GLU S 78 47.72 -19.55 32.15
C GLU S 78 46.68 -18.55 31.63
N ALA S 79 45.67 -18.23 32.44
CA ALA S 79 44.58 -17.30 32.07
C ALA S 79 45.18 -15.98 31.58
N GLN S 80 44.48 -15.27 30.70
CA GLN S 80 44.93 -13.99 30.09
C GLN S 80 43.81 -12.97 30.29
N ARG S 81 44.18 -11.73 30.62
CA ARG S 81 43.27 -10.60 30.94
C ARG S 81 43.11 -9.66 29.73
N CYS S 82 41.89 -9.16 29.50
CA CYS S 82 41.60 -8.05 28.54
C CYS S 82 42.45 -6.83 28.88
N PRO S 83 43.21 -6.25 27.92
CA PRO S 83 44.14 -5.17 28.22
C PRO S 83 43.39 -3.85 28.40
N SER S 84 42.06 -3.87 28.23
CA SER S 84 41.14 -2.75 28.55
C SER S 84 40.58 -2.91 29.98
N CYS S 85 39.69 -3.87 30.21
CA CYS S 85 38.87 -4.03 31.45
C CYS S 85 39.43 -5.13 32.38
N GLY S 86 40.47 -5.83 31.93
CA GLY S 86 41.23 -6.76 32.77
C GLY S 86 40.42 -7.98 33.18
N THR S 87 39.40 -8.37 32.41
CA THR S 87 38.67 -9.63 32.70
C THR S 87 39.47 -10.75 32.10
N HIS S 88 39.46 -11.91 32.78
CA HIS S 88 40.26 -13.13 32.47
C HIS S 88 39.57 -13.98 31.40
N TYR S 89 40.37 -14.57 30.51
CA TYR S 89 39.96 -15.60 29.51
C TYR S 89 40.91 -16.80 29.69
N LYS S 90 40.42 -18.01 29.43
CA LYS S 90 41.24 -19.25 29.40
C LYS S 90 40.89 -20.03 28.13
N LEU S 91 41.90 -20.42 27.33
CA LEU S 91 41.72 -21.26 26.11
C LEU S 91 41.43 -22.70 26.57
N VAL S 92 40.73 -23.50 25.76
CA VAL S 92 40.33 -24.89 26.15
C VAL S 92 40.29 -25.76 24.90
N PRO S 93 41.46 -26.20 24.37
CA PRO S 93 41.50 -27.11 23.23
C PRO S 93 40.67 -28.39 23.40
N HIS S 94 40.33 -29.04 22.28
CA HIS S 94 39.43 -30.23 22.20
C HIS S 94 39.46 -30.78 20.75
N GLN S 95 38.38 -31.48 20.34
CA GLN S 95 38.17 -32.03 18.95
C GLN S 95 36.79 -31.57 18.44
N LEU S 96 36.44 -31.92 17.19
CA LEU S 96 35.19 -31.49 16.51
C LEU S 96 33.96 -32.23 17.09
N ALA S 97 34.18 -33.39 17.71
CA ALA S 97 33.14 -34.30 18.27
C ALA S 97 32.83 -33.98 19.74
N HIS S 98 33.70 -33.23 20.43
CA HIS S 98 33.61 -32.83 21.86
C HIS S 98 33.71 -34.07 22.78
N ALA T 1 -16.67 -1.62 -3.84
CA ALA T 1 -16.40 -3.07 -4.10
C ALA T 1 -15.45 -3.61 -3.01
N SER T 2 -15.97 -4.50 -2.15
CA SER T 2 -15.32 -5.01 -0.91
C SER T 2 -14.94 -6.49 -1.07
N ALA T 3 -14.56 -7.17 0.03
CA ALA T 3 -14.39 -8.65 0.16
C ALA T 3 -15.12 -9.13 1.43
N ALA T 4 -15.71 -10.34 1.44
CA ALA T 4 -16.47 -10.90 2.60
C ALA T 4 -16.58 -12.43 2.55
N LYS T 5 -15.61 -13.13 3.15
CA LYS T 5 -15.53 -14.62 3.21
C LYS T 5 -15.56 -15.07 4.68
N GLY T 6 -14.62 -14.57 5.50
CA GLY T 6 -14.53 -14.82 6.96
C GLY T 6 -13.61 -15.98 7.27
N ASP T 7 -12.55 -15.75 8.07
CA ASP T 7 -11.33 -16.61 8.19
C ASP T 7 -11.71 -18.09 8.09
N HIS T 8 -11.07 -18.81 7.16
CA HIS T 8 -11.20 -20.27 6.94
C HIS T 8 -10.17 -20.94 7.87
N GLY T 9 -10.42 -20.82 9.18
CA GLY T 9 -9.48 -21.20 10.26
C GLY T 9 -9.33 -22.69 10.40
N GLY T 10 -8.59 -23.32 9.47
CA GLY T 10 -8.23 -24.74 9.45
C GLY T 10 -6.77 -24.96 9.07
N TPO T 11 -6.53 -25.41 7.84
CA TPO T 11 -5.20 -25.75 7.36
CB TPO T 11 -5.03 -27.28 7.30
CG2 TPO T 11 -4.86 -27.83 5.90
OG1 TPO T 11 -3.83 -27.63 8.07
P TPO T 11 -3.91 -28.15 9.60
O1P TPO T 11 -4.25 -26.93 10.45
O2P TPO T 11 -2.53 -28.72 9.92
O3P TPO T 11 -4.99 -29.21 9.62
C TPO T 11 -4.95 -25.05 6.03
O TPO T 11 -5.86 -24.88 5.22
N GLY T 12 -3.68 -24.65 5.81
CA GLY T 12 -3.35 -23.67 4.78
C GLY T 12 -3.52 -24.22 3.38
N ALA T 13 -2.75 -25.24 3.03
CA ALA T 13 -2.76 -25.90 1.72
C ALA T 13 -4.20 -26.05 1.25
N ARG T 14 -5.10 -26.44 2.16
CA ARG T 14 -6.51 -26.74 1.81
C ARG T 14 -7.21 -25.42 1.51
N THR T 15 -6.99 -24.38 2.31
CA THR T 15 -7.76 -23.11 2.17
C THR T 15 -7.33 -22.42 0.89
N TRP T 16 -6.03 -22.41 0.61
CA TRP T 16 -5.49 -21.84 -0.63
C TRP T 16 -5.96 -22.63 -1.86
N ARG T 17 -6.33 -23.90 -1.70
CA ARG T 17 -6.90 -24.68 -2.81
C ARG T 17 -8.37 -24.29 -2.99
N PHE T 18 -9.16 -24.35 -1.93
CA PHE T 18 -10.50 -23.73 -1.89
C PHE T 18 -10.44 -22.43 -2.70
N LEU T 19 -9.57 -21.50 -2.30
CA LEU T 19 -9.45 -20.17 -2.96
C LEU T 19 -8.98 -20.30 -4.42
N THR T 20 -8.05 -21.21 -4.74
CA THR T 20 -7.59 -21.43 -6.12
C THR T 20 -8.80 -21.75 -6.97
N PHE T 21 -9.56 -22.78 -6.60
CA PHE T 21 -10.66 -23.38 -7.40
C PHE T 21 -11.98 -22.65 -7.23
N GLY T 22 -12.30 -22.17 -6.04
CA GLY T 22 -13.58 -21.48 -5.76
C GLY T 22 -13.57 -20.04 -6.19
N LEU T 23 -12.40 -19.39 -6.25
CA LEU T 23 -12.33 -17.93 -6.52
C LEU T 23 -11.41 -17.60 -7.69
N ALA T 24 -10.13 -17.98 -7.61
CA ALA T 24 -9.06 -17.57 -8.55
C ALA T 24 -9.44 -17.89 -10.01
N LEU T 25 -9.64 -19.18 -10.31
CA LEU T 25 -9.89 -19.69 -11.67
C LEU T 25 -11.32 -19.38 -12.12
N PRO T 26 -12.32 -19.45 -11.21
CA PRO T 26 -13.67 -19.03 -11.59
C PRO T 26 -13.60 -17.65 -12.24
N SER T 27 -12.75 -16.73 -11.74
CA SER T 27 -12.78 -15.30 -12.16
C SER T 27 -11.94 -15.10 -13.41
N VAL T 28 -10.94 -15.96 -13.61
CA VAL T 28 -10.16 -16.07 -14.88
C VAL T 28 -11.07 -16.59 -16.00
N ALA T 29 -12.07 -17.41 -15.69
CA ALA T 29 -13.04 -17.95 -16.69
C ALA T 29 -14.14 -16.91 -16.95
N LEU T 30 -14.71 -16.29 -15.92
CA LEU T 30 -15.70 -15.20 -16.10
C LEU T 30 -15.06 -14.16 -17.01
N CYS T 31 -13.78 -13.84 -16.78
CA CYS T 31 -13.03 -12.78 -17.50
C CYS T 31 -12.77 -13.19 -18.96
N THR T 32 -12.38 -14.44 -19.19
CA THR T 32 -12.10 -15.00 -20.54
C THR T 32 -13.38 -14.88 -21.36
N LEU T 33 -14.49 -15.35 -20.78
CA LEU T 33 -15.84 -15.34 -21.38
C LEU T 33 -16.21 -13.89 -21.76
N ASN T 34 -15.78 -12.89 -21.00
CA ASN T 34 -16.15 -11.45 -21.18
C ASN T 34 -15.36 -10.81 -22.32
N SER T 35 -14.31 -11.49 -22.81
CA SER T 35 -13.49 -11.14 -24.01
C SER T 35 -13.86 -12.06 -25.19
N TRP T 36 -14.23 -13.32 -24.92
CA TRP T 36 -14.79 -14.26 -25.94
C TRP T 36 -16.20 -13.81 -26.36
N LEU T 37 -16.66 -12.68 -25.79
CA LEU T 37 -17.98 -12.03 -26.05
C LEU T 37 -17.77 -10.59 -26.52
N HIS T 38 -16.58 -10.00 -26.34
CA HIS T 38 -16.21 -8.64 -26.83
C HIS T 38 -15.22 -8.69 -28.00
N SER T 39 -14.54 -9.82 -28.23
CA SER T 39 -13.47 -9.97 -29.25
C SER T 39 -14.06 -9.74 -30.66
N GLY T 40 -13.21 -9.35 -31.61
CA GLY T 40 -13.59 -9.18 -33.02
C GLY T 40 -12.72 -8.17 -33.75
N HIS T 41 -12.60 -8.35 -35.07
CA HIS T 41 -12.02 -7.39 -36.04
C HIS T 41 -12.82 -6.08 -36.02
N ARG T 42 -12.71 -5.31 -34.92
CA ARG T 42 -13.29 -3.94 -34.83
C ARG T 42 -12.57 -3.09 -35.89
N GLU T 43 -13.33 -2.19 -36.54
CA GLU T 43 -13.00 -1.59 -37.87
C GLU T 43 -11.83 -0.60 -37.75
N ARG T 44 -10.88 -0.66 -38.70
CA ARG T 44 -9.50 -0.07 -38.63
C ARG T 44 -9.51 1.44 -38.88
N PRO T 45 -8.61 2.19 -38.22
CA PRO T 45 -8.64 3.65 -38.24
C PRO T 45 -8.24 4.30 -39.58
N ALA T 46 -8.93 5.38 -39.95
CA ALA T 46 -8.54 6.29 -41.06
C ALA T 46 -7.08 6.70 -40.87
N PHE T 47 -6.32 6.82 -41.96
CA PHE T 47 -4.88 7.17 -41.93
C PHE T 47 -4.74 8.69 -42.02
N ILE T 48 -3.95 9.27 -41.11
CA ILE T 48 -3.45 10.68 -41.21
C ILE T 48 -1.95 10.65 -40.93
N PRO T 49 -1.12 11.25 -41.82
CA PRO T 49 0.32 11.23 -41.63
C PRO T 49 0.78 12.25 -40.55
N TYR T 50 0.14 12.18 -39.37
CA TYR T 50 0.58 12.85 -38.11
C TYR T 50 2.07 12.58 -37.91
N HIS T 51 2.87 13.64 -37.78
CA HIS T 51 4.37 13.59 -37.74
C HIS T 51 4.86 13.01 -36.41
N HIS T 52 4.06 13.20 -35.35
CA HIS T 52 4.33 12.72 -33.96
C HIS T 52 4.05 11.22 -33.84
N LEU T 53 3.87 10.51 -34.95
CA LEU T 53 3.75 9.02 -35.05
C LEU T 53 4.64 8.49 -36.17
N ARG T 54 4.60 7.18 -36.42
CA ARG T 54 5.45 6.39 -37.36
C ARG T 54 6.83 7.05 -37.50
N ILE T 55 7.51 7.28 -36.37
CA ILE T 55 8.86 7.94 -36.32
C ILE T 55 9.89 6.97 -36.91
N ARG T 56 10.58 7.39 -38.00
CA ARG T 56 11.87 6.84 -38.47
C ARG T 56 12.96 7.92 -38.39
N THR T 57 13.76 7.94 -37.32
CA THR T 57 15.03 8.73 -37.27
C THR T 57 16.19 7.85 -37.75
N LYS T 58 15.99 6.53 -37.81
CA LYS T 58 17.02 5.51 -38.13
C LYS T 58 16.32 4.24 -38.60
N PRO T 59 16.74 3.59 -39.71
CA PRO T 59 16.17 2.30 -40.09
C PRO T 59 16.20 1.40 -38.85
N PHE T 60 15.29 0.42 -38.82
CA PHE T 60 15.37 -0.74 -37.91
C PHE T 60 16.41 -1.68 -38.51
N SER T 61 16.87 -2.64 -37.72
CA SER T 61 18.03 -3.51 -38.01
C SER T 61 17.57 -4.82 -38.64
N TRP T 62 16.42 -4.81 -39.31
CA TRP T 62 15.78 -6.04 -39.84
C TRP T 62 14.72 -5.61 -40.86
N GLY T 63 14.04 -6.58 -41.49
CA GLY T 63 13.19 -6.37 -42.67
C GLY T 63 13.84 -5.35 -43.59
N ASP T 64 13.03 -4.63 -44.38
CA ASP T 64 13.46 -3.45 -45.16
C ASP T 64 13.85 -2.29 -44.23
N GLY T 65 13.69 -2.45 -42.91
CA GLY T 65 14.09 -1.46 -41.88
C GLY T 65 13.04 -0.39 -41.67
N ASN T 66 11.84 -0.62 -42.21
CA ASN T 66 10.72 0.35 -42.19
C ASN T 66 9.48 -0.31 -41.56
N HIS T 67 9.63 -1.52 -40.99
CA HIS T 67 8.53 -2.35 -40.42
C HIS T 67 8.81 -2.72 -38.96
N THR T 68 7.90 -2.39 -38.04
CA THR T 68 8.02 -2.70 -36.59
C THR T 68 8.02 -4.24 -36.41
N PHE T 69 8.36 -4.74 -35.21
CA PHE T 69 8.65 -6.19 -34.97
C PHE T 69 7.36 -7.00 -34.95
N PHE T 70 6.37 -6.51 -34.21
CA PHE T 70 5.00 -7.08 -34.10
C PHE T 70 4.07 -6.30 -35.02
N HIS T 71 4.53 -6.01 -36.25
CA HIS T 71 3.77 -5.31 -37.33
C HIS T 71 2.58 -6.17 -37.77
N ASN T 72 1.47 -5.52 -38.11
CA ASN T 72 0.20 -6.18 -38.51
C ASN T 72 -0.42 -5.35 -39.61
N PRO T 73 -0.37 -5.82 -40.89
CA PRO T 73 -0.63 -4.96 -42.05
C PRO T 73 -2.09 -4.45 -42.05
N ARG T 74 -2.95 -5.19 -41.34
CA ARG T 74 -4.41 -4.93 -41.26
C ARG T 74 -4.66 -3.62 -40.50
N VAL T 75 -3.83 -3.27 -39.52
CA VAL T 75 -4.12 -2.20 -38.52
C VAL T 75 -2.95 -1.22 -38.36
N ASN T 76 -1.75 -1.57 -38.85
CA ASN T 76 -0.49 -0.84 -38.58
C ASN T 76 0.03 -0.23 -39.87
N PRO T 77 -0.20 1.07 -40.11
CA PRO T 77 0.39 1.74 -41.27
C PRO T 77 1.92 1.87 -41.19
N LEU T 78 2.53 2.07 -42.37
CA LEU T 78 3.89 2.64 -42.52
C LEU T 78 3.78 4.17 -42.54
N PRO T 79 4.88 4.93 -42.76
CA PRO T 79 4.80 6.40 -42.76
C PRO T 79 3.91 6.95 -43.90
N THR T 80 3.76 6.17 -44.96
CA THR T 80 3.28 6.62 -46.28
C THR T 80 1.89 6.05 -46.57
N GLY T 81 1.27 5.37 -45.59
CA GLY T 81 -0.08 4.76 -45.69
C GLY T 81 -0.05 3.25 -45.44
N TYR T 82 -1.21 2.63 -45.32
CA TYR T 82 -1.35 1.16 -45.13
C TYR T 82 -0.66 0.41 -46.28
N GLU T 83 -0.38 -0.88 -46.06
CA GLU T 83 0.08 -1.83 -47.10
C GLU T 83 -1.15 -2.33 -47.86
N LYS T 84 -0.97 -2.75 -49.12
CA LYS T 84 -2.08 -3.28 -49.97
C LYS T 84 -3.09 -2.14 -50.22
N LYS U 7 -11.66 47.99 -26.28
CA LYS U 7 -11.71 48.60 -27.65
C LYS U 7 -10.27 48.70 -28.21
N ILE U 8 -10.13 49.27 -29.41
CA ILE U 8 -8.86 49.34 -30.20
C ILE U 8 -7.83 50.20 -29.45
N LYS U 9 -6.72 49.61 -29.00
CA LYS U 9 -5.63 50.29 -28.22
C LYS U 9 -4.30 50.22 -29.00
N ASN U 10 -3.18 50.47 -28.33
CA ASN U 10 -1.81 50.49 -28.91
C ASN U 10 -0.97 49.36 -28.26
N TYR U 11 -1.11 48.14 -28.79
CA TYR U 11 -0.31 46.93 -28.42
C TYR U 11 1.17 47.23 -28.63
N GLN U 12 1.98 47.17 -27.55
CA GLN U 12 3.46 47.21 -27.61
C GLN U 12 4.00 45.78 -27.74
N THR U 13 3.84 44.96 -26.70
CA THR U 13 4.16 43.51 -26.69
C THR U 13 3.14 42.78 -25.81
N ALA U 14 3.35 41.49 -25.53
CA ALA U 14 2.44 40.65 -24.73
C ALA U 14 2.72 40.89 -23.25
N PRO U 15 1.71 41.16 -22.42
CA PRO U 15 1.92 41.34 -20.99
C PRO U 15 2.02 40.03 -20.18
N PHE U 16 2.10 40.17 -18.85
CA PHE U 16 1.99 39.04 -17.89
C PHE U 16 0.58 38.47 -17.99
N ASP U 17 0.48 37.23 -18.47
CA ASP U 17 -0.72 36.37 -18.39
C ASP U 17 -0.56 35.54 -17.12
N SER U 18 -1.44 35.73 -16.14
CA SER U 18 -1.38 35.07 -14.80
C SER U 18 -1.63 33.57 -14.93
N ARG U 19 -2.01 33.07 -16.13
CA ARG U 19 -2.18 31.64 -16.47
C ARG U 19 -0.81 31.01 -16.70
N PHE U 20 0.16 31.82 -17.14
CA PHE U 20 1.52 31.40 -17.61
C PHE U 20 2.58 32.27 -16.94
N PRO U 21 2.89 32.03 -15.64
CA PRO U 21 3.82 32.88 -14.89
C PRO U 21 5.25 32.36 -14.68
N ASN U 22 5.52 31.10 -15.08
CA ASN U 22 6.85 30.47 -14.84
C ASN U 22 7.76 30.82 -16.00
N GLN U 23 9.04 30.47 -15.93
CA GLN U 23 9.99 30.78 -17.02
C GLN U 23 9.54 30.06 -18.30
N ASN U 24 8.71 29.02 -18.18
CA ASN U 24 8.33 28.13 -19.32
C ASN U 24 7.08 28.69 -20.02
N GLN U 25 7.25 29.12 -21.27
CA GLN U 25 6.22 29.91 -22.00
C GLN U 25 5.75 29.11 -23.21
N THR U 26 6.18 27.86 -23.34
CA THR U 26 5.83 26.96 -24.47
C THR U 26 4.31 27.02 -24.68
N ARG U 27 3.54 26.91 -23.59
CA ARG U 27 2.05 26.81 -23.56
C ARG U 27 1.42 28.15 -23.97
N ASN U 28 2.04 29.26 -23.58
CA ASN U 28 1.60 30.64 -23.91
C ASN U 28 1.42 30.73 -25.43
N CYS U 29 2.47 30.37 -26.18
CA CYS U 29 2.54 30.48 -27.67
C CYS U 29 1.56 29.48 -28.28
N TRP U 30 1.51 28.29 -27.69
CA TRP U 30 0.56 27.20 -28.04
C TRP U 30 -0.88 27.73 -27.90
N GLN U 31 -1.33 27.98 -26.68
CA GLN U 31 -2.75 28.29 -26.37
C GLN U 31 -3.21 29.48 -27.24
N ASN U 32 -2.35 30.49 -27.42
CA ASN U 32 -2.67 31.76 -28.12
C ASN U 32 -2.66 31.55 -29.64
N TYR U 33 -2.00 30.50 -30.14
CA TYR U 33 -2.11 30.06 -31.55
C TYR U 33 -3.45 29.35 -31.77
N LEU U 34 -3.92 28.57 -30.78
CA LEU U 34 -5.22 27.84 -30.84
C LEU U 34 -6.35 28.87 -30.76
N ASP U 35 -6.25 29.80 -29.82
CA ASP U 35 -7.31 30.82 -29.60
C ASP U 35 -7.53 31.63 -30.89
N PHE U 36 -6.52 31.76 -31.77
CA PHE U 36 -6.61 32.56 -33.03
C PHE U 36 -7.30 31.73 -34.10
N HIS U 37 -6.71 30.60 -34.45
CA HIS U 37 -7.17 29.71 -35.55
C HIS U 37 -8.54 29.10 -35.21
N ARG U 38 -8.90 28.97 -33.94
CA ARG U 38 -10.28 28.60 -33.51
C ARG U 38 -11.20 29.80 -33.75
N CYS U 39 -10.86 30.95 -33.16
CA CYS U 39 -11.57 32.25 -33.33
C CYS U 39 -11.73 32.60 -34.81
N GLU U 40 -10.78 32.21 -35.67
CA GLU U 40 -10.85 32.42 -37.14
C GLU U 40 -11.86 31.42 -37.73
N LYS U 41 -11.77 30.14 -37.35
CA LYS U 41 -12.76 29.13 -37.81
C LYS U 41 -14.15 29.46 -37.24
N ALA U 42 -14.27 30.47 -36.37
CA ALA U 42 -15.50 30.82 -35.62
C ALA U 42 -16.22 32.04 -36.23
N MET U 43 -15.53 32.91 -36.95
CA MET U 43 -16.03 34.27 -37.34
C MET U 43 -16.05 34.48 -38.87
N THR U 44 -15.55 33.52 -39.67
CA THR U 44 -15.76 33.45 -41.14
C THR U 44 -16.63 32.22 -41.43
N ALA U 45 -17.03 31.48 -40.39
CA ALA U 45 -17.96 30.34 -40.44
C ALA U 45 -19.31 30.74 -39.82
N LYS U 46 -19.50 32.04 -39.55
CA LYS U 46 -20.82 32.63 -39.19
C LYS U 46 -20.99 34.02 -39.86
N GLY U 47 -20.05 34.45 -40.70
CA GLY U 47 -20.07 35.76 -41.38
C GLY U 47 -20.10 36.91 -40.38
N GLY U 48 -19.10 36.96 -39.49
CA GLY U 48 -18.87 38.04 -38.50
C GLY U 48 -17.64 38.87 -38.85
N ASP U 49 -16.97 39.47 -37.86
CA ASP U 49 -15.75 40.28 -38.09
C ASP U 49 -14.53 39.56 -37.53
N VAL U 50 -13.65 39.11 -38.44
CA VAL U 50 -12.35 38.41 -38.18
C VAL U 50 -11.49 39.28 -37.23
N SER U 51 -11.58 40.60 -37.36
CA SER U 51 -10.82 41.60 -36.57
C SER U 51 -10.80 41.26 -35.07
N VAL U 52 -11.67 40.36 -34.60
CA VAL U 52 -11.88 40.09 -33.14
C VAL U 52 -10.82 39.11 -32.63
N CYS U 53 -10.28 38.28 -33.52
CA CYS U 53 -9.21 37.31 -33.19
C CYS U 53 -7.81 37.93 -33.34
N GLU U 54 -7.75 39.24 -33.59
CA GLU U 54 -6.50 39.99 -33.87
C GLU U 54 -5.55 39.87 -32.66
N TRP U 55 -6.04 40.24 -31.47
CA TRP U 55 -5.34 40.10 -30.16
C TRP U 55 -4.50 38.82 -30.14
N TYR U 56 -5.15 37.68 -30.31
CA TYR U 56 -4.54 36.34 -30.19
C TYR U 56 -3.39 36.23 -31.21
N ARG U 57 -3.67 36.68 -32.45
CA ARG U 57 -2.70 36.67 -33.58
C ARG U 57 -1.46 37.47 -33.17
N ARG U 58 -1.67 38.63 -32.54
CA ARG U 58 -0.59 39.57 -32.17
C ARG U 58 0.28 38.89 -31.11
N VAL U 59 -0.35 38.44 -30.02
CA VAL U 59 0.31 37.73 -28.88
C VAL U 59 1.09 36.55 -29.45
N TYR U 60 0.41 35.56 -30.02
CA TYR U 60 1.03 34.34 -30.60
C TYR U 60 2.23 34.74 -31.47
N LYS U 61 2.09 35.79 -32.28
CA LYS U 61 3.13 36.20 -33.25
C LYS U 61 4.33 36.81 -32.51
N SER U 62 4.06 37.51 -31.40
CA SER U 62 5.05 38.12 -30.47
C SER U 62 5.93 37.03 -29.81
N LEU U 63 5.30 35.98 -29.24
CA LEU U 63 5.94 34.94 -28.38
C LEU U 63 6.42 33.74 -29.21
N CYS U 64 5.64 33.34 -30.21
CA CYS U 64 5.87 32.11 -31.01
C CYS U 64 7.10 32.32 -31.89
N PRO U 65 8.00 31.31 -31.96
CA PRO U 65 9.05 31.33 -32.96
C PRO U 65 8.47 31.22 -34.38
N ILE U 66 9.08 31.90 -35.34
CA ILE U 66 8.67 31.88 -36.78
C ILE U 66 8.49 30.40 -37.16
N SER U 67 9.58 29.62 -37.08
CA SER U 67 9.66 28.17 -37.39
C SER U 67 8.47 27.40 -36.79
N TRP U 68 8.05 27.70 -35.56
CA TRP U 68 6.90 27.01 -34.90
C TRP U 68 5.58 27.35 -35.62
N VAL U 69 5.44 28.59 -36.04
CA VAL U 69 4.26 29.07 -36.83
C VAL U 69 4.40 28.50 -38.25
N SER U 70 5.40 28.95 -39.02
CA SER U 70 5.81 28.32 -40.30
C SER U 70 5.24 26.89 -40.37
N THR U 71 5.60 26.03 -39.40
CA THR U 71 5.35 24.56 -39.38
C THR U 71 3.86 24.28 -39.10
N TRP U 72 3.27 24.86 -38.05
CA TRP U 72 1.85 24.62 -37.66
C TRP U 72 0.88 25.07 -38.77
N ASP U 73 1.23 26.11 -39.51
CA ASP U 73 0.47 26.59 -40.71
C ASP U 73 0.50 25.48 -41.77
N ASP U 74 1.71 25.09 -42.20
CA ASP U 74 1.97 24.01 -43.20
C ASP U 74 1.19 22.71 -42.86
N ARG U 75 0.78 22.49 -41.60
CA ARG U 75 0.21 21.20 -41.09
C ARG U 75 -1.32 21.29 -40.96
N ARG U 76 -1.89 22.50 -40.98
CA ARG U 76 -3.35 22.72 -41.14
C ARG U 76 -3.68 22.59 -42.63
N ALA U 77 -2.85 23.18 -43.50
CA ALA U 77 -2.82 22.95 -44.97
C ALA U 77 -2.72 21.45 -45.28
N GLU U 78 -1.87 20.73 -44.54
CA GLU U 78 -1.54 19.29 -44.82
C GLU U 78 -2.60 18.37 -44.23
N GLY U 79 -3.27 18.80 -43.15
CA GLY U 79 -4.39 18.10 -42.49
C GLY U 79 -3.91 17.15 -41.40
N THR U 80 -2.74 17.44 -40.81
CA THR U 80 -2.01 16.61 -39.82
C THR U 80 -1.62 17.45 -38.61
N PHE U 81 -2.33 18.55 -38.36
CA PHE U 81 -2.17 19.44 -37.18
C PHE U 81 -2.86 18.79 -35.98
N PRO U 82 -2.12 18.43 -34.90
CA PRO U 82 -2.64 17.54 -33.88
C PRO U 82 -3.59 18.25 -32.89
N GLY U 83 -3.58 19.58 -32.85
CA GLY U 83 -4.41 20.38 -31.94
C GLY U 83 -5.82 20.53 -32.47
N LYS U 84 -6.83 20.58 -31.61
CA LYS U 84 -8.27 20.58 -32.03
C LYS U 84 -8.66 22.03 -32.36
N ILE U 85 -9.18 22.24 -33.57
CA ILE U 85 -9.74 23.54 -34.04
C ILE U 85 -11.04 23.23 -34.78
N THR V 2 63.62 29.30 49.48
CA THR V 2 62.79 28.26 50.18
C THR V 2 62.34 27.20 49.15
N ALA V 3 61.55 26.21 49.60
CA ALA V 3 60.96 25.14 48.78
C ALA V 3 60.18 25.76 47.62
N LEU V 4 60.06 25.05 46.48
CA LEU V 4 59.24 25.45 45.30
C LEU V 4 57.78 25.14 45.65
N ALA V 5 56.86 26.10 45.43
CA ALA V 5 55.41 25.97 45.74
C ALA V 5 54.73 25.17 44.63
N LYS V 6 53.52 24.69 44.93
CA LYS V 6 52.79 23.78 44.03
C LYS V 6 52.25 24.59 42.86
N PRO V 7 52.45 24.08 41.61
CA PRO V 7 51.78 24.61 40.40
C PRO V 7 50.49 23.89 40.00
N GLN V 8 49.73 24.48 39.07
CA GLN V 8 48.57 23.84 38.39
C GLN V 8 49.09 22.65 37.57
N MET V 9 48.77 21.41 37.96
CA MET V 9 49.18 20.18 37.22
C MET V 9 48.01 19.53 36.48
N ARG V 10 46.77 19.99 36.67
CA ARG V 10 45.54 19.31 36.14
C ARG V 10 44.86 20.15 35.06
N GLY V 11 44.39 19.49 34.00
CA GLY V 11 43.68 20.13 32.89
C GLY V 11 44.57 21.10 32.12
N LEU V 12 45.81 20.71 31.82
CA LEU V 12 46.78 21.56 31.12
C LEU V 12 46.30 21.82 29.69
N LEU V 13 45.92 20.73 28.99
CA LEU V 13 45.41 20.77 27.58
C LEU V 13 44.12 21.61 27.54
N ALA V 14 43.28 21.50 28.57
CA ALA V 14 41.97 22.19 28.68
C ALA V 14 42.16 23.71 28.72
N ARG V 15 43.07 24.20 29.59
CA ARG V 15 43.52 25.62 29.67
C ARG V 15 44.00 26.12 28.29
N ARG V 16 44.83 25.36 27.57
CA ARG V 16 45.43 25.81 26.27
C ARG V 16 44.30 26.07 25.27
N LEU V 17 43.26 25.24 25.27
CA LEU V 17 42.07 25.38 24.38
C LEU V 17 41.26 26.61 24.81
N ARG V 18 40.65 26.60 26.00
CA ARG V 18 39.77 27.67 26.54
C ARG V 18 40.32 29.05 26.16
N PHE V 19 41.66 29.16 26.14
CA PHE V 19 42.43 30.40 25.88
C PHE V 19 42.46 30.73 24.38
N HIS V 20 42.75 29.74 23.54
CA HIS V 20 43.00 29.88 22.07
C HIS V 20 41.70 29.80 21.26
N ILE V 21 40.60 29.32 21.84
CA ILE V 21 39.27 29.21 21.17
C ILE V 21 38.66 30.61 21.11
N VAL V 22 38.89 31.43 22.14
CA VAL V 22 38.63 32.89 22.04
C VAL V 22 39.43 33.44 20.85
N GLY V 23 40.73 33.13 20.78
CA GLY V 23 41.70 33.69 19.82
C GLY V 23 41.43 33.30 18.36
N ALA V 24 40.67 32.24 18.12
CA ALA V 24 40.35 31.73 16.77
C ALA V 24 39.01 32.35 16.37
N PHE V 25 38.11 32.51 17.33
CA PHE V 25 36.91 33.38 17.20
C PHE V 25 37.41 34.76 16.76
N MET V 26 38.39 35.30 17.50
CA MET V 26 39.00 36.66 17.33
C MET V 26 39.58 36.81 15.92
N VAL V 27 40.46 35.91 15.51
CA VAL V 27 41.09 35.94 14.15
C VAL V 27 39.97 35.94 13.11
N SER V 28 39.23 34.83 13.01
CA SER V 28 38.16 34.60 11.99
C SER V 28 37.24 35.82 11.91
N LEU V 29 36.74 36.35 13.04
CA LEU V 29 35.76 37.48 13.03
C LEU V 29 36.45 38.78 12.60
N GLY V 30 37.69 39.03 13.04
CA GLY V 30 38.47 40.20 12.59
C GLY V 30 38.94 40.04 11.15
N PHE V 31 38.96 38.80 10.65
CA PHE V 31 39.34 38.41 9.26
C PHE V 31 38.12 38.58 8.35
N ALA V 32 36.92 38.46 8.90
CA ALA V 32 35.65 38.53 8.13
C ALA V 32 35.21 39.99 8.05
N THR V 33 35.41 40.77 9.12
CA THR V 33 35.06 42.21 9.20
C THR V 33 36.08 43.05 8.41
N PHE V 34 37.28 42.52 8.12
CA PHE V 34 38.27 43.17 7.22
C PHE V 34 37.71 43.21 5.79
N TYR V 35 37.04 42.11 5.37
CA TYR V 35 36.45 41.94 4.02
C TYR V 35 35.19 42.81 3.90
N LYS V 36 34.41 42.91 4.97
CA LYS V 36 33.19 43.77 5.00
C LYS V 36 33.61 45.22 4.72
N PHE V 37 34.64 45.71 5.42
CA PHE V 37 35.14 47.10 5.27
C PHE V 37 35.89 47.20 3.95
N ALA V 38 37.00 46.45 3.81
CA ALA V 38 37.97 46.54 2.68
C ALA V 38 37.32 46.19 1.33
N VAL V 39 36.39 45.24 1.22
CA VAL V 39 36.02 44.65 -0.10
C VAL V 39 34.59 45.05 -0.46
N ALA V 40 33.61 44.67 0.35
CA ALA V 40 32.22 45.15 0.27
C ALA V 40 32.16 46.53 0.93
N GLU V 41 30.95 47.07 1.16
CA GLU V 41 30.70 48.45 1.68
C GLU V 41 31.35 49.48 0.75
N LYS V 42 32.41 49.07 0.03
CA LYS V 42 33.17 49.90 -0.93
C LYS V 42 32.91 49.41 -2.36
N ARG V 43 32.36 48.21 -2.53
CA ARG V 43 31.57 47.82 -3.74
C ARG V 43 30.27 48.65 -3.73
N LYS V 44 29.57 48.64 -2.60
CA LYS V 44 28.34 49.45 -2.30
C LYS V 44 28.63 50.93 -2.54
N LYS V 45 29.75 51.43 -2.00
CA LYS V 45 30.21 52.84 -2.08
C LYS V 45 30.46 53.22 -3.54
N ALA V 46 31.19 52.35 -4.25
CA ALA V 46 31.76 52.65 -5.58
C ALA V 46 30.67 52.60 -6.66
N TYR V 47 29.66 51.74 -6.53
CA TYR V 47 28.54 51.70 -7.52
C TYR V 47 27.61 52.88 -7.22
N ALA V 48 27.35 53.15 -5.94
CA ALA V 48 26.52 54.28 -5.49
C ALA V 48 27.14 55.62 -5.93
N ASP V 49 28.46 55.77 -5.79
CA ASP V 49 29.25 56.99 -6.13
C ASP V 49 29.23 57.23 -7.64
N PHE V 50 29.07 56.17 -8.44
CA PHE V 50 29.08 56.20 -9.93
C PHE V 50 27.68 56.51 -10.48
N TYR V 51 26.64 55.88 -9.91
CA TYR V 51 25.22 56.01 -10.37
C TYR V 51 24.57 57.28 -9.80
N ARG V 52 25.17 57.97 -8.82
CA ARG V 52 24.55 59.17 -8.21
C ARG V 52 24.50 60.32 -9.22
N ASN V 53 25.52 60.47 -10.07
CA ASN V 53 25.64 61.57 -11.07
C ASN V 53 25.88 60.99 -12.47
N TYR V 54 25.19 59.90 -12.84
CA TYR V 54 25.38 59.22 -14.15
C TYR V 54 24.36 59.79 -15.16
N ASP V 55 24.88 60.27 -16.30
CA ASP V 55 24.10 60.61 -17.52
C ASP V 55 24.38 59.54 -18.58
N SER V 56 23.40 58.69 -18.86
CA SER V 56 23.46 57.55 -19.82
C SER V 56 23.58 58.06 -21.26
N MET V 57 23.04 59.25 -21.52
CA MET V 57 23.04 59.90 -22.85
C MET V 57 24.45 60.40 -23.20
N LYS V 58 25.18 60.96 -22.21
CA LYS V 58 26.61 61.38 -22.36
C LYS V 58 27.55 60.18 -22.48
N ASP V 59 27.23 59.08 -21.78
CA ASP V 59 27.97 57.79 -21.89
C ASP V 59 27.70 57.26 -23.31
N PHE V 60 26.45 57.34 -23.76
CA PHE V 60 26.02 56.96 -25.14
C PHE V 60 26.79 57.78 -26.17
N GLU V 61 26.79 59.11 -25.99
CA GLU V 61 27.34 60.15 -26.90
C GLU V 61 28.81 59.84 -27.22
N GLU V 62 29.63 59.65 -26.18
CA GLU V 62 31.10 59.47 -26.29
C GLU V 62 31.40 58.15 -27.00
N MET V 63 30.55 57.13 -26.80
CA MET V 63 30.68 55.82 -27.46
C MET V 63 30.31 55.94 -28.96
N ARG V 64 29.41 56.86 -29.33
CA ARG V 64 28.90 57.03 -30.72
C ARG V 64 29.95 57.70 -31.60
N LYS V 65 30.57 58.77 -31.08
CA LYS V 65 31.73 59.46 -31.70
C LYS V 65 32.85 58.44 -31.95
N ALA V 66 33.13 57.58 -30.95
CA ALA V 66 34.26 56.62 -30.98
C ALA V 66 34.04 55.59 -32.10
N GLY V 67 32.79 55.44 -32.56
CA GLY V 67 32.41 54.66 -33.77
C GLY V 67 32.29 53.16 -33.51
N ILE V 68 31.77 52.73 -32.35
CA ILE V 68 31.75 51.29 -31.92
C ILE V 68 30.40 50.63 -32.24
N PHE V 69 29.28 51.36 -32.16
CA PHE V 69 27.90 50.87 -32.48
C PHE V 69 27.70 50.75 -34.00
N GLN V 70 26.78 49.88 -34.45
CA GLN V 70 26.33 49.79 -35.88
C GLN V 70 24.96 50.45 -36.08
N SER V 71 24.07 50.36 -35.10
CA SER V 71 22.70 50.95 -35.14
C SER V 71 22.78 52.48 -35.16
N ALA V 72 23.98 53.08 -34.96
CA ALA V 72 24.22 54.53 -34.91
C ALA V 72 25.71 54.86 -35.07
N LYS V 73 26.08 55.46 -36.20
CA LYS V 73 27.46 55.90 -36.52
C LYS V 73 27.61 57.40 -36.18
N PHE W 1 7.81 -41.00 -9.98
CA PHE W 1 9.29 -40.92 -9.85
C PHE W 1 9.69 -41.42 -8.46
N GLU W 2 10.97 -41.77 -8.27
CA GLU W 2 11.52 -42.18 -6.95
C GLU W 2 12.72 -41.31 -6.59
N ASN W 3 12.91 -41.08 -5.29
CA ASN W 3 13.91 -40.15 -4.69
C ASN W 3 15.29 -40.78 -4.82
N ARG W 4 16.17 -40.13 -5.57
CA ARG W 4 17.56 -40.55 -5.84
C ARG W 4 18.48 -39.37 -5.50
N VAL W 5 18.19 -38.67 -4.40
CA VAL W 5 19.04 -37.52 -3.94
C VAL W 5 20.19 -38.12 -3.11
N ALA W 6 19.89 -39.11 -2.27
CA ALA W 6 20.88 -39.87 -1.46
C ALA W 6 22.08 -40.23 -2.34
N GLU W 7 21.85 -40.93 -3.47
CA GLU W 7 22.87 -41.30 -4.49
C GLU W 7 23.67 -40.05 -4.88
N LYS W 8 22.98 -39.03 -5.40
CA LYS W 8 23.56 -37.77 -5.95
C LYS W 8 24.39 -37.09 -4.85
N GLN W 9 24.03 -37.33 -3.58
CA GLN W 9 24.68 -36.75 -2.36
C GLN W 9 26.08 -37.37 -2.17
N LYS W 10 26.19 -38.70 -2.33
CA LYS W 10 27.43 -39.50 -2.12
C LYS W 10 28.44 -39.24 -3.26
N LEU W 11 27.97 -39.19 -4.51
CA LEU W 11 28.79 -38.92 -5.73
C LEU W 11 29.50 -37.56 -5.58
N PHE W 12 28.84 -36.60 -4.91
CA PHE W 12 29.26 -35.18 -4.88
C PHE W 12 30.03 -34.84 -3.59
N GLN W 13 30.22 -35.79 -2.67
CA GLN W 13 30.99 -35.58 -1.41
C GLN W 13 32.28 -36.41 -1.44
N GLU W 14 32.64 -36.89 -2.62
CA GLU W 14 33.77 -37.83 -2.86
C GLU W 14 35.12 -37.09 -2.71
N ASP W 15 36.08 -37.74 -2.05
CA ASP W 15 37.39 -37.18 -1.64
C ASP W 15 38.37 -37.18 -2.84
N ASN W 16 37.91 -36.77 -4.03
CA ASN W 16 38.70 -36.75 -5.30
C ASN W 16 39.32 -35.38 -5.59
N GLY W 17 39.06 -34.34 -4.81
CA GLY W 17 39.69 -33.01 -4.97
C GLY W 17 39.33 -32.35 -6.30
N LEU W 18 38.22 -32.80 -6.91
CA LEU W 18 37.59 -32.11 -8.05
C LEU W 18 36.79 -30.94 -7.49
N PRO W 19 36.91 -29.73 -8.08
CA PRO W 19 36.02 -28.64 -7.73
C PRO W 19 34.59 -29.05 -8.14
N VAL W 20 33.59 -28.46 -7.49
CA VAL W 20 32.16 -28.86 -7.61
C VAL W 20 31.77 -28.91 -9.10
N HIS W 21 32.33 -27.99 -9.89
CA HIS W 21 31.93 -27.65 -11.28
C HIS W 21 32.48 -28.67 -12.28
N LEU W 22 33.18 -29.71 -11.79
CA LEU W 22 33.68 -30.85 -12.60
C LEU W 22 33.43 -32.19 -11.89
N LYS W 23 32.80 -32.21 -10.72
CA LYS W 23 32.59 -33.42 -9.88
C LYS W 23 31.58 -34.39 -10.55
N GLY W 24 30.87 -33.97 -11.60
CA GLY W 24 29.90 -34.84 -12.31
C GLY W 24 30.58 -35.89 -13.17
N GLY W 25 31.83 -35.64 -13.58
CA GLY W 25 32.55 -36.49 -14.54
C GLY W 25 32.59 -35.87 -15.92
N ALA W 26 32.45 -36.70 -16.96
CA ALA W 26 32.79 -36.39 -18.37
C ALA W 26 31.99 -35.18 -18.89
N THR W 27 30.66 -35.24 -18.82
CA THR W 27 29.76 -34.19 -19.35
C THR W 27 30.29 -32.81 -18.93
N ASP W 28 30.68 -32.67 -17.64
CA ASP W 28 31.04 -31.37 -17.02
C ASP W 28 32.15 -30.74 -17.85
N ASN W 29 33.12 -31.57 -18.26
CA ASN W 29 34.38 -31.20 -18.97
C ASN W 29 34.06 -30.76 -20.39
N ILE W 30 33.20 -31.49 -21.08
CA ILE W 30 32.78 -31.14 -22.48
C ILE W 30 32.05 -29.80 -22.42
N LEU W 31 31.18 -29.60 -21.42
CA LEU W 31 30.37 -28.37 -21.22
C LEU W 31 31.28 -27.21 -20.83
N TYR W 32 32.21 -27.43 -19.90
CA TYR W 32 33.30 -26.49 -19.54
C TYR W 32 34.03 -26.05 -20.82
N ARG W 33 34.71 -26.99 -21.51
CA ARG W 33 35.63 -26.75 -22.65
C ARG W 33 34.89 -26.06 -23.80
N VAL W 34 33.68 -26.55 -24.11
CA VAL W 34 32.82 -26.00 -25.20
C VAL W 34 32.56 -24.54 -24.85
N THR W 35 32.24 -24.29 -23.56
CA THR W 35 31.82 -22.97 -23.03
C THR W 35 32.98 -21.96 -23.13
N MET W 36 34.16 -22.32 -22.61
CA MET W 36 35.29 -21.37 -22.53
C MET W 36 35.91 -21.15 -23.92
N THR W 37 35.85 -22.15 -24.80
CA THR W 37 36.33 -22.03 -26.21
C THR W 37 35.57 -20.90 -26.90
N LEU W 38 34.25 -20.85 -26.69
CA LEU W 38 33.31 -19.90 -27.35
C LEU W 38 33.55 -18.48 -26.84
N CYS W 39 33.76 -18.33 -25.52
CA CYS W 39 34.11 -17.04 -24.85
C CYS W 39 35.40 -16.50 -25.47
N LEU W 40 36.47 -17.31 -25.47
CA LEU W 40 37.79 -16.94 -26.06
C LEU W 40 37.69 -16.56 -27.55
N GLY W 41 36.85 -17.24 -28.33
CA GLY W 41 36.68 -16.93 -29.77
C GLY W 41 35.81 -15.69 -29.97
N GLY W 42 34.71 -15.61 -29.21
CA GLY W 42 33.75 -14.49 -29.23
C GLY W 42 34.46 -13.21 -28.88
N THR W 43 35.30 -13.27 -27.83
CA THR W 43 36.29 -12.23 -27.46
C THR W 43 37.10 -11.87 -28.71
N LEU W 44 37.88 -12.83 -29.22
CA LEU W 44 38.79 -12.58 -30.39
C LEU W 44 37.97 -11.97 -31.53
N TYR W 45 36.87 -12.61 -31.94
CA TYR W 45 35.98 -12.14 -33.05
C TYR W 45 35.62 -10.67 -32.80
N SER W 46 35.17 -10.36 -31.57
CA SER W 46 34.74 -9.00 -31.14
C SER W 46 35.90 -8.00 -31.20
N LEU W 47 37.13 -8.43 -30.95
CA LEU W 47 38.34 -7.55 -31.04
C LEU W 47 38.57 -7.21 -32.51
N TYR W 48 38.67 -8.21 -33.39
CA TYR W 48 38.72 -7.99 -34.86
C TYR W 48 37.63 -6.96 -35.22
N CYS W 49 36.37 -7.22 -34.84
CA CYS W 49 35.18 -6.35 -35.14
C CYS W 49 35.50 -4.89 -34.78
N LEU W 50 36.03 -4.66 -33.57
CA LEU W 50 36.44 -3.32 -33.05
C LEU W 50 37.48 -2.71 -34.00
N GLY W 51 38.49 -3.52 -34.36
CA GLY W 51 39.58 -3.14 -35.26
C GLY W 51 39.05 -2.68 -36.61
N TRP W 52 38.24 -3.53 -37.25
CA TRP W 52 37.62 -3.27 -38.57
C TRP W 52 36.76 -1.99 -38.48
N ALA W 53 36.01 -1.82 -37.39
CA ALA W 53 35.08 -0.69 -37.17
C ALA W 53 35.84 0.62 -36.89
N SER W 54 37.13 0.56 -36.53
CA SER W 54 37.94 1.75 -36.13
C SER W 54 38.28 2.64 -37.34
N PHE W 55 38.47 2.05 -38.52
CA PHE W 55 38.95 2.72 -39.76
C PHE W 55 37.76 3.07 -40.66
N PRO W 56 37.80 4.20 -41.41
CA PRO W 56 36.75 4.52 -42.38
C PRO W 56 36.67 3.44 -43.46
N HIS W 57 35.56 3.34 -44.18
CA HIS W 57 35.34 2.31 -45.25
C HIS W 57 34.73 2.95 -46.50
N LYS W 58 35.26 2.57 -47.68
CA LYS W 58 34.78 3.01 -49.03
C LYS W 58 34.72 1.78 -49.95
N ALA X 6 75.40 7.87 15.58
CA ALA X 6 74.88 9.25 15.82
C ALA X 6 74.35 9.86 14.52
N PRO X 7 75.16 9.99 13.43
CA PRO X 7 74.74 10.78 12.26
C PRO X 7 73.87 10.00 11.27
N ASP X 8 72.91 10.69 10.62
CA ASP X 8 71.96 10.09 9.65
C ASP X 8 71.93 10.93 8.35
N PHE X 9 71.36 10.34 7.29
CA PHE X 9 71.27 10.90 5.91
C PHE X 9 70.74 12.34 5.89
N HIS X 10 69.83 12.69 6.80
CA HIS X 10 69.22 14.04 6.90
C HIS X 10 70.23 15.00 7.54
N ASP X 11 71.01 14.57 8.53
CA ASP X 11 72.05 15.42 9.16
C ASP X 11 73.11 15.78 8.12
N LYS X 12 73.68 14.77 7.44
CA LYS X 12 74.82 14.86 6.50
C LYS X 12 74.46 15.75 5.30
N TYR X 13 73.47 15.33 4.49
CA TYR X 13 73.16 15.88 3.13
C TYR X 13 71.83 16.63 3.12
N GLY X 14 71.12 16.69 4.25
CA GLY X 14 69.86 17.44 4.37
C GLY X 14 70.08 18.88 3.96
N ASN X 15 71.13 19.49 4.50
CA ASN X 15 71.52 20.91 4.28
C ASN X 15 71.80 21.15 2.79
N ALA X 16 72.65 20.27 2.22
CA ALA X 16 72.89 20.18 0.77
C ALA X 16 71.53 20.29 0.07
N VAL X 17 70.69 19.26 0.20
CA VAL X 17 69.49 19.03 -0.66
C VAL X 17 68.60 20.28 -0.60
N LEU X 18 68.57 20.99 0.54
CA LEU X 18 67.68 22.16 0.75
C LEU X 18 68.13 23.34 -0.12
N ALA X 19 69.44 23.56 -0.24
CA ALA X 19 70.04 24.63 -1.08
C ALA X 19 69.88 24.25 -2.57
N SER X 20 70.42 23.08 -2.95
CA SER X 20 70.61 22.59 -4.35
C SER X 20 69.24 22.36 -4.99
N GLY X 21 68.26 21.97 -4.19
CA GLY X 21 66.83 22.07 -4.53
C GLY X 21 66.44 23.51 -4.85
N ALA X 22 66.35 24.37 -3.84
CA ALA X 22 65.77 25.73 -3.91
C ALA X 22 66.45 26.59 -4.99
N THR X 23 67.76 26.44 -5.15
CA THR X 23 68.49 27.15 -6.24
C THR X 23 67.92 26.69 -7.59
N PHE X 24 68.03 25.39 -7.87
CA PHE X 24 67.70 24.73 -9.15
C PHE X 24 66.29 25.05 -9.63
N CYS X 25 65.34 24.95 -8.70
CA CYS X 25 63.90 25.31 -8.83
C CYS X 25 63.81 26.78 -9.21
N VAL X 26 64.29 27.68 -8.35
CA VAL X 26 64.06 29.14 -8.54
C VAL X 26 64.55 29.57 -9.93
N ALA X 27 65.68 29.02 -10.41
CA ALA X 27 66.36 29.50 -11.63
C ALA X 27 65.57 29.06 -12.87
N VAL X 28 65.19 27.78 -12.96
CA VAL X 28 64.51 27.26 -14.19
C VAL X 28 63.07 27.80 -14.26
N TRP X 29 62.39 28.00 -13.14
CA TRP X 29 61.02 28.57 -13.12
C TRP X 29 61.08 30.04 -13.54
N VAL X 30 62.06 30.80 -13.05
CA VAL X 30 62.37 32.18 -13.55
C VAL X 30 62.65 32.13 -15.06
N TYR X 31 63.63 31.33 -15.47
CA TYR X 31 64.05 31.19 -16.88
C TYR X 31 62.80 30.99 -17.75
N MET X 32 61.99 29.97 -17.42
CA MET X 32 60.79 29.58 -18.18
C MET X 32 59.77 30.73 -18.13
N ALA X 33 59.70 31.43 -17.01
CA ALA X 33 58.78 32.58 -16.81
C ALA X 33 59.15 33.71 -17.79
N THR X 34 60.44 33.95 -18.01
CA THR X 34 60.95 35.25 -18.50
C THR X 34 61.52 35.15 -19.93
N GLN X 35 62.12 34.02 -20.31
CA GLN X 35 63.18 33.99 -21.36
C GLN X 35 62.78 33.23 -22.63
N ILE X 36 61.78 32.34 -22.63
CA ILE X 36 61.49 31.40 -23.76
C ILE X 36 60.29 31.83 -24.61
N GLY X 37 59.62 32.94 -24.26
CA GLY X 37 58.74 33.70 -25.19
C GLY X 37 57.25 33.51 -24.93
N ILE X 38 56.88 32.79 -23.86
CA ILE X 38 55.45 32.59 -23.43
C ILE X 38 54.79 33.96 -23.22
N GLU X 39 53.55 34.12 -23.71
CA GLU X 39 52.71 35.32 -23.44
C GLU X 39 51.76 35.00 -22.27
N TRP X 40 51.95 35.66 -21.12
CA TRP X 40 51.06 35.59 -19.93
C TRP X 40 49.90 36.58 -20.06
N ASN X 41 50.00 37.54 -20.98
CA ASN X 41 48.99 38.60 -21.24
C ASN X 41 48.64 39.29 -19.93
N PRO X 42 49.61 39.94 -19.24
CA PRO X 42 49.31 40.56 -17.96
C PRO X 42 48.40 41.79 -18.14
N SER X 43 47.77 42.24 -17.05
CA SER X 43 46.89 43.44 -17.04
C SER X 43 47.55 44.54 -17.87
N PRO X 44 46.81 45.15 -18.84
CA PRO X 44 47.27 46.35 -19.55
C PRO X 44 47.55 47.59 -18.68
N VAL X 45 46.91 47.71 -17.51
CA VAL X 45 46.86 48.97 -16.69
C VAL X 45 48.29 49.40 -16.31
N GLY X 46 48.60 50.69 -16.51
CA GLY X 46 49.91 51.32 -16.29
C GLY X 46 51.01 50.76 -17.17
N ARG X 47 50.69 50.05 -18.27
CA ARG X 47 51.67 49.28 -19.06
C ARG X 47 51.52 49.62 -20.55
N VAL X 48 50.51 49.08 -21.26
CA VAL X 48 50.27 49.39 -22.70
C VAL X 48 49.68 50.80 -22.82
N THR X 49 50.15 51.56 -23.82
CA THR X 49 49.68 52.93 -24.15
C THR X 49 48.65 52.81 -25.28
N PRO X 50 47.37 53.09 -25.00
CA PRO X 50 46.30 52.79 -25.96
C PRO X 50 46.59 53.44 -27.31
N LYS X 51 46.20 52.78 -28.41
CA LYS X 51 46.25 53.35 -29.79
C LYS X 51 44.82 53.72 -30.23
N GLU X 52 44.67 54.47 -31.33
CA GLU X 52 43.36 54.69 -32.00
C GLU X 52 43.17 53.54 -33.00
N TRP X 53 42.05 52.84 -32.92
CA TRP X 53 41.80 51.49 -33.52
C TRP X 53 41.11 51.66 -34.88
N ARG X 54 40.30 52.72 -35.02
CA ARG X 54 39.32 52.98 -36.12
C ARG X 54 40.07 53.22 -37.44
N HIS Y 2 47.23 -25.80 -1.57
CA HIS Y 2 47.62 -24.48 -1.00
C HIS Y 2 48.35 -23.66 -2.07
N TYR Y 3 47.94 -22.40 -2.23
CA TYR Y 3 48.68 -21.35 -2.96
C TYR Y 3 49.76 -20.80 -2.00
N GLU Y 4 50.69 -20.00 -2.53
CA GLU Y 4 51.85 -19.52 -1.74
C GLU Y 4 51.41 -18.37 -0.83
N GLU Y 5 51.84 -18.40 0.44
CA GLU Y 5 51.47 -17.38 1.45
C GLU Y 5 52.69 -16.51 1.78
N GLY Y 6 52.46 -15.24 2.10
CA GLY Y 6 53.48 -14.33 2.66
C GLY Y 6 54.05 -13.35 1.64
N PRO Y 7 54.99 -12.49 2.09
CA PRO Y 7 55.38 -11.29 1.35
C PRO Y 7 55.99 -11.63 -0.02
N GLY Y 8 55.37 -11.14 -1.11
CA GLY Y 8 55.76 -11.36 -2.52
C GLY Y 8 55.07 -12.56 -3.17
N LYS Y 9 54.40 -13.40 -2.37
CA LYS Y 9 53.78 -14.68 -2.82
C LYS Y 9 52.29 -14.50 -3.06
N ASN Y 10 51.71 -13.36 -2.66
CA ASN Y 10 50.25 -13.21 -2.57
C ASN Y 10 49.77 -12.35 -3.74
N ILE Y 11 50.52 -12.31 -4.85
CA ILE Y 11 50.23 -11.38 -5.99
C ILE Y 11 50.34 -12.09 -7.34
N PRO Y 12 49.73 -11.53 -8.41
CA PRO Y 12 49.81 -12.10 -9.76
C PRO Y 12 51.07 -11.68 -10.55
N PHE Y 13 52.09 -11.16 -9.86
CA PHE Y 13 53.43 -10.87 -10.41
C PHE Y 13 54.47 -11.49 -9.47
N SER Y 14 55.71 -11.66 -9.95
CA SER Y 14 56.87 -12.12 -9.15
C SER Y 14 57.83 -10.96 -8.91
N VAL Y 15 58.23 -10.77 -7.64
CA VAL Y 15 59.10 -9.66 -7.14
C VAL Y 15 60.58 -10.09 -7.09
N GLU Y 16 60.88 -11.39 -7.23
CA GLU Y 16 62.16 -12.02 -6.82
C GLU Y 16 63.32 -11.58 -7.72
N ASN Y 17 63.08 -10.87 -8.83
CA ASN Y 17 64.12 -10.07 -9.55
C ASN Y 17 63.58 -8.67 -9.81
N LYS Y 18 64.20 -7.65 -9.19
CA LYS Y 18 63.69 -6.25 -9.17
C LYS Y 18 63.81 -5.63 -10.57
N TRP Y 19 64.71 -6.11 -11.42
CA TRP Y 19 64.99 -5.45 -12.72
C TRP Y 19 64.04 -6.00 -13.79
N ARG Y 20 63.76 -7.30 -13.72
CA ARG Y 20 62.64 -7.95 -14.45
C ARG Y 20 61.36 -7.22 -14.05
N LEU Y 21 61.20 -6.97 -12.74
CA LEU Y 21 60.01 -6.34 -12.11
C LEU Y 21 59.90 -4.87 -12.47
N LEU Y 22 61.03 -4.16 -12.64
CA LEU Y 22 61.04 -2.72 -13.02
C LEU Y 22 60.42 -2.60 -14.42
N ALA Y 23 60.91 -3.37 -15.38
CA ALA Y 23 60.45 -3.38 -16.78
C ALA Y 23 58.96 -3.75 -16.82
N MET Y 24 58.60 -4.89 -16.21
CA MET Y 24 57.21 -5.41 -16.05
C MET Y 24 56.26 -4.29 -15.58
N MET Y 25 56.72 -3.44 -14.64
CA MET Y 25 55.91 -2.30 -14.13
C MET Y 25 56.03 -1.15 -15.11
N THR Y 26 57.16 -1.01 -15.81
CA THR Y 26 57.38 0.05 -16.81
C THR Y 26 56.36 -0.11 -17.93
N LEU Y 27 56.11 -1.34 -18.37
CA LEU Y 27 55.11 -1.64 -19.43
C LEU Y 27 53.73 -1.32 -18.88
N PHE Y 28 53.26 -2.16 -17.95
CA PHE Y 28 51.97 -2.05 -17.23
C PHE Y 28 51.51 -0.58 -17.15
N PHE Y 29 52.18 0.26 -16.36
CA PHE Y 29 51.79 1.68 -16.12
C PHE Y 29 52.01 2.49 -17.40
N GLY Y 30 53.20 2.43 -17.99
CA GLY Y 30 53.55 3.15 -19.23
C GLY Y 30 52.46 3.06 -20.29
N SER Y 31 51.98 1.83 -20.56
CA SER Y 31 50.99 1.52 -21.63
C SER Y 31 49.64 2.18 -21.31
N GLY Y 32 49.22 2.15 -20.04
CA GLY Y 32 48.05 2.90 -19.56
C GLY Y 32 48.18 4.39 -19.86
N PHE Y 33 49.31 4.99 -19.52
CA PHE Y 33 49.58 6.44 -19.67
C PHE Y 33 49.69 6.77 -21.16
N ALA Y 34 50.29 5.85 -21.93
CA ALA Y 34 50.54 5.96 -23.39
C ALA Y 34 49.23 5.87 -24.17
N ALA Y 35 48.13 5.47 -23.54
CA ALA Y 35 46.93 4.98 -24.25
C ALA Y 35 46.26 6.18 -24.92
N PRO Y 36 45.60 7.07 -24.16
CA PRO Y 36 44.88 8.19 -24.75
C PRO Y 36 45.64 8.98 -25.83
N PHE Y 37 46.97 9.00 -25.74
CA PHE Y 37 47.91 9.64 -26.71
C PHE Y 37 47.71 9.04 -28.10
N PHE Y 38 47.85 7.70 -28.21
CA PHE Y 38 47.78 6.98 -29.50
C PHE Y 38 46.33 6.98 -30.02
N ILE Y 39 45.35 7.08 -29.13
CA ILE Y 39 43.89 7.11 -29.44
C ILE Y 39 43.54 8.44 -30.10
N VAL Y 40 44.18 9.52 -29.63
CA VAL Y 40 44.02 10.89 -30.23
C VAL Y 40 44.74 10.89 -31.60
N ARG Y 41 45.96 10.35 -31.68
CA ARG Y 41 46.75 10.21 -32.94
C ARG Y 41 45.84 9.60 -34.01
N HIS Y 42 45.27 8.43 -33.71
CA HIS Y 42 44.35 7.60 -34.55
C HIS Y 42 43.22 8.44 -35.16
N GLN Y 43 42.59 9.25 -34.32
CA GLN Y 43 41.39 10.04 -34.69
C GLN Y 43 41.81 11.13 -35.67
N LEU Y 44 43.05 11.64 -35.52
CA LEU Y 44 43.64 12.72 -36.36
C LEU Y 44 44.11 12.19 -37.73
N LEU Y 45 44.30 10.88 -37.90
CA LEU Y 45 44.90 10.29 -39.13
C LEU Y 45 43.83 9.69 -40.06
N LYS Y 46 42.69 9.26 -39.52
CA LYS Y 46 41.46 8.93 -40.29
C LYS Y 46 40.72 10.23 -40.67
N LYS Y 47 41.18 11.39 -40.19
CA LYS Y 47 40.59 12.72 -40.53
C LYS Y 47 40.94 13.09 -41.98
N ILE Z 2 54.83 0.53 13.34
CA ILE Z 2 55.38 -0.29 12.24
C ILE Z 2 56.92 -0.32 12.36
N THR Z 3 57.46 -1.38 12.96
CA THR Z 3 58.92 -1.67 12.99
C THR Z 3 59.22 -2.59 11.80
N ALA Z 4 60.07 -2.10 10.89
CA ALA Z 4 60.54 -2.87 9.71
C ALA Z 4 61.74 -3.73 10.12
N LYS Z 5 62.00 -4.78 9.34
CA LYS Z 5 63.28 -5.54 9.32
C LYS Z 5 64.27 -4.74 8.45
N PRO Z 6 65.55 -5.17 8.42
CA PRO Z 6 66.48 -4.74 7.37
C PRO Z 6 65.97 -5.24 6.01
N ALA Z 7 66.31 -4.54 4.93
CA ALA Z 7 65.96 -4.98 3.56
C ALA Z 7 66.65 -6.33 3.27
N LYS Z 8 65.97 -7.23 2.56
CA LYS Z 8 66.63 -8.46 2.04
C LYS Z 8 67.47 -8.10 0.80
N THR Z 9 67.10 -7.07 0.04
CA THR Z 9 67.80 -6.64 -1.21
C THR Z 9 67.90 -5.12 -1.25
N PRO Z 10 68.66 -4.48 -0.33
CA PRO Z 10 68.78 -3.03 -0.30
C PRO Z 10 69.10 -2.37 -1.65
N THR Z 11 68.47 -1.23 -1.92
CA THR Z 11 68.49 -0.53 -3.24
C THR Z 11 69.41 0.70 -3.15
N SER Z 12 70.70 0.50 -3.49
CA SER Z 12 71.75 1.55 -3.46
C SER Z 12 71.26 2.78 -4.22
N PRO Z 13 71.75 3.99 -3.89
CA PRO Z 13 71.33 5.20 -4.60
C PRO Z 13 71.36 5.01 -6.13
N LYS Z 14 72.52 4.64 -6.67
CA LYS Z 14 72.72 4.25 -8.09
C LYS Z 14 71.49 3.44 -8.54
N GLU Z 15 71.07 2.45 -7.76
CA GLU Z 15 69.94 1.57 -8.14
C GLU Z 15 68.66 2.42 -8.20
N GLN Z 16 68.35 3.10 -7.10
CA GLN Z 16 67.25 4.09 -7.03
C GLN Z 16 67.28 4.98 -8.27
N ALA Z 17 68.40 5.67 -8.53
CA ALA Z 17 68.54 6.69 -9.60
C ALA Z 17 68.18 6.07 -10.95
N ILE Z 18 68.64 4.83 -11.19
CA ILE Z 18 68.29 4.01 -12.39
C ILE Z 18 66.75 3.99 -12.54
N GLY Z 19 66.07 3.34 -11.60
CA GLY Z 19 64.62 3.02 -11.63
C GLY Z 19 63.76 4.28 -11.73
N LEU Z 20 64.21 5.36 -11.09
CA LEU Z 20 63.56 6.68 -11.21
C LEU Z 20 63.67 7.14 -12.67
N SER Z 21 64.83 6.96 -13.32
CA SER Z 21 65.08 7.42 -14.72
C SER Z 21 64.19 6.63 -15.68
N VAL Z 22 64.30 5.30 -15.66
CA VAL Z 22 63.51 4.41 -16.57
C VAL Z 22 62.04 4.85 -16.47
N THR Z 23 61.53 4.93 -15.25
CA THR Z 23 60.08 5.09 -14.94
C THR Z 23 59.57 6.48 -15.36
N PHE Z 24 60.45 7.48 -15.49
CA PHE Z 24 60.09 8.85 -15.96
C PHE Z 24 60.05 8.85 -17.49
N LEU Z 25 60.99 8.12 -18.10
CA LEU Z 25 61.10 7.96 -19.56
C LEU Z 25 59.86 7.25 -20.07
N SER Z 26 59.44 6.21 -19.35
CA SER Z 26 58.37 5.24 -19.74
C SER Z 26 57.05 5.97 -19.92
N PHE Z 27 56.90 7.10 -19.23
CA PHE Z 27 55.78 8.06 -19.35
C PHE Z 27 56.14 9.11 -20.43
N LEU Z 28 57.32 9.72 -20.28
CA LEU Z 28 57.70 10.99 -20.96
C LEU Z 28 58.04 10.76 -22.44
N LEU Z 29 58.52 9.57 -22.84
CA LEU Z 29 59.00 9.35 -24.24
C LEU Z 29 57.84 9.12 -25.20
N PRO Z 30 56.97 8.09 -25.04
CA PRO Z 30 55.86 7.89 -25.96
C PRO Z 30 54.87 9.06 -26.01
N ALA Z 31 54.48 9.55 -24.83
CA ALA Z 31 53.83 10.87 -24.69
C ALA Z 31 54.53 11.81 -25.67
N GLY Z 32 55.83 11.97 -25.46
CA GLY Z 32 56.70 12.87 -26.23
C GLY Z 32 56.55 12.66 -27.72
N TRP Z 33 56.61 11.40 -28.16
CA TRP Z 33 56.65 11.01 -29.60
C TRP Z 33 55.33 11.37 -30.33
N VAL Z 34 54.20 11.27 -29.65
CA VAL Z 34 52.89 11.71 -30.21
C VAL Z 34 52.88 13.24 -30.27
N LEU Z 35 53.39 13.92 -29.25
CA LEU Z 35 53.13 15.39 -29.06
C LEU Z 35 53.98 16.21 -30.04
N TYR Z 36 55.22 15.75 -30.30
CA TYR Z 36 56.18 16.33 -31.26
C TYR Z 36 55.59 16.23 -32.68
N HIS Z 37 55.01 15.07 -32.99
CA HIS Z 37 54.55 14.67 -34.36
C HIS Z 37 53.14 15.21 -34.64
N LEU Z 38 52.63 16.20 -33.89
CA LEU Z 38 51.20 16.60 -33.87
C LEU Z 38 50.77 17.19 -35.21
N ASP Z 39 51.63 18.03 -35.82
CA ASP Z 39 51.35 18.77 -37.08
C ASP Z 39 51.32 17.80 -38.25
N ASN Z 40 52.12 16.74 -38.20
CA ASN Z 40 52.19 15.64 -39.21
C ASN Z 40 50.88 14.84 -39.25
N TYR Z 41 50.00 15.02 -38.26
CA TYR Z 41 48.70 14.29 -38.11
C TYR Z 41 47.56 15.09 -38.75
N LYS Z 42 47.67 16.42 -38.80
CA LYS Z 42 46.80 17.28 -39.67
C LYS Z 42 47.56 17.50 -40.99
N LYS Z 43 46.83 17.63 -42.10
CA LYS Z 43 47.39 17.71 -43.47
C LYS Z 43 48.39 16.55 -43.63
N SER Z 44 48.00 15.35 -43.17
CA SER Z 44 48.83 14.11 -43.16
C SER Z 44 48.73 13.42 -44.52
CU CU AA . -30.49 -5.19 -3.63
MG MG BA . -37.25 5.10 -7.18
NA NA CA . -57.00 3.72 0.45
P PGV DA . -48.15 -37.84 22.02
C01 PGV DA . -51.33 -36.47 25.03
C02 PGV DA . -50.56 -36.27 23.74
C03 PGV DA . -49.06 -36.26 23.94
C04 PGV DA . -46.11 -36.39 21.07
C05 PGV DA . -44.63 -36.63 21.28
C06 PGV DA . -44.29 -37.19 22.64
O01 PGV DA . -50.97 -35.01 23.14
O02 PGV DA . -52.46 -35.64 21.65
O03 PGV DA . -51.67 -37.87 25.16
O04 PGV DA . -53.76 -38.56 24.76
O05 PGV DA . -43.91 -35.42 21.06
O06 PGV DA . -43.37 -38.27 22.58
O11 PGV DA . -48.40 -36.38 22.65
O12 PGV DA . -46.83 -37.66 21.10
O13 PGV DA . -49.27 -38.17 21.07
O14 PGV DA . -47.81 -38.81 23.12
C1 PGV DA . -51.44 -35.06 21.88
C2 PGV DA . -50.54 -34.32 20.90
C3 PGV DA . -50.15 -35.06 19.62
C4 PGV DA . -51.07 -36.21 19.22
C5 PGV DA . -52.51 -35.86 18.82
C6 PGV DA . -52.93 -34.40 18.80
C7 PGV DA . -53.77 -33.94 20.00
C8 PGV DA . -55.00 -33.17 19.65
C9 PGV DA . -54.80 -31.91 18.81
C10 PGV DA . -55.88 -30.88 19.02
C11 PGV DA . -55.91 -29.78 18.01
C12 PGV DA . -56.99 -29.14 17.52
C13 PGV DA . -58.39 -29.66 17.35
C14 PGV DA . -59.33 -28.75 16.58
C15 PGV DA . -59.89 -27.59 17.40
C16 PGV DA . -61.36 -27.29 17.21
C17 PGV DA . -61.67 -26.39 16.03
C18 PGV DA . -62.26 -27.13 14.84
C19 PGV DA . -52.92 -38.15 25.53
C20 PGV DA . -53.14 -37.88 27.00
C21 PGV DA . -54.35 -37.03 27.30
C22 PGV DA . -54.22 -35.59 26.82
C23 PGV DA . -54.79 -35.34 25.43
C24 PGV DA . -54.38 -34.03 24.78
C25 PGV DA . -55.37 -33.48 23.78
C26 PGV DA . -56.79 -33.34 24.31
C27 PGV DA . -57.51 -32.10 23.85
C28 PGV DA . -57.44 -31.87 22.36
C29 PGV DA . -58.59 -31.06 21.80
C30 PGV DA . -58.50 -29.57 22.03
C31 PGV DA . -59.78 -28.82 21.70
C32 PGV DA . -59.55 -27.40 21.25
C33 PGV DA . -60.77 -26.54 21.08
C34 PGV DA . -60.42 -25.07 20.98
FE HEA EA . -34.00 -8.35 -3.93
CHA HEA EA . -35.08 -5.23 -4.37
CHB HEA EA . -32.60 -8.39 -7.15
CHC HEA EA . -32.80 -11.59 -3.38
CHD HEA EA . -34.90 -8.21 -0.50
NA HEA EA . -33.91 -7.01 -5.52
C1A HEA EA . -34.38 -5.77 -5.53
C2A HEA EA . -34.15 -4.96 -6.75
C3A HEA EA . -33.42 -5.93 -7.57
C4A HEA EA . -33.30 -7.16 -6.74
CMA HEA EA . -32.80 -5.71 -8.87
OMA HEA EA . -31.92 -6.46 -9.23
CAA HEA EA . -34.58 -3.52 -7.02
CBA HEA EA . -35.94 -3.48 -7.68
CGA HEA EA . -36.45 -2.09 -7.83
O1A HEA EA . -37.07 -1.74 -8.88
O2A HEA EA . -36.24 -1.26 -6.79
NB HEA EA . -32.92 -9.76 -5.07
C1B HEA EA . -32.41 -9.63 -6.34
C2B HEA EA . -31.69 -10.82 -6.84
C3B HEA EA . -31.79 -11.76 -5.73
C4B HEA EA . -32.53 -11.00 -4.72
CMB HEA EA . -30.99 -11.10 -8.14
NC HEA EA . -33.89 -9.66 -2.29
C1C HEA EA . -33.38 -10.91 -2.24
C2C HEA EA . -33.41 -11.58 -0.90
C3C HEA EA . -34.03 -10.56 -0.08
C4C HEA EA . -34.31 -9.45 -1.01
CMC HEA EA . -32.93 -12.90 -0.49
CAC HEA EA . -34.35 -10.58 1.34
CBC HEA EA . -34.11 -11.62 2.13
ND HEA EA . -34.83 -6.97 -2.63
C1D HEA EA . -35.14 -7.02 -1.29
C2D HEA EA . -35.77 -5.81 -0.69
C3D HEA EA . -35.77 -4.94 -1.88
C4D HEA EA . -35.22 -5.76 -2.99
CMD HEA EA . -36.24 -5.41 0.67
CAD HEA EA . -36.35 -3.57 -2.00
CBD HEA EA . -35.77 -2.50 -1.14
CGD HEA EA . -36.79 -1.42 -1.38
O1D HEA EA . -36.73 -0.91 -2.50
O2D HEA EA . -37.72 -1.10 -0.45
C11 HEA EA . -31.17 -13.11 -5.66
O11 HEA EA . -30.48 -13.23 -4.38
C12 HEA EA . -32.15 -14.26 -5.91
C13 HEA EA . -31.36 -15.45 -6.42
C14 HEA EA . -32.14 -16.72 -6.25
C15 HEA EA . -32.80 -17.35 -7.25
C16 HEA EA . -33.53 -18.60 -6.91
C17 HEA EA . -32.54 -19.72 -6.69
C18 HEA EA . -31.72 -20.01 -7.93
C19 HEA EA . -31.90 -21.03 -8.81
C20 HEA EA . -30.93 -21.14 -9.99
C21 HEA EA . -31.54 -21.18 -11.38
C22 HEA EA . -31.79 -19.74 -11.77
C23 HEA EA . -31.59 -19.20 -13.01
C24 HEA EA . -31.10 -20.03 -14.16
C25 HEA EA . -31.88 -17.72 -13.25
C26 HEA EA . -32.85 -16.85 -8.69
C27 HEA EA . -32.95 -22.06 -8.64
FE HEA FA . -44.13 -5.54 4.42
CHA HEA FA . -43.79 -2.82 2.27
CHB HEA FA . -47.52 -5.78 3.68
CHC HEA FA . -44.40 -8.57 6.28
CHD HEA FA . -40.73 -5.47 5.00
NA HEA FA . -45.43 -4.51 3.18
C1A HEA FA . -45.13 -3.44 2.41
C2A HEA FA . -46.21 -2.92 1.60
C3A HEA FA . -47.31 -3.76 2.05
C4A HEA FA . -46.73 -4.73 3.00
CMA HEA FA . -48.67 -3.69 1.54
OMA HEA FA . -49.45 -4.56 1.81
CAA HEA FA . -46.17 -1.78 0.64
CBA HEA FA . -46.27 -0.43 1.35
CGA HEA FA . -46.61 0.49 0.22
O1A HEA FA . -45.91 0.55 -0.80
O2A HEA FA . -47.73 1.17 0.36
NB HEA FA . -45.67 -6.87 4.93
C1B HEA FA . -46.95 -6.83 4.58
C2B HEA FA . -47.80 -7.97 5.08
C3B HEA FA . -46.88 -8.79 5.84
C4B HEA FA . -45.61 -8.05 5.65
CMB HEA FA . -49.26 -8.34 4.93
NC HEA FA . -42.83 -6.78 5.44
C1C HEA FA . -43.08 -7.93 6.16
C2C HEA FA . -41.89 -8.58 6.76
C3C HEA FA . -40.82 -7.65 6.37
C4C HEA FA . -41.49 -6.59 5.56
CMC HEA FA . -41.89 -9.84 7.57
CAC HEA FA . -39.38 -7.59 6.64
CBC HEA FA . -38.82 -8.48 7.41
ND HEA FA . -42.56 -4.36 3.76
C1D HEA FA . -41.28 -4.47 4.10
C2D HEA FA . -40.37 -3.50 3.54
C3D HEA FA . -41.25 -2.70 2.70
C4D HEA FA . -42.57 -3.34 2.93
CMD HEA FA . -38.91 -3.40 3.74
CAD HEA FA . -40.88 -1.51 1.85
CBD HEA FA . -41.00 -0.36 2.85
CGD HEA FA . -40.98 0.99 2.13
O1D HEA FA . -41.68 1.13 1.16
O2D HEA FA . -40.22 1.99 2.58
C11 HEA FA . -47.30 -10.04 6.47
O11 HEA FA . -46.86 -11.03 5.51
C12 HEA FA . -46.76 -10.31 7.87
C13 HEA FA . -47.60 -11.34 8.58
C14 HEA FA . -47.08 -11.41 10.03
C15 HEA FA . -45.94 -12.03 10.38
C16 HEA FA . -45.55 -12.00 11.84
C17 HEA FA . -44.27 -12.77 12.17
C18 HEA FA . -43.94 -12.58 13.63
C19 HEA FA . -43.08 -13.41 14.21
C20 HEA FA . -42.66 -13.23 15.67
C21 HEA FA . -42.70 -14.54 16.45
C22 HEA FA . -41.34 -15.07 16.80
C23 HEA FA . -41.02 -15.58 18.02
C24 HEA FA . -41.94 -15.71 19.22
C25 HEA FA . -39.66 -16.06 18.25
C26 HEA FA . -45.07 -12.77 9.42
C27 HEA FA . -42.45 -14.51 13.38
O OH GA . -32.48 -7.54 -3.11
CU1 CUA HA . -44.21 13.57 -6.36
CU2 CUA HA . -44.39 11.13 -5.45
CA1 TGL IA . -50.58 -16.13 -15.37
CA2 TGL IA . -51.40 -16.06 -14.08
CA3 TGL IA . -52.89 -16.42 -14.21
CA4 TGL IA . -53.25 -17.31 -15.39
CA5 TGL IA . -54.74 -17.54 -15.57
CA6 TGL IA . -55.44 -16.55 -16.51
CA7 TGL IA . -56.87 -16.17 -16.12
CA8 TGL IA . -57.11 -15.97 -14.64
CA9 TGL IA . -58.35 -15.16 -14.29
OA1 TGL IA . -49.90 -17.07 -15.66
CB1 TGL IA . -47.66 -13.10 -14.82
CB2 TGL IA . -47.69 -13.41 -13.33
CB3 TGL IA . -46.31 -13.43 -12.68
CB4 TGL IA . -46.17 -14.48 -11.58
CB5 TGL IA . -44.93 -15.36 -11.71
CB6 TGL IA . -44.78 -16.38 -10.59
CB7 TGL IA . -44.18 -17.71 -11.01
CB8 TGL IA . -45.10 -18.90 -10.86
CB9 TGL IA . -45.30 -19.40 -9.43
C10 TGL IA . -45.90 -20.81 -9.31
C11 TGL IA . -45.49 -21.80 -10.43
C12 TGL IA . -45.97 -23.24 -10.23
C13 TGL IA . -47.46 -23.40 -9.99
C14 TGL IA . -47.87 -23.69 -8.54
OB1 TGL IA . -46.65 -12.74 -15.39
OG1 TGL IA . -50.64 -15.00 -16.08
CG1 TGL IA . -49.65 -14.79 -17.13
CG2 TGL IA . -48.90 -13.50 -16.90
OG2 TGL IA . -48.86 -13.22 -15.46
CG3 TGL IA . -49.48 -12.29 -17.60
OG3 TGL IA . -49.65 -12.52 -19.02
CC1 TGL IA . -50.57 -11.81 -19.68
CC2 TGL IA . -51.95 -12.37 -19.54
CC3 TGL IA . -52.46 -12.94 -20.84
CC4 TGL IA . -53.46 -14.07 -20.64
CC5 TGL IA . -53.89 -14.72 -21.95
CC6 TGL IA . -54.52 -16.07 -21.81
CC7 TGL IA . -55.82 -16.24 -22.56
CC8 TGL IA . -56.98 -15.45 -21.99
CC9 TGL IA . -57.36 -15.82 -20.57
C15 TGL IA . -56.85 -14.87 -19.51
C16 TGL IA . -57.62 -13.56 -19.39
C17 TGL IA . -56.79 -12.33 -19.66
C18 TGL IA . -56.58 -12.03 -21.13
C19 TGL IA . -56.45 -10.56 -21.46
OC1 TGL IA . -50.33 -10.86 -20.36
C20 TGL IA . -58.35 -14.58 -12.88
C21 TGL IA . -57.74 -15.46 -11.78
C22 TGL IA . -56.31 -15.11 -11.40
C23 TGL IA . -55.75 -15.95 -10.28
C24 TGL IA . -55.00 -15.17 -9.22
C25 TGL IA . -54.78 -15.89 -7.91
C26 TGL IA . -55.28 -15.14 -6.68
C27 TGL IA . -54.81 -15.69 -5.34
C28 TGL IA . -55.78 -16.65 -4.68
C29 TGL IA . -48.87 -22.71 -7.91
C30 TGL IA . -48.82 -22.63 -6.38
C31 TGL IA . -48.38 -21.30 -5.80
C32 TGL IA . -49.29 -20.15 -6.14
C33 TGL IA . -55.09 -9.98 -21.16
C34 TGL IA . -54.14 -9.93 -22.34
C35 TGL IA . -52.71 -9.53 -22.04
C36 TGL IA . -52.47 -8.89 -20.68
P PSC JA . -22.46 -49.53 -5.94
N PSC JA . -24.67 -51.03 -10.42
C01 PSC JA . -23.37 -44.77 -4.20
C02 PSC JA . -23.87 -46.13 -4.61
C03 PSC JA . -22.77 -47.03 -5.15
C04 PSC JA . -23.47 -50.59 -8.17
C05 PSC JA . -24.77 -50.66 -8.95
C06 PSC JA . -23.86 -52.28 -10.60
C07 PSC JA . -24.05 -49.93 -11.20
C08 PSC JA . -26.03 -51.28 -10.96
O01 PSC JA . -24.87 -45.93 -5.63
O02 PSC JA . -26.69 -46.18 -4.37
O03 PSC JA . -22.47 -44.90 -3.08
O04 PSC JA . -20.41 -45.31 -3.84
O11 PSC JA . -23.06 -48.43 -4.93
O12 PSC JA . -23.58 -49.60 -7.09
O13 PSC JA . -22.42 -50.86 -5.23
O14 PSC JA . -21.19 -48.98 -6.54
C1 PSC JA . -26.13 -45.61 -5.25
C2 PSC JA . -26.75 -44.51 -6.09
C3 PSC JA . -27.77 -43.67 -5.36
C4 PSC JA . -28.77 -43.00 -6.28
C5 PSC JA . -28.27 -41.74 -6.98
C6 PSC JA . -27.54 -41.98 -8.29
C7 PSC JA . -28.39 -41.83 -9.54
C8 PSC JA . -27.63 -41.56 -10.82
C9 PSC JA . -28.05 -40.33 -11.56
C10 PSC JA . -27.50 -39.13 -11.49
C11 PSC JA . -27.93 -37.94 -12.30
C12 PSC JA . -28.13 -36.64 -11.56
C13 PSC JA . -29.11 -35.77 -11.78
C14 PSC JA . -29.05 -34.28 -11.58
C15 PSC JA . -30.36 -33.55 -11.81
C16 PSC JA . -30.27 -32.31 -12.70
C17 PSC JA . -31.24 -31.19 -12.38
C18 PSC JA . -30.68 -29.81 -12.62
C19 PSC JA . -21.19 -44.58 -3.31
C20 PSC JA . -20.86 -43.20 -2.81
C21 PSC JA . -20.94 -42.15 -3.89
C22 PSC JA . -22.36 -41.69 -4.15
C23 PSC JA . -22.74 -41.64 -5.62
C24 PSC JA . -24.23 -41.71 -5.86
C25 PSC JA . -24.99 -40.43 -5.55
C26 PSC JA . -24.91 -39.38 -6.64
C27 PSC JA . -26.22 -38.65 -6.93
C28 PSC JA . -26.85 -37.96 -5.72
C29 PSC JA . -27.49 -36.61 -6.02
C30 PSC JA . -29.01 -36.62 -5.97
C31 PSC JA . -29.66 -35.36 -6.50
C32 PSC JA . -31.07 -35.54 -7.02
C33 PSC JA . -31.98 -34.36 -6.79
C34 PSC JA . -31.41 -33.05 -7.29
P PGV KA . -15.79 -7.94 27.63
C01 PGV KA . -13.68 -6.82 23.85
C02 PGV KA . -13.71 -6.04 25.15
C03 PGV KA . -13.68 -6.94 26.37
C04 PGV KA . -14.30 -9.95 28.46
C05 PGV KA . -13.23 -10.13 29.48
C06 PGV KA . -12.31 -8.93 29.57
O01 PGV KA . -14.92 -5.23 25.28
O02 PGV KA . -13.82 -3.29 25.19
O03 PGV KA . -13.89 -5.90 22.76
O04 PGV KA . -11.70 -5.76 22.48
O05 PGV KA . -12.50 -11.29 29.10
O06 PGV KA . -11.37 -9.00 30.64
O11 PGV KA . -14.86 -7.82 26.33
O12 PGV KA . -14.98 -8.72 28.77
O13 PGV KA . -16.90 -8.95 27.43
O14 PGV KA . -16.01 -6.54 28.15
C1 PGV KA . -14.85 -3.89 25.30
C2 PGV KA . -16.17 -3.18 25.49
C3 PGV KA . -15.99 -1.84 26.11
C4 PGV KA . -17.28 -1.00 26.18
C5 PGV KA . -17.17 0.20 27.09
C6 PGV KA . -18.39 1.08 27.12
C7 PGV KA . -18.38 2.20 26.08
C8 PGV KA . -19.32 2.00 24.92
C9 PGV KA . -20.73 2.56 25.14
C10 PGV KA . -21.16 3.62 24.13
C11 PGV KA . -22.05 3.11 23.02
C12 PGV KA . -22.58 3.88 22.07
C13 PGV KA . -22.28 5.34 21.94
C14 PGV KA . -22.62 5.90 20.59
C15 PGV KA . -24.07 6.32 20.39
C16 PGV KA . -24.23 7.48 19.44
C17 PGV KA . -24.04 8.81 20.11
C18 PGV KA . -23.84 9.98 19.18
C19 PGV KA . -12.81 -5.65 22.03
C20 PGV KA . -13.15 -5.25 20.61
C21 PGV KA . -14.24 -4.19 20.46
C22 PGV KA . -13.87 -2.83 21.01
C23 PGV KA . -14.94 -1.76 20.81
C24 PGV KA . -15.06 -0.76 21.93
C25 PGV KA . -16.47 -0.22 22.18
C26 PGV KA . -17.07 0.40 20.99
C27 PGV KA . -18.09 1.45 21.29
C28 PGV KA . -18.36 2.40 20.14
C29 PGV KA . -18.83 1.73 18.87
C30 PGV KA . -18.79 2.60 17.65
C31 PGV KA . -18.83 1.85 16.35
C32 PGV KA . -17.66 2.11 15.39
C33 PGV KA . -17.98 1.78 13.93
C34 PGV KA . -19.01 2.70 13.30
C1 CHD LA . -18.89 -0.51 -14.97
C2 CHD LA . -18.90 0.53 -16.09
C3 CHD LA . -17.55 0.59 -16.79
O3 CHD LA . -17.67 1.57 -17.84
C4 CHD LA . -16.44 0.92 -15.79
C5 CHD LA . -16.44 -0.05 -14.60
C6 CHD LA . -15.33 0.30 -13.59
C7 CHD LA . -15.65 1.42 -12.60
O7 CHD LA . -15.41 2.69 -13.22
C8 CHD LA . -17.07 1.35 -12.03
C9 CHD LA . -18.12 1.10 -13.13
C10 CHD LA . -17.82 -0.23 -13.89
C11 CHD LA . -19.57 1.22 -12.61
C12 CHD LA . -19.86 2.46 -11.73
O12 CHD LA . -19.95 3.66 -12.54
C13 CHD LA . -18.83 2.63 -10.61
C14 CHD LA . -17.42 2.61 -11.25
C15 CHD LA . -16.50 3.01 -10.13
C16 CHD LA . -17.34 3.98 -9.28
C17 CHD LA . -18.75 4.03 -9.91
C18 CHD LA . -19.02 1.48 -9.59
C19 CHD LA . -17.83 -1.45 -12.95
C20 CHD LA . -19.79 4.48 -8.87
C21 CHD LA . -21.22 4.05 -9.21
C22 CHD LA . -19.73 5.99 -8.63
C23 CHD LA . -20.35 6.43 -7.30
O25 CHD LA . -20.75 8.55 -8.32
C24 CHD LA . -20.60 7.93 -7.22
O26 CHD LA . -20.62 8.47 -6.08
P PEK MA . -16.10 26.27 11.66
N PEK MA . -12.80 29.46 11.15
C01 PEK MA . -17.75 23.45 13.25
C02 PEK MA . -16.32 22.99 13.14
C03 PEK MA . -15.49 23.69 12.07
C04 PEK MA . -13.88 27.28 10.68
C05 PEK MA . -14.00 28.77 10.68
O01 PEK MA . -16.47 21.57 12.86
O02 PEK MA . -15.19 20.98 14.62
O03 PEK MA . -18.25 22.80 14.43
O04 PEK MA . -20.33 23.37 13.87
O11 PEK MA . -15.26 25.12 12.39
O12 PEK MA . -15.17 26.68 10.41
O13 PEK MA . -17.36 25.82 10.99
O14 PEK MA . -16.09 27.39 12.65
C1 PEK MA . -15.82 20.69 13.63
C2 PEK MA . -16.03 19.31 13.10
C3 PEK MA . -17.32 18.70 13.60
C4 PEK MA . -17.86 17.62 12.69
C5 PEK MA . -19.22 17.15 13.13
C6 PEK MA . -19.47 16.14 13.95
C7 PEK MA . -18.47 15.12 14.43
C8 PEK MA . -17.49 15.61 15.44
C9 PEK MA . -17.53 15.34 16.73
C10 PEK MA . -16.52 15.79 17.72
C11 PEK MA . -16.97 16.95 18.58
C12 PEK MA . -17.04 18.23 18.21
C13 PEK MA . -16.95 19.42 19.11
C14 PEK MA . -15.63 19.59 19.84
C15 PEK MA . -14.43 19.27 19.38
C16 PEK MA . -14.10 18.68 18.04
C17 PEK MA . -12.68 18.25 17.88
C18 PEK MA . -11.69 19.39 17.71
C19 PEK MA . -10.62 19.15 16.69
C20 PEK MA . -9.38 19.95 16.97
C21 PEK MA . -19.55 22.88 14.65
C22 PEK MA . -19.88 22.36 16.04
C23 PEK MA . -19.67 20.89 16.24
C24 PEK MA . -20.41 20.39 17.47
C25 PEK MA . -21.61 19.51 17.15
C26 PEK MA . -21.43 18.07 17.54
C27 PEK MA . -21.77 17.07 16.45
C28 PEK MA . -23.03 16.27 16.70
C29 PEK MA . -23.23 15.11 15.73
C30 PEK MA . -22.48 13.86 16.09
C31 PEK MA . -22.95 12.64 15.34
C32 PEK MA . -22.66 11.34 16.05
C33 PEK MA . -22.32 10.19 15.13
C34 PEK MA . -21.58 9.05 15.82
C35 PEK MA . -21.68 7.71 15.12
C36 PEK MA . -21.37 6.50 15.98
C37 PEK MA . -20.83 5.32 15.22
C38 PEK MA . -21.75 4.84 14.11
P PEK NA . 18.92 9.36 31.70
N PEK NA . 17.61 8.19 36.26
C01 PEK NA . 19.94 8.72 27.81
C02 PEK NA . 19.22 9.91 28.39
C03 PEK NA . 17.99 9.54 29.21
C04 PEK NA . 17.51 8.90 33.89
C05 PEK NA . 17.19 7.83 34.90
O01 PEK NA . 18.81 10.78 27.29
O02 PEK NA . 18.77 12.73 28.39
O03 PEK NA . 20.66 8.02 28.86
O04 PEK NA . 20.42 5.81 28.93
O11 PEK NA . 18.37 8.68 30.34
O12 PEK NA . 18.38 8.37 32.86
O13 PEK NA . 20.43 9.24 31.67
O14 PEK NA . 18.29 10.70 31.88
C1 PEK NA . 18.30 12.01 27.55
C2 PEK NA . 17.15 12.36 26.65
C3 PEK NA . 15.92 12.90 27.40
C4 PEK NA . 15.64 14.37 27.09
C5 PEK NA . 14.75 14.60 25.90
C6 PEK NA . 13.79 15.52 25.80
C7 PEK NA . 13.08 15.92 24.54
C8 PEK NA . 11.60 16.20 24.66
C9 PEK NA . 10.83 16.63 23.67
C10 PEK NA . 9.33 16.80 23.70
C11 PEK NA . 8.69 16.58 22.35
C12 PEK NA . 7.95 17.45 21.65
C13 PEK NA . 7.46 18.79 22.11
C14 PEK NA . 7.16 19.79 21.02
C15 PEK NA . 7.15 21.11 21.18
C16 PEK NA . 7.24 22.16 20.12
C17 PEK NA . 7.94 21.70 18.86
C18 PEK NA . 9.39 21.25 19.03
C19 PEK NA . 9.84 20.16 18.07
C20 PEK NA . 11.24 19.62 18.31
C21 PEK NA . 21.05 6.77 28.61
C22 PEK NA . 22.38 6.72 27.88
C23 PEK NA . 23.39 7.75 28.32
C24 PEK NA . 24.55 7.94 27.33
C25 PEK NA . 24.17 8.41 25.95
C26 PEK NA . 23.50 9.78 25.88
C27 PEK NA . 22.30 9.86 24.94
C28 PEK NA . 21.48 11.13 25.10
C29 PEK NA . 20.66 11.52 23.88
C30 PEK NA . 20.56 13.02 23.65
C31 PEK NA . 19.14 13.55 23.52
C32 PEK NA . 19.06 14.92 22.90
C33 PEK NA . 17.72 15.26 22.28
C34 PEK NA . 17.80 15.81 20.87
C35 PEK NA . 16.51 16.38 20.33
C36 PEK NA . 16.56 16.69 18.85
C37 PEK NA . 15.81 17.91 18.40
C38 PEK NA . 16.67 18.99 17.80
P PGV OA . -3.41 -6.10 29.50
C01 PGV OA . -7.17 -5.61 27.55
C02 PGV OA . -6.47 -4.77 28.60
C03 PGV OA . -5.99 -5.62 29.77
C04 PGV OA . -2.17 -7.57 31.35
C05 PGV OA . -1.30 -7.26 32.54
C06 PGV OA . -0.94 -8.47 33.39
O01 PGV OA . -7.35 -3.79 29.23
O02 PGV OA . -6.30 -2.03 28.34
O03 PGV OA . -7.46 -4.86 26.34
O04 PGV OA . -9.66 -5.17 26.67
O05 PGV OA . -1.99 -6.31 33.35
O06 PGV OA . -0.13 -9.43 32.71
O11 PGV OA . -4.96 -6.56 29.38
O12 PGV OA . -3.17 -6.55 31.04
O13 PGV OA . -3.46 -4.59 29.42
O14 PGV OA . -2.54 -6.83 28.52
C1 PGV OA . -7.15 -2.47 29.06
C2 PGV OA . -8.11 -1.63 29.86
C3 PGV OA . -8.06 -0.15 29.57
C4 PGV OA . -9.02 0.31 28.46
C5 PGV OA . -8.62 1.62 27.83
C6 PGV OA . -9.54 2.14 26.73
C7 PGV OA . -9.30 3.62 26.39
C8 PGV OA . -10.21 4.21 25.33
C9 PGV OA . -9.98 5.69 25.03
C10 PGV OA . -10.88 6.64 25.76
C11 PGV OA . -12.32 6.51 25.41
C12 PGV OA . -13.17 7.48 25.21
C13 PGV OA . -12.85 8.94 25.12
C14 PGV OA . -13.93 9.81 24.53
C15 PGV OA . -14.92 9.14 23.58
C16 PGV OA . -15.93 10.11 22.97
C17 PGV OA . -17.08 10.54 23.88
C18 PGV OA . -18.09 11.45 23.20
C19 PGV OA . -8.75 -4.67 26.05
C20 PGV OA . -8.95 -3.78 24.85
C21 PGV OA . -9.49 -2.41 25.14
C22 PGV OA . -9.77 -1.62 23.86
C23 PGV OA . -10.63 -0.40 24.02
C24 PGV OA . -11.12 0.18 22.73
C25 PGV OA . -10.83 1.66 22.53
C26 PGV OA . -11.63 2.33 21.42
C27 PGV OA . -13.12 2.51 21.73
C28 PGV OA . -13.58 3.94 21.96
C29 PGV OA . -14.99 4.26 21.46
C30 PGV OA . -15.05 4.78 20.03
C31 PGV OA . -16.34 5.49 19.67
C32 PGV OA . -16.42 6.00 18.22
C33 PGV OA . -16.19 7.50 18.03
C34 PGV OA . -17.29 8.20 17.27
C1 CDL PA . -7.13 -0.24 41.46
O1 CDL PA . -7.66 -0.72 42.69
CA2 CDL PA . -8.08 -0.59 40.34
OA2 CDL PA . -8.90 0.57 40.05
PA1 CDL PA . -9.59 1.36 41.28
OA3 CDL PA . -10.85 2.04 40.82
OA4 CDL PA . -9.65 0.40 42.44
OA5 CDL PA . -8.51 2.50 41.62
CA3 CDL PA . -8.58 3.21 42.90
CA4 CDL PA . -9.00 4.65 42.69
OA6 CDL PA . -7.83 5.47 42.40
CA5 CDL PA . -7.25 5.37 41.19
OA7 CDL PA . -6.10 5.02 41.05
C11 CDL PA . -8.18 5.73 40.05
C12 CDL PA . -7.52 6.54 38.98
C13 CDL PA . -8.52 7.32 38.15
C14 CDL PA . -9.00 8.58 38.82
C15 CDL PA . -10.12 9.29 38.09
C16 CDL PA . -9.69 10.30 37.06
C17 CDL PA . -9.77 11.75 37.51
C18 CDL PA . -10.79 12.59 36.77
C19 CDL PA . -10.67 12.55 35.27
C20 CDL PA . -11.05 13.84 34.56
C21 CDL PA . -11.96 13.65 33.36
C22 CDL PA . -12.27 14.92 32.61
C23 CDL PA . -11.30 15.23 31.49
C24 CDL PA . -10.10 16.06 31.91
C25 CDL PA . -10.15 17.51 31.48
C26 CDL PA . -11.16 18.34 32.21
C27 CDL PA . -11.09 19.81 31.89
CA6 CDL PA . -9.71 5.25 43.88
OA8 CDL PA . -11.05 5.63 43.48
CA7 CDL PA . -11.36 6.93 43.59
OA9 CDL PA . -11.69 7.43 44.63
C31 CDL PA . -11.25 7.64 42.27
C32 CDL PA . -12.32 7.27 41.28
C33 CDL PA . -13.21 8.43 40.89
C34 CDL PA . -14.03 8.18 39.63
C35 CDL PA . -13.68 9.07 38.47
C36 CDL PA . -14.03 8.52 37.12
C37 CDL PA . -14.15 9.58 36.03
C38 CDL PA . -15.59 9.97 35.74
C39 CDL PA . -15.74 11.22 34.89
C40 CDL PA . -16.88 12.13 35.31
C41 CDL PA . -17.37 13.08 34.23
C42 CDL PA . -16.29 13.68 33.35
C43 CDL PA . -16.60 15.07 32.80
C44 CDL PA . -17.69 15.14 31.73
C45 CDL PA . -18.13 16.56 31.38
C46 CDL PA . -19.60 16.85 31.62
C47 CDL PA . -19.91 18.23 32.15
CB2 CDL PA . -5.73 -0.80 41.27
OB2 CDL PA . -4.76 0.14 41.80
PB2 CDL PA . -3.64 0.78 40.84
OB3 CDL PA . -2.57 -0.25 40.57
OB4 CDL PA . -3.27 2.06 41.55
OB5 CDL PA . -4.41 1.12 39.48
CB3 CDL PA . -5.24 2.33 39.39
CB4 CDL PA . -5.69 2.62 37.97
OB6 CDL PA . -6.82 1.75 37.66
CB5 CDL PA . -7.87 2.29 36.99
OB7 CDL PA . -8.71 2.94 37.54
C51 CDL PA . -7.90 2.02 35.51
C52 CDL PA . -8.48 3.13 34.74
C53 CDL PA . -8.87 2.74 33.34
C54 CDL PA . -9.01 3.91 32.40
C55 CDL PA . -10.40 4.52 32.34
C56 CDL PA . -10.56 5.63 31.30
C57 CDL PA . -11.96 5.72 30.69
C58 CDL PA . -12.23 6.99 29.89
C59 CDL PA . -12.96 8.08 30.66
C60 CDL PA . -12.46 9.50 30.36
C61 CDL PA . -12.63 9.95 28.90
C62 CDL PA . -11.67 11.05 28.43
C63 CDL PA . -12.34 12.32 27.91
C64 CDL PA . -12.14 12.60 26.43
C65 CDL PA . -13.43 12.75 25.63
C66 CDL PA . -14.24 14.02 25.82
C67 CDL PA . -15.29 14.26 24.75
CB6 CDL PA . -4.60 2.47 36.92
OB8 CDL PA . -4.20 3.77 36.44
CB7 CDL PA . -4.82 4.26 35.36
OB9 CDL PA . -5.32 3.57 34.51
C71 CDL PA . -4.79 5.76 35.33
C72 CDL PA . -6.12 6.41 34.97
C73 CDL PA . -6.08 7.19 33.66
C74 CDL PA . -6.95 8.44 33.64
C75 CDL PA . -7.03 9.13 32.29
C76 CDL PA . -7.08 10.65 32.37
C77 CDL PA . -7.69 11.31 31.13
C78 CDL PA . -7.96 12.79 31.28
C79 CDL PA . -6.97 13.69 30.54
C80 CDL PA . -7.45 14.19 29.19
C81 CDL PA . -6.38 14.21 28.11
C82 CDL PA . -6.58 15.26 27.03
C83 CDL PA . -6.23 14.79 25.63
C84 CDL PA . -5.68 15.87 24.73
C85 CDL PA . -6.64 17.00 24.44
C86 CDL PA . -6.19 18.36 24.96
C87 CDL PA . -6.89 19.53 24.30
C1 CHD QA . 8.63 14.64 32.83
C2 CHD QA . 9.97 15.37 32.86
C3 CHD QA . 10.62 15.38 31.50
O3 CHD QA . 11.87 16.08 31.53
C4 CHD QA . 10.85 13.96 31.05
C5 CHD QA . 9.56 13.10 31.02
C6 CHD QA . 9.89 11.67 30.59
C7 CHD QA . 10.47 10.81 31.70
O7 CHD QA . 11.76 11.24 32.18
C8 CHD QA . 9.54 10.79 32.92
C9 CHD QA . 9.23 12.20 33.43
C10 CHD QA . 8.68 13.17 32.33
C11 CHD QA . 8.32 12.10 34.66
C12 CHD QA . 8.90 11.20 35.78
O12 CHD QA . 10.07 11.83 36.32
C13 CHD QA . 9.21 9.78 35.24
C14 CHD QA . 10.14 9.97 34.04
C15 CHD QA . 10.71 8.59 33.72
C16 CHD QA . 10.68 7.85 35.06
C17 CHD QA . 10.11 8.84 36.11
C18 CHD QA . 7.88 9.07 34.91
C19 CHD QA . 7.23 12.78 31.98
C20 CHD QA . 9.54 8.12 37.35
C21 CHD QA . 8.48 8.90 38.11
C22 CHD QA . 10.70 7.78 38.30
C23 CHD QA . 10.46 6.56 39.15
O25 CHD QA . 9.29 4.62 38.47
C24 CHD QA . 10.33 5.28 38.34
O26 CHD QA . 11.27 4.96 37.58
C1 CDL RA . 8.08 25.42 -0.56
O1 CDL RA . 9.05 26.37 -1.00
CA2 CDL RA . 6.75 26.12 -0.39
OA2 CDL RA . 6.74 27.45 -0.99
PA1 CDL RA . 5.41 28.35 -0.82
OA3 CDL RA . 4.31 27.67 -1.57
OA4 CDL RA . 5.28 28.57 0.67
OA5 CDL RA . 5.73 29.76 -1.54
CA3 CDL RA . 5.51 31.03 -0.85
CA4 CDL RA . 6.25 32.16 -1.54
OA6 CDL RA . 7.69 31.99 -1.39
CA5 CDL RA . 8.29 32.27 -0.21
OA7 CDL RA . 8.60 33.39 0.11
C11 CDL RA . 8.56 31.06 0.65
C12 CDL RA . 9.98 30.55 0.56
C13 CDL RA . 10.06 29.04 0.38
C14 CDL RA . 11.37 28.42 0.83
C15 CDL RA . 11.28 27.57 2.08
C16 CDL RA . 12.56 26.84 2.42
C17 CDL RA . 12.40 25.66 3.36
C18 CDL RA . 12.60 24.30 2.71
C19 CDL RA . 13.27 23.25 3.60
C20 CDL RA . 13.51 21.92 2.88
C21 CDL RA . 14.22 20.87 3.71
C22 CDL RA . 13.69 19.46 3.54
C23 CDL RA . 14.37 18.41 4.43
C24 CDL RA . 13.45 17.36 5.05
C25 CDL RA . 13.96 16.73 6.36
C26 CDL RA . 14.60 15.36 6.21
C27 CDL RA . 15.67 15.03 7.24
CA6 CDL RA . 5.83 33.53 -1.06
OA8 CDL RA . 6.89 34.47 -1.30
CA7 CDL RA . 6.76 35.33 -2.31
OA9 CDL RA . 6.30 35.02 -3.39
C31 CDL RA . 7.26 36.70 -1.93
C32 CDL RA . 8.75 36.86 -2.07
C33 CDL RA . 9.42 37.37 -0.81
C34 CDL RA . 10.88 37.02 -0.69
C35 CDL RA . 11.15 35.57 -0.31
C36 CDL RA . 11.58 35.37 1.14
C37 CDL RA . 11.45 33.95 1.65
C38 CDL RA . 12.30 33.64 2.87
C39 CDL RA . 12.07 32.26 3.47
C40 CDL RA . 13.22 31.75 4.33
C41 CDL RA . 13.26 30.23 4.49
C42 CDL RA . 14.27 29.74 5.53
C43 CDL RA . 14.59 28.27 5.46
C44 CDL RA . 16.05 27.96 5.20
C45 CDL RA . 16.45 26.50 5.44
C46 CDL RA . 17.91 26.24 5.72
C47 CDL RA . 18.22 25.89 7.16
CB2 CDL RA . 8.58 24.74 0.70
OB2 CDL RA . 9.08 23.39 0.44
PB2 CDL RA . 8.82 22.24 1.55
OB3 CDL RA . 7.41 21.75 1.39
OB4 CDL RA . 9.29 22.81 2.88
OB5 CDL RA . 9.79 21.00 1.24
CB3 CDL RA . 9.93 19.94 2.24
CB4 CDL RA . 9.56 18.59 1.65
OB6 CDL RA . 8.12 18.41 1.72
CB5 CDL RA . 7.45 17.97 0.64
OB7 CDL RA . 7.84 18.16 -0.48
C51 CDL RA . 6.16 17.27 0.98
C52 CDL RA . 5.89 16.04 0.15
C53 CDL RA . 5.09 16.32 -1.12
C54 CDL RA . 3.61 16.68 -0.90
C55 CDL RA . 3.32 18.16 -0.84
C56 CDL RA . 2.36 18.68 -1.91
C57 CDL RA . 2.42 20.19 -2.15
C58 CDL RA . 1.96 20.66 -3.52
C59 CDL RA . 2.06 22.16 -3.73
C60 CDL RA . 1.75 22.63 -5.14
C61 CDL RA . 1.47 24.12 -5.28
C62 CDL RA . 2.66 25.02 -4.99
C63 CDL RA . 2.55 25.83 -3.70
C64 CDL RA . 1.75 27.12 -3.82
C65 CDL RA . 2.57 28.36 -4.19
C66 CDL RA . 1.99 29.69 -3.76
C67 CDL RA . 2.96 30.58 -3.01
CB6 CDL RA . 10.21 17.42 2.37
OB8 CDL RA . 10.24 16.29 1.48
CB7 CDL RA . 10.89 15.20 1.88
OB9 CDL RA . 12.09 15.16 2.03
C71 CDL RA . 9.94 14.04 2.13
C72 CDL RA . 10.41 13.07 3.18
C73 CDL RA . 10.03 13.49 4.60
C74 CDL RA . 10.66 12.64 5.69
C75 CDL RA . 10.29 13.07 7.10
C76 CDL RA . 9.41 12.08 7.85
C77 CDL RA . 9.76 11.90 9.32
C78 CDL RA . 8.94 10.81 9.98
C79 CDL RA . 9.63 9.47 10.07
C80 CDL RA . 9.70 8.70 8.75
C81 CDL RA . 9.69 7.17 8.90
C82 CDL RA . 11.02 6.49 8.57
C83 CDL RA . 11.16 5.05 9.07
C84 CDL RA . 12.14 4.17 8.31
C85 CDL RA . 12.29 2.76 8.85
C86 CDL RA . 13.72 2.20 8.82
C87 CDL RA . 13.90 0.72 9.16
C1 DMU SA . 9.79 -4.97 14.72
C2 DMU SA . 11.26 -4.58 15.03
C3 DMU SA . 12.09 -3.99 13.90
C4 DMU SA . 11.22 -3.10 13.02
O5 DMU SA . 9.97 -3.72 12.68
C6 DMU SA . 9.07 -4.03 13.76
O7 DMU SA . 13.11 -3.19 14.52
O16 DMU SA . 8.59 -2.86 14.49
C18 DMU SA . 7.34 -2.31 14.03
C19 DMU SA . 7.56 -1.31 12.87
C22 DMU SA . 6.28 -0.69 12.30
C25 DMU SA . 6.62 0.58 11.53
C28 DMU SA . 6.08 1.79 12.24
C31 DMU SA . 6.23 2.98 11.31
C34 DMU SA . 6.29 4.39 11.90
C37 DMU SA . 5.97 5.34 10.76
C40 DMU SA . 4.48 5.20 10.32
C43 DMU SA . 4.27 4.81 8.86
O49 DMU SA . 8.95 -5.03 15.91
O55 DMU SA . 12.04 -5.69 15.50
C57 DMU SA . 11.99 -2.68 11.74
O61 DMU SA . 12.10 -3.76 10.79
C5 DMU SA . 15.38 -3.74 13.85
C7 DMU SA . 16.73 -4.39 14.20
C8 DMU SA . 16.65 -5.21 15.50
C9 DMU SA . 15.29 -5.95 15.70
O1 DMU SA . 14.14 -5.08 15.59
C10 DMU SA . 14.34 -3.77 15.01
O2 DMU SA . 17.72 -6.17 15.52
O3 DMU SA . 15.58 -2.36 13.46
O4 DMU SA . 17.81 -3.42 14.27
C11 DMU SA . 15.30 -6.78 17.02
O6 DMU SA . 14.23 -6.45 17.94
C1 DMU TA . -35.03 23.97 32.29
C2 DMU TA . -34.86 24.50 30.86
C3 DMU TA . -33.40 24.74 30.46
C4 DMU TA . -32.48 23.59 30.92
O5 DMU TA . -33.24 22.51 31.54
C6 DMU TA . -34.07 22.82 32.66
O7 DMU TA . -33.32 24.88 29.02
O16 DMU TA . -34.75 21.60 33.02
C18 DMU TA . -34.89 21.27 34.40
C19 DMU TA . -33.85 20.23 34.83
C22 DMU TA . -34.40 18.93 35.45
C25 DMU TA . -33.29 17.87 35.48
C28 DMU TA . -33.70 16.61 36.26
C31 DMU TA . -33.04 15.31 35.76
C34 DMU TA . -31.76 14.89 36.52
C37 DMU TA . -31.62 13.35 36.61
C40 DMU TA . -30.51 12.83 37.56
C43 DMU TA . -30.91 12.86 39.02
O49 DMU TA . -36.41 23.57 32.41
O55 DMU TA . -35.56 25.74 30.71
C57 DMU TA . -31.33 24.05 31.84
O61 DMU TA . -30.26 24.67 31.09
C5 DMU TA . -34.33 26.33 27.35
C7 DMU TA . -34.19 27.61 26.49
C8 DMU TA . -32.88 28.39 26.74
C9 DMU TA . -31.65 27.48 26.95
O1 DMU TA . -31.89 26.43 27.92
C10 DMU TA . -33.24 26.20 28.44
O2 DMU TA . -32.65 29.28 25.63
O3 DMU TA . -35.63 26.25 27.96
O4 DMU TA . -35.32 28.50 26.70
C11 DMU TA . -30.40 28.29 27.33
O6 DMU TA . -29.27 27.45 27.55
P PEK UA . 1.81 -2.13 12.90
N PEK UA . 5.58 -4.88 14.99
C01 PEK UA . -2.82 -2.81 12.64
C02 PEK UA . -2.02 -1.83 11.81
C03 PEK UA . -0.74 -1.39 12.51
C04 PEK UA . 3.83 -3.38 14.08
C05 PEK UA . 4.14 -4.60 14.93
O01 PEK UA . -2.86 -0.67 11.48
O02 PEK UA . -2.21 -0.72 9.34
O03 PEK UA . -4.15 -2.92 12.09
O04 PEK UA . -4.63 -5.11 12.09
O11 PEK UA . 0.24 -2.48 12.66
O12 PEK UA . 2.44 -3.43 13.62
O13 PEK UA . 2.48 -1.95 11.56
O14 PEK UA . 1.90 -1.04 13.93
C1 PEK UA . -2.98 -0.32 10.18
C2 PEK UA . -4.17 0.57 9.87
C3 PEK UA . -4.08 1.32 8.53
C4 PEK UA . -5.27 1.02 7.57
C5 PEK UA . -5.56 2.12 6.56
C6 PEK UA . -6.41 2.06 5.55
C7 PEK UA . -6.92 3.22 4.70
C8 PEK UA . -7.58 4.34 5.50
C9 PEK UA . -8.78 4.92 5.28
C10 PEK UA . -9.77 4.62 4.20
C11 PEK UA . -9.41 5.11 2.81
C12 PEK UA . -10.20 5.06 1.74
C13 PEK UA . -9.76 5.22 0.30
C14 PEK UA . -8.97 6.48 0.06
C15 PEK UA . -8.85 7.11 -1.10
C16 PEK UA . -7.83 8.17 -1.40
C17 PEK UA . -7.23 8.11 -2.79
C18 PEK UA . -5.87 7.42 -2.90
C19 PEK UA . -4.68 8.33 -3.04
C20 PEK UA . -3.36 7.63 -2.81
C21 PEK UA . -4.48 -4.07 11.48
C22 PEK UA . -4.65 -3.89 9.98
C23 PEK UA . -6.05 -3.54 9.55
C24 PEK UA . -6.33 -3.85 8.08
C25 PEK UA . -7.45 -3.03 7.47
C26 PEK UA . -7.70 -3.25 5.97
C27 PEK UA . -8.82 -4.23 5.63
C28 PEK UA . -10.03 -3.62 4.94
C29 PEK UA . -10.72 -4.55 3.94
C30 PEK UA . -12.11 -5.04 4.33
C31 PEK UA . -12.15 -6.42 4.98
C32 PEK UA . -12.52 -7.58 4.06
C33 PEK UA . -13.12 -8.78 4.78
C34 PEK UA . -12.21 -9.43 5.80
C35 PEK UA . -12.88 -9.78 7.12
C36 PEK UA . -11.91 -10.02 8.27
C37 PEK UA . -10.96 -11.19 8.11
C38 PEK UA . -11.25 -12.33 9.06
CA1 TGL VA . -48.49 -37.02 4.46
CA2 TGL VA . -49.16 -35.81 3.85
CA3 TGL VA . -48.31 -34.57 3.87
CA4 TGL VA . -48.55 -33.65 2.68
CA5 TGL VA . -48.45 -32.17 3.01
CA6 TGL VA . -47.41 -31.39 2.24
CA7 TGL VA . -47.15 -30.00 2.79
CA8 TGL VA . -46.11 -29.20 2.05
CA9 TGL VA . -46.66 -28.05 1.21
OA1 TGL VA . -47.70 -37.73 3.88
CB1 TGL VA . -50.28 -39.08 8.08
CB2 TGL VA . -51.20 -37.89 7.91
CB3 TGL VA . -50.80 -36.67 8.70
CB4 TGL VA . -50.57 -35.44 7.84
CB5 TGL VA . -50.83 -34.13 8.56
CB6 TGL VA . -50.32 -32.91 7.81
CB7 TGL VA . -51.22 -32.43 6.71
CB8 TGL VA . -50.65 -31.29 5.87
CB9 TGL VA . -51.55 -30.06 5.76
C10 TGL VA . -50.90 -28.88 5.10
C11 TGL VA . -51.85 -27.92 4.44
C12 TGL VA . -51.17 -26.81 3.66
C13 TGL VA . -51.95 -26.31 2.45
C14 TGL VA . -53.33 -25.78 2.77
OB1 TGL VA . -50.65 -40.22 7.94
OG1 TGL VA . -48.89 -37.25 5.71
CG1 TGL VA . -47.86 -37.46 6.69
CG2 TGL VA . -48.03 -38.85 7.28
OG2 TGL VA . -49.01 -38.78 8.37
CG3 TGL VA . -46.75 -39.46 7.81
OG3 TGL VA . -46.90 -40.90 7.85
CC1 TGL VA . -46.44 -41.52 8.94
CC2 TGL VA . -45.22 -42.35 8.69
CC3 TGL VA . -45.13 -42.97 7.31
CC4 TGL VA . -43.94 -42.47 6.50
CC5 TGL VA . -44.21 -41.21 5.70
CC6 TGL VA . -45.43 -41.27 4.82
CC7 TGL VA . -45.32 -40.50 3.53
CC8 TGL VA . -44.12 -40.86 2.68
CC9 TGL VA . -44.42 -41.00 1.21
C15 TGL VA . -45.25 -42.21 0.86
C16 TGL VA . -46.54 -41.90 0.14
C17 TGL VA . -47.33 -43.13 -0.30
C18 TGL VA . -47.08 -43.55 -1.74
C19 TGL VA . -47.90 -42.80 -2.78
OC1 TGL VA . -46.95 -41.42 10.03
C20 TGL VA . -45.58 -27.21 0.50
C21 TGL VA . -45.93 -26.77 -0.91
C22 TGL VA . -44.92 -27.16 -1.97
C23 TGL VA . -44.67 -28.66 -2.11
C24 TGL VA . -45.91 -29.56 -2.11
C25 TGL VA . -45.66 -31.00 -2.54
C26 TGL VA . -46.08 -32.07 -1.54
C27 TGL VA . -45.85 -33.50 -2.01
C28 TGL VA . -46.82 -34.52 -1.46
C29 TGL VA . -54.46 -26.73 2.44
C30 TGL VA . -55.72 -26.55 3.29
C31 TGL VA . -56.57 -25.36 2.89
C32 TGL VA . -57.75 -25.68 2.00
C33 TGL VA . -47.50 -43.09 -4.21
C34 TGL VA . -47.54 -41.87 -5.13
C35 TGL VA . -48.93 -41.33 -5.39
C36 TGL VA . -49.17 -40.92 -6.83
ZN ZN WA . -15.36 -42.45 14.62
C1 DMU XA . -22.62 26.50 23.10
C2 DMU XA . -23.37 27.68 23.75
C3 DMU XA . -22.59 28.32 24.90
C4 DMU XA . -22.04 27.25 25.87
O5 DMU XA . -21.39 26.15 25.18
C6 DMU XA . -22.08 25.47 24.11
O7 DMU XA . -21.52 29.15 24.36
O16 DMU XA . -21.18 24.53 23.46
C18 DMU XA . -21.71 23.25 23.10
C19 DMU XA . -20.77 22.12 23.52
C22 DMU XA . -20.62 21.00 22.48
C25 DMU XA . -20.88 19.57 23.01
C28 DMU XA . -20.16 18.51 22.16
C31 DMU XA . -20.87 17.15 22.10
C34 DMU XA . -20.02 16.09 21.37
C37 DMU XA . -20.79 14.85 20.86
C40 DMU XA . -19.89 13.62 20.70
C43 DMU XA . -20.28 12.77 19.52
O49 DMU XA . -21.52 27.00 22.31
O55 DMU XA . -24.67 27.28 24.23
C57 DMU XA . -23.13 26.74 26.84
O61 DMU XA . -22.56 26.04 27.95
C5 DMU XA . -22.16 31.03 22.88
C7 DMU XA . -21.53 32.31 22.35
C8 DMU XA . -20.04 32.45 22.66
C9 DMU XA . -19.57 31.42 23.68
O1 DMU XA . -20.56 31.30 24.71
C10 DMU XA . -21.74 30.59 24.29
O2 DMU XA . -19.27 32.31 21.46
O3 DMU XA . -23.58 31.22 22.88
O4 DMU XA . -22.22 33.47 22.86
C11 DMU XA . -18.22 31.80 24.29
O6 DMU XA . -17.30 30.71 24.13
P PGV YA . -19.54 11.28 -13.30
C01 PGV YA . -17.73 10.30 -9.07
C02 PGV YA . -17.99 10.28 -10.57
C03 PGV YA . -19.45 10.09 -10.91
C04 PGV YA . -21.31 12.10 -15.08
C05 PGV YA . -22.25 11.66 -16.19
C06 PGV YA . -21.77 10.45 -16.97
O01 PGV YA . -17.20 9.21 -11.17
O02 PGV YA . -16.40 9.04 -13.26
O03 PGV YA . -17.81 8.95 -8.55
O04 PGV YA . -15.65 8.43 -8.48
O05 PGV YA . -22.45 12.76 -17.08
O06 PGV YA . -21.55 10.76 -18.34
O11 PGV YA . -19.65 9.97 -12.35
O12 PGV YA . -20.60 10.98 -14.46
O13 PGV YA . -20.01 12.53 -12.59
O14 PGV YA . -18.18 11.26 -13.92
C1 PGV YA . -16.31 9.50 -12.15
C2 PGV YA . -15.17 10.39 -11.73
C3 PGV YA . -14.99 11.62 -12.59
C4 PGV YA . -14.19 11.35 -13.86
C5 PGV YA . -12.68 11.51 -13.74
C6 PGV YA . -11.96 10.41 -12.95
C7 PGV YA . -12.15 9.00 -13.47
C8 PGV YA . -11.70 7.91 -12.53
C9 PGV YA . -12.80 7.33 -11.63
C10 PGV YA . -12.48 5.98 -11.03
C11 PGV YA . -12.31 6.00 -9.55
C12 PGV YA . -12.41 4.96 -8.74
C13 PGV YA . -12.73 3.56 -9.15
C14 PGV YA . -12.33 2.50 -8.17
C15 PGV YA . -13.48 1.72 -7.55
C16 PGV YA . -13.83 0.40 -8.24
C17 PGV YA . -14.84 -0.46 -7.47
C18 PGV YA . -15.87 -1.24 -8.30
C19 PGV YA . -16.73 8.43 -7.97
C20 PGV YA . -17.07 7.82 -6.62
C21 PGV YA . -15.94 7.84 -5.62
C22 PGV YA . -15.20 6.51 -5.54
C23 PGV YA . -15.90 5.40 -4.76
C24 PGV YA . -15.49 3.99 -5.15
C25 PGV YA . -16.51 2.89 -4.86
C26 PGV YA . -16.04 1.82 -3.89
C27 PGV YA . -15.77 2.34 -2.49
C28 PGV YA . -15.58 1.29 -1.43
C29 PGV YA . -14.15 0.82 -1.25
C30 PGV YA . -13.76 0.46 0.17
C31 PGV YA . -12.36 -0.11 0.32
C32 PGV YA . -11.51 0.51 1.43
C33 PGV YA . -10.73 1.73 1.02
C34 PGV YA . -9.29 1.45 0.66
C1A SAC ZA . -47.57 -75.37 -6.76
C2A SAC ZA . -47.55 -75.28 -8.25
OAC SAC ZA . -48.18 -76.27 -6.18
N SAC ZA . -46.89 -74.43 -6.08
CA SAC ZA . -46.69 -74.48 -4.65
C SAC ZA . -48.00 -74.13 -3.90
O SAC ZA . -47.99 -74.18 -2.66
CB SAC ZA . -45.56 -73.56 -4.18
OG SAC ZA . -44.61 -74.27 -3.40
C1 CHD AB . -33.74 5.97 46.02
C2 CHD AB . -33.97 4.95 47.14
C3 CHD AB . -33.00 5.09 48.29
O3 CHD AB . -32.95 3.82 48.98
C4 CHD AB . -31.56 5.44 47.89
C5 CHD AB . -31.36 6.29 46.62
C6 CHD AB . -29.88 6.23 46.19
C7 CHD AB . -29.47 4.88 45.61
O7 CHD AB . -29.34 3.88 46.64
C8 CHD AB . -30.45 4.40 44.52
C9 CHD AB . -31.92 4.49 44.96
C10 CHD AB . -32.32 5.92 45.45
C11 CHD AB . -32.87 3.89 43.90
C12 CHD AB . -32.50 2.48 43.44
O12 CHD AB . -32.71 1.53 44.52
C13 CHD AB . -31.04 2.43 42.95
C14 CHD AB . -30.14 2.97 44.08
C15 CHD AB . -28.72 2.64 43.64
C16 CHD AB . -28.87 1.33 42.84
C17 CHD AB . -30.39 1.00 42.80
C18 CHD AB . -30.93 3.24 41.64
C19 CHD AB . -32.26 6.97 44.32
C20 CHD AB . -30.76 0.08 41.64
C21 CHD AB . -32.26 -0.27 41.60
C22 CHD AB . -29.93 -1.21 41.69
C23 CHD AB . -30.23 -2.11 42.88
O25 CHD AB . -28.15 -1.90 44.00
C24 CHD AB . -28.99 -2.69 43.51
O26 CHD AB . -28.84 -3.93 43.48
CA1 TGL BB . -40.70 -10.42 31.90
CA2 TGL BB . -41.24 -9.94 30.57
CA3 TGL BB . -42.04 -10.98 29.82
CA4 TGL BB . -43.53 -10.90 30.12
CA5 TGL BB . -44.23 -12.24 30.10
CA6 TGL BB . -44.60 -12.73 28.70
CA7 TGL BB . -44.08 -14.09 28.33
CA8 TGL BB . -43.51 -14.19 26.91
CA9 TGL BB . -43.98 -15.40 26.12
OA1 TGL BB . -39.75 -11.14 32.00
CB1 TGL BB . -41.42 -7.31 35.47
CB2 TGL BB . -40.53 -6.80 34.35
CB3 TGL BB . -39.04 -6.86 34.64
CB4 TGL BB . -38.16 -6.88 33.38
CB5 TGL BB . -37.43 -8.19 33.11
CB6 TGL BB . -36.83 -8.34 31.72
CB7 TGL BB . -37.86 -8.52 30.60
CB8 TGL BB . -37.28 -8.46 29.19
CB9 TGL BB . -37.72 -7.29 28.34
C10 TGL BB . -37.96 -7.62 26.89
C11 TGL BB . -38.28 -6.43 26.02
C12 TGL BB . -39.71 -5.92 26.14
C13 TGL BB . -40.24 -5.22 24.90
C14 TGL BB . -40.28 -3.72 24.99
OB1 TGL BB . -41.41 -6.86 36.58
OG1 TGL BB . -41.41 -9.96 32.94
CG1 TGL BB . -40.80 -10.10 34.25
CG2 TGL BB . -41.77 -9.69 35.34
OG2 TGL BB . -42.24 -8.33 35.11
CG3 TGL BB . -42.90 -10.70 35.53
OG3 TGL BB . -42.65 -11.43 36.76
CC1 TGL BB . -42.85 -12.75 36.77
CC2 TGL BB . -42.29 -13.40 38.03
CC3 TGL BB . -40.98 -14.11 37.84
CC4 TGL BB . -40.10 -14.10 39.09
CC5 TGL BB . -39.52 -12.75 39.43
CC6 TGL BB . -38.44 -12.77 40.48
CC7 TGL BB . -38.61 -11.78 41.61
CC8 TGL BB . -38.18 -10.36 41.27
CC9 TGL BB . -39.31 -9.36 41.13
C15 TGL BB . -39.63 -8.94 39.71
C16 TGL BB . -38.54 -8.11 39.02
C17 TGL BB . -38.79 -6.62 39.02
C18 TGL BB . -37.57 -5.76 38.68
C19 TGL BB . -36.41 -5.89 39.65
OC1 TGL BB . -43.45 -13.36 35.93
C20 TGL BB . -43.35 -15.52 24.75
C21 TGL BB . -42.08 -16.32 24.74
C22 TGL BB . -41.77 -17.04 23.45
C23 TGL BB . -40.42 -16.70 22.88
C24 TGL BB . -39.24 -17.11 23.73
C25 TGL BB . -39.13 -18.59 23.94
C26 TGL BB . -37.78 -19.07 24.43
C27 TGL BB . -37.77 -19.61 25.83
C28 TGL BB . -36.41 -19.55 26.52
C29 TGL BB . -39.11 -3.02 24.34
C30 TGL BB . -39.07 -1.53 24.56
C31 TGL BB . -40.13 -0.72 23.86
C32 TGL BB . -40.65 0.45 24.68
C33 TGL BB . -36.74 -5.63 41.11
C34 TGL BB . -36.72 -6.85 42.02
C35 TGL BB . -37.64 -6.76 43.22
C36 TGL BB . -37.38 -7.82 44.27
C1 DMU CB . -64.51 -2.75 19.86
C2 DMU CB . -65.68 -2.31 20.70
C3 DMU CB . -66.80 -2.11 19.68
C4 DMU CB . -67.32 -3.38 19.08
O5 DMU CB . -66.32 -4.38 19.10
C6 DMU CB . -65.00 -3.85 18.88
O7 DMU CB . -67.92 -1.68 20.39
O16 DMU CB . -64.07 -4.93 18.81
C18 DMU CB . -64.71 -6.12 18.40
C19 DMU CB . -63.71 -6.89 17.59
C22 DMU CB . -63.36 -6.03 16.42
C25 DMU CB . -63.10 -6.91 15.23
C28 DMU CB . -61.69 -6.57 14.85
C31 DMU CB . -61.09 -7.30 13.68
C34 DMU CB . -59.97 -6.46 13.12
C37 DMU CB . -58.91 -6.01 14.17
C40 DMU CB . -57.58 -5.58 13.55
C43 DMU CB . -57.74 -5.13 12.10
O49 DMU CB . -63.42 -3.24 20.65
O55 DMU CB . -65.47 -1.14 21.54
C57 DMU CB . -67.90 -3.06 17.70
O61 DMU CB . -68.55 -4.20 17.13
C5 DMU CB . -68.21 0.38 21.42
C7 DMU CB . -69.29 -0.08 22.38
C8 DMU CB . -70.63 0.19 21.69
C9 DMU CB . -70.71 -0.71 20.47
O1 DMU CB . -69.65 -0.31 19.59
C10 DMU CB . -68.32 -0.34 20.10
O2 DMU CB . -71.74 0.01 22.57
O3 DMU CB . -68.32 1.75 21.15
O4 DMU CB . -69.05 0.62 23.61
C11 DMU CB . -72.04 -0.60 19.73
O6 DMU CB . -71.88 -0.34 18.31
CU CU DB . 25.07 17.34 -7.02
MG MG EB . 24.07 23.19 -18.10
NA NA FB . 43.28 26.34 -26.49
CA1 TGL GB . 50.72 -8.31 -14.65
CA2 TGL GB . 51.42 -7.24 -15.46
CA3 TGL GB . 52.83 -6.96 -15.03
CA4 TGL GB . 52.99 -6.74 -13.53
CA5 TGL GB . 52.15 -5.63 -12.93
CA6 TGL GB . 52.23 -5.53 -11.42
CA7 TGL GB . 52.44 -4.13 -10.90
CA8 TGL GB . 52.04 -3.93 -9.46
CA9 TGL GB . 51.70 -2.51 -9.10
OA1 TGL GB . 50.46 -8.26 -13.48
CB1 TGL GB . 46.18 -11.21 -14.69
CB2 TGL GB . 45.77 -9.90 -14.08
CB3 TGL GB . 44.77 -9.12 -14.89
CB4 TGL GB . 44.36 -7.82 -14.22
CB5 TGL GB . 44.99 -6.57 -14.80
CB6 TGL GB . 44.28 -6.02 -16.02
CB7 TGL GB . 44.26 -4.51 -16.13
CB8 TGL GB . 44.30 -3.99 -17.55
CB9 TGL GB . 43.02 -4.21 -18.34
C10 TGL GB . 42.55 -2.99 -19.11
C11 TGL GB . 41.33 -3.20 -19.98
C12 TGL GB . 41.62 -3.35 -21.46
C13 TGL GB . 41.21 -2.17 -22.32
C14 TGL GB . 41.89 -0.84 -21.98
OB1 TGL GB . 45.64 -12.25 -14.43
OG1 TGL GB . 50.36 -9.35 -15.42
CG1 TGL GB . 48.94 -9.53 -15.61
CG2 TGL GB . 48.54 -10.91 -15.12
OG2 TGL GB . 47.18 -11.14 -15.58
CG3 TGL GB . 49.45 -12.00 -15.64
OG3 TGL GB . 50.51 -12.24 -14.68
CC1 TGL GB . 51.63 -12.79 -15.14
CC2 TGL GB . 52.82 -11.87 -14.95
CC3 TGL GB . 54.14 -12.60 -14.98
CC4 TGL GB . 54.48 -13.25 -13.66
CC5 TGL GB . 55.30 -14.50 -13.77
CC6 TGL GB . 54.57 -15.77 -13.39
CC7 TGL GB . 54.49 -16.03 -11.89
CC8 TGL GB . 55.03 -17.36 -11.43
CC9 TGL GB . 54.80 -18.52 -12.37
C15 TGL GB . 53.37 -18.66 -12.89
C16 TGL GB . 53.23 -18.62 -14.40
C17 TGL GB . 51.98 -17.93 -14.89
C18 TGL GB . 51.97 -17.56 -16.36
C19 TGL GB . 50.59 -17.32 -16.93
OC1 TGL GB . 51.69 -13.89 -15.63
C20 TGL GB . 51.43 -2.30 -7.62
C21 TGL GB . 50.04 -1.81 -7.29
C22 TGL GB . 48.99 -2.90 -7.15
C23 TGL GB . 49.19 -3.85 -5.98
C24 TGL GB . 49.32 -3.19 -4.63
C25 TGL GB . 49.35 -4.11 -3.44
C26 TGL GB . 49.45 -5.59 -3.76
C27 TGL GB . 49.29 -6.46 -2.54
C28 TGL GB . 47.97 -7.22 -2.48
C29 TGL GB . 41.50 0.33 -22.87
C30 TGL GB . 40.76 1.47 -22.19
C31 TGL GB . 40.91 2.84 -22.84
C32 TGL GB . 39.64 3.64 -22.98
C33 TGL GB . 50.54 -16.50 -18.21
C34 TGL GB . 49.33 -15.59 -18.34
C35 TGL GB . 47.98 -16.29 -18.39
C36 TGL GB . 47.27 -16.19 -19.73
P PGV HB . 27.48 -17.32 -5.46
C01 PGV HB . 24.00 -14.41 -4.65
C02 PGV HB . 24.11 -15.67 -5.50
C03 PGV HB . 24.95 -16.74 -4.86
C04 PGV HB . 27.51 -18.64 -3.20
C05 PGV HB . 27.06 -19.95 -2.59
C06 PGV HB . 25.81 -20.53 -3.20
O01 PGV HB . 24.77 -15.44 -6.77
O02 PGV HB . 22.99 -16.19 -7.86
O03 PGV HB . 22.96 -13.54 -5.14
O04 PGV HB . 21.38 -14.83 -4.22
O05 PGV HB . 26.86 -19.75 -1.20
O06 PGV HB . 25.90 -21.94 -3.32
O11 PGV HB . 26.31 -16.30 -5.07
O12 PGV HB . 27.21 -18.65 -4.62
O13 PGV HB . 28.58 -16.49 -4.84
O14 PGV HB . 27.43 -17.61 -6.92
C1 PGV HB . 24.02 -15.59 -7.89
C2 PGV HB . 24.62 -14.95 -9.12
C3 PGV HB . 24.40 -15.72 -10.37
C4 PGV HB . 24.68 -14.90 -11.61
C5 PGV HB . 24.52 -15.66 -12.93
C6 PGV HB . 24.94 -14.88 -14.18
C7 PGV HB . 24.15 -13.60 -14.42
C8 PGV HB . 24.94 -12.49 -15.03
C9 PGV HB . 25.11 -12.60 -16.55
C10 PGV HB . 24.89 -11.29 -17.29
C11 PGV HB . 26.13 -10.46 -17.46
C12 PGV HB . 26.18 -9.15 -17.63
C13 PGV HB . 25.04 -8.17 -17.64
C14 PGV HB . 24.06 -8.41 -18.75
C15 PGV HB . 23.46 -7.16 -19.36
C16 PGV HB . 23.76 -6.98 -20.83
C17 PGV HB . 22.93 -7.85 -21.75
C18 PGV HB . 22.83 -7.37 -23.18
C19 PGV HB . 21.69 -13.84 -4.83
C20 PGV HB . 20.68 -12.86 -5.42
C21 PGV HB . 21.24 -12.02 -6.54
C22 PGV HB . 20.82 -12.49 -7.92
C23 PGV HB . 21.11 -11.50 -9.01
C24 PGV HB . 21.04 -12.09 -10.40
C25 PGV HB . 22.14 -11.65 -11.36
C26 PGV HB . 21.69 -10.72 -12.45
C27 PGV HB . 22.52 -9.47 -12.61
C28 PGV HB . 21.78 -8.32 -13.23
C29 PGV HB . 21.00 -7.47 -12.23
C30 PGV HB . 20.00 -6.51 -12.85
C31 PGV HB . 19.62 -5.36 -11.94
C32 PGV HB . 18.67 -4.36 -12.55
C33 PGV HB . 19.20 -2.95 -12.64
C34 PGV HB . 19.97 -2.69 -13.92
FE HEA IB . 29.10 19.18 -5.80
CHA HEA IB . 28.33 20.24 -8.95
CHB HEA IB . 26.71 21.35 -4.50
CHC HEA IB . 29.86 18.11 -2.70
CHD HEA IB . 31.07 16.61 -7.23
NA HEA IB . 27.74 20.56 -6.57
C1A HEA IB . 27.57 20.88 -7.86
C2A HEA IB . 26.53 21.87 -8.17
C3A HEA IB . 26.05 22.20 -6.86
C4A HEA IB . 26.85 21.34 -5.95
CMA HEA IB . 24.89 23.08 -6.65
OMA HEA IB . 24.17 22.92 -5.70
CAA HEA IB . 26.06 22.38 -9.47
CBA HEA IB . 26.92 23.53 -9.97
CGA HEA IB . 26.40 23.84 -11.35
O1A HEA IB . 26.11 22.96 -12.12
O2A HEA IB . 26.24 25.10 -11.72
NB HEA IB . 28.41 19.67 -3.88
C1B HEA IB . 27.46 20.54 -3.55
C2B HEA IB . 27.19 20.72 -2.14
C3B HEA IB . 28.12 19.77 -1.53
C4B HEA IB . 28.82 19.18 -2.74
CMB HEA IB . 26.17 21.66 -1.48
NC HEA IB . 30.29 17.64 -5.09
C1C HEA IB . 30.48 17.35 -3.79
C2C HEA IB . 31.37 16.15 -3.55
C3C HEA IB . 31.72 15.71 -4.90
C4C HEA IB . 31.03 16.71 -5.76
CMC HEA IB . 31.78 15.59 -2.22
CAC HEA IB . 32.56 14.59 -5.43
CBC HEA IB . 33.10 13.59 -4.72
ND HEA IB . 29.62 18.51 -7.71
C1D HEA IB . 30.38 17.49 -8.13
C2D HEA IB . 30.53 17.36 -9.61
C3D HEA IB . 29.69 18.47 -10.11
C4D HEA IB . 29.22 19.09 -8.87
CMD HEA IB . 31.32 16.35 -10.38
CAD HEA IB . 29.38 18.94 -11.52
CBD HEA IB . 28.69 17.85 -12.32
CGD HEA IB . 28.66 18.32 -13.74
O1D HEA IB . 29.35 17.76 -14.59
O2D HEA IB . 27.88 19.37 -14.02
C11 HEA IB . 28.18 19.55 -0.06
O11 HEA IB . 27.80 18.21 0.27
C12 HEA IB . 29.50 19.76 0.67
C13 HEA IB . 29.30 19.83 2.24
C14 HEA IB . 30.53 20.37 3.03
C15 HEA IB . 30.59 21.61 3.56
C16 HEA IB . 31.83 22.05 4.30
C17 HEA IB . 32.01 21.28 5.61
C18 HEA IB . 31.11 21.88 6.65
C19 HEA IB . 31.52 22.65 7.67
C20 HEA IB . 30.50 23.20 8.64
C21 HEA IB . 30.18 24.71 8.43
C22 HEA IB . 29.63 25.07 7.04
C23 HEA IB . 28.60 25.96 6.81
C24 HEA IB . 27.84 26.68 7.90
C25 HEA IB . 28.19 26.23 5.40
C26 HEA IB . 29.45 22.60 3.47
C27 HEA IB . 32.96 22.98 7.90
FE HEA JB . 39.09 16.36 -14.28
CHA HEA JB . 36.64 18.04 -16.18
CHB HEA JB . 41.37 18.65 -15.20
CHC HEA JB . 41.37 14.86 -12.12
CHD HEA JB . 36.58 14.24 -13.17
NA HEA JB . 39.04 18.06 -15.47
C1A HEA JB . 38.00 18.60 -16.18
C2A HEA JB . 38.28 19.83 -16.95
C3A HEA JB . 39.69 19.97 -16.63
C4A HEA JB . 40.05 18.85 -15.75
CMA HEA JB . 40.61 21.02 -17.08
OMA HEA JB . 41.75 20.97 -16.63
CAA HEA JB . 37.38 20.70 -17.78
CBA HEA JB . 37.12 20.24 -19.22
CGA HEA JB . 36.26 21.35 -19.81
O1A HEA JB . 35.10 21.50 -19.35
O2A HEA JB . 36.77 22.17 -20.76
NB HEA JB . 41.07 16.68 -13.74
C1B HEA JB . 41.82 17.65 -14.24
C2B HEA JB . 43.20 17.70 -13.73
C3B HEA JB . 43.27 16.57 -12.78
C4B HEA JB . 41.88 16.02 -12.88
CMB HEA JB . 44.24 18.70 -14.15
NC HEA JB . 39.01 14.83 -12.89
C1C HEA JB . 39.97 14.34 -12.11
C2C HEA JB . 39.50 13.24 -11.19
C3C HEA JB . 38.09 13.08 -11.51
C4C HEA JB . 37.92 14.09 -12.57
CMC HEA JB . 40.33 12.50 -10.19
CAC HEA JB . 37.00 12.18 -10.99
CBC HEA JB . 37.17 11.41 -9.95
ND HEA JB . 37.02 16.18 -14.64
C1D HEA JB . 36.17 15.26 -14.12
C2D HEA JB . 34.75 15.32 -14.49
C3D HEA JB . 34.75 16.48 -15.40
C4D HEA JB . 36.18 16.90 -15.41
CMD HEA JB . 33.66 14.37 -14.00
CAD HEA JB . 33.60 17.08 -16.16
CBD HEA JB . 33.57 16.43 -17.54
CGD HEA JB . 32.65 17.16 -18.48
O1D HEA JB . 32.55 18.39 -18.51
O2D HEA JB . 31.93 16.47 -19.30
C11 HEA JB . 44.50 16.15 -12.04
O11 HEA JB . 44.36 16.18 -10.65
C12 HEA JB . 44.81 14.72 -12.42
C13 HEA JB . 46.08 14.26 -11.71
C14 HEA JB . 46.16 12.76 -11.54
C15 HEA JB . 45.92 12.11 -10.38
C16 HEA JB . 46.08 10.60 -10.40
C17 HEA JB . 45.01 9.90 -9.57
C18 HEA JB . 45.30 8.43 -9.54
C19 HEA JB . 46.26 7.90 -8.77
C20 HEA JB . 46.46 6.41 -8.80
C21 HEA JB . 46.51 5.90 -7.37
C22 HEA JB . 46.55 4.39 -7.42
C23 HEA JB . 46.92 3.60 -6.38
C24 HEA JB . 47.31 4.12 -5.02
C25 HEA JB . 46.91 2.11 -6.61
C26 HEA JB . 45.48 12.76 -9.07
C27 HEA JB . 47.17 8.73 -7.88
O OH KB . 27.59 17.64 -6.04
CA1 TGL LB . 56.61 18.82 11.32
CA2 TGL LB . 56.51 19.14 9.85
CA3 TGL LB . 55.69 20.38 9.55
CA4 TGL LB . 54.19 20.13 9.56
CA5 TGL LB . 53.62 19.62 8.23
CA6 TGL LB . 52.29 20.25 7.83
CA7 TGL LB . 51.41 19.40 6.93
CA8 TGL LB . 49.92 19.66 7.09
CA9 TGL LB . 49.08 19.57 5.84
OA1 TGL LB . 55.82 19.17 12.15
CB1 TGL LB . 59.13 15.49 11.21
CB2 TGL LB . 59.90 15.84 9.97
CB3 TGL LB . 59.15 16.77 9.07
CB4 TGL LB . 59.18 16.36 7.61
CB5 TGL LB . 57.92 16.68 6.83
CB6 TGL LB . 57.53 18.14 6.85
CB7 TGL LB . 57.31 18.76 5.49
CB8 TGL LB . 55.88 19.15 5.19
CB9 TGL LB . 55.59 19.32 3.73
C10 TGL LB . 54.45 20.25 3.45
C11 TGL LB . 54.14 20.43 1.99
C12 TGL LB . 53.47 21.73 1.65
C13 TGL LB . 54.38 22.74 0.98
C14 TGL LB . 55.42 23.34 1.89
OB1 TGL LB . 58.23 14.70 11.22
OG1 TGL LB . 57.69 18.08 11.60
CG1 TGL LB . 58.13 18.01 12.97
CG2 TGL LB . 58.59 16.60 13.29
OG2 TGL LB . 59.57 16.14 12.30
CG3 TGL LB . 59.22 16.46 14.65
OG3 TGL LB . 59.17 15.05 15.03
CC1 TGL LB . 58.65 14.75 16.22
CC2 TGL LB . 57.14 15.00 16.28
CC3 TGL LB . 56.64 15.40 17.65
CC4 TGL LB . 55.31 16.15 17.61
CC5 TGL LB . 55.20 17.29 18.62
CC6 TGL LB . 55.39 18.67 18.03
CC7 TGL LB . 54.82 19.80 18.86
CC8 TGL LB . 55.69 21.05 18.92
CC9 TGL LB . 55.02 22.31 19.46
C15 TGL LB . 55.97 23.44 19.82
C16 TGL LB . 55.92 24.64 18.88
C17 TGL LB . 56.28 25.99 19.52
C18 TGL LB . 55.24 27.08 19.34
C19 TGL LB . 54.05 26.99 20.29
OC1 TGL LB . 59.31 14.29 17.12
C20 TGL LB . 48.80 20.89 5.13
C21 TGL LB . 47.57 21.64 5.60
C22 TGL LB . 47.84 22.78 6.55
C23 TGL LB . 47.67 22.44 8.03
C24 TGL LB . 48.39 23.38 9.00
C25 TGL LB . 48.91 22.73 10.28
C26 TGL LB . 50.42 22.86 10.50
C27 TGL LB . 50.87 23.57 11.76
C28 TGL LB . 52.34 23.36 12.06
C29 TGL LB . 56.10 24.59 1.34
C30 TGL LB . 57.53 24.37 0.90
C31 TGL LB . 57.68 23.59 -0.39
C32 TGL LB . 57.37 24.42 -1.62
C33 TGL LB . 52.99 28.08 20.13
C34 TGL LB . 51.69 27.81 20.87
C35 TGL LB . 51.62 28.43 22.24
C36 TGL LB . 50.51 27.90 23.11
P PGV MB . 66.40 1.82 9.01
C01 PGV MB . 66.30 2.23 4.63
C02 PGV MB . 65.98 3.01 5.89
C03 PGV MB . 64.98 2.31 6.79
C04 PGV MB . 68.90 0.94 8.77
C05 PGV MB . 70.00 0.94 7.73
C06 PGV MB . 71.24 0.19 8.15
O01 PGV MB . 65.49 4.32 5.46
O02 PGV MB . 63.79 5.17 6.64
O03 PGV MB . 67.24 1.17 4.94
O04 PGV MB . 66.56 -0.95 4.68
O05 PGV MB . 70.33 2.29 7.42
O06 PGV MB . 71.99 -0.27 7.03
O11 PGV MB . 65.65 1.34 7.67
O12 PGV MB . 67.93 1.98 8.52
O13 PGV MB . 66.33 0.70 10.01
O14 PGV MB . 65.90 3.19 9.39
C1 PGV MB . 64.97 5.14 6.39
C2 PGV MB . 65.97 6.05 7.05
C3 PGV MB . 66.38 7.23 6.22
C4 PGV MB . 65.23 7.84 5.42
C5 PGV MB . 64.97 7.24 4.07
C6 PGV MB . 66.18 6.95 3.23
C7 PGV MB . 66.78 8.17 2.61
C8 PGV MB . 66.24 8.53 1.23
C9 PGV MB . 65.05 9.47 1.23
C10 PGV MB . 65.29 10.78 0.53
C11 PGV MB . 65.31 10.65 -0.96
C12 PGV MB . 65.74 11.57 -1.79
C13 PGV MB . 66.51 12.80 -1.44
C14 PGV MB . 67.29 13.36 -2.58
C15 PGV MB . 66.47 14.18 -3.56
C16 PGV MB . 67.28 15.15 -4.41
C17 PGV MB . 67.03 15.09 -5.90
C18 PGV MB . 67.59 13.85 -6.58
C19 PGV MB . 67.13 0.02 4.27
C20 PGV MB . 67.85 0.08 2.94
C21 PGV MB . 66.98 0.53 1.79
C22 PGV MB . 67.70 1.48 0.84
C23 PGV MB . 67.52 2.96 1.16
C24 PGV MB . 68.57 3.55 2.07
C25 PGV MB . 69.96 3.62 1.47
C26 PGV MB . 70.63 4.98 1.58
C27 PGV MB . 70.60 5.79 0.31
C28 PGV MB . 69.35 6.66 0.12
C29 PGV MB . 68.86 6.80 -1.33
C30 PGV MB . 69.07 8.17 -1.96
C31 PGV MB . 69.38 8.15 -3.45
C32 PGV MB . 68.45 8.97 -4.31
C33 PGV MB . 68.56 8.70 -5.77
C34 PGV MB . 68.73 9.96 -6.61
CA1 TGL NB . 40.50 37.08 -4.07
CA2 TGL NB . 41.57 37.17 -3.03
CA3 TGL NB . 42.79 36.35 -3.37
CA4 TGL NB . 43.44 35.68 -2.17
CA5 TGL NB . 42.62 34.59 -1.53
CA6 TGL NB . 43.28 33.94 -0.32
CA7 TGL NB . 44.34 32.90 -0.67
CA8 TGL NB . 45.51 32.83 0.28
CA9 TGL NB . 46.50 31.72 -0.03
OA1 TGL NB . 40.38 36.17 -4.85
CB1 TGL NB . 37.35 35.21 -5.20
CB2 TGL NB . 38.14 33.95 -5.46
CB3 TGL NB . 38.26 33.05 -4.27
CB4 TGL NB . 37.34 31.84 -4.32
CB5 TGL NB . 36.95 31.29 -2.94
CB6 TGL NB . 37.82 30.16 -2.42
CB7 TGL NB . 38.41 30.35 -1.06
CB8 TGL NB . 39.80 29.77 -0.88
CB9 TGL NB . 40.23 29.54 0.55
C10 TGL NB . 41.29 30.52 1.04
C11 TGL NB . 41.26 30.78 2.55
C12 TGL NB . 42.37 30.11 3.36
C13 TGL NB . 43.44 31.03 3.92
C14 TGL NB . 44.84 30.77 3.42
OB1 TGL NB . 36.27 35.19 -4.69
OG1 TGL NB . 39.68 38.13 -4.07
CG1 TGL NB . 38.29 37.88 -3.74
CG2 TGL NB . 37.50 37.64 -5.01
OG2 TGL NB . 37.93 36.37 -5.61
CG3 TGL NB . 37.66 38.73 -6.05
OG3 TGL NB . 37.01 39.96 -5.62
CC1 TGL NB . 37.26 41.01 -6.39
CC2 TGL NB . 38.03 42.07 -5.68
CC3 TGL NB . 39.47 42.08 -6.07
CC4 TGL NB . 40.21 43.32 -5.55
CC5 TGL NB . 41.72 43.18 -5.45
CC6 TGL NB . 42.51 44.20 -6.25
CC7 TGL NB . 43.92 43.78 -6.60
CC8 TGL NB . 44.07 43.28 -8.04
CC9 TGL NB . 45.49 42.86 -8.42
C15 TGL NB . 45.66 41.39 -8.77
C16 TGL NB . 47.06 40.86 -8.56
C17 TGL NB . 47.23 39.37 -8.84
C18 TGL NB . 47.42 38.52 -7.60
C19 TGL NB . 47.43 37.02 -7.86
OC1 TGL NB . 36.97 41.07 -7.56
C20 TGL NB . 47.50 32.05 -1.13
C21 TGL NB . 48.22 30.84 -1.71
C22 TGL NB . 47.49 30.16 -2.85
C23 TGL NB . 47.55 28.64 -2.84
C24 TGL NB . 46.36 27.95 -2.20
C25 TGL NB . 46.53 27.62 -0.73
C26 TGL NB . 45.61 26.52 -0.19
C27 TGL NB . 44.12 26.70 -0.43
C28 TGL NB . 43.51 27.94 0.15
C29 TGL NB . 45.63 29.76 4.23
C30 TGL NB . 46.98 29.37 3.66
C31 TGL NB . 46.94 28.34 2.54
C32 TGL NB . 47.48 26.97 2.91
C33 TGL NB . 46.43 36.21 -7.03
C34 TGL NB . 46.85 34.76 -6.76
C35 TGL NB . 47.12 33.89 -7.99
C36 TGL NB . 48.02 32.72 -7.69
CU1 CUA OB . 25.73 26.31 -28.78
CU2 CUA OB . 27.52 25.40 -27.00
C1 CHD PB . 20.60 16.71 17.99
C2 CHD PB . 21.34 17.28 19.18
C3 CHD PB . 22.60 18.01 18.76
O3 CHD PB . 23.34 18.38 19.93
C4 CHD PB . 23.47 17.12 17.86
C5 CHD PB . 22.73 16.38 16.73
C6 CHD PB . 23.69 15.43 16.01
C7 CHD PB . 24.02 14.17 16.80
O7 CHD PB . 24.85 14.46 17.96
C8 CHD PB . 22.73 13.46 17.23
C9 CHD PB . 21.79 14.41 18.01
C10 CHD PB . 21.41 15.68 17.17
C11 CHD PB . 20.56 13.68 18.57
C12 CHD PB . 20.87 12.33 19.25
O12 CHD PB . 21.56 12.53 20.50
C13 CHD PB . 21.68 11.42 18.32
C14 CHD PB . 22.99 12.18 18.02
C15 CHD PB . 23.93 11.13 17.45
C16 CHD PB . 23.51 9.81 18.13
C17 CHD PB . 22.20 10.08 18.92
C18 CHD PB . 20.86 11.10 17.05
C19 CHD PB . 20.56 15.31 15.96
C20 CHD PB . 21.21 8.89 18.90
C21 CHD PB . 20.02 9.10 19.85
C22 CHD PB . 21.92 7.56 19.21
C23 CHD PB . 22.50 7.48 20.61
O25 CHD PB . 24.25 6.06 21.38
C24 CHD PB . 23.06 6.11 20.97
O26 CHD PB . 22.30 5.09 20.84
P PEK QB . 6.32 -15.95 4.89
N PEK QB . 7.50 -19.50 7.41
C01 PEK QB . 7.34 -12.97 3.96
C02 PEK QB . 5.88 -12.58 4.11
C03 PEK QB . 5.08 -13.58 4.91
C04 PEK QB . 6.27 -18.52 5.51
C05 PEK QB . 6.35 -18.70 7.00
O01 PEK QB . 5.27 -12.43 2.79
O02 PEK QB . 5.31 -10.18 2.66
O03 PEK QB . 8.15 -11.79 3.81
O04 PEK QB . 10.21 -12.45 4.27
O11 PEK QB . 5.18 -14.93 4.36
O12 PEK QB . 5.53 -17.31 5.17
O13 PEK QB . 7.28 -16.18 3.75
O14 PEK QB . 6.85 -15.45 6.20
C1 PEK QB . 5.34 -11.26 2.13
C2 PEK QB . 5.44 -11.48 0.63
C3 PEK QB . 5.17 -10.23 -0.18
C4 PEK QB . 5.72 -10.33 -1.60
C5 PEK QB . 6.74 -9.27 -1.93
C6 PEK QB . 6.50 -8.16 -2.61
C7 PEK QB . 7.48 -7.07 -2.84
C8 PEK QB . 7.01 -5.94 -3.70
C9 PEK QB . 7.21 -4.66 -3.43
C10 PEK QB . 7.47 -3.58 -4.44
C11 PEK QB . 6.67 -2.34 -4.22
C12 PEK QB . 6.28 -1.51 -5.15
C13 PEK QB . 6.51 -1.68 -6.62
C14 PEK QB . 6.73 -0.40 -7.35
C15 PEK QB . 6.97 -0.27 -8.63
C16 PEK QB . 7.10 1.03 -9.35
C17 PEK QB . 6.00 2.03 -9.05
C18 PEK QB . 6.49 3.41 -8.61
C19 PEK QB . 5.71 4.59 -9.11
C20 PEK QB . 4.21 4.51 -8.94
C21 PEK QB . 9.43 -11.98 3.51
C22 PEK QB . 9.74 -11.56 2.11
C23 PEK QB . 9.83 -10.08 1.93
C24 PEK QB . 9.87 -9.65 0.46
C25 PEK QB . 10.68 -8.41 0.19
C26 PEK QB . 9.98 -7.35 -0.63
C27 PEK QB . 10.76 -6.07 -0.80
C28 PEK QB . 10.61 -5.06 0.33
C29 PEK QB . 11.72 -5.09 1.37
C30 PEK QB . 11.34 -4.42 2.69
C31 PEK QB . 12.45 -3.61 3.36
C32 PEK QB . 12.30 -2.09 3.24
C33 PEK QB . 13.11 -1.47 2.11
C34 PEK QB . 12.79 -0.02 1.78
C35 PEK QB . 13.46 0.51 0.51
C36 PEK QB . 12.77 1.69 -0.16
C37 PEK QB . 12.23 1.43 -1.55
C38 PEK QB . 10.84 1.99 -1.82
C1 DMU RB . 28.93 -12.83 -41.00
C2 DMU RB . 28.36 -11.98 -42.12
C3 DMU RB . 29.09 -10.65 -42.31
C4 DMU RB . 30.60 -10.77 -42.08
O5 DMU RB . 31.00 -12.15 -42.11
C6 DMU RB . 30.47 -12.91 -41.02
O7 DMU RB . 28.81 -10.27 -43.67
O16 DMU RB . 30.92 -14.27 -41.08
C18 DMU RB . 31.99 -14.62 -40.18
C19 DMU RB . 31.62 -15.81 -39.31
C22 DMU RB . 32.59 -15.94 -38.14
C25 DMU RB . 32.05 -16.86 -37.05
C28 DMU RB . 32.79 -16.66 -35.74
C31 DMU RB . 33.24 -17.98 -35.11
C34 DMU RB . 33.76 -17.78 -33.68
C37 DMU RB . 34.73 -18.89 -33.27
C40 DMU RB . 34.29 -19.69 -32.04
C43 DMU RB . 35.31 -20.76 -31.73
O49 DMU RB . 28.34 -14.13 -41.13
O55 DMU RB . 27.01 -11.67 -41.81
C57 DMU RB . 31.02 -10.03 -40.77
O61 DMU RB . 32.37 -10.30 -40.34
C5 DMU RB . 26.66 -9.21 -44.12
C7 DMU RB . 26.19 -9.04 -45.58
C8 DMU RB . 27.03 -7.99 -46.30
C9 DMU RB . 28.46 -8.51 -46.24
O1 DMU RB . 28.89 -8.30 -44.89
C10 DMU RB . 28.17 -9.01 -43.86
O2 DMU RB . 26.59 -7.80 -47.65
O3 DMU RB . 25.95 -8.28 -43.29
O4 DMU RB . 24.79 -8.69 -45.63
C11 DMU RB . 29.45 -7.88 -47.25
O6 DMU RB . 29.55 -6.45 -47.11
C1 CHD SB . 9.13 21.80 -4.05
C2 CHD SB . 8.40 23.03 -4.61
C3 CHD SB . 7.03 23.16 -3.99
O3 CHD SB . 6.39 24.36 -4.44
C4 CHD SB . 6.23 21.92 -4.33
C5 CHD SB . 6.90 20.66 -3.75
C6 CHD SB . 6.05 19.39 -3.97
C7 CHD SB . 6.18 18.72 -5.35
O7 CHD SB . 5.33 19.40 -6.29
C8 CHD SB . 7.61 18.68 -5.87
C9 CHD SB . 8.34 20.04 -5.71
C10 CHD SB . 8.38 20.47 -4.21
C11 CHD SB . 9.71 20.05 -6.39
C12 CHD SB . 9.79 19.46 -7.80
O12 CHD SB . 9.18 20.38 -8.73
C13 CHD SB . 9.09 18.07 -7.85
C14 CHD SB . 7.67 18.26 -7.31
C15 CHD SB . 6.89 17.00 -7.74
C16 CHD SB . 7.77 16.35 -8.81
C17 CHD SB . 8.74 17.47 -9.23
C18 CHD SB . 9.91 17.05 -7.02
C19 CHD SB . 9.09 19.43 -3.32
C20 CHD SB . 9.81 16.99 -10.25
C21 CHD SB . 11.13 17.73 -10.19
C22 CHD SB . 9.20 17.04 -11.67
C23 CHD SB . 9.57 15.85 -12.54
O25 CHD SB . 9.56 17.25 -14.49
C24 CHD SB . 9.68 16.09 -14.04
O26 CHD SB . 9.85 15.10 -14.74
P PEK TB . 5.52 -2.94 -32.28
N PEK TB . 1.02 -4.16 -33.59
C01 PEK TB . 8.48 -3.81 -30.85
C02 PEK TB . 7.60 -4.32 -29.73
C03 PEK TB . 6.21 -3.76 -29.82
C04 PEK TB . 2.99 -3.58 -32.28
C05 PEK TB . 1.73 -3.09 -32.92
O01 PEK TB . 8.16 -3.98 -28.42
O02 PEK TB . 8.67 -6.13 -27.84
O03 PEK TB . 9.82 -4.35 -30.76
O04 PEK TB . 10.53 -2.59 -31.97
O11 PEK TB . 5.66 -4.07 -31.13
O12 PEK TB . 3.97 -2.52 -32.24
O13 PEK TB . 6.36 -1.70 -31.97
O14 PEK TB . 5.76 -3.69 -33.56
C1 PEK TB . 8.49 -4.97 -27.54
C2 PEK TB . 8.67 -4.49 -26.12
C3 PEK TB . 10.12 -4.60 -25.60
C4 PEK TB . 10.90 -3.28 -25.66
C5 PEK TB . 12.32 -3.38 -26.15
C6 PEK TB . 13.31 -4.02 -25.54
C7 PEK TB . 13.24 -4.56 -24.15
C8 PEK TB . 13.88 -5.89 -23.88
C9 PEK TB . 13.30 -7.05 -24.00
C10 PEK TB . 12.26 -7.41 -25.01
C11 PEK TB . 12.82 -7.49 -26.39
C12 PEK TB . 12.28 -8.13 -27.42
C13 PEK TB . 10.89 -8.71 -27.45
C14 PEK TB . 10.84 -10.21 -27.30
C15 PEK TB . 10.22 -10.89 -26.36
C16 PEK TB . 9.57 -10.32 -25.13
C17 PEK TB . 8.32 -9.53 -25.42
C18 PEK TB . 7.02 -10.29 -25.20
C19 PEK TB . 6.07 -9.61 -24.25
C20 PEK TB . 5.05 -10.53 -23.63
C21 PEK TB . 10.77 -3.55 -31.28
C22 PEK TB . 12.17 -3.99 -30.89
C23 PEK TB . 12.36 -5.47 -30.94
C24 PEK TB . 13.80 -5.87 -30.79
C25 PEK TB . 14.44 -5.40 -29.52
C26 PEK TB . 15.68 -6.19 -29.10
C27 PEK TB . 16.34 -5.70 -27.83
C28 PEK TB . 17.28 -4.52 -27.99
C29 PEK TB . 17.30 -3.56 -26.81
C30 PEK TB . 17.56 -4.22 -25.46
C31 PEK TB . 18.40 -3.38 -24.52
C32 PEK TB . 18.63 -4.00 -23.16
C33 PEK TB . 18.99 -2.99 -22.08
C34 PEK TB . 19.76 -3.59 -20.91
C35 PEK TB . 19.53 -2.90 -19.57
C36 PEK TB . 19.35 -3.85 -18.40
C37 PEK TB . 20.58 -4.59 -17.94
C38 PEK TB . 21.60 -3.73 -17.22
P PGV UB . 17.36 -24.45 -1.92
C01 PGV UB . 20.00 -21.19 -3.87
C02 PGV UB . 19.15 -22.33 -4.39
C03 PGV UB . 19.27 -23.55 -3.52
C04 PGV UB . 18.87 -26.61 -1.51
C05 PGV UB . 17.99 -27.70 -0.93
C06 PGV UB . 18.46 -28.21 0.42
O01 PGV UB . 19.52 -22.74 -5.75
O02 PGV UB . 17.50 -22.54 -6.80
O03 PGV UB . 19.32 -19.93 -4.15
O04 PGV UB . 20.88 -19.37 -5.64
O05 PGV UB . 17.92 -28.78 -1.87
O06 PGV UB . 17.38 -28.68 1.22
O11 PGV UB . 18.45 -23.34 -2.35
O12 PGV UB . 18.13 -25.78 -2.44
O13 PGV UB . 16.20 -24.18 -2.82
O14 PGV UB . 17.13 -24.58 -0.43
C1 PGV UB . 18.71 -22.46 -6.79
C2 PGV UB . 19.44 -22.07 -8.01
C3 PGV UB . 18.61 -22.16 -9.24
C4 PGV UB . 18.50 -20.84 -9.96
C5 PGV UB . 18.01 -20.90 -11.37
C6 PGV UB . 17.41 -19.58 -11.87
C7 PGV UB . 16.73 -19.70 -13.22
C8 PGV UB . 15.68 -18.65 -13.53
C9 PGV UB . 16.09 -17.60 -14.56
C10 PGV UB . 16.16 -18.11 -15.95
C11 PGV UB . 16.78 -17.14 -16.93
C12 PGV UB . 16.10 -16.36 -17.70
C13 PGV UB . 16.50 -15.88 -19.06
C14 PGV UB . 15.34 -15.63 -20.01
C15 PGV UB . 14.48 -16.86 -20.30
C16 PGV UB . 14.26 -17.12 -21.79
C17 PGV UB . 13.81 -18.53 -22.13
C18 PGV UB . 14.93 -19.53 -22.32
C19 PGV UB . 19.86 -19.14 -5.08
C20 PGV UB . 19.02 -17.91 -5.33
C21 PGV UB . 19.36 -17.23 -6.63
C22 PGV UB . 18.15 -16.70 -7.37
C23 PGV UB . 18.46 -16.06 -8.70
C24 PGV UB . 17.32 -15.30 -9.31
C25 PGV UB . 17.64 -14.70 -10.66
C26 PGV UB . 16.92 -13.39 -10.92
C27 PGV UB . 16.72 -13.04 -12.38
C28 PGV UB . 17.99 -12.72 -13.12
C29 PGV UB . 17.78 -12.30 -14.55
C30 PGV UB . 17.19 -10.90 -14.75
C31 PGV UB . 17.64 -10.18 -16.02
C32 PGV UB . 17.66 -8.68 -15.94
C33 PGV UB . 17.21 -8.05 -17.23
C34 PGV UB . 17.36 -6.55 -17.28
P PGV VB . 5.39 19.94 -15.11
C01 PGV VB . 5.92 15.66 -13.19
C02 PGV VB . 4.91 16.76 -13.45
C03 PGV VB . 5.03 17.32 -14.85
C04 PGV VB . 4.44 22.42 -15.40
C05 PGV VB . 5.66 23.12 -15.96
C06 PGV VB . 6.43 23.87 -14.91
O01 PGV VB . 5.15 17.82 -12.48
O02 PGV VB . 3.38 19.18 -12.50
O03 PGV VB . 5.39 14.72 -12.24
O04 PGV VB . 5.67 12.74 -13.20
O05 PGV VB . 5.25 24.02 -16.99
O06 PGV VB . 6.77 23.04 -13.81
O11 PGV VB . 4.45 18.66 -14.92
O12 PGV VB . 4.42 21.01 -15.80
O13 PGV VB . 5.81 20.41 -13.74
O14 PGV VB . 6.45 19.55 -16.11
C1 PGV VB . 4.08 18.41 -11.89
C2 PGV VB . 3.89 18.07 -10.42
C3 PGV VB . 2.57 17.39 -10.11
C4 PGV VB . 2.63 15.87 -10.25
C5 PGV VB . 1.96 15.12 -9.13
C6 PGV VB . 2.57 13.77 -8.83
C7 PGV VB . 3.68 13.78 -7.79
C8 PGV VB . 4.68 12.64 -7.90
C9 PGV VB . 5.78 12.68 -6.84
C10 PGV VB . 6.32 11.36 -6.42
C11 PGV VB . 5.33 10.54 -5.65
C12 PGV VB . 5.58 9.50 -4.91
C13 PGV VB . 6.90 8.89 -4.58
C14 PGV VB . 6.80 7.41 -4.32
C15 PGV VB . 6.34 7.03 -2.94
C16 PGV VB . 5.49 5.77 -2.87
C17 PGV VB . 6.05 4.55 -3.60
C18 PGV VB . 5.15 3.34 -3.61
C19 PGV VB . 5.91 13.50 -12.32
C20 PGV VB . 6.87 13.20 -11.21
C21 PGV VB . 7.44 11.80 -11.24
C22 PGV VB . 7.85 11.32 -9.85
C23 PGV VB . 9.23 11.77 -9.43
C24 PGV VB . 9.34 12.22 -8.00
C25 PGV VB . 10.68 11.95 -7.35
C26 PGV VB . 10.86 10.52 -6.88
C27 PGV VB . 11.48 9.58 -7.92
C28 PGV VB . 11.77 8.19 -7.43
C29 PGV VB . 10.82 7.70 -6.36
C30 PGV VB . 11.05 6.27 -5.95
C31 PGV VB . 9.86 5.60 -5.30
C32 PGV VB . 10.02 4.10 -5.06
C33 PGV VB . 8.83 3.25 -5.43
C34 PGV VB . 8.55 2.14 -4.46
C1 CDL WB . 23.06 -34.20 -11.27
O1 CDL WB . 23.89 -35.30 -10.92
CA2 CDL WB . 23.92 -32.98 -11.48
OA2 CDL WB . 23.22 -32.06 -12.37
PA1 CDL WB . 23.41 -32.22 -13.96
OA3 CDL WB . 24.27 -33.42 -14.24
OA4 CDL WB . 23.82 -30.86 -14.46
OA5 CDL WB . 21.91 -32.51 -14.50
CA3 CDL WB . 21.63 -33.77 -15.21
CA4 CDL WB . 21.26 -33.49 -16.66
OA6 CDL WB . 19.82 -33.67 -16.83
CA5 CDL WB . 18.97 -32.80 -16.27
OA7 CDL WB . 19.17 -31.61 -16.23
C11 CDL WB . 17.75 -33.52 -15.72
C12 CDL WB . 16.51 -32.67 -15.68
C13 CDL WB . 16.03 -32.22 -17.06
C14 CDL WB . 14.58 -32.54 -17.35
C15 CDL WB . 14.14 -32.16 -18.74
C16 CDL WB . 14.41 -30.72 -19.13
C17 CDL WB . 13.66 -30.25 -20.37
C18 CDL WB . 13.29 -28.78 -20.37
C19 CDL WB . 12.06 -28.45 -21.21
C20 CDL WB . 10.77 -28.38 -20.41
C21 CDL WB . 9.54 -28.06 -21.24
C22 CDL WB . 8.49 -29.15 -21.27
C23 CDL WB . 8.66 -30.14 -22.42
C24 CDL WB . 8.46 -31.60 -22.04
C25 CDL WB . 9.73 -32.36 -21.70
C26 CDL WB . 9.56 -33.86 -21.53
C27 CDL WB . 10.14 -34.42 -20.26
CA6 CDL WB . 21.95 -34.40 -17.64
OA8 CDL WB . 23.17 -33.79 -18.12
CA7 CDL WB . 23.26 -33.54 -19.42
OA9 CDL WB . 23.88 -34.24 -20.18
C31 CDL WB . 22.47 -32.32 -19.81
C32 CDL WB . 23.25 -31.30 -20.58
C33 CDL WB . 22.36 -30.19 -21.11
C34 CDL WB . 23.07 -28.89 -21.40
C35 CDL WB . 22.13 -27.70 -21.47
C36 CDL WB . 22.69 -26.52 -22.22
C37 CDL WB . 21.90 -25.24 -22.06
C38 CDL WB . 22.26 -24.15 -23.04
C39 CDL WB . 21.20 -23.86 -24.09
C40 CDL WB . 21.77 -23.58 -25.46
C41 CDL WB . 20.71 -23.26 -26.51
C42 CDL WB . 19.96 -21.97 -26.28
C43 CDL WB . 19.54 -21.25 -27.54
C44 CDL WB . 20.25 -19.93 -27.79
C45 CDL WB . 19.60 -19.05 -28.81
C46 CDL WB . 20.50 -18.44 -29.86
C47 CDL WB . 20.15 -18.84 -31.27
CB2 CDL WB . 21.99 -34.00 -10.21
OB2 CDL WB . 20.76 -34.69 -10.58
PB2 CDL WB . 19.35 -33.94 -10.66
OB3 CDL WB . 18.60 -34.40 -9.46
OB4 CDL WB . 18.85 -34.27 -12.04
OB5 CDL WB . 19.56 -32.33 -10.60
CB3 CDL WB . 19.98 -31.57 -11.78
CB4 CDL WB . 18.92 -30.61 -12.31
OB6 CDL WB . 19.36 -29.23 -12.14
CB5 CDL WB . 19.37 -28.42 -13.21
OB7 CDL WB . 18.90 -28.75 -14.26
C51 CDL WB . 20.00 -27.06 -13.04
C52 CDL WB . 19.35 -26.03 -13.88
C53 CDL WB . 19.66 -24.60 -13.43
C54 CDL WB . 18.90 -23.52 -14.14
C55 CDL WB . 19.62 -22.90 -15.31
C56 CDL WB . 18.69 -22.33 -16.36
C57 CDL WB . 19.13 -21.01 -16.95
C58 CDL WB . 19.49 -21.07 -18.42
C59 CDL WB . 18.31 -21.08 -19.37
C60 CDL WB . 18.60 -21.70 -20.73
C61 CDL WB . 18.09 -23.12 -20.91
C62 CDL WB . 18.89 -24.19 -20.22
C63 CDL WB . 18.26 -25.59 -20.24
C64 CDL WB . 18.90 -26.60 -19.31
C65 CDL WB . 18.88 -28.03 -19.80
C66 CDL WB . 18.82 -29.08 -18.73
C67 CDL WB . 18.85 -30.50 -19.24
CB6 CDL WB . 17.56 -30.76 -11.66
OB8 CDL WB . 16.53 -30.54 -12.65
CB7 CDL WB . 16.32 -29.28 -13.02
OB9 CDL WB . 16.47 -28.33 -12.28
C71 CDL WB . 15.89 -29.18 -14.46
C72 CDL WB . 15.93 -27.78 -15.02
C73 CDL WB . 15.57 -27.75 -16.50
C74 CDL WB . 15.65 -26.39 -17.14
C75 CDL WB . 14.30 -25.74 -17.40
C76 CDL WB . 14.35 -24.48 -18.25
C77 CDL WB . 13.41 -24.47 -19.42
C78 CDL WB . 13.10 -23.09 -19.96
C79 CDL WB . 12.37 -23.09 -21.30
C80 CDL WB . 11.05 -22.35 -21.33
C81 CDL WB . 11.05 -21.07 -22.16
C82 CDL WB . 9.67 -20.47 -22.37
C83 CDL WB . 8.97 -20.02 -21.11
C84 CDL WB . 7.54 -19.56 -21.27
C85 CDL WB . 7.31 -18.52 -22.39
C86 CDL WB . 6.35 -18.92 -23.51
C87 CDL WB . 6.82 -18.60 -24.92
C1 CHD XB . 0.08 -33.22 -16.13
C2 CHD XB . -1.03 -32.37 -16.75
C3 CHD XB . -2.27 -32.32 -15.87
O3 CHD XB . -3.12 -33.45 -16.16
C4 CHD XB . -1.89 -32.32 -14.41
C5 CHD XB . -0.47 -31.78 -14.18
C6 CHD XB . -0.23 -31.41 -12.71
C7 CHD XB . -0.05 -32.63 -11.83
O7 CHD XB . -1.27 -33.39 -11.78
C8 CHD XB . 1.07 -33.52 -12.34
C9 CHD XB . 0.91 -33.92 -13.83
C10 CHD XB . 0.62 -32.72 -14.78
C11 CHD XB . 2.09 -34.80 -14.25
C12 CHD XB . 2.39 -36.01 -13.34
O12 CHD XB . 1.34 -36.98 -13.56
C13 CHD XB . 2.49 -35.61 -11.85
C14 CHD XB . 1.21 -34.80 -11.53
C15 CHD XB . 1.15 -34.71 -10.01
C16 CHD XB . 1.74 -36.05 -9.55
C17 CHD XB . 2.36 -36.76 -10.79
C18 CHD XB . 3.78 -34.80 -11.62
C19 CHD XB . 1.93 -31.93 -15.05
C20 CHD XB . 3.60 -37.60 -10.40
C21 CHD XB . 4.43 -38.02 -11.61
C22 CHD XB . 3.12 -38.84 -9.61
C23 CHD XB . 4.23 -39.76 -9.09
O25 CHD XB . 6.28 -38.56 -9.09
C24 CHD XB . 5.39 -39.07 -8.39
O26 CHD XB . 5.40 -39.05 -7.14
C1 CDL YB . -17.11 -2.15 -22.17
O1 CDL YB . -16.79 -0.77 -22.32
CA2 CDL YB . -17.53 -2.71 -23.52
OA2 CDL YB . -17.98 -1.67 -24.46
PA1 CDL YB . -19.54 -1.50 -24.80
OA3 CDL YB . -20.34 -1.58 -23.52
OA4 CDL YB . -19.66 -0.27 -25.65
OA5 CDL YB . -19.96 -2.77 -25.70
CA3 CDL YB . -20.16 -4.07 -25.08
CA4 CDL YB . -21.63 -4.39 -24.93
OA6 CDL YB . -21.81 -5.46 -23.95
CA5 CDL YB . -21.66 -5.20 -22.63
OA7 CDL YB . -21.33 -4.14 -22.18
C11 CDL YB . -21.96 -6.40 -21.75
C12 CDL YB . -21.32 -6.35 -20.39
C13 CDL YB . -21.60 -7.60 -19.55
C14 CDL YB . -20.40 -8.16 -18.78
C15 CDL YB . -20.35 -7.80 -17.30
C16 CDL YB . -20.00 -8.94 -16.36
C17 CDL YB . -20.16 -8.61 -14.88
C18 CDL YB . -19.78 -9.70 -13.91
C19 CDL YB . -18.66 -9.37 -12.94
C20 CDL YB . -18.39 -10.41 -11.86
C21 CDL YB . -16.92 -10.68 -11.59
C22 CDL YB . -16.59 -11.11 -10.18
C23 CDL YB . -16.27 -12.58 -10.02
C24 CDL YB . -16.76 -13.19 -8.72
C25 CDL YB . -16.72 -14.71 -8.68
C26 CDL YB . -17.19 -15.31 -7.38
C27 CDL YB . -16.55 -16.62 -6.99
CA6 CDL YB . -22.26 -4.85 -26.23
OA8 CDL YB . -23.40 -4.00 -26.52
CA7 CDL YB . -23.91 -4.06 -27.75
OA9 CDL YB . -23.91 -3.13 -28.52
C31 CDL YB . -24.51 -5.43 -28.05
C32 CDL YB . -25.48 -5.90 -27.01
C33 CDL YB . -25.94 -7.34 -27.26
C34 CDL YB . -25.58 -8.31 -26.16
C35 CDL YB . -24.09 -8.57 -26.01
C36 CDL YB . -23.63 -8.87 -24.59
C37 CDL YB . -23.00 -10.24 -24.40
C38 CDL YB . -23.51 -11.02 -23.20
C39 CDL YB . -22.81 -10.73 -21.88
C40 CDL YB . -22.85 -11.86 -20.87
C41 CDL YB . -23.21 -11.42 -19.47
C42 CDL YB . -22.84 -12.42 -18.38
C43 CDL YB . -23.61 -12.26 -17.09
C44 CDL YB . -24.20 -13.55 -16.54
C45 CDL YB . -23.17 -14.59 -16.16
C46 CDL YB . -23.20 -15.85 -17.00
C47 CDL YB . -22.18 -16.90 -16.60
CB2 CDL YB . -18.17 -2.30 -21.08
OB2 CDL YB . -17.75 -3.26 -20.05
PB2 CDL YB . -18.59 -3.40 -18.69
OB3 CDL YB . -20.00 -3.80 -19.03
OB4 CDL YB . -18.37 -2.22 -17.78
OB5 CDL YB . -17.85 -4.62 -17.96
CB3 CDL YB . -17.80 -4.66 -16.50
CB4 CDL YB . -16.38 -5.00 -16.07
OB6 CDL YB . -16.06 -6.32 -16.60
CB5 CDL YB . -16.63 -7.42 -16.08
OB7 CDL YB . -17.51 -7.39 -15.26
C51 CDL YB . -16.08 -8.73 -16.60
C52 CDL YB . -15.88 -9.77 -15.54
C53 CDL YB . -14.99 -9.29 -14.41
C54 CDL YB . -14.31 -10.40 -13.62
C55 CDL YB . -13.78 -9.96 -12.26
C56 CDL YB . -12.32 -9.54 -12.24
C57 CDL YB . -11.57 -9.97 -11.01
C58 CDL YB . -10.16 -9.45 -10.94
C59 CDL YB . -10.03 -8.15 -10.21
C60 CDL YB . -10.11 -6.89 -11.07
C61 CDL YB . -8.94 -5.92 -10.88
C62 CDL YB . -9.16 -4.77 -9.90
C63 CDL YB . -8.08 -3.71 -9.91
C64 CDL YB . -7.44 -3.43 -8.55
C65 CDL YB . -6.62 -2.14 -8.48
C66 CDL YB . -6.23 -1.65 -7.09
C67 CDL YB . -4.99 -0.77 -7.06
CB6 CDL YB . -16.20 -4.92 -14.56
OB8 CDL YB . -14.87 -5.38 -14.21
CB7 CDL YB . -14.54 -5.40 -12.93
OB9 CDL YB . -14.54 -6.40 -12.26
C71 CDL YB . -14.15 -4.02 -12.42
C72 CDL YB . -12.75 -3.96 -11.87
C73 CDL YB . -12.12 -2.58 -12.00
C74 CDL YB . -11.59 -2.26 -13.38
C75 CDL YB . -11.61 -0.79 -13.73
C76 CDL YB . -11.26 -0.48 -15.17
C77 CDL YB . -12.24 0.45 -15.87
C78 CDL YB . -11.83 0.90 -17.28
C79 CDL YB . -12.71 1.99 -17.86
C80 CDL YB . -11.97 3.20 -18.40
C81 CDL YB . -12.83 4.16 -19.19
C82 CDL YB . -13.89 4.89 -18.38
C83 CDL YB . -15.00 5.52 -19.20
C84 CDL YB . -16.17 4.59 -19.52
C85 CDL YB . -16.20 4.02 -20.93
C86 CDL YB . -16.29 2.51 -21.05
C87 CDL YB . -15.11 1.85 -21.74
C1 DMU ZB . 60.36 12.04 -28.08
C2 DMU ZB . 61.40 12.24 -29.17
C3 DMU ZB . 61.33 13.68 -29.69
C4 DMU ZB . 61.45 14.69 -28.55
O5 DMU ZB . 60.42 14.44 -27.56
C6 DMU ZB . 60.43 13.14 -26.98
O7 DMU ZB . 62.38 13.91 -30.64
O16 DMU ZB . 61.57 13.01 -26.12
C18 DMU ZB . 61.62 13.94 -25.03
C19 DMU ZB . 60.54 13.67 -23.94
C22 DMU ZB . 59.52 14.80 -23.98
C25 DMU ZB . 58.60 14.87 -22.76
C28 DMU ZB . 57.21 15.33 -23.19
C31 DMU ZB . 56.58 16.37 -22.26
C34 DMU ZB . 55.42 15.79 -21.46
C37 DMU ZB . 54.07 16.06 -22.13
C40 DMU ZB . 53.01 15.10 -21.61
C43 DMU ZB . 52.07 15.68 -20.56
O49 DMU ZB . 60.54 10.72 -27.56
O55 DMU ZB . 61.19 11.28 -30.22
C57 DMU ZB . 61.41 16.14 -29.09
O61 DMU ZB . 62.59 16.89 -28.71
C5 DMU ZB . 62.38 12.79 -32.74
C7 DMU ZB . 63.90 12.75 -33.03
C8 DMU ZB . 64.57 14.12 -33.30
C9 DMU ZB . 63.95 15.27 -32.50
O1 DMU ZB . 62.52 15.24 -32.59
C10 DMU ZB . 61.96 14.06 -31.99
O2 DMU ZB . 65.95 14.08 -32.94
O3 DMU ZB . 61.57 12.73 -33.91
O4 DMU ZB . 64.15 11.88 -34.14
C11 DMU ZB . 64.52 16.60 -32.99
O6 DMU ZB . 64.20 17.65 -32.07
ZN ZN AC . 37.65 -5.78 28.13
C1 CHD BC . -16.31 -25.51 -10.28
C2 CHD BC . -16.55 -26.94 -10.73
C3 CHD BC . -18.03 -27.29 -10.71
O3 CHD BC . -18.17 -28.70 -11.05
C4 CHD BC . -18.63 -27.00 -9.33
C5 CHD BC . -18.43 -25.55 -8.91
C6 CHD BC . -19.16 -25.29 -7.58
C7 CHD BC . -18.46 -25.80 -6.31
O7 CHD BC . -18.65 -27.20 -6.05
C8 CHD BC . -16.97 -25.55 -6.33
C9 CHD BC . -16.29 -25.85 -7.70
C10 CHD BC . -16.93 -25.13 -8.91
C11 CHD BC . -14.78 -25.68 -7.61
C12 CHD BC . -14.17 -26.52 -6.49
O12 CHD BC . -14.40 -27.88 -6.91
C13 CHD BC . -14.81 -26.16 -5.13
C14 CHD BC . -16.32 -26.39 -5.25
C15 CHD BC . -16.82 -26.26 -3.82
C16 CHD BC . -15.77 -27.05 -3.04
C17 CHD BC . -14.45 -27.00 -3.87
C18 CHD BC . -14.50 -24.69 -4.82
C19 CHD BC . -16.71 -23.61 -8.84
C20 CHD BC . -13.23 -26.56 -3.04
C21 CHD BC . -11.90 -26.96 -3.67
C22 CHD BC . -13.27 -27.10 -1.62
C23 CHD BC . -13.37 -28.62 -1.53
O25 CHD BC . -12.81 -29.87 0.42
C24 CHD BC . -12.39 -29.09 -0.48
O26 CHD BC . -11.26 -28.54 -0.49
P PEK CC . -12.06 -34.06 -4.14
N PEK CC . -11.95 -37.51 -1.19
C01 PEK CC . -10.32 -31.66 -6.15
C02 PEK CC . -9.77 -33.07 -6.11
C03 PEK CC . -10.81 -34.12 -6.47
C04 PEK CC . -12.29 -36.62 -3.46
C05 PEK CC . -11.31 -36.87 -2.34
O01 PEK CC . -9.22 -33.35 -4.77
O02 PEK CC . -7.56 -34.23 -3.57
O03 PEK CC . -11.30 -31.54 -7.20
O04 PEK CC . -11.76 -29.36 -7.07
O11 PEK CC . -11.24 -34.84 -5.28
O12 PEK CC . -12.82 -35.28 -3.40
O13 PEK CC . -13.08 -33.17 -4.82
O14 PEK CC . -11.09 -33.46 -3.16
C1 PEK CC . -8.25 -34.28 -4.56
C2 PEK CC . -8.06 -35.42 -5.55
C3 PEK CC . -7.18 -35.07 -6.76
C4 PEK CC . -7.77 -35.58 -8.08
C5 PEK CC . -7.02 -35.10 -9.29
C6 PEK CC . -7.52 -34.89 -10.49
C7 PEK CC . -6.81 -34.24 -11.64
C8 PEK CC . -7.43 -32.92 -12.06
C9 PEK CC . -6.78 -31.91 -12.60
C10 PEK CC . -7.41 -30.61 -13.05
C11 PEK CC . -6.41 -29.60 -13.52
C12 PEK CC . -6.58 -28.30 -13.56
C13 PEK CC . -5.58 -27.29 -14.05
C14 PEK CC . -6.15 -25.92 -14.31
C15 PEK CC . -5.64 -25.04 -15.17
C16 PEK CC . -6.23 -23.72 -15.58
C17 PEK CC . -5.25 -22.87 -16.35
C18 PEK CC . -5.87 -22.09 -17.51
C19 PEK CC . -5.90 -22.79 -18.84
C20 PEK CC . -5.03 -22.15 -19.92
C21 PEK CC . -11.51 -30.33 -7.72
C22 PEK CC . -11.43 -30.34 -9.23
C23 PEK CC . -12.38 -29.40 -9.90
C24 PEK CC . -11.68 -28.30 -10.68
C25 PEK CC . -12.64 -27.41 -11.48
C26 PEK CC . -12.37 -25.91 -11.39
C27 PEK CC . -12.67 -25.15 -12.66
C28 PEK CC . -13.35 -23.82 -12.46
C29 PEK CC . -13.98 -23.23 -13.72
C30 PEK CC . -15.42 -22.73 -13.59
C31 PEK CC . -16.33 -23.04 -14.77
C32 PEK CC . -17.34 -21.96 -15.09
C33 PEK CC . -18.35 -21.69 -13.98
C34 PEK CC . -18.44 -20.24 -13.50
C35 PEK CC . -18.91 -20.09 -12.07
C36 PEK CC . -18.54 -18.78 -11.40
C37 PEK CC . -19.39 -18.47 -10.18
C38 PEK CC . -18.77 -17.51 -9.19
C1 CHD DC . -5.31 -22.14 12.43
C2 CHD DC . -5.00 -23.20 13.48
C3 CHD DC . -4.20 -24.36 12.92
O3 CHD DC . -5.05 -25.51 12.74
C4 CHD DC . -3.55 -24.00 11.58
C5 CHD DC . -2.99 -22.57 11.54
C6 CHD DC . -2.22 -22.34 10.22
C7 CHD DC . -1.89 -20.87 10.02
O7 CHD DC . -1.01 -20.69 8.89
C8 CHD DC . -3.16 -20.00 9.86
C9 CHD DC . -4.39 -20.65 10.54
C10 CHD DC . -4.06 -21.46 11.83
C11 CHD DC . -5.25 -21.38 9.49
C12 CHD DC . -5.83 -20.47 8.40
O12 CHD DC . -6.02 -21.26 7.21
C13 CHD DC . -4.93 -19.24 8.12
C14 CHD DC . -3.45 -19.64 8.39
C15 CHD DC . -2.60 -18.55 7.75
C16 CHD DC . -3.47 -18.00 6.60
C17 CHD DC . -4.83 -18.73 6.64
C18 CHD DC . -5.37 -18.08 9.04
C19 CHD DC . -3.52 -20.49 12.92
C20 CHD DC . -5.97 -17.86 6.06
C21 CHD DC . -7.33 -18.54 6.15
C22 CHD DC . -5.65 -17.44 4.61
C23 CHD DC . -6.80 -16.79 3.80
O25 CHD DC . -7.95 -15.08 4.98
C24 CHD DC . -7.11 -15.33 4.11
O26 CHD DC . -6.51 -14.45 3.47
P PSC EC . 38.55 14.20 33.65
N PSC EC . 40.44 15.33 37.72
C01 PSC EC . 36.55 16.21 31.33
C02 PSC EC . 37.97 16.09 30.79
C03 PSC EC . 39.04 16.12 31.86
C04 PSC EC . 40.61 14.62 35.24
C05 PSC EC . 40.76 14.25 36.70
C06 PSC EC . 38.97 15.55 37.79
C07 PSC EC . 41.11 16.63 37.38
C08 PSC EC . 40.93 14.88 39.06
O01 PSC EC . 38.19 17.15 29.80
O02 PSC EC . 39.48 18.78 30.58
O03 PSC EC . 35.98 14.89 31.55
O04 PSC EC . 35.33 13.24 30.18
O11 PSC EC . 39.32 14.78 32.36
O12 PSC EC . 39.74 13.66 34.57
O13 PSC EC . 37.86 15.31 34.40
O14 PSC EC . 37.74 13.00 33.21
C1 PSC EC . 38.39 18.41 30.21
C2 PSC EC . 37.16 19.31 30.14
C3 PSC EC . 37.12 20.23 28.95
C4 PSC EC . 35.76 20.91 28.77
C5 PSC EC . 35.76 22.09 27.82
C6 PSC EC . 34.49 22.24 26.98
C7 PSC EC . 34.51 23.39 25.98
C8 PSC EC . 33.63 23.18 24.76
C9 PSC EC . 33.98 24.07 23.61
C10 PSC EC . 34.12 23.70 22.34
C11 PSC EC . 34.51 24.58 21.19
C12 PSC EC . 33.72 24.36 19.94
C13 PSC EC . 33.90 24.96 18.77
C14 PSC EC . 33.07 24.74 17.53
C15 PSC EC . 33.68 25.30 16.27
C16 PSC EC . 32.71 25.35 15.08
C17 PSC EC . 31.78 26.55 15.09
C18 PSC EC . 30.44 26.30 14.43
C19 PSC EC . 35.19 14.37 30.60
C20 PSC EC . 34.06 15.30 30.19
C21 PSC EC . 34.33 16.08 28.91
C22 PSC EC . 35.60 15.70 28.17
C23 PSC EC . 36.33 16.84 27.52
C24 PSC EC . 35.88 17.12 26.11
C25 PSC EC . 36.71 18.16 25.40
C26 PSC EC . 35.92 19.17 24.61
C27 PSC EC . 36.61 19.66 23.38
C28 PSC EC . 36.57 18.71 22.22
C29 PSC EC . 37.59 18.99 21.16
C30 PSC EC . 37.50 20.37 20.58
C31 PSC EC . 38.47 20.64 19.47
C32 PSC EC . 38.24 21.93 18.74
C33 PSC EC . 36.80 22.18 18.38
C34 PSC EC . 36.60 23.20 17.31
C1A SAC FC . 69.68 28.73 46.51
C2A SAC FC . 70.30 27.38 46.71
OAC SAC FC . 70.35 29.71 46.24
N SAC FC . 68.34 28.82 46.67
CA SAC FC . 67.56 27.92 47.50
C SAC FC . 66.84 26.87 46.65
O SAC FC . 66.02 26.15 47.25
CB SAC FC . 66.54 28.71 48.34
OG SAC FC . 65.75 27.81 49.10
C1 CHD GC . 43.01 -25.73 -28.80
C2 CHD GC . 44.04 -26.78 -28.37
C3 CHD GC . 43.52 -28.17 -28.62
O3 CHD GC . 44.48 -29.15 -28.16
C4 CHD GC . 42.21 -28.38 -27.90
C5 CHD GC . 41.14 -27.33 -28.27
C6 CHD GC . 39.83 -27.60 -27.51
C7 CHD GC . 39.92 -27.25 -26.03
O7 CHD GC . 40.72 -28.23 -25.32
C8 CHD GC . 40.45 -25.82 -25.80
C9 CHD GC . 41.74 -25.51 -26.57
C10 CHD GC . 41.64 -25.86 -28.10
C11 CHD GC . 42.17 -24.05 -26.29
C12 CHD GC . 42.34 -23.73 -24.80
O12 CHD GC . 43.48 -24.46 -24.31
C13 CHD GC . 41.06 -24.06 -23.99
C14 CHD GC . 40.67 -25.53 -24.32
C15 CHD GC . 39.54 -25.83 -23.35
C16 CHD GC . 39.96 -25.08 -22.07
C17 CHD GC . 41.18 -24.18 -22.44
C18 CHD GC . 39.96 -23.06 -24.38
C19 CHD GC . 40.67 -24.89 -28.82
C20 CHD GC . 41.25 -22.93 -21.55
C21 CHD GC . 42.34 -21.94 -21.97
C22 CHD GC . 41.42 -23.33 -20.07
C23 CHD GC . 42.82 -23.84 -19.69
O25 CHD GC . 41.80 -25.48 -18.29
C24 CHD GC . 42.86 -24.87 -18.58
O26 CHD GC . 43.98 -25.07 -18.02
C1 CHD HC . 49.03 3.33 -40.68
C2 CHD HC . 49.40 4.01 -42.00
C3 CHD HC . 48.50 5.20 -42.26
O3 CHD HC . 48.84 5.82 -43.50
C4 CHD HC . 48.64 6.19 -41.13
C5 CHD HC . 48.31 5.57 -39.77
C6 CHD HC . 46.80 5.40 -39.60
C7 CHD HC . 46.43 5.19 -38.14
O7 CHD HC . 45.22 4.41 -38.06
C8 CHD HC . 47.56 4.53 -37.34
C9 CHD HC . 48.39 3.54 -38.21
C10 CHD HC . 49.09 4.25 -39.44
C11 CHD HC . 49.34 2.68 -37.35
C12 CHD HC . 48.66 2.00 -36.15
O12 CHD HC . 47.68 1.07 -36.65
C13 CHD HC . 48.01 3.04 -35.21
C14 CHD HC . 47.00 3.83 -36.08
C15 CHD HC . 46.25 4.69 -35.09
C16 CHD HC . 46.14 3.80 -33.84
C17 CHD HC . 47.05 2.55 -34.08
C18 CHD HC . 49.12 3.93 -34.59
C19 CHD HC . 50.57 4.57 -39.16
C20 CHD HC . 47.60 2.00 -32.76
C21 CHD HC . 48.57 0.82 -32.95
C22 CHD HC . 46.44 1.61 -31.81
C23 CHD HC . 46.00 2.71 -30.83
O25 CHD HC . 44.32 2.26 -29.22
C24 CHD HC . 45.53 2.24 -29.47
O26 CHD HC . 46.40 1.84 -28.66
#